data_9KQR
#
_entry.id   9KQR
#
_cell.length_a   1.00
_cell.length_b   1.00
_cell.length_c   1.00
_cell.angle_alpha   90.00
_cell.angle_beta   90.00
_cell.angle_gamma   90.00
#
_symmetry.space_group_name_H-M   'P 1'
#
loop_
_entity.id
_entity.type
_entity.pdbx_description
1 polymer 'Envelope glycoprotein E2'
2 polymer 'Capsid protein'
3 polymer 'Spike glycoprotein E1'
#
loop_
_entity_poly.entity_id
_entity_poly.type
_entity_poly.pdbx_seq_one_letter_code
_entity_poly.pdbx_strand_id
1 'polypeptide(L)'
;SVSQHFNVYKATRPYIAYCADCGAGHSCHSPVAIEAVRSEATDGMLKIQFSAQIGIDKSDNHDYTKIRYADGHAIENAVR
SSLKVATSGDCFVHGTMGHFILAKCPPGEFLQVSIQDTRNAVRACRIQYHHDPQPVGREKFTIRPHYGKEIPCTTYQQTT
AETVEEIDMHMPPDTPDRTLLSQQSGNVKITVGGKKVKYNCTCGTGNVGTTNSDMTINTCLIEQCHVSVTDHKKWQFNSP
FVPRADEPARKGKVHIPFPLDNITCRVPMAREPTVIHGKREVTLHLHPDHPTLFSYRTLGEDPQYHEEWVTAAVERTIPV
PVDGMEYHWGNNDPVRLWSQLTTEGKPHGWPHQIVQYYYGLYPAATVSAVVGMSLLALISIFASCYMLVAARSKCLTPYA
LTPGAAVPWTLGILCCAPRAHA
;
k,b,e,h
2 'polypeptide(L)'
;MNYIPTQTFYGRRWRPRPAARPWPLQATPVAPVVPDFQAQQMQQLISAVNALTMRQNAIAPARPPKPKKKKTTKPKPKTQ
PKKINGKTQQQKKKDKQADKKKKKPGKRERMCMKIENDCIFEVKHEGKVTGYACLVGDKVMKPAHVKGVIDNADLAKLAF
KKSSKYDLECAQIPVHMRSDASKYTHEKPEGHYNWHHGAVQYSGGRFTIPTGAGKPGDSGRPIFDNKGRVVAIVLGGANE
GSRTALSVVTWNKDMVTRVTPEGSEEW
;
l,c,f,i
3 'polypeptide(L)'
;YEHSTVMPNVVGFPYKAHIERPGYSPLTLQMQVVETSLEPTLNLEYITCEYKTVVPSPYVKCCGASECSTKEKPDYQCKV
YTGVYPFMWGGAYCFCDSENTQLSEAYVDRSDVCRHDHASAYKAHTASLKAKVRVMYGNVNQTVDVYVNGDHAVTIGGTQ
FIFGPLSSAWTPFDNKIVVYKDEVFNQDFPPYGSGQPGRFGDIQSRTVESNDLYANTALKLARPSPGMVHVPYTQTPSGF
KYWLKEKGTALNTKAPFGCQIKTNPVRAMNCAVGNIPVSMNLPDSAFTRIVEAPTIIDLTCTVATCTHSSDFGGVLTLTY
KTNKNGDCSVHSHSNVATLQEATAKVKTAGKVTLHFSTASASPSFVVSLCSARATCSASCEPPKDHIVPYAASHSNVVFP
DMSGTALSWVQKISGGLGAFAIGAILVLVVVTCIGLRR
;
j,a,d,g
#
# COMPACT_ATOMS: atom_id res chain seq x y z
N SER A 1 38.15 -12.96 -72.16
CA SER A 1 39.51 -12.41 -71.91
C SER A 1 39.46 -10.89 -71.80
N VAL A 2 40.61 -10.24 -72.02
CA VAL A 2 40.64 -8.78 -71.97
C VAL A 2 39.86 -8.16 -73.13
N SER A 3 39.55 -8.95 -74.16
CA SER A 3 38.71 -8.44 -75.23
C SER A 3 37.34 -8.06 -74.71
N GLN A 4 36.78 -8.87 -73.81
CA GLN A 4 35.51 -8.52 -73.18
C GLN A 4 35.62 -7.20 -72.42
N HIS A 5 36.72 -7.02 -71.68
CA HIS A 5 36.93 -5.77 -70.95
C HIS A 5 37.07 -4.58 -71.89
N PHE A 6 37.42 -4.81 -73.15
CA PHE A 6 37.61 -3.76 -74.13
C PHE A 6 36.46 -3.64 -75.11
N ASN A 7 35.34 -4.32 -74.83
CA ASN A 7 34.17 -4.22 -75.68
C ASN A 7 33.46 -2.88 -75.57
N VAL A 8 33.84 -2.03 -74.62
CA VAL A 8 33.18 -0.75 -74.44
C VAL A 8 33.87 0.35 -75.23
N TYR A 9 35.19 0.28 -75.38
CA TYR A 9 35.93 1.33 -76.08
C TYR A 9 35.71 1.30 -77.59
N LYS A 10 34.95 0.34 -78.10
CA LYS A 10 34.74 0.26 -79.55
C LYS A 10 34.12 1.54 -80.10
N ALA A 11 33.35 2.26 -79.29
CA ALA A 11 32.64 3.46 -79.74
C ALA A 11 33.24 4.74 -79.17
N THR A 12 34.48 4.70 -78.70
CA THR A 12 35.17 5.85 -78.16
C THR A 12 36.32 6.25 -79.08
N ARG A 13 36.94 7.39 -78.78
CA ARG A 13 38.03 7.88 -79.61
C ARG A 13 38.86 8.92 -78.85
N PRO A 14 40.16 9.01 -79.12
CA PRO A 14 40.95 10.12 -78.56
C PRO A 14 40.53 11.45 -79.15
N TYR A 15 40.73 12.51 -78.37
CA TYR A 15 40.33 13.85 -78.78
C TYR A 15 41.46 14.83 -78.51
N ILE A 16 41.52 15.87 -79.33
CA ILE A 16 42.47 16.96 -79.14
C ILE A 16 41.83 17.99 -78.21
N ALA A 17 42.62 18.53 -77.29
CA ALA A 17 42.12 19.48 -76.30
C ALA A 17 43.21 20.47 -75.93
N TYR A 18 42.78 21.58 -75.34
CA TYR A 18 43.71 22.61 -74.90
C TYR A 18 44.58 22.10 -73.76
N CYS A 19 45.82 22.59 -73.70
CA CYS A 19 46.79 22.16 -72.71
C CYS A 19 47.37 23.31 -71.90
N ALA A 20 47.54 24.49 -72.50
CA ALA A 20 48.14 25.67 -71.87
C ALA A 20 49.65 25.52 -71.67
N ASP A 21 50.22 24.37 -72.01
CA ASP A 21 51.66 24.18 -71.89
C ASP A 21 52.05 22.85 -72.53
N CYS A 22 53.28 22.79 -73.04
CA CYS A 22 53.80 21.57 -73.64
C CYS A 22 55.26 21.35 -73.24
N GLY A 23 55.65 21.84 -72.06
CA GLY A 23 57.04 21.83 -71.66
C GLY A 23 57.85 22.99 -72.19
N ALA A 24 57.22 23.91 -72.93
CA ALA A 24 57.91 25.09 -73.43
C ALA A 24 57.09 26.37 -73.21
N GLY A 25 55.95 26.29 -72.55
CA GLY A 25 55.16 27.46 -72.23
C GLY A 25 54.43 28.06 -73.41
N HIS A 26 53.56 27.27 -74.05
CA HIS A 26 52.74 27.76 -75.15
C HIS A 26 51.43 26.98 -75.18
N SER A 27 50.41 27.59 -75.78
CA SER A 27 49.18 26.89 -76.07
C SER A 27 49.43 25.82 -77.12
N CYS A 28 48.78 24.67 -76.97
CA CYS A 28 49.08 23.50 -77.79
C CYS A 28 47.89 23.01 -78.60
N HIS A 29 46.73 22.84 -77.99
CA HIS A 29 45.68 21.99 -78.56
C HIS A 29 46.25 20.59 -78.79
N SER A 30 47.07 20.13 -77.85
CA SER A 30 47.83 18.92 -78.04
C SER A 30 46.93 17.69 -78.06
N PRO A 31 47.33 16.63 -78.76
CA PRO A 31 46.54 15.38 -78.70
C PRO A 31 46.40 14.85 -77.30
N VAL A 32 47.49 14.83 -76.53
CA VAL A 32 47.45 14.44 -75.12
C VAL A 32 47.19 15.68 -74.28
N ALA A 33 46.19 15.58 -73.40
CA ALA A 33 45.79 16.72 -72.58
C ALA A 33 45.35 16.18 -71.22
N ILE A 34 46.21 16.33 -70.22
CA ILE A 34 45.86 15.89 -68.87
C ILE A 34 44.60 16.60 -68.44
N GLU A 35 43.65 15.85 -67.89
CA GLU A 35 42.34 16.37 -67.53
C GLU A 35 42.17 16.58 -66.03
N ALA A 36 42.47 15.56 -65.23
CA ALA A 36 42.29 15.68 -63.78
C ALA A 36 43.13 14.62 -63.10
N VAL A 37 44.12 15.05 -62.32
CA VAL A 37 44.86 14.12 -61.47
C VAL A 37 43.97 13.73 -60.30
N ARG A 38 43.97 12.44 -59.98
CA ARG A 38 43.01 11.87 -59.04
C ARG A 38 43.74 11.13 -57.92
N SER A 39 44.73 11.80 -57.32
CA SER A 39 45.44 11.19 -56.21
C SER A 39 44.48 10.95 -55.05
N GLU A 40 44.19 9.68 -54.77
CA GLU A 40 43.24 9.32 -53.74
C GLU A 40 43.68 8.12 -52.91
N ALA A 41 44.83 7.51 -53.22
CA ALA A 41 45.30 6.32 -52.54
C ALA A 41 46.23 6.71 -51.40
N THR A 42 45.98 6.18 -50.21
CA THR A 42 46.88 6.42 -49.11
C THR A 42 48.28 5.95 -49.42
N ASP A 43 48.41 4.89 -50.22
CA ASP A 43 49.72 4.48 -50.71
C ASP A 43 50.38 5.61 -51.50
N GLY A 44 49.61 6.28 -52.35
CA GLY A 44 50.14 7.30 -53.23
C GLY A 44 50.29 6.76 -54.63
N MET A 45 49.34 7.08 -55.50
CA MET A 45 49.33 6.51 -56.84
C MET A 45 48.44 7.40 -57.71
N LEU A 46 49.04 8.20 -58.58
CA LEU A 46 48.27 9.09 -59.42
C LEU A 46 47.45 8.29 -60.43
N LYS A 47 46.31 8.86 -60.81
CA LYS A 47 45.41 8.22 -61.77
C LYS A 47 45.15 9.17 -62.93
N ILE A 48 46.25 9.69 -63.50
CA ILE A 48 46.15 10.74 -64.51
C ILE A 48 45.17 10.33 -65.59
N GLN A 49 44.24 11.24 -65.90
CA GLN A 49 43.32 11.09 -67.02
C GLN A 49 43.71 12.12 -68.07
N PHE A 50 44.00 11.65 -69.29
CA PHE A 50 44.48 12.52 -70.35
C PHE A 50 43.83 12.12 -71.66
N SER A 51 43.81 13.08 -72.59
CA SER A 51 43.06 12.95 -73.84
C SER A 51 43.83 12.02 -74.78
N ALA A 52 43.66 10.73 -74.57
CA ALA A 52 44.24 9.71 -75.43
C ALA A 52 43.69 8.36 -74.96
N GLN A 53 44.10 7.30 -75.64
CA GLN A 53 43.69 5.95 -75.28
C GLN A 53 44.88 5.02 -75.45
N ILE A 54 45.20 4.29 -74.38
CA ILE A 54 46.31 3.34 -74.37
C ILE A 54 45.72 1.93 -74.30
N GLY A 55 46.28 1.02 -75.09
CA GLY A 55 45.80 -0.34 -75.14
C GLY A 55 44.96 -0.68 -76.36
N ILE A 56 44.69 0.29 -77.23
CA ILE A 56 43.90 0.07 -78.42
C ILE A 56 44.63 0.67 -79.62
N ASP A 57 44.65 -0.08 -80.72
CA ASP A 57 45.26 0.41 -81.95
C ASP A 57 44.26 1.23 -82.76
N LYS A 58 44.75 1.87 -83.82
CA LYS A 58 43.87 2.71 -84.64
C LYS A 58 42.68 1.94 -85.17
N SER A 59 42.84 0.64 -85.40
CA SER A 59 41.78 -0.20 -85.94
C SER A 59 40.77 -0.62 -84.88
N ASP A 60 40.75 0.05 -83.74
CA ASP A 60 39.80 -0.24 -82.67
C ASP A 60 39.95 -1.69 -82.21
N ASN A 61 41.19 -2.11 -82.00
CA ASN A 61 41.52 -3.44 -81.54
C ASN A 61 42.40 -3.34 -80.30
N HIS A 62 42.10 -4.13 -79.28
CA HIS A 62 42.92 -4.12 -78.08
C HIS A 62 44.36 -4.51 -78.44
N ASP A 63 45.31 -3.76 -77.90
CA ASP A 63 46.72 -4.05 -78.14
C ASP A 63 47.53 -3.36 -77.05
N TYR A 64 48.26 -4.15 -76.26
CA TYR A 64 49.00 -3.64 -75.11
C TYR A 64 50.27 -2.88 -75.51
N THR A 65 50.45 -2.57 -76.80
CA THR A 65 51.61 -1.81 -77.26
C THR A 65 51.20 -0.75 -78.26
N LYS A 66 49.96 -0.27 -78.18
CA LYS A 66 49.45 0.75 -79.08
C LYS A 66 48.71 1.81 -78.29
N ILE A 67 48.78 3.04 -78.77
CA ILE A 67 48.08 4.17 -78.17
C ILE A 67 47.35 4.93 -79.27
N ARG A 68 46.06 5.20 -79.05
CA ARG A 68 45.28 6.02 -79.97
C ARG A 68 45.41 7.48 -79.54
N TYR A 69 46.18 8.25 -80.30
CA TYR A 69 46.32 9.68 -80.07
C TYR A 69 45.68 10.43 -81.23
N ALA A 70 44.79 11.36 -80.91
CA ALA A 70 44.08 12.09 -81.94
C ALA A 70 45.03 12.94 -82.77
N ASP A 71 44.68 13.14 -84.04
CA ASP A 71 45.45 13.99 -84.93
C ASP A 71 44.64 14.32 -86.16
N GLY A 72 44.63 15.59 -86.56
CA GLY A 72 43.78 15.98 -87.67
C GLY A 72 42.34 15.62 -87.35
N HIS A 73 41.71 14.87 -88.25
CA HIS A 73 40.38 14.34 -88.02
C HIS A 73 40.36 12.81 -87.96
N ALA A 74 41.53 12.17 -87.95
CA ALA A 74 41.62 10.72 -87.96
C ALA A 74 42.51 10.26 -86.81
N ILE A 75 42.20 9.06 -86.30
CA ILE A 75 43.02 8.49 -85.24
C ILE A 75 44.36 8.04 -85.80
N GLU A 76 45.32 7.86 -84.90
CA GLU A 76 46.65 7.39 -85.27
C GLU A 76 47.16 6.42 -84.21
N ASN A 77 48.18 5.66 -84.58
CA ASN A 77 48.78 4.65 -83.71
C ASN A 77 50.15 5.14 -83.28
N ALA A 78 50.38 5.16 -81.97
CA ALA A 78 51.65 5.59 -81.39
C ALA A 78 52.22 4.45 -80.55
N VAL A 79 53.52 4.19 -80.72
CA VAL A 79 54.17 3.12 -79.97
C VAL A 79 54.07 3.43 -78.47
N ARG A 80 53.63 2.44 -77.70
CA ARG A 80 53.40 2.66 -76.28
C ARG A 80 54.69 2.84 -75.49
N SER A 81 55.81 2.31 -75.98
CA SER A 81 57.06 2.38 -75.23
C SER A 81 57.62 3.81 -75.14
N SER A 82 56.91 4.81 -75.66
CA SER A 82 57.35 6.20 -75.60
C SER A 82 56.55 7.01 -74.59
N LEU A 83 55.92 6.34 -73.62
CA LEU A 83 55.15 7.01 -72.59
C LEU A 83 56.09 7.42 -71.45
N LYS A 84 56.08 8.70 -71.10
CA LYS A 84 57.05 9.28 -70.18
C LYS A 84 56.35 10.15 -69.14
N VAL A 85 55.30 9.62 -68.51
CA VAL A 85 54.71 10.32 -67.37
C VAL A 85 55.80 10.56 -66.34
N ALA A 86 56.00 11.82 -65.97
CA ALA A 86 57.14 12.15 -65.11
C ALA A 86 56.91 13.51 -64.47
N THR A 87 56.90 13.54 -63.14
CA THR A 87 57.03 14.79 -62.39
C THR A 87 58.51 15.15 -62.32
N SER A 88 58.86 16.10 -61.46
CA SER A 88 60.25 16.52 -61.28
C SER A 88 61.23 15.36 -61.44
N GLY A 89 60.88 14.20 -60.90
CA GLY A 89 61.68 13.01 -61.10
C GLY A 89 61.32 12.29 -62.38
N ASP A 90 61.13 10.97 -62.31
CA ASP A 90 60.68 10.17 -63.43
C ASP A 90 59.76 9.08 -62.90
N CYS A 91 58.47 9.20 -63.18
CA CYS A 91 57.48 8.31 -62.60
C CYS A 91 57.66 6.91 -63.17
N PHE A 92 57.26 5.90 -62.39
CA PHE A 92 57.25 4.52 -62.85
C PHE A 92 55.81 4.11 -63.10
N VAL A 93 55.45 3.92 -64.37
CA VAL A 93 54.08 3.56 -64.71
C VAL A 93 53.76 2.19 -64.15
N HIS A 94 52.53 2.02 -63.65
CA HIS A 94 52.06 0.78 -63.08
C HIS A 94 50.90 0.20 -63.88
N GLY A 95 51.02 0.22 -65.20
CA GLY A 95 49.96 -0.24 -66.06
C GLY A 95 49.01 0.87 -66.43
N THR A 96 48.36 0.72 -67.58
CA THR A 96 47.46 1.73 -68.11
C THR A 96 46.30 1.07 -68.85
N MET A 97 45.21 1.81 -68.97
CA MET A 97 44.07 1.39 -69.78
C MET A 97 43.36 2.63 -70.28
N GLY A 98 43.01 2.62 -71.56
CA GLY A 98 42.31 3.74 -72.16
C GLY A 98 42.93 5.08 -71.82
N HIS A 99 42.17 5.91 -71.10
CA HIS A 99 42.59 7.27 -70.79
C HIS A 99 43.38 7.39 -69.50
N PHE A 100 43.34 6.39 -68.63
CA PHE A 100 43.80 6.52 -67.25
C PHE A 100 45.16 5.85 -67.09
N ILE A 101 46.16 6.65 -66.72
CA ILE A 101 47.51 6.16 -66.44
C ILE A 101 47.68 6.06 -64.93
N LEU A 102 48.52 5.12 -64.50
CA LEU A 102 48.87 4.96 -63.10
C LEU A 102 50.36 5.20 -62.92
N ALA A 103 50.70 6.01 -61.92
CA ALA A 103 52.09 6.41 -61.70
C ALA A 103 52.40 6.37 -60.21
N LYS A 104 53.69 6.41 -59.91
CA LYS A 104 54.22 6.39 -58.54
C LYS A 104 55.22 7.52 -58.35
N CYS A 105 54.81 8.72 -58.76
CA CYS A 105 55.74 9.82 -58.95
C CYS A 105 56.36 10.26 -57.62
N PRO A 106 57.59 10.77 -57.66
CA PRO A 106 58.20 11.34 -56.46
C PRO A 106 57.74 12.76 -56.24
N PRO A 107 58.15 13.39 -55.13
CA PRO A 107 57.66 14.75 -54.84
C PRO A 107 58.00 15.74 -55.94
N GLY A 108 57.07 16.66 -56.19
CA GLY A 108 57.28 17.67 -57.20
C GLY A 108 56.07 18.58 -57.29
N GLU A 109 56.21 19.60 -58.14
CA GLU A 109 55.16 20.60 -58.34
C GLU A 109 54.41 20.44 -59.64
N PHE A 110 55.08 20.01 -60.70
CA PHE A 110 54.47 19.86 -62.01
C PHE A 110 54.41 18.39 -62.41
N LEU A 111 53.44 18.06 -63.25
CA LEU A 111 53.27 16.72 -63.78
C LEU A 111 53.21 16.81 -65.29
N GLN A 112 53.92 15.91 -65.98
CA GLN A 112 54.03 15.94 -67.43
C GLN A 112 53.76 14.55 -68.00
N VAL A 113 53.03 14.51 -69.10
CA VAL A 113 52.75 13.27 -69.83
C VAL A 113 53.12 13.49 -71.29
N SER A 114 53.92 12.61 -71.86
CA SER A 114 54.39 12.75 -73.23
C SER A 114 54.36 11.41 -73.94
N ILE A 115 54.05 11.46 -75.24
CA ILE A 115 54.09 10.31 -76.12
C ILE A 115 54.74 10.73 -77.43
N GLN A 116 55.21 9.75 -78.18
CA GLN A 116 55.81 9.98 -79.48
C GLN A 116 54.77 9.71 -80.56
N ASP A 117 54.47 10.73 -81.36
CA ASP A 117 53.46 10.62 -82.40
C ASP A 117 54.05 9.81 -83.57
N THR A 118 53.30 9.73 -84.67
CA THR A 118 53.74 8.92 -85.80
C THR A 118 55.06 9.43 -86.37
N ARG A 119 55.18 10.74 -86.55
CA ARG A 119 56.38 11.33 -87.16
C ARG A 119 57.46 11.62 -86.11
N ASN A 120 57.77 10.61 -85.30
CA ASN A 120 58.87 10.66 -84.34
C ASN A 120 59.03 12.02 -83.67
N ALA A 121 57.92 12.66 -83.31
CA ALA A 121 57.95 13.87 -82.50
C ALA A 121 57.60 13.52 -81.06
N VAL A 122 57.51 14.54 -80.21
CA VAL A 122 57.24 14.35 -78.79
C VAL A 122 56.12 15.33 -78.41
N ARG A 123 54.88 14.83 -78.43
CA ARG A 123 53.76 15.59 -77.90
C ARG A 123 53.67 15.38 -76.40
N ALA A 124 53.48 16.46 -75.67
CA ALA A 124 53.50 16.40 -74.22
C ALA A 124 52.59 17.48 -73.64
N CYS A 125 51.94 17.16 -72.54
CA CYS A 125 51.15 18.12 -71.77
C CYS A 125 51.66 18.12 -70.34
N ARG A 126 51.77 19.30 -69.75
CA ARG A 126 52.36 19.48 -68.43
C ARG A 126 51.55 20.49 -67.65
N ILE A 127 50.94 20.05 -66.55
CA ILE A 127 50.15 20.91 -65.69
C ILE A 127 50.82 21.00 -64.33
N GLN A 128 50.34 21.94 -63.51
CA GLN A 128 50.86 22.16 -62.18
C GLN A 128 50.04 21.37 -61.18
N TYR A 129 50.70 20.49 -60.43
CA TYR A 129 50.03 19.67 -59.42
C TYR A 129 50.99 19.45 -58.27
N HIS A 130 50.64 19.98 -57.09
CA HIS A 130 51.53 19.93 -55.92
C HIS A 130 51.51 18.52 -55.36
N HIS A 131 52.22 17.63 -56.04
CA HIS A 131 52.31 16.24 -55.60
C HIS A 131 53.31 16.14 -54.45
N ASP A 132 52.88 15.49 -53.37
CA ASP A 132 53.72 15.31 -52.20
C ASP A 132 53.23 14.11 -51.41
N PRO A 133 53.58 12.89 -51.81
CA PRO A 133 53.04 11.72 -51.14
C PRO A 133 53.47 11.63 -49.68
N GLN A 134 52.58 11.11 -48.85
CA GLN A 134 52.87 10.85 -47.44
C GLN A 134 52.57 9.38 -47.21
N PRO A 135 53.55 8.57 -46.81
CA PRO A 135 53.25 7.17 -46.51
C PRO A 135 52.37 7.04 -45.28
N VAL A 136 51.49 6.05 -45.31
CA VAL A 136 50.60 5.84 -44.18
C VAL A 136 51.43 5.52 -42.95
N GLY A 137 50.79 5.65 -41.78
CA GLY A 137 51.46 5.35 -40.54
C GLY A 137 51.92 6.58 -39.81
N ARG A 138 53.06 6.48 -39.12
CA ARG A 138 53.57 7.59 -38.31
C ARG A 138 55.04 7.86 -38.59
N GLU A 139 55.55 7.44 -39.74
CA GLU A 139 56.94 7.68 -40.11
C GLU A 139 56.99 7.94 -41.61
N LYS A 140 57.31 9.18 -41.99
CA LYS A 140 57.34 9.59 -43.39
C LYS A 140 58.61 9.04 -44.03
N PHE A 141 58.64 7.72 -44.19
CA PHE A 141 59.77 7.05 -44.82
C PHE A 141 59.74 7.31 -46.32
N THR A 142 60.71 6.74 -47.03
CA THR A 142 60.87 6.95 -48.47
C THR A 142 60.75 5.68 -49.29
N ILE A 143 61.36 4.59 -48.84
CA ILE A 143 61.27 3.30 -49.53
C ILE A 143 60.91 2.23 -48.51
N ARG A 144 60.30 1.16 -49.00
CA ARG A 144 59.81 0.13 -48.09
C ARG A 144 60.98 -0.50 -47.34
N PRO A 145 60.76 -0.91 -46.09
CA PRO A 145 61.79 -1.69 -45.37
C PRO A 145 61.60 -3.18 -45.60
N HIS A 146 62.62 -3.93 -45.22
CA HIS A 146 62.53 -5.39 -45.31
C HIS A 146 61.94 -6.01 -44.04
N TYR A 147 62.12 -5.36 -42.90
CA TYR A 147 61.50 -5.79 -41.64
C TYR A 147 60.69 -4.62 -41.10
N GLY A 148 59.41 -4.86 -40.83
CA GLY A 148 58.54 -3.80 -40.35
C GLY A 148 57.15 -4.31 -40.09
N LYS A 149 56.26 -3.37 -39.79
CA LYS A 149 54.88 -3.69 -39.46
C LYS A 149 54.10 -3.97 -40.74
N GLU A 150 52.78 -4.16 -40.60
CA GLU A 150 51.90 -4.32 -41.75
C GLU A 150 50.58 -3.65 -41.40
N ILE A 151 50.37 -2.45 -41.93
CA ILE A 151 49.16 -1.68 -41.68
C ILE A 151 48.47 -1.48 -43.02
N PRO A 152 47.16 -1.24 -43.03
CA PRO A 152 46.42 -1.18 -44.29
C PRO A 152 46.55 0.20 -44.94
N CYS A 153 46.99 0.24 -46.19
CA CYS A 153 47.01 1.46 -46.98
C CYS A 153 46.38 1.18 -48.34
N THR A 154 45.41 2.02 -48.71
CA THR A 154 44.64 1.80 -49.93
C THR A 154 45.45 2.20 -51.16
N THR A 155 45.27 1.44 -52.24
CA THR A 155 45.94 1.72 -53.51
C THR A 155 45.03 1.32 -54.65
N TYR A 156 45.39 1.76 -55.85
CA TYR A 156 44.60 1.47 -57.05
C TYR A 156 44.99 0.09 -57.58
N GLN A 157 43.99 -0.78 -57.73
CA GLN A 157 44.24 -2.14 -58.18
C GLN A 157 44.58 -2.17 -59.66
N GLN A 158 45.50 -3.07 -60.02
CA GLN A 158 45.88 -3.21 -61.42
C GLN A 158 44.80 -3.89 -62.25
N THR A 159 43.81 -4.49 -61.61
CA THR A 159 42.80 -5.25 -62.33
C THR A 159 42.06 -4.35 -63.32
N THR A 160 41.88 -4.85 -64.54
CA THR A 160 41.08 -4.18 -65.56
C THR A 160 39.63 -4.65 -65.49
N ALA A 161 39.04 -4.54 -64.31
CA ALA A 161 37.69 -5.00 -64.06
C ALA A 161 36.68 -3.90 -64.37
N GLU A 162 35.42 -4.16 -64.06
CA GLU A 162 34.35 -3.19 -64.20
C GLU A 162 33.97 -2.66 -62.83
N THR A 163 33.91 -1.35 -62.69
CA THR A 163 33.65 -0.69 -61.43
C THR A 163 32.44 0.23 -61.56
N VAL A 164 31.82 0.53 -60.41
CA VAL A 164 30.63 1.36 -60.40
C VAL A 164 30.94 2.81 -60.79
N GLU A 165 32.18 3.25 -60.65
CA GLU A 165 32.53 4.60 -61.06
C GLU A 165 32.43 4.74 -62.58
N GLU A 166 31.92 5.89 -63.02
CA GLU A 166 31.61 6.12 -64.43
C GLU A 166 32.14 7.47 -64.88
N ILE A 167 32.45 7.56 -66.17
CA ILE A 167 32.83 8.81 -66.82
C ILE A 167 31.82 9.07 -67.94
N ASP A 168 31.31 10.29 -68.01
CA ASP A 168 30.24 10.61 -68.93
C ASP A 168 30.76 10.71 -70.37
N MET A 169 29.82 10.57 -71.31
CA MET A 169 30.12 10.58 -72.73
C MET A 169 29.13 11.50 -73.43
N HIS A 170 29.42 11.83 -74.68
CA HIS A 170 28.47 12.49 -75.58
C HIS A 170 29.12 12.60 -76.95
N MET A 171 28.29 12.84 -77.96
CA MET A 171 28.77 12.87 -79.33
C MET A 171 29.65 14.10 -79.54
N PRO A 172 30.71 13.97 -80.34
CA PRO A 172 31.63 15.10 -80.54
C PRO A 172 30.93 16.29 -81.16
N PRO A 173 31.55 17.47 -81.14
CA PRO A 173 30.95 18.64 -81.79
C PRO A 173 31.33 18.74 -83.26
N ASP A 174 30.91 19.82 -83.92
CA ASP A 174 31.22 20.06 -85.33
C ASP A 174 32.59 20.72 -85.42
N THR A 175 33.62 19.90 -85.59
CA THR A 175 34.99 20.42 -85.65
C THR A 175 35.16 21.26 -86.92
N PRO A 176 35.68 22.47 -86.81
CA PRO A 176 35.97 23.27 -88.01
C PRO A 176 37.40 23.05 -88.51
N ASP A 177 37.57 23.21 -89.82
CA ASP A 177 38.87 23.05 -90.44
C ASP A 177 38.88 23.80 -91.76
N ARG A 178 39.66 24.88 -91.84
CA ARG A 178 39.71 25.68 -93.05
C ARG A 178 40.45 24.97 -94.18
N THR A 179 41.30 23.99 -93.86
CA THR A 179 42.05 23.30 -94.91
C THR A 179 41.12 22.59 -95.87
N LEU A 180 39.93 22.18 -95.42
CA LEU A 180 38.98 21.53 -96.30
C LEU A 180 38.56 22.48 -97.43
N LEU A 181 38.28 23.73 -97.11
CA LEU A 181 37.93 24.71 -98.13
C LEU A 181 39.16 25.15 -98.90
N SER A 182 39.13 24.98 -100.22
CA SER A 182 40.25 25.35 -101.08
C SER A 182 39.76 26.29 -102.16
N GLN A 183 40.45 27.42 -102.32
CA GLN A 183 40.12 28.36 -103.38
C GLN A 183 40.45 27.76 -104.75
N GLN A 184 39.59 28.04 -105.72
CA GLN A 184 39.71 27.50 -107.08
C GLN A 184 39.65 28.63 -108.10
N SER A 185 40.40 29.70 -107.86
CA SER A 185 40.48 30.83 -108.78
C SER A 185 39.08 31.43 -109.02
N GLY A 186 38.53 31.98 -107.94
CA GLY A 186 37.18 32.51 -107.96
C GLY A 186 36.12 31.50 -107.59
N ASN A 187 36.50 30.25 -107.35
CA ASN A 187 35.58 29.19 -106.94
C ASN A 187 36.16 28.49 -105.73
N VAL A 188 35.34 27.65 -105.10
CA VAL A 188 35.72 26.97 -103.87
C VAL A 188 35.41 25.49 -104.00
N LYS A 189 36.36 24.65 -103.59
CA LYS A 189 36.19 23.21 -103.54
C LYS A 189 36.47 22.73 -102.12
N ILE A 190 35.57 21.94 -101.56
CA ILE A 190 35.68 21.47 -100.18
C ILE A 190 35.93 19.96 -100.25
N THR A 191 37.17 19.55 -99.99
CA THR A 191 37.52 18.14 -100.03
C THR A 191 36.75 17.37 -98.96
N VAL A 192 35.85 16.50 -99.40
CA VAL A 192 35.04 15.72 -98.45
C VAL A 192 35.95 14.81 -97.62
N GLY A 193 36.89 14.14 -98.27
CA GLY A 193 37.83 13.30 -97.53
C GLY A 193 37.15 12.24 -96.70
N GLY A 194 36.08 11.64 -97.23
CA GLY A 194 35.34 10.65 -96.47
C GLY A 194 34.69 11.23 -95.22
N LYS A 195 34.18 12.45 -95.31
CA LYS A 195 33.55 13.12 -94.18
C LYS A 195 32.16 13.61 -94.56
N LYS A 196 31.54 14.39 -93.68
CA LYS A 196 30.21 14.97 -93.89
C LYS A 196 30.23 16.46 -93.61
N VAL A 197 31.21 17.14 -94.20
CA VAL A 197 31.39 18.57 -93.95
C VAL A 197 30.07 19.30 -94.12
N LYS A 198 29.85 20.31 -93.28
CA LYS A 198 28.72 21.22 -93.38
C LYS A 198 29.22 22.62 -93.70
N TYR A 199 28.29 23.52 -93.99
CA TYR A 199 28.66 24.85 -94.42
C TYR A 199 27.49 25.80 -94.24
N ASN A 200 27.81 27.04 -93.91
CA ASN A 200 26.85 28.15 -93.82
C ASN A 200 27.34 29.31 -94.66
N CYS A 201 27.71 29.03 -95.91
CA CYS A 201 28.35 30.01 -96.76
C CYS A 201 27.47 31.25 -96.91
N THR A 202 28.10 32.43 -96.83
CA THR A 202 27.45 33.69 -97.13
C THR A 202 27.55 34.06 -98.61
N CYS A 203 28.27 33.27 -99.41
CA CYS A 203 28.42 33.54 -100.84
C CYS A 203 27.21 32.97 -101.56
N GLY A 204 26.28 33.83 -101.95
CA GLY A 204 25.09 33.40 -102.64
C GLY A 204 24.04 32.85 -101.69
N THR A 205 22.78 33.24 -101.92
CA THR A 205 21.71 32.78 -101.05
C THR A 205 21.46 31.29 -101.25
N GLY A 206 21.07 30.63 -100.16
CA GLY A 206 20.76 29.21 -100.19
C GLY A 206 21.97 28.30 -100.14
N ASN A 207 23.18 28.84 -100.00
CA ASN A 207 24.39 28.03 -99.97
C ASN A 207 24.63 27.47 -98.56
N VAL A 208 23.68 26.65 -98.13
CA VAL A 208 23.71 26.01 -96.81
C VAL A 208 23.36 24.54 -96.97
N GLY A 209 24.07 23.68 -96.26
CA GLY A 209 23.82 22.27 -96.33
C GLY A 209 24.97 21.48 -95.74
N THR A 210 24.88 20.16 -95.88
CA THR A 210 25.88 19.22 -95.40
C THR A 210 26.17 18.22 -96.51
N THR A 211 27.15 18.53 -97.35
CA THR A 211 27.51 17.64 -98.44
C THR A 211 28.28 16.43 -97.92
N ASN A 212 27.87 15.25 -98.37
CA ASN A 212 28.57 14.01 -98.05
C ASN A 212 29.60 13.64 -99.11
N SER A 213 29.77 14.46 -100.14
CA SER A 213 30.71 14.21 -101.22
C SER A 213 31.51 15.47 -101.51
N ASP A 214 32.33 15.42 -102.56
CA ASP A 214 33.23 16.52 -102.91
C ASP A 214 32.44 17.61 -103.65
N MET A 215 31.60 18.30 -102.88
CA MET A 215 30.86 19.43 -103.42
C MET A 215 31.82 20.53 -103.87
N THR A 216 31.48 21.19 -104.97
CA THR A 216 32.35 22.15 -105.64
C THR A 216 31.59 23.42 -106.00
N ILE A 217 30.84 23.96 -105.05
CA ILE A 217 30.15 25.23 -105.28
C ILE A 217 31.14 26.27 -105.77
N ASN A 218 30.75 27.01 -106.79
CA ASN A 218 31.62 27.94 -107.49
C ASN A 218 31.22 29.38 -107.19
N THR A 219 31.96 30.32 -107.78
CA THR A 219 31.68 31.75 -107.64
C THR A 219 31.72 32.18 -106.17
N CYS A 220 32.69 31.65 -105.43
CA CYS A 220 32.83 31.95 -104.00
C CYS A 220 34.31 32.13 -103.67
N LEU A 221 34.55 32.75 -102.51
CA LEU A 221 35.89 33.03 -102.03
C LEU A 221 36.16 32.22 -100.76
N ILE A 222 37.32 32.47 -100.15
CA ILE A 222 37.71 31.73 -98.95
C ILE A 222 36.89 32.20 -97.75
N GLU A 223 36.95 33.48 -97.44
CA GLU A 223 36.24 34.01 -96.27
C GLU A 223 34.79 34.28 -96.61
N GLN A 224 34.12 33.28 -97.18
CA GLN A 224 32.68 33.31 -97.38
C GLN A 224 32.01 32.01 -96.98
N CYS A 225 32.76 30.92 -96.84
CA CYS A 225 32.23 29.62 -96.44
C CYS A 225 32.85 29.21 -95.11
N HIS A 226 32.02 28.79 -94.16
CA HIS A 226 32.48 28.22 -92.91
C HIS A 226 32.25 26.71 -92.99
N VAL A 227 33.32 25.98 -93.26
CA VAL A 227 33.27 24.53 -93.37
C VAL A 227 33.52 23.92 -91.99
N SER A 228 32.93 22.76 -91.75
CA SER A 228 33.10 22.07 -90.47
C SER A 228 32.66 20.62 -90.63
N VAL A 229 33.54 19.69 -90.24
CA VAL A 229 33.19 18.28 -90.30
C VAL A 229 32.11 17.98 -89.26
N THR A 230 31.47 16.82 -89.42
CA THR A 230 30.38 16.40 -88.55
C THR A 230 30.53 14.92 -88.18
N ASP A 231 31.75 14.52 -87.82
CA ASP A 231 31.98 13.16 -87.36
C ASP A 231 31.13 12.88 -86.13
N HIS A 232 30.28 11.84 -86.22
CA HIS A 232 29.34 11.54 -85.16
C HIS A 232 29.38 10.07 -84.75
N LYS A 233 30.24 9.26 -85.35
CA LYS A 233 30.22 7.83 -85.09
C LYS A 233 30.70 7.51 -83.67
N LYS A 234 31.90 7.99 -83.31
CA LYS A 234 32.48 7.68 -82.02
C LYS A 234 32.14 8.78 -81.01
N TRP A 235 32.56 8.58 -79.77
CA TRP A 235 32.15 9.42 -78.65
C TRP A 235 33.37 10.05 -78.00
N GLN A 236 33.17 11.25 -77.44
CA GLN A 236 34.21 11.98 -76.73
C GLN A 236 33.84 12.14 -75.26
N PHE A 237 34.87 12.20 -74.43
CA PHE A 237 34.75 12.11 -72.98
C PHE A 237 34.39 13.48 -72.39
N ASN A 238 33.28 14.05 -72.88
CA ASN A 238 32.65 15.23 -72.29
C ASN A 238 33.68 16.21 -71.72
N SER A 239 34.71 16.49 -72.49
CA SER A 239 35.83 17.27 -71.97
C SER A 239 35.42 18.73 -71.78
N PRO A 240 35.84 19.38 -70.70
CA PRO A 240 35.50 20.79 -70.52
C PRO A 240 36.07 21.69 -71.59
N PHE A 241 37.12 21.25 -72.30
CA PHE A 241 37.75 22.04 -73.33
C PHE A 241 37.19 21.77 -74.72
N VAL A 242 36.20 20.88 -74.84
CA VAL A 242 35.57 20.56 -76.10
C VAL A 242 34.12 20.99 -76.02
N PRO A 243 33.74 22.10 -76.66
CA PRO A 243 32.35 22.57 -76.57
C PRO A 243 31.36 21.48 -76.95
N ARG A 244 30.43 21.17 -76.05
CA ARG A 244 29.53 20.06 -76.28
C ARG A 244 28.60 20.35 -77.45
N ALA A 245 28.24 19.29 -78.18
CA ALA A 245 27.33 19.42 -79.29
C ALA A 245 25.94 19.83 -78.79
N ASP A 246 25.02 20.03 -79.72
CA ASP A 246 23.68 20.47 -79.35
C ASP A 246 22.97 19.43 -78.48
N GLU A 247 23.17 18.15 -78.78
CA GLU A 247 22.51 17.10 -78.02
C GLU A 247 22.94 17.17 -76.56
N PRO A 248 22.01 17.10 -75.60
CA PRO A 248 22.37 17.26 -74.18
C PRO A 248 22.88 15.97 -73.51
N ALA A 249 24.16 15.70 -73.69
CA ALA A 249 24.88 14.69 -72.91
C ALA A 249 24.22 13.31 -73.03
N ARG A 250 24.35 12.74 -74.23
CA ARG A 250 23.89 11.37 -74.46
C ARG A 250 24.34 10.43 -73.35
N LYS A 251 25.41 10.77 -72.63
CA LYS A 251 25.77 10.17 -71.35
C LYS A 251 26.09 8.68 -71.47
N GLY A 252 26.86 8.31 -72.50
CA GLY A 252 27.47 7.00 -72.51
C GLY A 252 28.20 6.76 -71.19
N LYS A 253 28.41 5.50 -70.83
CA LYS A 253 28.85 5.19 -69.47
C LYS A 253 30.12 4.35 -69.44
N VAL A 254 31.16 4.80 -70.15
CA VAL A 254 32.45 4.13 -70.06
C VAL A 254 32.84 3.99 -68.60
N HIS A 255 33.30 2.80 -68.22
CA HIS A 255 33.63 2.52 -66.83
C HIS A 255 35.05 2.97 -66.53
N ILE A 256 35.24 3.63 -65.39
CA ILE A 256 36.58 4.09 -65.00
C ILE A 256 37.45 2.87 -64.72
N PRO A 257 38.64 2.76 -65.35
CA PRO A 257 39.37 1.49 -65.30
C PRO A 257 39.72 0.98 -63.92
N PHE A 258 40.49 1.76 -63.17
CA PHE A 258 41.19 1.23 -62.00
C PHE A 258 40.40 1.52 -60.73
N PRO A 259 39.95 0.49 -59.99
CA PRO A 259 39.22 0.74 -58.75
C PRO A 259 40.13 0.90 -57.55
N LEU A 260 39.55 1.09 -56.37
CA LEU A 260 40.28 1.22 -55.12
C LEU A 260 39.88 0.09 -54.18
N ASP A 261 40.87 -0.54 -53.55
CA ASP A 261 40.60 -1.63 -52.62
C ASP A 261 41.57 -1.54 -51.44
N ASN A 262 41.12 -2.07 -50.30
CA ASN A 262 41.91 -2.04 -49.08
C ASN A 262 42.91 -3.19 -49.09
N ILE A 263 44.20 -2.87 -48.94
CA ILE A 263 45.25 -3.87 -48.94
C ILE A 263 46.23 -3.58 -47.81
N THR A 264 46.98 -4.62 -47.43
CA THR A 264 48.04 -4.44 -46.45
C THR A 264 49.11 -3.50 -47.01
N CYS A 265 50.04 -3.11 -46.15
CA CYS A 265 50.99 -2.07 -46.53
C CYS A 265 52.09 -2.02 -45.48
N ARG A 266 53.34 -2.02 -45.93
CA ARG A 266 54.49 -2.16 -45.03
C ARG A 266 54.93 -0.82 -44.48
N VAL A 267 55.62 -0.86 -43.34
CA VAL A 267 56.06 0.35 -42.65
C VAL A 267 57.16 -0.04 -41.67
N PRO A 268 58.19 0.79 -41.49
CA PRO A 268 59.31 0.40 -40.61
C PRO A 268 59.06 0.73 -39.15
N MET A 269 59.87 0.10 -38.30
CA MET A 269 59.93 0.40 -36.87
C MET A 269 61.17 1.27 -36.64
N ALA A 270 60.97 2.43 -36.04
CA ALA A 270 62.09 3.34 -35.79
C ALA A 270 63.02 2.77 -34.73
N ARG A 271 64.31 3.09 -34.87
CA ARG A 271 65.30 2.72 -33.87
C ARG A 271 64.81 3.09 -32.48
N GLU A 272 64.66 2.09 -31.62
CA GLU A 272 64.02 2.29 -30.33
C GLU A 272 64.81 3.28 -29.48
N PRO A 273 64.14 4.06 -28.64
CA PRO A 273 64.84 5.10 -27.89
C PRO A 273 65.68 4.53 -26.77
N THR A 274 66.65 5.33 -26.33
CA THR A 274 67.55 4.96 -25.23
C THR A 274 67.08 5.75 -24.01
N VAL A 275 66.14 5.16 -23.26
CA VAL A 275 65.55 5.86 -22.13
C VAL A 275 66.58 6.01 -21.01
N ILE A 276 66.55 7.16 -20.35
CA ILE A 276 67.35 7.41 -19.15
C ILE A 276 66.38 7.82 -18.04
N HIS A 277 66.47 7.12 -16.91
CA HIS A 277 65.52 7.36 -15.83
C HIS A 277 65.90 8.64 -15.08
N GLY A 278 64.96 9.12 -14.27
CA GLY A 278 65.17 10.31 -13.48
C GLY A 278 64.03 10.47 -12.50
N LYS A 279 64.25 11.34 -11.52
CA LYS A 279 63.26 11.57 -10.47
C LYS A 279 61.98 12.12 -11.11
N ARG A 280 60.94 11.28 -11.14
CA ARG A 280 59.64 11.67 -11.69
C ARG A 280 59.76 12.21 -13.11
N GLU A 281 60.76 11.75 -13.87
CA GLU A 281 60.92 12.19 -15.25
C GLU A 281 61.92 11.29 -15.94
N VAL A 282 61.82 11.24 -17.27
CA VAL A 282 62.74 10.48 -18.11
C VAL A 282 63.28 11.41 -19.17
N THR A 283 64.40 11.00 -19.77
CA THR A 283 65.04 11.76 -20.84
C THR A 283 65.40 10.77 -21.95
N LEU A 284 64.63 10.76 -23.02
CA LEU A 284 64.82 9.83 -24.11
C LEU A 284 65.80 10.39 -25.13
N HIS A 285 66.65 9.50 -25.66
CA HIS A 285 67.57 9.85 -26.74
C HIS A 285 66.97 9.39 -28.06
N LEU A 286 65.98 10.14 -28.54
CA LEU A 286 65.37 9.83 -29.82
C LEU A 286 66.44 9.84 -30.91
N HIS A 287 66.46 8.78 -31.73
CA HIS A 287 67.48 8.60 -32.76
C HIS A 287 66.79 8.23 -34.07
N PRO A 288 66.11 9.18 -34.70
CA PRO A 288 65.41 8.88 -35.96
C PRO A 288 66.36 8.85 -37.14
N ASP A 289 65.85 8.34 -38.26
CA ASP A 289 66.52 8.43 -39.55
C ASP A 289 65.57 8.92 -40.64
N HIS A 290 64.37 9.34 -40.27
CA HIS A 290 63.40 9.95 -41.17
C HIS A 290 62.26 10.50 -40.32
N PRO A 291 61.63 11.60 -40.73
CA PRO A 291 60.61 12.24 -39.86
C PRO A 291 59.61 11.25 -39.27
N THR A 292 59.58 11.16 -37.94
CA THR A 292 58.67 10.29 -37.21
C THR A 292 57.78 11.11 -36.29
N LEU A 293 56.81 10.43 -35.69
CA LEU A 293 55.99 11.01 -34.64
C LEU A 293 56.60 10.75 -33.27
N PHE A 294 56.18 11.54 -32.30
CA PHE A 294 56.58 11.31 -30.91
C PHE A 294 55.56 12.03 -30.03
N SER A 295 54.73 11.26 -29.33
CA SER A 295 53.67 11.81 -28.50
C SER A 295 53.67 11.11 -27.16
N TYR A 296 53.46 11.88 -26.09
CA TYR A 296 53.43 11.34 -24.74
C TYR A 296 52.32 12.01 -23.95
N ARG A 297 51.57 11.21 -23.20
CA ARG A 297 50.48 11.70 -22.36
C ARG A 297 50.63 11.13 -20.96
N THR A 298 50.36 11.97 -19.97
CA THR A 298 50.34 11.53 -18.58
C THR A 298 48.98 10.91 -18.29
N LEU A 299 48.94 9.58 -18.21
CA LEU A 299 47.66 8.86 -18.11
C LEU A 299 47.10 8.95 -16.69
N GLY A 300 46.86 10.20 -16.27
CA GLY A 300 46.23 10.46 -14.99
C GLY A 300 44.89 11.15 -15.16
N GLU A 301 44.73 12.30 -14.51
CA GLU A 301 43.56 13.15 -14.70
C GLU A 301 44.04 14.49 -15.25
N ASP A 302 43.36 14.98 -16.29
CA ASP A 302 43.79 16.19 -16.96
C ASP A 302 45.22 16.02 -17.43
N PRO A 303 45.47 15.17 -18.41
CA PRO A 303 46.85 14.90 -18.84
C PRO A 303 47.52 16.14 -19.41
N GLN A 304 48.83 16.02 -19.62
CA GLN A 304 49.61 17.01 -20.36
C GLN A 304 50.09 16.33 -21.63
N TYR A 305 49.20 16.30 -22.63
CA TYR A 305 49.51 15.68 -23.91
C TYR A 305 50.56 16.50 -24.66
N HIS A 306 51.10 15.87 -25.70
CA HIS A 306 52.10 16.53 -26.56
C HIS A 306 52.34 15.63 -27.76
N GLU A 307 52.69 16.25 -28.88
CA GLU A 307 52.92 15.51 -30.12
C GLU A 307 53.73 16.39 -31.06
N GLU A 308 54.88 15.89 -31.51
CA GLU A 308 55.78 16.65 -32.35
C GLU A 308 56.47 15.73 -33.34
N TRP A 309 56.74 16.26 -34.53
CA TRP A 309 57.52 15.55 -35.53
C TRP A 309 59.01 15.66 -35.18
N VAL A 310 59.72 14.54 -35.25
CA VAL A 310 61.15 14.50 -34.94
C VAL A 310 61.90 14.14 -36.21
N THR A 311 62.83 15.01 -36.60
CA THR A 311 63.59 14.84 -37.83
C THR A 311 65.09 14.65 -37.62
N ALA A 312 65.57 14.76 -36.38
CA ALA A 312 66.99 14.62 -36.09
C ALA A 312 67.16 14.21 -34.64
N ALA A 313 68.36 13.74 -34.31
CA ALA A 313 68.64 13.31 -32.95
C ALA A 313 68.28 14.40 -31.95
N VAL A 314 67.48 14.03 -30.94
CA VAL A 314 66.98 14.98 -29.96
C VAL A 314 67.02 14.30 -28.58
N GLU A 315 67.05 15.12 -27.54
CA GLU A 315 67.14 14.63 -26.17
C GLU A 315 65.92 15.05 -25.37
N ARG A 316 64.72 14.85 -25.94
CA ARG A 316 63.50 15.29 -25.28
C ARG A 316 63.33 14.59 -23.93
N THR A 317 62.88 15.34 -22.94
CA THR A 317 62.59 14.83 -21.61
C THR A 317 61.09 14.85 -21.36
N ILE A 318 60.66 13.98 -20.45
CA ILE A 318 59.24 13.78 -20.21
C ILE A 318 58.98 13.67 -18.71
N PRO A 319 57.88 14.21 -18.19
CA PRO A 319 57.52 13.95 -16.80
C PRO A 319 56.77 12.64 -16.66
N VAL A 320 57.02 11.98 -15.53
CA VAL A 320 56.43 10.67 -15.26
C VAL A 320 55.81 10.68 -13.87
N PRO A 321 54.70 11.37 -13.67
CA PRO A 321 54.09 11.40 -12.32
C PRO A 321 53.67 10.01 -11.89
N VAL A 322 53.28 9.92 -10.61
CA VAL A 322 52.96 8.63 -10.02
C VAL A 322 51.90 7.90 -10.83
N ASP A 323 51.02 8.65 -11.51
CA ASP A 323 49.98 8.01 -12.31
C ASP A 323 50.59 7.26 -13.49
N GLY A 324 51.65 7.80 -14.08
CA GLY A 324 52.32 7.18 -15.20
C GLY A 324 52.09 7.93 -16.49
N MET A 325 52.93 7.62 -17.48
CA MET A 325 52.85 8.25 -18.79
C MET A 325 53.01 7.21 -19.88
N GLU A 326 52.65 7.59 -21.10
CA GLU A 326 52.62 6.68 -22.24
C GLU A 326 53.16 7.41 -23.45
N TYR A 327 54.31 6.97 -23.96
CA TYR A 327 54.93 7.56 -25.14
C TYR A 327 54.86 6.57 -26.29
N HIS A 328 54.78 7.11 -27.51
CA HIS A 328 54.41 6.37 -28.71
C HIS A 328 55.42 6.61 -29.83
N TRP A 329 56.70 6.48 -29.51
CA TRP A 329 57.75 6.81 -30.47
C TRP A 329 57.57 6.02 -31.77
N GLY A 330 57.39 6.75 -32.86
CA GLY A 330 57.32 6.13 -34.17
C GLY A 330 56.12 5.21 -34.31
N ASN A 331 56.27 4.23 -35.21
CA ASN A 331 55.26 3.20 -35.41
C ASN A 331 55.29 2.14 -34.31
N ASN A 332 56.29 2.16 -33.43
CA ASN A 332 56.37 1.19 -32.36
C ASN A 332 55.13 1.28 -31.48
N ASP A 333 54.77 0.15 -30.88
CA ASP A 333 53.60 0.11 -30.03
C ASP A 333 53.81 1.01 -28.80
N PRO A 334 52.75 1.61 -28.27
CA PRO A 334 52.92 2.50 -27.12
C PRO A 334 53.53 1.75 -25.93
N VAL A 335 54.35 2.47 -25.17
CA VAL A 335 54.98 1.94 -23.96
C VAL A 335 54.55 2.81 -22.78
N ARG A 336 54.28 2.16 -21.65
CA ARG A 336 53.80 2.84 -20.46
C ARG A 336 54.83 2.70 -19.34
N LEU A 337 55.10 3.79 -18.65
CA LEU A 337 56.00 3.81 -17.51
C LEU A 337 55.25 4.27 -16.26
N TRP A 338 55.93 4.16 -15.12
CA TRP A 338 55.36 4.55 -13.85
C TRP A 338 56.49 4.92 -12.90
N SER A 339 56.26 5.96 -12.09
CA SER A 339 57.26 6.47 -11.17
C SER A 339 56.91 6.02 -9.75
N GLN A 340 57.89 5.47 -9.05
CA GLN A 340 57.71 5.01 -7.68
C GLN A 340 57.98 6.14 -6.70
N LEU A 341 57.51 5.96 -5.48
CA LEU A 341 57.76 6.90 -4.39
C LEU A 341 59.19 6.71 -3.94
N THR A 342 60.09 7.56 -4.43
CA THR A 342 61.54 7.39 -4.24
C THR A 342 62.16 8.72 -3.80
N THR A 343 61.57 9.36 -2.80
CA THR A 343 62.10 10.62 -2.34
C THR A 343 63.48 10.45 -1.72
N GLU A 344 64.26 11.53 -1.77
CA GLU A 344 65.53 11.59 -1.07
C GLU A 344 65.25 11.75 0.42
N GLY A 345 66.29 11.97 1.21
CA GLY A 345 66.13 12.02 2.65
C GLY A 345 66.17 10.64 3.25
N LYS A 346 65.83 10.57 4.54
CA LYS A 346 65.98 9.35 5.29
C LYS A 346 64.61 8.83 5.76
N PRO A 347 64.37 7.52 5.71
CA PRO A 347 63.14 6.98 6.29
C PRO A 347 63.21 6.97 7.80
N HIS A 348 62.29 6.27 8.46
CA HIS A 348 62.08 6.40 9.90
C HIS A 348 63.37 6.70 10.63
N GLY A 349 63.38 7.77 11.43
CA GLY A 349 64.61 8.26 12.01
C GLY A 349 64.44 9.66 12.55
N TRP A 350 65.55 10.41 12.53
CA TRP A 350 65.54 11.74 13.12
C TRP A 350 64.52 12.63 12.41
N PRO A 351 63.77 13.46 13.15
CA PRO A 351 62.75 14.30 12.50
C PRO A 351 63.31 15.20 11.41
N HIS A 352 64.49 15.78 11.62
CA HIS A 352 65.06 16.64 10.59
C HIS A 352 65.38 15.86 9.31
N GLN A 353 65.41 14.54 9.40
CA GLN A 353 65.59 13.69 8.23
C GLN A 353 64.29 13.03 7.77
N ILE A 354 63.25 13.03 8.60
CA ILE A 354 61.99 12.42 8.21
C ILE A 354 61.10 13.39 7.43
N VAL A 355 61.17 14.68 7.74
CA VAL A 355 60.46 15.66 6.93
C VAL A 355 61.04 15.69 5.53
N GLN A 356 62.35 15.49 5.41
CA GLN A 356 62.97 15.41 4.09
C GLN A 356 62.41 14.24 3.29
N TYR A 357 62.24 13.08 3.94
CA TYR A 357 61.68 11.94 3.22
C TYR A 357 60.28 12.23 2.72
N TYR A 358 59.48 12.92 3.53
CA TYR A 358 58.15 13.32 3.08
C TYR A 358 58.20 14.49 2.12
N TYR A 359 59.17 15.38 2.26
CA TYR A 359 59.38 16.44 1.28
C TYR A 359 59.93 15.80 0.01
N GLY A 360 59.08 15.70 -1.00
CA GLY A 360 59.37 14.91 -2.19
C GLY A 360 58.14 14.12 -2.55
N LEU A 361 57.40 13.70 -1.52
CA LEU A 361 56.05 13.21 -1.65
C LEU A 361 55.12 14.35 -1.27
N TYR A 362 54.50 14.98 -2.27
CA TYR A 362 53.58 16.07 -2.02
C TYR A 362 54.33 17.20 -1.31
N PRO A 363 55.29 17.85 -1.97
CA PRO A 363 56.05 18.90 -1.28
C PRO A 363 55.19 20.00 -0.71
N ALA A 364 54.13 20.40 -1.42
CA ALA A 364 53.26 21.45 -0.91
C ALA A 364 52.56 21.02 0.38
N ALA A 365 52.08 19.78 0.40
CA ALA A 365 51.41 19.28 1.60
C ALA A 365 52.38 19.18 2.77
N THR A 366 53.60 18.70 2.52
CA THR A 366 54.56 18.52 3.60
C THR A 366 54.90 19.83 4.27
N VAL A 367 55.21 20.86 3.47
CA VAL A 367 55.59 22.15 4.04
C VAL A 367 54.40 22.80 4.74
N SER A 368 53.20 22.62 4.19
CA SER A 368 52.01 23.17 4.84
C SER A 368 51.79 22.53 6.20
N ALA A 369 52.00 21.21 6.29
CA ALA A 369 51.81 20.52 7.56
C ALA A 369 52.87 20.95 8.58
N VAL A 370 54.13 21.02 8.17
CA VAL A 370 55.21 21.27 9.13
C VAL A 370 55.05 22.65 9.75
N VAL A 371 54.72 23.66 8.95
CA VAL A 371 54.50 24.99 9.50
C VAL A 371 53.30 25.00 10.42
N GLY A 372 52.23 24.29 10.03
CA GLY A 372 51.07 24.20 10.91
C GLY A 372 51.42 23.59 12.26
N MET A 373 52.20 22.50 12.24
CA MET A 373 52.63 21.89 13.49
C MET A 373 53.51 22.85 14.28
N SER A 374 54.47 23.49 13.62
CA SER A 374 55.37 24.39 14.32
C SER A 374 54.63 25.56 14.94
N LEU A 375 53.70 26.16 14.19
CA LEU A 375 52.95 27.30 14.71
C LEU A 375 52.11 26.90 15.92
N LEU A 376 51.42 25.76 15.83
CA LEU A 376 50.62 25.30 16.95
C LEU A 376 51.48 25.03 18.17
N ALA A 377 52.64 24.40 17.98
CA ALA A 377 53.55 24.16 19.10
C ALA A 377 54.01 25.46 19.73
N LEU A 378 54.35 26.45 18.90
CA LEU A 378 54.78 27.74 19.42
C LEU A 378 53.65 28.41 20.19
N ILE A 379 52.42 28.33 19.68
CA ILE A 379 51.29 28.92 20.39
C ILE A 379 51.12 28.26 21.75
N SER A 380 51.20 26.93 21.80
CA SER A 380 51.07 26.24 23.08
C SER A 380 52.17 26.66 24.04
N ILE A 381 53.41 26.75 23.56
CA ILE A 381 54.51 27.19 24.42
C ILE A 381 54.28 28.61 24.90
N PHE A 382 53.85 29.49 23.99
CA PHE A 382 53.57 30.87 24.38
C PHE A 382 52.45 30.92 25.41
N ALA A 383 51.38 30.14 25.18
CA ALA A 383 50.28 30.14 26.14
C ALA A 383 50.73 29.66 27.51
N SER A 384 51.55 28.61 27.55
CA SER A 384 52.05 28.10 28.83
C SER A 384 52.86 29.17 29.54
N CYS A 385 53.80 29.81 28.83
CA CYS A 385 54.59 30.87 29.44
C CYS A 385 53.72 32.04 29.85
N TYR A 386 52.76 32.43 28.98
CA TYR A 386 51.83 33.50 29.33
C TYR A 386 51.00 33.11 30.55
N MET A 387 50.64 31.83 30.65
CA MET A 387 49.91 31.37 31.82
C MET A 387 50.77 31.42 33.08
N LEU A 388 52.03 31.00 32.95
CA LEU A 388 52.92 30.97 34.11
C LEU A 388 53.13 32.37 34.68
N VAL A 389 53.36 33.35 33.81
CA VAL A 389 53.60 34.71 34.28
C VAL A 389 52.36 35.29 34.94
N ALA A 390 51.18 35.00 34.37
CA ALA A 390 49.94 35.46 34.98
C ALA A 390 49.77 34.89 36.38
N ALA A 391 50.11 33.61 36.56
CA ALA A 391 50.05 33.01 37.89
C ALA A 391 50.98 33.73 38.85
N ARG A 392 52.19 34.07 38.40
CA ARG A 392 53.11 34.81 39.25
C ARG A 392 52.52 36.17 39.62
N SER A 393 51.90 36.85 38.66
CA SER A 393 51.32 38.17 38.93
C SER A 393 50.24 38.07 40.00
N LYS A 394 49.33 37.11 39.86
CA LYS A 394 48.27 36.96 40.84
C LYS A 394 48.81 36.54 42.20
N CYS A 395 49.80 35.64 42.21
CA CYS A 395 50.32 35.12 43.47
C CYS A 395 51.21 36.12 44.18
N LEU A 396 52.04 36.86 43.44
CA LEU A 396 53.00 37.76 44.06
C LEU A 396 52.39 39.11 44.43
N THR A 397 51.29 39.51 43.80
CA THR A 397 50.69 40.80 44.13
C THR A 397 50.24 40.87 45.59
N PRO A 398 49.49 39.90 46.12
CA PRO A 398 49.06 40.02 47.52
C PRO A 398 50.19 40.12 48.52
N TYR A 399 51.23 39.29 48.37
CA TYR A 399 52.32 39.30 49.34
C TYR A 399 53.00 40.67 49.37
N ALA A 400 53.28 41.23 48.20
CA ALA A 400 53.96 42.52 48.10
C ALA A 400 52.94 43.60 47.73
N LEU A 401 52.12 44.00 48.71
CA LEU A 401 51.37 45.25 48.59
C LEU A 401 51.81 46.25 49.66
N THR A 402 51.59 45.95 50.94
CA THR A 402 52.21 46.70 52.04
C THR A 402 53.56 46.09 52.40
N PRO A 403 53.64 44.78 52.65
CA PRO A 403 54.85 44.22 53.24
C PRO A 403 55.82 43.64 52.23
N GLY A 404 57.09 43.57 52.59
CA GLY A 404 58.03 42.74 51.88
C GLY A 404 58.21 41.42 52.61
N ALA A 405 57.53 40.38 52.15
CA ALA A 405 57.56 39.09 52.81
C ALA A 405 57.20 38.02 51.80
N ALA A 406 57.94 36.91 51.81
CA ALA A 406 57.69 35.83 50.87
C ALA A 406 57.85 34.45 51.49
N VAL A 407 58.04 34.34 52.81
CA VAL A 407 58.30 33.04 53.41
C VAL A 407 59.48 32.45 52.65
N PRO A 408 60.73 32.85 52.95
CA PRO A 408 61.77 32.90 51.93
C PRO A 408 62.05 31.55 51.28
N TRP A 409 61.18 31.20 50.33
CA TRP A 409 61.25 30.04 49.45
C TRP A 409 60.75 28.77 50.11
N THR A 410 60.33 28.81 51.37
CA THR A 410 59.62 27.67 51.95
C THR A 410 58.19 27.60 51.40
N LEU A 411 57.49 28.73 51.39
CA LEU A 411 56.21 28.87 50.71
C LEU A 411 56.30 29.73 49.47
N GLY A 412 57.50 30.21 49.11
CA GLY A 412 57.69 30.92 47.86
C GLY A 412 57.84 30.02 46.65
N ILE A 413 58.08 28.73 46.87
CA ILE A 413 58.25 27.77 45.77
C ILE A 413 56.94 27.06 45.44
N LEU A 414 56.28 26.48 46.44
CA LEU A 414 55.15 25.60 46.18
C LEU A 414 54.02 26.35 45.50
N CYS A 415 53.74 27.58 45.95
CA CYS A 415 52.56 28.30 45.47
C CYS A 415 52.80 28.91 44.09
N CYS A 416 53.94 29.56 43.89
CA CYS A 416 54.17 30.37 42.71
C CYS A 416 55.67 30.57 42.53
N ALA A 417 56.05 31.47 41.62
CA ALA A 417 57.44 31.65 41.24
C ALA A 417 58.28 32.14 42.41
N PRO A 418 59.36 31.43 42.80
CA PRO A 418 60.24 31.95 43.86
C PRO A 418 60.98 33.23 43.45
N ARG A 419 60.78 33.68 42.22
CA ARG A 419 61.65 34.69 41.61
C ARG A 419 61.55 36.06 42.28
N ALA A 420 60.80 36.19 43.37
CA ALA A 420 60.83 37.43 44.13
C ALA A 420 62.23 37.68 44.66
N HIS A 421 62.59 38.96 44.79
CA HIS A 421 63.95 39.31 45.20
C HIS A 421 64.27 38.75 46.58
N ALA A 422 63.33 38.86 47.52
CA ALA A 422 63.52 38.30 48.86
C ALA A 422 64.77 38.88 49.51
N GLY B 106 35.63 68.95 72.41
CA GLY B 106 35.49 69.44 71.01
C GLY B 106 36.78 69.35 70.21
N LYS B 107 37.84 69.94 70.75
CA LYS B 107 39.16 69.94 70.10
C LYS B 107 40.00 68.84 70.74
N ARG B 108 40.03 67.69 70.09
CA ARG B 108 40.82 66.54 70.52
C ARG B 108 41.51 65.89 69.33
N GLU B 109 41.96 66.70 68.38
CA GLU B 109 42.56 66.22 67.13
C GLU B 109 44.00 66.72 67.06
N ARG B 110 44.92 65.93 67.62
CA ARG B 110 46.36 66.14 67.48
C ARG B 110 47.04 64.82 67.15
N MET B 111 46.40 64.03 66.30
CA MET B 111 46.84 62.68 65.99
C MET B 111 47.78 62.70 64.78
N CYS B 112 48.06 61.51 64.22
CA CYS B 112 49.00 61.41 63.11
C CYS B 112 48.53 62.18 61.88
N MET B 113 47.24 62.50 61.79
CA MET B 113 46.75 63.25 60.65
C MET B 113 47.54 64.55 60.48
N LYS B 114 47.68 65.31 61.56
CA LYS B 114 48.44 66.55 61.50
C LYS B 114 49.95 66.30 61.49
N ILE B 115 50.40 65.21 62.10
CA ILE B 115 51.84 64.92 62.15
C ILE B 115 52.39 64.76 60.74
N GLU B 116 51.69 63.98 59.91
CA GLU B 116 52.12 63.79 58.52
C GLU B 116 51.64 64.95 57.65
N ASN B 117 50.32 65.11 57.53
CA ASN B 117 49.65 66.21 56.86
C ASN B 117 49.94 66.27 55.36
N ASP B 118 50.83 65.43 54.83
CA ASP B 118 51.16 65.48 53.41
C ASP B 118 51.28 64.12 52.74
N CYS B 119 51.06 63.02 53.46
CA CYS B 119 51.02 61.72 52.79
C CYS B 119 49.94 61.69 51.73
N ILE B 120 48.94 62.56 51.87
CA ILE B 120 47.78 62.59 50.99
C ILE B 120 48.07 63.54 49.84
N PHE B 121 47.84 63.09 48.60
CA PHE B 121 48.32 63.82 47.43
C PHE B 121 47.23 64.33 46.49
N GLU B 122 45.95 64.00 46.70
CA GLU B 122 44.88 64.49 45.84
C GLU B 122 45.13 64.13 44.37
N VAL B 123 45.03 62.82 44.09
CA VAL B 123 45.10 62.37 42.70
C VAL B 123 44.02 63.09 41.90
N LYS B 124 44.41 63.68 40.77
CA LYS B 124 43.52 64.52 39.97
C LYS B 124 43.44 63.99 38.56
N HIS B 125 42.23 63.74 38.08
CA HIS B 125 41.99 63.38 36.68
C HIS B 125 41.52 64.64 35.95
N GLU B 126 42.28 65.06 34.94
CA GLU B 126 42.04 66.29 34.22
C GLU B 126 42.09 67.50 35.17
N GLY B 127 42.80 67.36 36.29
CA GLY B 127 42.81 68.36 37.33
C GLY B 127 41.71 68.21 38.35
N LYS B 128 40.78 67.27 38.15
CA LYS B 128 39.69 67.02 39.09
C LYS B 128 40.13 65.95 40.07
N VAL B 129 40.22 66.33 41.35
CA VAL B 129 40.64 65.39 42.40
C VAL B 129 39.58 64.30 42.53
N THR B 130 39.93 63.07 42.15
CA THR B 130 39.02 61.94 42.22
C THR B 130 39.33 60.95 43.32
N GLY B 131 40.57 60.90 43.80
CA GLY B 131 40.96 59.97 44.83
C GLY B 131 42.14 60.49 45.62
N TYR B 132 42.76 59.65 46.45
CA TYR B 132 43.87 60.10 47.26
C TYR B 132 44.91 58.99 47.38
N ALA B 133 46.18 59.38 47.36
CA ALA B 133 47.31 58.47 47.46
C ALA B 133 48.07 58.72 48.75
N CYS B 134 48.41 57.64 49.45
CA CYS B 134 49.11 57.71 50.73
C CYS B 134 50.37 56.86 50.69
N LEU B 135 51.12 56.89 51.78
CA LEU B 135 52.38 56.19 51.91
C LEU B 135 52.38 55.37 53.19
N VAL B 136 52.83 54.12 53.09
CA VAL B 136 52.81 53.22 54.25
C VAL B 136 54.05 52.33 54.24
N GLY B 137 54.96 52.57 55.19
CA GLY B 137 56.12 51.73 55.37
C GLY B 137 56.85 51.35 54.10
N ASP B 138 57.44 52.33 53.43
CA ASP B 138 58.22 52.17 52.22
C ASP B 138 57.37 51.89 50.98
N LYS B 139 56.05 51.80 51.11
CA LYS B 139 55.16 51.56 50.00
C LYS B 139 54.27 52.78 49.77
N VAL B 140 53.64 52.81 48.60
CA VAL B 140 52.72 53.88 48.23
C VAL B 140 51.41 53.23 47.79
N MET B 141 50.32 53.58 48.47
CA MET B 141 49.01 53.01 48.19
C MET B 141 48.20 53.98 47.34
N LYS B 142 47.38 53.41 46.46
CA LYS B 142 46.60 54.20 45.51
C LYS B 142 45.46 53.32 45.00
N PRO B 143 44.19 53.72 45.14
CA PRO B 143 43.11 52.87 44.65
C PRO B 143 43.22 52.63 43.15
N ALA B 144 42.96 51.39 42.74
CA ALA B 144 43.10 51.04 41.32
C ALA B 144 41.95 51.60 40.49
N HIS B 145 40.72 51.50 40.98
CA HIS B 145 39.56 51.87 40.17
C HIS B 145 39.50 53.38 39.92
N VAL B 146 40.24 54.18 40.66
CA VAL B 146 40.31 55.60 40.40
C VAL B 146 41.54 55.89 39.55
N LYS B 147 41.55 57.06 38.91
CA LYS B 147 42.64 57.44 38.03
C LYS B 147 42.76 58.95 38.03
N GLY B 148 43.93 59.44 37.60
CA GLY B 148 44.15 60.86 37.49
C GLY B 148 45.60 61.26 37.37
N VAL B 149 46.01 62.26 38.16
CA VAL B 149 47.35 62.84 38.09
C VAL B 149 48.10 62.49 39.36
N ILE B 150 49.35 62.07 39.20
CA ILE B 150 50.22 61.65 40.29
C ILE B 150 51.39 62.63 40.34
N ASP B 151 51.10 63.90 40.09
CA ASP B 151 52.08 64.93 39.75
C ASP B 151 53.43 64.74 40.41
N ASN B 152 53.46 64.42 41.70
CA ASN B 152 54.72 64.15 42.38
C ASN B 152 55.61 63.27 41.52
N ALA B 153 56.81 63.77 41.21
CA ALA B 153 57.66 63.11 40.22
C ALA B 153 58.03 61.70 40.64
N ASP B 154 58.37 61.52 41.92
CA ASP B 154 58.74 60.18 42.40
C ASP B 154 57.60 59.20 42.19
N LEU B 155 56.36 59.64 42.41
CA LEU B 155 55.21 58.78 42.22
C LEU B 155 54.62 58.89 40.82
N ALA B 156 54.88 59.98 40.11
CA ALA B 156 54.30 60.17 38.78
C ALA B 156 54.80 59.12 37.81
N LYS B 157 56.10 58.80 37.86
CA LYS B 157 56.73 57.89 36.91
C LYS B 157 56.91 56.49 37.49
N LEU B 158 55.96 56.04 38.31
CA LEU B 158 56.05 54.76 39.00
C LEU B 158 55.02 53.80 38.43
N ALA B 159 55.37 52.52 38.40
CA ALA B 159 54.52 51.48 37.84
C ALA B 159 53.83 50.73 38.97
N PHE B 160 52.50 50.64 38.87
CA PHE B 160 51.67 49.95 39.85
C PHE B 160 51.05 48.69 39.26
N LYS B 161 50.69 47.77 40.14
CA LYS B 161 49.81 46.66 39.78
C LYS B 161 48.37 47.15 39.79
N LYS B 162 47.51 46.42 39.07
CA LYS B 162 46.11 46.78 38.93
C LYS B 162 45.22 45.57 39.20
N SER B 163 45.51 44.86 40.28
CA SER B 163 44.75 43.68 40.66
C SER B 163 43.37 44.13 41.15
N SER B 164 42.37 44.05 40.26
CA SER B 164 41.02 44.45 40.62
C SER B 164 40.45 43.61 41.75
N LYS B 165 40.98 42.41 41.96
CA LYS B 165 40.55 41.60 43.09
C LYS B 165 40.79 42.34 44.40
N TYR B 166 41.80 43.21 44.44
CA TYR B 166 42.10 44.03 45.60
C TYR B 166 41.93 45.51 45.33
N ASP B 167 41.88 45.93 44.07
CA ASP B 167 41.59 47.31 43.70
C ASP B 167 42.57 48.27 44.37
N LEU B 168 43.85 47.92 44.29
CA LEU B 168 44.93 48.73 44.84
C LEU B 168 46.00 48.90 43.79
N GLU B 169 46.94 49.81 44.08
CA GLU B 169 48.10 50.07 43.22
C GLU B 169 49.33 50.13 44.12
N CYS B 170 49.94 48.97 44.37
CA CYS B 170 51.14 48.93 45.19
C CYS B 170 52.29 49.65 44.48
N ALA B 171 53.38 49.85 45.21
CA ALA B 171 54.48 50.66 44.71
C ALA B 171 55.63 50.62 45.71
N GLN B 172 56.75 51.21 45.31
CA GLN B 172 57.93 51.35 46.16
C GLN B 172 58.30 52.82 46.21
N ILE B 173 58.44 53.36 47.42
CA ILE B 173 58.72 54.77 47.62
C ILE B 173 60.22 54.96 47.82
N PRO B 174 60.84 56.00 47.24
CA PRO B 174 62.27 56.21 47.45
C PRO B 174 62.60 56.69 48.86
N VAL B 175 63.89 56.85 49.15
CA VAL B 175 64.33 57.19 50.51
C VAL B 175 63.94 58.63 50.84
N HIS B 176 64.09 59.54 49.87
CA HIS B 176 63.90 60.97 50.17
C HIS B 176 62.49 61.29 50.63
N MET B 177 61.50 60.47 50.27
CA MET B 177 60.13 60.66 50.73
C MET B 177 59.76 59.78 51.91
N ARG B 178 60.62 58.83 52.30
CA ARG B 178 60.36 58.06 53.50
C ARG B 178 60.34 58.93 54.74
N SER B 179 61.01 60.08 54.71
CA SER B 179 60.88 61.03 55.81
C SER B 179 59.42 61.42 56.02
N ASP B 180 58.63 61.44 54.95
CA ASP B 180 57.19 61.66 55.02
C ASP B 180 56.55 60.28 54.84
N ALA B 181 56.35 59.59 55.95
CA ALA B 181 55.81 58.23 55.96
C ALA B 181 54.55 58.19 56.83
N SER B 182 54.02 56.99 57.02
CA SER B 182 52.86 56.78 57.87
C SER B 182 52.87 55.34 58.36
N LYS B 183 52.98 55.16 59.67
CA LYS B 183 53.01 53.82 60.24
C LYS B 183 51.63 53.18 60.15
N TYR B 184 51.59 51.87 60.35
CA TYR B 184 50.42 51.05 60.02
C TYR B 184 50.23 49.99 61.10
N THR B 185 49.27 49.10 60.87
CA THR B 185 48.98 48.02 61.81
C THR B 185 48.43 46.83 61.04
N HIS B 186 48.69 45.64 61.57
CA HIS B 186 48.10 44.40 61.07
C HIS B 186 46.98 43.89 61.96
N GLU B 187 46.79 44.47 63.14
CA GLU B 187 45.76 44.05 64.08
C GLU B 187 44.72 45.14 64.20
N LYS B 188 43.46 44.73 64.38
CA LYS B 188 42.32 45.64 64.40
C LYS B 188 41.64 45.60 65.76
N PRO B 189 41.96 46.54 66.66
CA PRO B 189 41.20 46.62 67.91
C PRO B 189 39.82 47.23 67.68
N GLU B 190 38.84 46.38 67.35
CA GLU B 190 37.51 46.83 66.97
C GLU B 190 37.03 47.95 67.88
N GLY B 191 36.69 49.09 67.29
CA GLY B 191 36.21 50.23 68.04
C GLY B 191 36.13 51.49 67.19
N HIS B 192 36.58 52.62 67.74
CA HIS B 192 36.54 53.90 67.04
C HIS B 192 37.93 54.27 66.55
N TYR B 193 38.00 54.75 65.31
CA TYR B 193 39.24 55.14 64.67
C TYR B 193 39.10 56.53 64.09
N ASN B 194 40.24 57.09 63.67
CA ASN B 194 40.29 58.46 63.17
C ASN B 194 39.96 58.51 61.68
N TRP B 195 39.45 59.65 61.24
CA TRP B 195 39.10 59.88 59.85
C TRP B 195 39.36 61.34 59.49
N HIS B 196 39.42 61.59 58.17
CA HIS B 196 39.56 62.95 57.68
C HIS B 196 38.25 63.71 57.76
N HIS B 197 37.17 63.14 57.23
CA HIS B 197 35.89 63.82 57.13
C HIS B 197 35.00 63.61 58.36
N GLY B 198 35.47 62.88 59.37
CA GLY B 198 34.66 62.59 60.54
C GLY B 198 35.27 61.55 61.46
N ALA B 199 34.51 60.52 61.81
CA ALA B 199 34.95 59.48 62.71
C ALA B 199 34.80 58.12 62.05
N VAL B 200 35.16 57.07 62.81
CA VAL B 200 35.15 55.70 62.33
C VAL B 200 34.58 54.79 63.42
N GLN B 201 33.40 54.23 63.18
CA GLN B 201 32.83 53.23 64.09
C GLN B 201 33.14 51.84 63.51
N TYR B 202 34.25 51.26 63.91
CA TYR B 202 34.55 49.87 63.55
C TYR B 202 33.70 48.97 64.43
N SER B 203 32.56 48.54 63.90
CA SER B 203 31.82 47.48 64.54
C SER B 203 32.52 46.15 64.29
N GLY B 204 31.90 45.05 64.75
CA GLY B 204 32.47 43.75 64.54
C GLY B 204 32.81 43.51 63.07
N GLY B 205 34.11 43.44 62.78
CA GLY B 205 34.58 43.24 61.42
C GLY B 205 33.84 44.05 60.38
N ARG B 206 33.56 45.32 60.67
CA ARG B 206 32.84 46.15 59.72
C ARG B 206 33.18 47.62 59.95
N PHE B 207 33.81 48.23 58.94
CA PHE B 207 33.96 49.67 58.91
C PHE B 207 32.62 50.35 58.62
N THR B 208 32.40 51.51 59.23
CA THR B 208 31.21 52.29 58.91
C THR B 208 31.38 53.71 59.42
N ILE B 209 30.56 54.61 58.88
CA ILE B 209 30.55 56.02 59.26
C ILE B 209 29.10 56.48 59.37
N PRO B 210 28.84 57.71 59.81
CA PRO B 210 27.45 58.15 59.98
C PRO B 210 26.70 58.21 58.66
N THR B 211 25.37 58.18 58.77
CA THR B 211 24.51 58.26 57.58
C THR B 211 24.78 59.55 56.83
N GLY B 212 25.09 59.43 55.54
CA GLY B 212 25.29 60.59 54.70
C GLY B 212 26.59 61.34 54.93
N ALA B 213 27.39 60.93 55.90
CA ALA B 213 28.66 61.59 56.15
C ALA B 213 29.62 61.32 54.99
N GLY B 214 30.61 62.20 54.86
CA GLY B 214 31.54 62.05 53.77
C GLY B 214 30.85 62.24 52.43
N LYS B 215 31.39 61.57 51.41
CA LYS B 215 30.94 61.75 50.04
C LYS B 215 31.53 60.66 49.13
N PRO B 216 30.97 60.46 47.95
CA PRO B 216 31.58 59.55 46.98
C PRO B 216 32.64 60.29 46.15
N GLY B 217 33.27 59.56 45.25
CA GLY B 217 34.33 60.12 44.45
C GLY B 217 35.57 60.52 45.23
N ASP B 218 35.74 59.96 46.42
CA ASP B 218 36.85 60.28 47.33
C ASP B 218 37.44 59.00 47.89
N SER B 219 37.73 58.06 47.00
CA SER B 219 38.02 56.68 47.39
C SER B 219 39.04 56.60 48.53
N GLY B 220 40.25 57.07 48.30
CA GLY B 220 41.37 56.73 49.17
C GLY B 220 41.16 56.94 50.65
N ARG B 221 41.15 58.20 51.11
CA ARG B 221 40.91 58.53 52.51
C ARG B 221 41.67 57.58 53.45
N PRO B 222 43.00 57.71 53.58
CA PRO B 222 43.75 56.76 54.39
C PRO B 222 43.39 56.85 55.87
N ILE B 223 42.31 56.16 56.23
CA ILE B 223 41.77 56.15 57.58
C ILE B 223 42.88 55.91 58.59
N PHE B 224 42.83 56.66 59.70
CA PHE B 224 43.91 56.67 60.67
C PHE B 224 43.45 56.05 61.98
N ASP B 225 44.40 55.47 62.71
CA ASP B 225 44.13 54.81 63.97
C ASP B 225 44.10 55.82 65.12
N ASN B 226 43.37 55.46 66.17
CA ASN B 226 43.31 56.31 67.36
C ASN B 226 44.65 56.42 68.08
N LYS B 227 45.61 55.56 67.74
CA LYS B 227 46.96 55.66 68.27
C LYS B 227 47.86 56.53 67.41
N GLY B 228 47.35 57.06 66.30
CA GLY B 228 48.16 57.86 65.41
C GLY B 228 48.87 57.04 64.36
N ARG B 229 48.14 56.14 63.69
CA ARG B 229 48.71 55.27 62.66
C ARG B 229 47.64 55.09 61.58
N VAL B 230 47.90 54.20 60.62
CA VAL B 230 46.99 53.91 59.52
C VAL B 230 46.57 52.45 59.61
N VAL B 231 45.27 52.20 59.68
CA VAL B 231 44.75 50.84 59.77
C VAL B 231 43.82 50.49 58.61
N ALA B 232 43.39 51.45 57.81
CA ALA B 232 42.47 51.15 56.72
C ALA B 232 42.51 52.27 55.69
N ILE B 233 42.36 51.90 54.42
CA ILE B 233 42.16 52.84 53.32
C ILE B 233 40.75 52.65 52.78
N VAL B 234 40.03 53.76 52.60
CA VAL B 234 38.70 53.69 52.02
C VAL B 234 38.82 53.35 50.53
N LEU B 235 37.90 52.53 50.04
CA LEU B 235 37.71 52.32 48.61
C LEU B 235 36.34 52.78 48.14
N GLY B 236 35.28 52.23 48.71
CA GLY B 236 33.93 52.49 48.25
C GLY B 236 33.07 53.03 49.35
N GLY B 237 31.77 53.10 49.10
CA GLY B 237 30.82 53.57 50.09
C GLY B 237 29.46 53.03 49.78
N ALA B 238 28.65 52.87 50.84
CA ALA B 238 27.35 52.22 50.71
C ALA B 238 26.38 52.93 51.64
N ASN B 239 25.37 53.57 51.07
CA ASN B 239 24.35 54.31 51.82
C ASN B 239 23.00 53.70 51.48
N GLU B 240 22.57 52.76 52.31
CA GLU B 240 21.23 52.19 52.21
C GLU B 240 20.35 52.86 53.27
N GLY B 241 19.15 52.34 53.45
CA GLY B 241 18.10 53.01 54.20
C GLY B 241 18.52 53.79 55.44
N SER B 242 19.04 53.12 56.46
CA SER B 242 19.24 53.78 57.75
C SER B 242 20.57 54.52 57.81
N ARG B 243 21.67 53.81 57.57
CA ARG B 243 22.99 54.35 57.83
C ARG B 243 23.94 53.88 56.73
N THR B 244 25.23 54.08 56.93
CA THR B 244 26.24 53.98 55.88
C THR B 244 27.28 52.91 56.22
N ALA B 245 27.72 52.19 55.19
CA ALA B 245 28.88 51.30 55.24
C ALA B 245 29.86 51.72 54.15
N LEU B 246 30.89 50.91 53.94
CA LEU B 246 31.88 51.24 52.92
C LEU B 246 32.76 50.03 52.64
N SER B 247 33.42 50.07 51.49
CA SER B 247 34.38 49.06 51.07
C SER B 247 35.79 49.60 51.29
N VAL B 248 36.62 48.82 51.99
CA VAL B 248 37.94 49.25 52.41
C VAL B 248 38.90 48.07 52.27
N VAL B 249 40.17 48.32 52.57
CA VAL B 249 41.21 47.30 52.57
C VAL B 249 41.80 47.19 53.97
N THR B 250 42.13 45.97 54.36
CA THR B 250 42.83 45.68 55.60
C THR B 250 44.04 44.80 55.28
N TRP B 251 44.88 44.59 56.29
CA TRP B 251 46.06 43.74 56.16
C TRP B 251 46.03 42.69 57.26
N ASN B 252 46.09 41.42 56.87
CA ASN B 252 46.18 40.34 57.83
C ASN B 252 47.62 40.24 58.32
N LYS B 253 47.98 39.14 58.98
CA LYS B 253 49.34 38.99 59.49
C LYS B 253 50.36 39.30 58.41
N ASP B 254 50.20 38.72 57.23
CA ASP B 254 51.08 39.01 56.10
C ASP B 254 50.32 39.35 54.83
N MET B 255 49.18 38.69 54.58
CA MET B 255 48.46 38.88 53.32
C MET B 255 47.63 40.15 53.37
N VAL B 256 47.54 40.83 52.23
CA VAL B 256 46.83 42.09 52.10
C VAL B 256 45.46 41.78 51.49
N THR B 257 44.43 41.76 52.33
CA THR B 257 43.09 41.39 51.91
C THR B 257 42.28 42.64 51.55
N ARG B 258 40.98 42.45 51.33
CA ARG B 258 40.04 43.53 51.05
C ARG B 258 38.66 43.07 51.48
N VAL B 259 37.81 44.03 51.83
CA VAL B 259 36.44 43.75 52.24
C VAL B 259 35.51 44.73 51.54
N THR B 260 34.37 44.22 51.06
CA THR B 260 33.41 45.02 50.31
C THR B 260 32.01 44.62 50.75
N PRO B 261 31.33 45.43 51.56
CA PRO B 261 29.97 45.08 51.99
C PRO B 261 29.03 45.00 50.80
N GLU B 262 28.05 44.11 50.90
CA GLU B 262 27.09 43.92 49.83
C GLU B 262 26.33 45.22 49.55
N GLY B 263 26.09 45.50 48.28
CA GLY B 263 25.39 46.71 47.90
C GLY B 263 26.18 47.98 48.08
N SER B 264 27.51 47.91 47.99
CA SER B 264 28.37 49.07 48.15
C SER B 264 28.76 49.59 46.77
N GLU B 265 28.59 50.90 46.58
CA GLU B 265 28.94 51.54 45.32
C GLU B 265 30.27 52.27 45.44
N GLU B 266 30.90 52.52 44.30
CA GLU B 266 32.20 53.18 44.28
C GLU B 266 32.06 54.61 44.81
N TRP B 267 32.91 54.96 45.76
CA TRP B 267 32.88 56.27 46.40
C TRP B 267 34.26 56.90 46.41
N TYR C 1 24.04 -16.78 -0.24
CA TYR C 1 24.57 -15.83 0.77
C TYR C 1 25.03 -14.55 0.10
N GLU C 2 24.23 -13.48 0.27
CA GLU C 2 24.55 -12.20 -0.34
C GLU C 2 25.84 -11.64 0.23
N HIS C 3 26.60 -10.94 -0.62
CA HIS C 3 27.81 -10.24 -0.18
C HIS C 3 28.10 -9.15 -1.19
N SER C 4 28.14 -7.90 -0.72
CA SER C 4 28.36 -6.74 -1.57
C SER C 4 29.69 -6.10 -1.23
N THR C 5 30.51 -5.86 -2.25
CA THR C 5 31.82 -5.23 -2.08
C THR C 5 32.07 -4.31 -3.26
N VAL C 6 33.12 -3.51 -3.14
CA VAL C 6 33.51 -2.56 -4.18
C VAL C 6 34.95 -2.83 -4.57
N MET C 7 35.21 -2.91 -5.88
CA MET C 7 36.55 -3.10 -6.40
C MET C 7 37.01 -1.84 -7.14
N PRO C 8 38.31 -1.58 -7.21
CA PRO C 8 38.80 -0.43 -7.96
C PRO C 8 38.86 -0.75 -9.46
N ASN C 9 38.28 0.13 -10.27
CA ASN C 9 38.23 -0.07 -11.72
C ASN C 9 39.60 0.24 -12.32
N VAL C 10 40.57 -0.59 -11.97
CA VAL C 10 41.94 -0.47 -12.47
C VAL C 10 42.33 -1.80 -13.08
N VAL C 11 42.65 -1.79 -14.38
CA VAL C 11 43.00 -3.02 -15.06
C VAL C 11 44.21 -3.66 -14.38
N GLY C 12 44.13 -4.97 -14.16
CA GLY C 12 45.24 -5.69 -13.57
C GLY C 12 45.50 -5.42 -12.12
N PHE C 13 44.49 -5.01 -11.35
CA PHE C 13 44.65 -4.79 -9.93
C PHE C 13 44.12 -6.01 -9.19
N PRO C 14 44.96 -6.84 -8.57
CA PRO C 14 44.45 -8.09 -7.97
C PRO C 14 43.59 -7.85 -6.73
N TYR C 15 42.35 -7.42 -6.95
CA TYR C 15 41.44 -7.25 -5.83
C TYR C 15 41.16 -8.59 -5.18
N LYS C 16 40.92 -8.57 -3.87
CA LYS C 16 40.75 -9.80 -3.09
C LYS C 16 39.58 -9.60 -2.11
N ALA C 17 38.38 -9.93 -2.56
CA ALA C 17 37.23 -9.91 -1.67
C ALA C 17 37.35 -11.03 -0.64
N HIS C 18 36.94 -10.73 0.59
CA HIS C 18 37.05 -11.68 1.69
C HIS C 18 35.67 -11.79 2.34
N ILE C 19 35.01 -12.92 2.12
CA ILE C 19 33.68 -13.17 2.68
C ILE C 19 33.81 -13.99 3.94
N GLU C 20 33.23 -13.50 5.02
CA GLU C 20 33.26 -14.16 6.32
C GLU C 20 31.84 -14.67 6.61
N ARG C 21 31.59 -15.93 6.27
CA ARG C 21 30.30 -16.53 6.57
C ARG C 21 30.37 -17.22 7.93
N PRO C 22 29.69 -16.72 8.96
CA PRO C 22 29.70 -17.42 10.24
C PRO C 22 29.11 -18.81 10.10
N GLY C 23 29.70 -19.76 10.81
CA GLY C 23 29.39 -21.16 10.60
C GLY C 23 30.11 -21.81 9.44
N TYR C 24 31.05 -21.09 8.81
CA TYR C 24 31.80 -21.62 7.69
C TYR C 24 33.19 -20.98 7.70
N SER C 25 34.14 -21.67 7.08
CA SER C 25 35.48 -21.13 6.98
C SER C 25 35.48 -19.91 6.05
N PRO C 26 36.11 -18.80 6.44
CA PRO C 26 36.12 -17.63 5.55
C PRO C 26 36.80 -17.96 4.24
N LEU C 27 36.23 -17.41 3.16
CA LEU C 27 36.70 -17.68 1.80
C LEU C 27 37.19 -16.39 1.17
N THR C 28 38.43 -16.40 0.68
CA THR C 28 38.96 -15.28 -0.08
C THR C 28 38.64 -15.49 -1.55
N LEU C 29 38.05 -14.48 -2.17
CA LEU C 29 37.59 -14.55 -3.55
C LEU C 29 38.30 -13.43 -4.33
N GLN C 30 39.41 -13.78 -4.96
CA GLN C 30 40.21 -12.81 -5.68
C GLN C 30 39.70 -12.68 -7.11
N MET C 31 39.66 -11.44 -7.60
CA MET C 31 39.13 -11.14 -8.93
C MET C 31 39.79 -9.87 -9.42
N GLN C 32 39.94 -9.78 -10.75
CA GLN C 32 40.59 -8.62 -11.34
C GLN C 32 40.06 -8.40 -12.74
N VAL C 33 40.02 -7.13 -13.15
CA VAL C 33 39.58 -6.78 -14.49
C VAL C 33 40.71 -7.00 -15.48
N VAL C 34 40.36 -7.16 -16.75
CA VAL C 34 41.36 -7.25 -17.81
C VAL C 34 41.11 -6.29 -18.96
N GLU C 35 39.89 -5.78 -19.16
CA GLU C 35 39.63 -4.75 -20.16
C GLU C 35 38.22 -4.24 -19.96
N THR C 36 38.04 -2.93 -20.04
CA THR C 36 36.75 -2.28 -19.78
C THR C 36 36.40 -1.38 -20.97
N SER C 37 35.73 -1.95 -21.96
CA SER C 37 35.21 -1.15 -23.06
C SER C 37 34.14 -0.19 -22.55
N LEU C 38 34.19 1.05 -23.04
CA LEU C 38 33.23 2.08 -22.68
C LEU C 38 32.63 2.59 -23.99
N GLU C 39 31.59 1.91 -24.46
CA GLU C 39 31.00 2.21 -25.75
C GLU C 39 29.84 3.17 -25.57
N PRO C 40 29.86 4.36 -26.17
CA PRO C 40 28.70 5.25 -26.11
C PRO C 40 27.78 5.08 -27.31
N THR C 41 26.53 5.50 -27.12
CA THR C 41 25.56 5.50 -28.20
C THR C 41 25.85 6.64 -29.16
N LEU C 42 25.53 6.41 -30.43
CA LEU C 42 25.84 7.36 -31.51
C LEU C 42 24.59 7.76 -32.27
N ASN C 43 24.69 8.90 -32.95
CA ASN C 43 23.68 9.34 -33.90
C ASN C 43 24.41 10.00 -35.07
N LEU C 44 24.35 9.37 -36.24
CA LEU C 44 25.11 9.85 -37.38
C LEU C 44 24.49 11.14 -37.90
N GLU C 45 25.03 12.29 -37.46
CA GLU C 45 24.49 13.57 -37.90
C GLU C 45 24.60 13.73 -39.41
N TYR C 46 25.77 13.42 -39.97
CA TYR C 46 25.98 13.47 -41.41
C TYR C 46 27.36 12.92 -41.71
N ILE C 47 27.68 12.88 -43.01
CA ILE C 47 28.94 12.33 -43.51
C ILE C 47 29.59 13.38 -44.39
N THR C 48 30.89 13.60 -44.20
CA THR C 48 31.65 14.56 -45.00
C THR C 48 32.79 13.83 -45.70
N CYS C 49 32.83 13.94 -47.03
CA CYS C 49 33.95 13.43 -47.81
C CYS C 49 34.33 14.47 -48.86
N GLU C 50 35.60 14.40 -49.27
CA GLU C 50 36.12 15.35 -50.26
C GLU C 50 35.19 15.42 -51.46
N TYR C 51 34.82 16.65 -51.83
CA TYR C 51 33.88 16.84 -52.93
C TYR C 51 34.57 16.64 -54.27
N LYS C 52 33.78 16.68 -55.33
CA LYS C 52 34.28 16.64 -56.69
C LYS C 52 33.44 17.59 -57.52
N THR C 53 34.10 18.45 -58.29
CA THR C 53 33.43 19.50 -59.06
C THR C 53 33.21 19.00 -60.48
N VAL C 54 31.96 18.69 -60.81
CA VAL C 54 31.61 18.25 -62.15
C VAL C 54 31.39 19.47 -63.03
N VAL C 55 32.09 19.52 -64.16
CA VAL C 55 32.00 20.66 -65.07
C VAL C 55 31.66 20.13 -66.46
N PRO C 56 30.39 19.99 -66.81
CA PRO C 56 30.03 19.52 -68.14
C PRO C 56 30.58 20.46 -69.21
N SER C 57 30.86 19.89 -70.38
CA SER C 57 31.45 20.67 -71.45
C SER C 57 30.55 21.87 -71.78
N PRO C 58 31.12 23.05 -72.02
CA PRO C 58 30.27 24.21 -72.33
C PRO C 58 29.44 23.96 -73.57
N TYR C 59 28.21 24.49 -73.56
CA TYR C 59 27.30 24.38 -74.70
C TYR C 59 27.30 25.74 -75.39
N VAL C 60 28.14 25.88 -76.41
CA VAL C 60 28.28 27.14 -77.15
C VAL C 60 27.30 27.05 -78.31
N LYS C 61 26.08 27.53 -78.08
CA LYS C 61 25.08 27.66 -79.15
C LYS C 61 25.34 28.97 -79.90
N CYS C 62 26.56 29.09 -80.40
CA CYS C 62 26.96 30.28 -81.12
C CYS C 62 26.13 30.44 -82.39
N CYS C 63 26.25 31.61 -83.01
CA CYS C 63 25.39 32.01 -84.12
C CYS C 63 23.93 31.92 -83.68
N GLY C 64 23.67 32.44 -82.47
CA GLY C 64 22.35 32.42 -81.89
C GLY C 64 22.36 33.04 -80.51
N ALA C 65 21.60 32.45 -79.58
CA ALA C 65 21.59 32.94 -78.21
C ALA C 65 21.09 31.83 -77.30
N SER C 66 21.96 31.29 -76.46
CA SER C 66 21.59 30.29 -75.48
C SER C 66 21.06 30.98 -74.22
N GLU C 67 20.19 30.27 -73.51
CA GLU C 67 19.57 30.79 -72.30
C GLU C 67 20.00 29.97 -71.09
N CYS C 68 20.09 30.64 -69.94
CA CYS C 68 20.52 30.00 -68.70
C CYS C 68 19.47 28.98 -68.28
N SER C 69 19.78 27.70 -68.47
CA SER C 69 18.89 26.61 -68.06
C SER C 69 19.26 26.21 -66.65
N THR C 70 18.52 26.71 -65.67
CA THR C 70 18.84 26.47 -64.27
C THR C 70 18.49 25.04 -63.86
N LYS C 71 19.29 24.49 -62.95
CA LYS C 71 19.07 23.15 -62.42
C LYS C 71 19.01 23.20 -60.90
N GLU C 72 19.01 22.03 -60.25
CA GLU C 72 18.92 21.96 -58.80
C GLU C 72 19.99 21.05 -58.21
N LYS C 73 21.12 20.87 -58.89
CA LYS C 73 22.20 20.06 -58.35
C LYS C 73 22.87 20.80 -57.19
N PRO C 74 23.57 20.06 -56.32
CA PRO C 74 24.24 20.69 -55.18
C PRO C 74 25.11 21.88 -55.59
N ASP C 75 24.79 23.06 -55.08
CA ASP C 75 25.55 24.27 -55.38
C ASP C 75 25.67 24.47 -56.89
N TYR C 76 24.57 24.19 -57.60
CA TYR C 76 24.59 24.33 -59.05
C TYR C 76 24.81 25.79 -59.45
N GLN C 77 25.65 25.98 -60.47
CA GLN C 77 25.96 27.32 -60.96
C GLN C 77 25.98 27.30 -62.47
N CYS C 78 25.01 27.96 -63.08
CA CYS C 78 24.92 28.07 -64.54
C CYS C 78 25.06 29.54 -64.92
N LYS C 79 25.92 29.82 -65.89
CA LYS C 79 26.21 31.17 -66.33
C LYS C 79 26.21 31.21 -67.84
N VAL C 80 25.65 32.27 -68.41
CA VAL C 80 25.56 32.47 -69.86
C VAL C 80 26.20 33.79 -70.21
N TYR C 81 27.03 33.79 -71.25
CA TYR C 81 27.75 34.97 -71.68
C TYR C 81 27.28 35.40 -73.06
N THR C 82 27.92 36.45 -73.59
CA THR C 82 27.61 36.97 -74.91
C THR C 82 28.88 37.55 -75.52
N GLY C 83 28.90 37.60 -76.84
CA GLY C 83 30.03 38.17 -77.55
C GLY C 83 31.33 37.40 -77.32
N VAL C 84 31.27 36.08 -77.41
CA VAL C 84 32.44 35.24 -77.24
C VAL C 84 32.78 34.59 -78.58
N TYR C 85 34.06 34.35 -78.79
CA TYR C 85 34.57 33.81 -80.05
C TYR C 85 35.42 32.57 -79.77
N PRO C 86 34.79 31.41 -79.57
CA PRO C 86 35.56 30.17 -79.44
C PRO C 86 36.53 30.00 -80.60
N PHE C 87 37.61 29.28 -80.35
CA PHE C 87 38.62 28.98 -81.36
C PHE C 87 38.98 27.50 -81.32
N MET C 88 37.96 26.65 -81.31
CA MET C 88 38.16 25.21 -81.34
C MET C 88 39.09 24.89 -82.50
N TRP C 89 40.19 24.17 -82.20
CA TRP C 89 41.35 24.10 -83.09
C TRP C 89 40.95 23.98 -84.55
N GLY C 90 41.74 24.59 -85.43
CA GLY C 90 41.49 24.56 -86.85
C GLY C 90 40.71 25.74 -87.40
N GLY C 91 40.58 26.81 -86.63
CA GLY C 91 39.85 27.99 -87.06
C GLY C 91 38.71 28.31 -86.11
N ALA C 92 37.93 29.32 -86.49
CA ALA C 92 36.79 29.73 -85.69
C ALA C 92 35.80 28.58 -85.56
N TYR C 93 34.89 28.70 -84.58
CA TYR C 93 33.95 27.64 -84.25
C TYR C 93 32.62 27.79 -84.97
N CYS C 94 32.34 28.95 -85.57
CA CYS C 94 31.16 29.11 -86.40
C CYS C 94 31.26 30.39 -87.21
N PHE C 95 30.42 30.47 -88.25
CA PHE C 95 30.54 31.48 -89.29
C PHE C 95 30.24 32.90 -88.82
N CYS C 96 29.70 33.06 -87.62
CA CYS C 96 29.44 34.40 -87.12
C CYS C 96 30.73 35.04 -86.62
N ASP C 97 30.72 36.37 -86.56
CA ASP C 97 31.82 37.13 -85.99
C ASP C 97 31.59 37.50 -84.53
N SER C 98 30.33 37.68 -84.14
CA SER C 98 29.97 37.96 -82.75
C SER C 98 28.58 37.38 -82.53
N GLU C 99 27.92 37.80 -81.45
CA GLU C 99 26.57 37.34 -81.12
C GLU C 99 26.58 35.84 -80.84
N ASN C 100 27.44 35.43 -79.93
CA ASN C 100 27.60 34.04 -79.53
C ASN C 100 27.57 33.94 -78.01
N THR C 101 27.06 32.82 -77.51
CA THR C 101 26.89 32.60 -76.09
C THR C 101 27.51 31.27 -75.68
N GLN C 102 28.08 31.23 -74.49
CA GLN C 102 28.61 30.01 -73.90
C GLN C 102 27.84 29.72 -72.62
N LEU C 103 27.25 28.52 -72.53
CA LEU C 103 26.41 28.14 -71.40
C LEU C 103 27.25 27.32 -70.42
N SER C 104 28.09 28.02 -69.66
CA SER C 104 28.93 27.36 -68.68
C SER C 104 28.09 26.90 -67.48
N GLU C 105 28.35 25.67 -67.03
CA GLU C 105 27.64 25.12 -65.88
C GLU C 105 28.60 24.24 -65.09
N ALA C 106 28.46 24.27 -63.77
CA ALA C 106 29.28 23.43 -62.90
C ALA C 106 28.57 23.26 -61.57
N TYR C 107 28.75 22.10 -60.96
CA TYR C 107 28.09 21.79 -59.70
C TYR C 107 28.96 20.82 -58.90
N VAL C 108 28.67 20.74 -57.61
CA VAL C 108 29.44 19.92 -56.68
C VAL C 108 28.75 18.58 -56.50
N ASP C 109 29.54 17.54 -56.21
CA ASP C 109 29.01 16.21 -55.97
C ASP C 109 30.03 15.46 -55.12
N ARG C 110 29.54 14.46 -54.39
CA ARG C 110 30.41 13.65 -53.57
C ARG C 110 31.46 12.97 -54.45
N SER C 111 32.66 12.80 -53.88
CA SER C 111 33.76 12.21 -54.62
C SER C 111 33.35 10.86 -55.22
N ASP C 112 34.03 10.49 -56.30
CA ASP C 112 33.77 9.20 -56.92
C ASP C 112 33.91 8.07 -55.91
N VAL C 113 34.90 8.17 -55.04
CA VAL C 113 35.18 7.15 -54.03
C VAL C 113 35.23 7.86 -52.69
N CYS C 114 34.13 7.80 -51.93
CA CYS C 114 34.22 8.16 -50.51
C CYS C 114 33.37 7.23 -49.65
N ARG C 115 33.06 6.02 -50.14
CA ARG C 115 32.66 4.93 -49.25
C ARG C 115 33.85 4.38 -48.49
N HIS C 116 35.08 4.76 -48.87
CA HIS C 116 36.30 4.30 -48.21
C HIS C 116 37.05 5.43 -47.53
N ASP C 117 36.54 6.67 -47.58
CA ASP C 117 37.25 7.84 -47.09
C ASP C 117 36.42 8.72 -46.18
N HIS C 118 35.09 8.61 -46.20
CA HIS C 118 34.23 9.50 -45.43
C HIS C 118 34.69 9.56 -43.97
N ALA C 119 34.41 10.71 -43.34
CA ALA C 119 34.73 10.93 -41.93
C ALA C 119 33.42 11.21 -41.20
N SER C 120 32.95 10.25 -40.41
CA SER C 120 31.68 10.39 -39.73
C SER C 120 31.69 11.62 -38.82
N ALA C 121 30.49 12.05 -38.43
CA ALA C 121 30.27 13.20 -37.58
C ALA C 121 29.28 12.87 -36.47
N TYR C 122 29.50 11.75 -35.81
CA TYR C 122 28.55 11.24 -34.81
C TYR C 122 28.32 12.28 -33.72
N LYS C 123 27.28 12.01 -32.91
CA LYS C 123 26.90 12.85 -31.79
C LYS C 123 26.57 11.92 -30.63
N ALA C 124 27.59 11.59 -29.82
CA ALA C 124 27.44 10.61 -28.75
C ALA C 124 27.00 11.30 -27.47
N HIS C 125 26.00 10.71 -26.80
CA HIS C 125 25.43 11.29 -25.59
C HIS C 125 25.59 10.39 -24.37
N THR C 126 25.20 9.13 -24.45
CA THR C 126 25.14 8.24 -23.30
C THR C 126 26.20 7.15 -23.42
N ALA C 127 26.79 6.80 -22.28
CA ALA C 127 27.81 5.76 -22.22
C ALA C 127 27.19 4.42 -21.85
N SER C 128 27.98 3.36 -22.01
CA SER C 128 27.55 2.01 -21.65
C SER C 128 28.79 1.17 -21.38
N LEU C 129 29.03 0.85 -20.12
CA LEU C 129 30.21 0.07 -19.77
C LEU C 129 30.09 -1.36 -20.30
N LYS C 130 31.25 -2.00 -20.43
CA LYS C 130 31.32 -3.42 -20.75
C LYS C 130 32.71 -3.89 -20.41
N ALA C 131 32.82 -4.83 -19.47
CA ALA C 131 34.12 -5.20 -18.90
C ALA C 131 34.29 -6.71 -18.93
N LYS C 132 35.55 -7.12 -19.01
CA LYS C 132 35.92 -8.52 -18.92
C LYS C 132 36.63 -8.73 -17.59
N VAL C 133 36.10 -9.64 -16.76
CA VAL C 133 36.60 -9.85 -15.41
C VAL C 133 37.05 -11.30 -15.27
N ARG C 134 38.16 -11.50 -14.58
CA ARG C 134 38.68 -12.82 -14.27
C ARG C 134 38.62 -13.02 -12.77
N VAL C 135 37.96 -14.09 -12.34
CA VAL C 135 37.76 -14.38 -10.92
C VAL C 135 38.20 -15.80 -10.66
N MET C 136 38.93 -16.00 -9.55
CA MET C 136 39.45 -17.32 -9.17
C MET C 136 39.28 -17.47 -7.67
N TYR C 137 38.16 -18.06 -7.26
CA TYR C 137 37.93 -18.46 -5.88
C TYR C 137 37.96 -19.98 -5.81
N GLY C 138 38.59 -20.50 -4.77
CA GLY C 138 38.81 -21.93 -4.71
C GLY C 138 39.60 -22.37 -5.91
N ASN C 139 38.95 -23.05 -6.86
CA ASN C 139 39.60 -23.41 -8.12
C ASN C 139 38.56 -23.29 -9.24
N VAL C 140 38.45 -22.11 -9.84
CA VAL C 140 37.65 -21.95 -11.05
C VAL C 140 38.45 -21.26 -12.14
N ASN C 141 39.35 -20.36 -11.75
CA ASN C 141 40.23 -19.64 -12.69
C ASN C 141 39.52 -19.30 -13.99
N GLN C 142 38.40 -18.59 -13.91
CA GLN C 142 37.56 -18.34 -15.07
C GLN C 142 37.50 -16.85 -15.39
N THR C 143 37.19 -16.55 -16.65
CA THR C 143 37.05 -15.19 -17.14
C THR C 143 35.72 -15.06 -17.88
N VAL C 144 35.04 -13.94 -17.67
CA VAL C 144 33.70 -13.74 -18.22
C VAL C 144 33.54 -12.31 -18.71
N ASP C 145 32.74 -12.15 -19.75
CA ASP C 145 32.31 -10.84 -20.23
C ASP C 145 31.04 -10.43 -19.51
N VAL C 146 30.96 -9.17 -19.10
CA VAL C 146 29.82 -8.65 -18.35
C VAL C 146 29.58 -7.20 -18.72
N TYR C 147 28.32 -6.80 -18.65
CA TYR C 147 27.92 -5.42 -18.78
C TYR C 147 27.91 -4.80 -17.38
N VAL C 148 28.77 -3.80 -17.16
CA VAL C 148 28.86 -3.16 -15.84
C VAL C 148 27.81 -2.05 -15.85
N ASN C 149 26.57 -2.44 -15.59
CA ASN C 149 25.49 -1.49 -15.40
C ASN C 149 24.52 -1.93 -14.31
N GLY C 150 24.84 -3.00 -13.57
CA GLY C 150 23.96 -3.50 -12.54
C GLY C 150 22.82 -4.33 -13.03
N ASP C 151 22.82 -4.75 -14.29
CA ASP C 151 21.74 -5.55 -14.86
C ASP C 151 22.19 -6.87 -15.45
N HIS C 152 23.49 -7.15 -15.51
CA HIS C 152 24.00 -8.42 -16.02
C HIS C 152 24.46 -9.26 -14.85
N ALA C 153 23.91 -10.47 -14.74
CA ALA C 153 24.21 -11.39 -13.65
C ALA C 153 24.87 -12.63 -14.23
N VAL C 154 26.20 -12.61 -14.31
CA VAL C 154 26.94 -13.73 -14.84
C VAL C 154 27.09 -14.80 -13.76
N THR C 155 26.96 -16.06 -14.15
CA THR C 155 27.10 -17.20 -13.26
C THR C 155 28.41 -17.91 -13.56
N ILE C 156 29.22 -18.13 -12.53
CA ILE C 156 30.54 -18.74 -12.67
C ILE C 156 30.57 -19.93 -11.72
N GLY C 157 30.27 -21.12 -12.25
CA GLY C 157 30.29 -22.34 -11.46
C GLY C 157 29.61 -22.17 -10.11
N GLY C 158 28.28 -22.01 -10.12
CA GLY C 158 27.59 -21.73 -8.88
C GLY C 158 27.39 -20.24 -8.66
N THR C 159 28.32 -19.63 -7.93
CA THR C 159 28.22 -18.23 -7.51
C THR C 159 27.70 -17.34 -8.63
N GLN C 160 26.91 -16.34 -8.26
CA GLN C 160 26.30 -15.40 -9.21
C GLN C 160 26.82 -14.00 -8.90
N PHE C 161 27.42 -13.36 -9.91
CA PHE C 161 28.01 -12.04 -9.75
C PHE C 161 27.20 -11.02 -10.54
N ILE C 162 26.98 -9.86 -9.93
CA ILE C 162 26.34 -8.72 -10.58
C ILE C 162 27.20 -7.50 -10.33
N PHE C 163 27.71 -6.91 -11.41
CA PHE C 163 28.59 -5.74 -11.31
C PHE C 163 27.74 -4.49 -11.40
N GLY C 164 27.50 -3.87 -10.25
CA GLY C 164 26.63 -2.72 -10.16
C GLY C 164 27.08 -1.57 -11.04
N PRO C 165 26.28 -0.50 -11.08
CA PRO C 165 26.65 0.66 -11.89
C PRO C 165 27.98 1.24 -11.46
N LEU C 166 28.74 1.73 -12.44
CA LEU C 166 30.02 2.37 -12.14
C LEU C 166 29.80 3.57 -11.22
N SER C 167 30.73 3.76 -10.29
CA SER C 167 30.56 4.82 -9.30
C SER C 167 30.53 6.19 -9.98
N SER C 168 31.39 6.41 -10.96
CA SER C 168 31.48 7.68 -11.66
C SER C 168 30.99 7.54 -13.10
N ALA C 169 30.28 8.57 -13.56
CA ALA C 169 29.72 8.58 -14.91
C ALA C 169 30.60 9.37 -15.88
N TRP C 170 31.83 9.70 -15.49
CA TRP C 170 32.72 10.44 -16.37
C TRP C 170 32.92 9.68 -17.68
N THR C 171 32.88 10.43 -18.79
CA THR C 171 33.04 9.85 -20.11
C THR C 171 33.99 10.74 -20.90
N PRO C 172 35.05 10.18 -21.49
CA PRO C 172 36.01 11.02 -22.22
C PRO C 172 35.42 11.70 -23.45
N PHE C 173 34.31 11.19 -23.97
CA PHE C 173 33.71 11.75 -25.18
C PHE C 173 32.80 12.92 -24.84
N ASP C 174 32.98 14.03 -25.55
CA ASP C 174 32.12 15.19 -25.37
C ASP C 174 30.78 14.93 -26.05
N ASN C 175 29.91 15.94 -26.09
CA ASN C 175 28.61 15.77 -26.70
C ASN C 175 28.69 15.58 -28.22
N LYS C 176 29.75 16.08 -28.85
CA LYS C 176 29.91 15.98 -30.30
C LYS C 176 31.31 15.46 -30.60
N ILE C 177 31.39 14.38 -31.38
CA ILE C 177 32.65 13.74 -31.74
C ILE C 177 32.74 13.64 -33.25
N VAL C 178 33.91 13.24 -33.72
CA VAL C 178 34.17 13.05 -35.15
C VAL C 178 35.09 11.85 -35.30
N VAL C 179 34.71 10.92 -36.16
CA VAL C 179 35.43 9.66 -36.36
C VAL C 179 35.84 9.60 -37.82
N TYR C 180 37.14 9.65 -38.10
CA TYR C 180 37.58 9.65 -39.49
C TYR C 180 37.95 8.24 -39.98
N LYS C 181 39.05 7.68 -39.48
CA LYS C 181 39.40 6.30 -39.79
C LYS C 181 39.66 5.50 -38.52
N ASP C 182 40.52 6.05 -37.65
CA ASP C 182 40.96 5.34 -36.46
C ASP C 182 41.06 6.28 -35.26
N GLU C 183 40.67 7.54 -35.40
CA GLU C 183 40.71 8.52 -34.32
C GLU C 183 39.32 9.09 -34.12
N VAL C 184 39.05 9.56 -32.91
CA VAL C 184 37.75 10.13 -32.54
C VAL C 184 38.02 11.51 -31.96
N PHE C 185 37.93 12.54 -32.80
CA PHE C 185 38.20 13.89 -32.36
C PHE C 185 37.00 14.47 -31.63
N ASN C 186 37.27 15.36 -30.68
CA ASN C 186 36.22 16.08 -29.97
C ASN C 186 35.93 17.43 -30.62
N GLN C 187 35.70 17.41 -31.92
CA GLN C 187 35.37 18.62 -32.65
C GLN C 187 34.00 19.14 -32.22
N ASP C 188 33.65 20.32 -32.73
CA ASP C 188 32.30 20.88 -32.62
C ASP C 188 31.87 21.19 -34.05
N PHE C 189 31.38 20.18 -34.75
CA PHE C 189 31.07 20.33 -36.15
C PHE C 189 29.83 21.21 -36.32
N PRO C 190 29.71 21.92 -37.45
CA PRO C 190 28.50 22.69 -37.69
C PRO C 190 27.32 21.76 -37.88
N PRO C 191 26.12 22.17 -37.47
CA PRO C 191 24.94 21.34 -37.71
C PRO C 191 24.66 21.23 -39.20
N TYR C 192 24.02 20.11 -39.57
CA TYR C 192 23.73 19.84 -40.97
C TYR C 192 23.10 21.06 -41.63
N GLY C 193 23.47 21.28 -42.88
CA GLY C 193 22.90 22.39 -43.64
C GLY C 193 23.44 23.75 -43.27
N SER C 194 24.54 23.82 -42.51
CA SER C 194 25.10 25.11 -42.12
C SER C 194 26.61 25.15 -42.23
N GLY C 195 27.21 24.28 -43.05
CA GLY C 195 28.65 24.32 -43.22
C GLY C 195 29.10 25.54 -44.00
N GLN C 196 30.40 25.79 -43.94
CA GLN C 196 31.01 26.92 -44.62
C GLN C 196 32.19 26.44 -45.45
N PRO C 197 32.49 27.13 -46.55
CA PRO C 197 33.56 26.66 -47.44
C PRO C 197 34.91 26.66 -46.74
N GLY C 198 35.75 25.69 -47.09
CA GLY C 198 37.11 25.66 -46.60
C GLY C 198 37.30 24.88 -45.33
N ARG C 199 36.35 25.00 -44.40
CA ARG C 199 36.45 24.34 -43.11
C ARG C 199 35.73 22.99 -43.16
N PHE C 200 35.59 22.36 -41.99
CA PHE C 200 34.91 21.09 -41.91
C PHE C 200 33.45 21.22 -42.36
N GLY C 201 32.95 20.20 -43.02
CA GLY C 201 31.55 20.16 -43.38
C GLY C 201 31.13 21.05 -44.53
N ASP C 202 32.06 21.37 -45.44
CA ASP C 202 31.66 22.08 -46.65
C ASP C 202 30.71 21.24 -47.49
N ILE C 203 30.92 19.93 -47.52
CA ILE C 203 30.06 19.00 -48.25
C ILE C 203 29.57 17.97 -47.23
N GLN C 204 28.27 17.94 -46.99
CA GLN C 204 27.67 17.15 -45.91
C GLN C 204 26.63 16.20 -46.49
N SER C 205 26.98 14.93 -46.58
CA SER C 205 26.02 13.90 -46.98
C SER C 205 25.33 13.35 -45.74
N ARG C 206 23.99 13.31 -45.78
CA ARG C 206 23.24 12.83 -44.63
C ARG C 206 23.60 11.39 -44.28
N THR C 207 24.09 10.64 -45.26
CA THR C 207 24.53 9.26 -45.02
C THR C 207 25.35 8.82 -46.22
N VAL C 208 26.18 7.80 -46.01
CA VAL C 208 27.11 7.38 -47.05
C VAL C 208 26.36 7.00 -48.33
N GLU C 209 25.24 6.31 -48.19
CA GLU C 209 24.46 5.90 -49.35
C GLU C 209 23.35 6.88 -49.71
N SER C 210 22.92 7.71 -48.75
CA SER C 210 21.87 8.69 -49.05
C SER C 210 22.41 9.78 -49.97
N ASN C 211 21.48 10.47 -50.63
CA ASN C 211 21.82 11.48 -51.64
C ASN C 211 21.06 12.77 -51.34
N ASP C 212 21.65 13.61 -50.49
CA ASP C 212 21.18 14.99 -50.29
C ASP C 212 22.23 16.00 -50.66
N LEU C 213 23.43 15.89 -50.10
CA LEU C 213 24.62 16.62 -50.55
C LEU C 213 24.39 18.14 -50.54
N TYR C 214 24.22 18.66 -49.32
CA TYR C 214 24.29 20.09 -49.10
C TYR C 214 25.77 20.47 -49.14
N ALA C 215 26.20 21.07 -50.24
CA ALA C 215 27.62 21.25 -50.54
C ALA C 215 27.93 22.72 -50.81
N ASN C 216 27.57 23.58 -49.87
CA ASN C 216 27.95 24.99 -49.98
C ASN C 216 29.46 25.11 -50.09
N THR C 217 29.95 25.60 -51.24
CA THR C 217 31.39 25.69 -51.45
C THR C 217 31.77 26.95 -52.23
N ALA C 218 30.85 27.86 -52.47
CA ALA C 218 31.14 29.12 -53.15
C ALA C 218 31.74 28.88 -54.54
N LEU C 219 31.13 27.98 -55.30
CA LEU C 219 31.52 27.77 -56.69
C LEU C 219 31.14 29.01 -57.50
N LYS C 220 32.10 29.57 -58.23
CA LYS C 220 31.87 30.78 -58.99
C LYS C 220 32.57 30.64 -60.34
N LEU C 221 31.84 30.95 -61.41
CA LEU C 221 32.38 30.90 -62.76
C LEU C 221 33.01 32.25 -63.12
N ALA C 222 33.54 32.34 -64.32
CA ALA C 222 34.12 33.58 -64.82
C ALA C 222 34.04 33.57 -66.35
N ARG C 223 34.07 34.76 -66.92
CA ARG C 223 33.96 34.87 -68.37
C ARG C 223 35.19 34.24 -69.01
N PRO C 224 35.01 33.30 -69.95
CA PRO C 224 36.18 32.72 -70.61
C PRO C 224 37.01 33.78 -71.31
N SER C 225 38.32 33.64 -71.24
CA SER C 225 39.19 34.55 -71.95
C SER C 225 38.97 34.39 -73.46
N PRO C 226 39.04 35.47 -74.23
CA PRO C 226 38.79 35.35 -75.67
C PRO C 226 39.77 34.41 -76.33
N GLY C 227 39.28 33.65 -77.31
CA GLY C 227 40.13 32.78 -78.10
C GLY C 227 40.36 31.40 -77.52
N MET C 228 39.54 30.94 -76.59
CA MET C 228 39.70 29.62 -76.02
C MET C 228 38.36 29.15 -75.46
N VAL C 229 38.27 27.85 -75.21
CA VAL C 229 37.00 27.21 -74.89
C VAL C 229 37.04 26.58 -73.50
N HIS C 230 37.80 27.17 -72.59
CA HIS C 230 37.81 26.67 -71.22
C HIS C 230 36.57 27.15 -70.47
N VAL C 231 36.40 26.64 -69.26
CA VAL C 231 35.28 27.01 -68.41
C VAL C 231 35.84 27.39 -67.04
N PRO C 232 36.38 28.60 -66.88
CA PRO C 232 37.02 28.96 -65.61
C PRO C 232 36.05 28.93 -64.45
N TYR C 233 36.57 28.56 -63.28
CA TYR C 233 35.82 28.60 -62.04
C TYR C 233 36.79 28.72 -60.88
N THR C 234 36.34 29.39 -59.82
CA THR C 234 37.14 29.59 -58.61
C THR C 234 36.37 29.00 -57.44
N GLN C 235 36.88 27.91 -56.89
CA GLN C 235 36.23 27.19 -55.79
C GLN C 235 37.18 27.10 -54.61
N THR C 236 36.62 27.23 -53.41
CA THR C 236 37.43 27.05 -52.21
C THR C 236 37.87 25.59 -52.12
N PRO C 237 39.17 25.31 -51.91
CA PRO C 237 39.63 23.92 -51.91
C PRO C 237 38.83 23.03 -50.97
N SER C 238 38.99 21.72 -51.10
CA SER C 238 38.23 20.77 -50.30
C SER C 238 38.28 21.13 -48.83
N GLY C 239 37.12 21.47 -48.27
CA GLY C 239 37.06 21.74 -46.85
C GLY C 239 37.42 20.53 -46.02
N PHE C 240 37.02 19.34 -46.46
CA PHE C 240 37.43 18.13 -45.78
C PHE C 240 38.94 17.98 -45.78
N LYS C 241 39.58 18.23 -46.93
CA LYS C 241 41.03 18.11 -47.01
C LYS C 241 41.71 19.06 -46.03
N TYR C 242 41.22 20.29 -45.93
CA TYR C 242 41.79 21.25 -44.98
C TYR C 242 41.69 20.71 -43.56
N TRP C 243 40.56 20.10 -43.21
CA TRP C 243 40.41 19.53 -41.88
C TRP C 243 41.43 18.42 -41.64
N LEU C 244 41.71 17.63 -42.68
CA LEU C 244 42.69 16.56 -42.54
C LEU C 244 44.06 17.12 -42.18
N LYS C 245 44.45 18.23 -42.81
CA LYS C 245 45.76 18.82 -42.55
C LYS C 245 45.81 19.50 -41.19
N GLU C 246 44.71 20.13 -40.78
CA GLU C 246 44.67 20.95 -39.56
C GLU C 246 43.84 20.29 -38.46
N LYS C 247 43.68 18.97 -38.51
CA LYS C 247 42.82 18.30 -37.55
C LYS C 247 43.25 18.56 -36.12
N GLY C 248 44.55 18.71 -35.88
CA GLY C 248 45.05 18.89 -34.53
C GLY C 248 45.29 17.57 -33.83
N THR C 249 45.42 17.66 -32.51
CA THR C 249 45.67 16.48 -31.70
C THR C 249 44.38 15.68 -31.54
N ALA C 250 44.42 14.42 -31.94
CA ALA C 250 43.27 13.54 -31.81
C ALA C 250 43.05 13.17 -30.34
N LEU C 251 41.86 12.64 -30.05
CA LEU C 251 41.57 12.20 -28.69
C LEU C 251 42.38 10.98 -28.29
N ASN C 252 42.94 10.25 -29.26
CA ASN C 252 43.74 9.08 -28.94
C ASN C 252 45.00 9.45 -28.17
N THR C 253 45.42 10.71 -28.20
CA THR C 253 46.65 11.14 -27.56
C THR C 253 46.43 12.12 -26.42
N LYS C 254 45.19 12.43 -26.06
CA LYS C 254 44.93 13.29 -24.91
C LYS C 254 43.76 12.81 -24.07
N ALA C 255 43.31 11.57 -24.24
CA ALA C 255 42.21 11.07 -23.43
C ALA C 255 42.66 10.95 -21.98
N PRO C 256 41.89 11.47 -21.02
CA PRO C 256 42.29 11.32 -19.62
C PRO C 256 42.26 9.87 -19.15
N PHE C 257 42.99 9.61 -18.07
CA PHE C 257 43.01 8.31 -17.42
C PHE C 257 43.52 7.22 -18.35
N GLY C 258 44.43 7.56 -19.25
CA GLY C 258 45.05 6.55 -20.10
C GLY C 258 44.07 5.74 -20.92
N CYS C 259 42.92 6.32 -21.27
CA CYS C 259 41.90 5.59 -22.02
C CYS C 259 42.37 5.38 -23.45
N GLN C 260 42.63 4.12 -23.81
CA GLN C 260 42.89 3.79 -25.20
C GLN C 260 41.59 3.85 -25.99
N ILE C 261 41.71 4.28 -27.25
CA ILE C 261 40.56 4.51 -28.12
C ILE C 261 40.62 3.55 -29.29
N LYS C 262 39.50 2.85 -29.53
CA LYS C 262 39.29 2.07 -30.74
C LYS C 262 38.11 2.66 -31.48
N THR C 263 38.13 2.54 -32.80
CA THR C 263 37.22 3.31 -33.65
C THR C 263 36.00 2.51 -34.11
N ASN C 264 36.21 1.37 -34.77
CA ASN C 264 35.14 0.72 -35.52
C ASN C 264 33.87 0.65 -34.67
N PRO C 265 33.85 -0.10 -33.56
CA PRO C 265 32.80 0.16 -32.55
C PRO C 265 33.28 1.20 -31.54
N VAL C 266 33.21 2.48 -31.94
CA VAL C 266 33.86 3.57 -31.20
C VAL C 266 33.69 3.36 -29.71
N ARG C 267 34.80 3.41 -28.98
CA ARG C 267 34.82 2.96 -27.60
C ARG C 267 36.14 3.39 -26.97
N ALA C 268 36.12 3.56 -25.65
CA ALA C 268 37.31 3.83 -24.86
C ALA C 268 37.55 2.65 -23.94
N MET C 269 38.75 2.08 -23.98
CA MET C 269 39.07 0.86 -23.26
C MET C 269 40.13 1.12 -22.21
N ASN C 270 40.05 0.38 -21.11
CA ASN C 270 41.02 0.44 -20.02
C ASN C 270 40.95 1.73 -19.24
N CYS C 271 39.80 2.42 -19.28
CA CYS C 271 39.64 3.65 -18.52
C CYS C 271 39.73 3.33 -17.03
N ALA C 272 40.79 3.81 -16.38
CA ALA C 272 41.03 3.54 -14.97
C ALA C 272 40.43 4.67 -14.14
N VAL C 273 39.11 4.61 -13.95
CA VAL C 273 38.37 5.63 -13.22
C VAL C 273 37.28 4.96 -12.39
N GLY C 274 37.09 5.46 -11.17
CA GLY C 274 35.97 5.05 -10.36
C GLY C 274 36.12 3.66 -9.76
N ASN C 275 35.06 3.24 -9.08
CA ASN C 275 34.98 1.94 -8.42
C ASN C 275 33.78 1.18 -8.95
N ILE C 276 33.94 -0.14 -9.08
CA ILE C 276 32.88 -1.02 -9.57
C ILE C 276 32.29 -1.75 -8.36
N PRO C 277 31.09 -1.41 -7.90
CA PRO C 277 30.45 -2.23 -6.88
C PRO C 277 30.13 -3.61 -7.42
N VAL C 278 30.29 -4.63 -6.57
CA VAL C 278 30.04 -6.01 -6.94
C VAL C 278 29.17 -6.65 -5.88
N SER C 279 28.06 -7.24 -6.29
CA SER C 279 27.19 -8.01 -5.41
C SER C 279 27.20 -9.45 -5.90
N MET C 280 27.52 -10.38 -5.00
CA MET C 280 27.69 -11.78 -5.35
C MET C 280 26.83 -12.66 -4.46
N ASN C 281 26.13 -13.60 -5.07
CA ASN C 281 25.34 -14.61 -4.37
C ASN C 281 26.02 -15.95 -4.54
N LEU C 282 26.22 -16.67 -3.43
CA LEU C 282 27.02 -17.87 -3.47
C LEU C 282 26.23 -19.07 -2.94
N PRO C 283 26.47 -20.27 -3.46
CA PRO C 283 25.88 -21.47 -2.85
C PRO C 283 26.75 -21.98 -1.73
N ASP C 284 26.09 -22.53 -0.69
CA ASP C 284 26.82 -22.98 0.48
C ASP C 284 27.81 -24.09 0.14
N SER C 285 27.63 -24.76 -1.00
CA SER C 285 28.60 -25.77 -1.41
C SER C 285 29.99 -25.17 -1.61
N ALA C 286 30.05 -23.91 -2.04
CA ALA C 286 31.35 -23.27 -2.28
C ALA C 286 32.13 -23.12 -0.98
N PHE C 287 31.45 -22.77 0.11
CA PHE C 287 32.12 -22.54 1.38
C PHE C 287 32.68 -23.85 1.91
N THR C 288 33.36 -23.76 3.06
CA THR C 288 33.94 -24.91 3.74
C THR C 288 33.50 -24.90 5.19
N ARG C 289 33.16 -26.08 5.70
CA ARG C 289 32.71 -26.20 7.09
C ARG C 289 33.86 -25.86 8.04
N ILE C 290 33.52 -25.19 9.14
CA ILE C 290 34.55 -24.91 10.15
C ILE C 290 35.09 -26.20 10.73
N VAL C 291 34.20 -27.16 11.02
CA VAL C 291 34.63 -28.41 11.63
C VAL C 291 35.64 -29.15 10.76
N GLU C 292 35.75 -28.77 9.48
CA GLU C 292 36.72 -29.38 8.58
C GLU C 292 37.94 -28.51 8.33
N ALA C 293 37.78 -27.20 8.34
CA ALA C 293 38.92 -26.31 8.09
C ALA C 293 39.89 -26.36 9.25
N PRO C 294 41.20 -26.31 9.00
CA PRO C 294 42.16 -26.30 10.11
C PRO C 294 41.96 -25.08 10.99
N THR C 295 42.22 -25.26 12.29
CA THR C 295 42.09 -24.17 13.26
C THR C 295 43.45 -23.52 13.49
N ILE C 296 43.43 -22.20 13.65
CA ILE C 296 44.62 -21.40 13.86
C ILE C 296 44.54 -20.73 15.23
N ILE C 297 45.64 -20.76 15.97
CA ILE C 297 45.73 -20.15 17.28
C ILE C 297 47.06 -19.44 17.41
N ASP C 298 47.09 -18.37 18.21
CA ASP C 298 48.31 -17.62 18.48
C ASP C 298 48.92 -17.08 17.18
N LEU C 299 48.17 -16.21 16.52
CA LEU C 299 48.63 -15.60 15.28
C LEU C 299 49.35 -14.29 15.58
N THR C 300 50.49 -14.08 14.94
CA THR C 300 51.31 -12.90 15.17
C THR C 300 52.10 -12.57 13.92
N CYS C 301 52.23 -11.28 13.63
CA CYS C 301 53.00 -10.81 12.49
C CYS C 301 54.48 -10.69 12.82
N THR C 302 55.28 -10.72 11.76
CA THR C 302 56.69 -10.34 11.84
C THR C 302 57.13 -10.03 10.41
N VAL C 303 57.44 -8.76 10.15
CA VAL C 303 57.78 -8.31 8.80
C VAL C 303 59.30 -8.36 8.67
N ALA C 304 59.79 -9.30 7.85
CA ALA C 304 61.23 -9.42 7.66
C ALA C 304 61.80 -8.16 7.01
N THR C 305 61.09 -7.60 6.03
CA THR C 305 61.54 -6.40 5.34
C THR C 305 60.37 -5.85 4.54
N CYS C 306 60.20 -4.53 4.58
CA CYS C 306 59.15 -3.86 3.82
C CYS C 306 59.76 -2.70 3.06
N THR C 307 59.64 -2.74 1.73
CA THR C 307 60.01 -1.62 0.87
C THR C 307 58.77 -1.29 0.04
N HIS C 308 58.15 -0.15 0.31
CA HIS C 308 56.88 0.17 -0.31
C HIS C 308 57.08 0.49 -1.79
N SER C 309 57.42 -0.54 -2.57
CA SER C 309 57.59 -0.40 -4.00
C SER C 309 56.26 -0.64 -4.70
N SER C 310 56.24 -0.43 -6.02
CA SER C 310 55.01 -0.65 -6.78
C SER C 310 54.57 -2.10 -6.70
N ASP C 311 55.50 -3.03 -6.81
CA ASP C 311 55.19 -4.45 -6.75
C ASP C 311 55.11 -4.89 -5.28
N PHE C 312 55.05 -6.20 -5.06
CA PHE C 312 54.97 -6.76 -3.71
C PHE C 312 56.35 -6.68 -3.07
N GLY C 313 56.63 -5.52 -2.49
CA GLY C 313 57.94 -5.26 -1.91
C GLY C 313 57.98 -5.42 -0.41
N GLY C 314 56.99 -6.09 0.14
CA GLY C 314 56.95 -6.35 1.57
C GLY C 314 56.63 -7.81 1.85
N VAL C 315 57.45 -8.43 2.68
CA VAL C 315 57.30 -9.84 3.04
C VAL C 315 57.06 -9.92 4.53
N LEU C 316 56.01 -10.63 4.93
CA LEU C 316 55.68 -10.84 6.32
C LEU C 316 55.44 -12.33 6.56
N THR C 317 55.94 -12.83 7.68
CA THR C 317 55.80 -14.23 8.06
C THR C 317 54.91 -14.32 9.29
N LEU C 318 53.91 -15.19 9.24
CA LEU C 318 52.99 -15.39 10.34
C LEU C 318 53.32 -16.70 11.07
N THR C 319 53.56 -16.59 12.37
CA THR C 319 53.77 -17.76 13.21
C THR C 319 52.47 -18.07 13.94
N TYR C 320 52.05 -19.32 13.91
CA TYR C 320 50.74 -19.73 14.41
C TYR C 320 50.90 -21.06 15.14
N LYS C 321 49.77 -21.71 15.41
CA LYS C 321 49.77 -23.02 16.06
C LYS C 321 48.49 -23.72 15.65
N THR C 322 48.59 -24.68 14.73
CA THR C 322 47.44 -25.36 14.16
C THR C 322 47.29 -26.76 14.75
N ASN C 323 46.21 -27.42 14.35
CA ASN C 323 45.92 -28.78 14.77
C ASN C 323 46.11 -29.81 13.66
N LYS C 324 46.09 -29.38 12.41
CA LYS C 324 46.26 -30.28 11.28
C LYS C 324 46.83 -29.48 10.11
N ASN C 325 46.89 -30.11 8.94
CA ASN C 325 47.46 -29.50 7.75
C ASN C 325 46.38 -29.32 6.68
N GLY C 326 46.57 -28.31 5.86
CA GLY C 326 45.62 -28.01 4.79
C GLY C 326 45.89 -26.64 4.19
N ASP C 327 44.85 -26.09 3.56
CA ASP C 327 44.93 -24.76 2.96
C ASP C 327 43.69 -23.97 3.37
N CYS C 328 43.86 -22.66 3.53
CA CYS C 328 42.73 -21.78 3.79
C CYS C 328 43.18 -20.34 3.57
N SER C 329 42.22 -19.43 3.70
CA SER C 329 42.34 -18.08 3.16
C SER C 329 43.28 -17.20 3.98
N VAL C 330 43.81 -16.19 3.32
CA VAL C 330 44.55 -15.10 3.96
C VAL C 330 44.13 -13.80 3.29
N HIS C 331 43.92 -12.76 4.10
CA HIS C 331 43.46 -11.48 3.58
C HIS C 331 43.79 -10.38 4.57
N SER C 332 44.05 -9.18 4.06
CA SER C 332 44.35 -8.01 4.86
C SER C 332 43.12 -7.13 4.89
N HIS C 333 42.47 -7.06 6.06
CA HIS C 333 41.22 -6.32 6.16
C HIS C 333 41.42 -4.85 5.82
N SER C 334 42.48 -4.25 6.33
CA SER C 334 42.79 -2.86 5.99
C SER C 334 43.24 -2.77 4.54
N ASN C 335 43.14 -1.56 3.98
CA ASN C 335 43.48 -1.32 2.59
C ASN C 335 44.91 -0.82 2.41
N VAL C 336 45.60 -0.44 3.50
CA VAL C 336 46.97 0.05 3.37
C VAL C 336 47.93 -1.01 2.86
N ALA C 337 47.49 -2.26 2.79
CA ALA C 337 48.30 -3.35 2.25
C ALA C 337 47.45 -4.19 1.31
N THR C 338 48.12 -4.88 0.40
CA THR C 338 47.46 -5.77 -0.55
C THR C 338 48.28 -7.03 -0.71
N LEU C 339 47.74 -8.15 -0.24
CA LEU C 339 48.46 -9.41 -0.29
C LEU C 339 48.53 -9.94 -1.72
N GLN C 340 49.62 -10.64 -2.02
CA GLN C 340 49.74 -11.31 -3.32
C GLN C 340 49.08 -12.68 -3.28
N GLU C 341 49.48 -13.53 -2.34
CA GLU C 341 48.82 -14.81 -2.16
C GLU C 341 47.42 -14.60 -1.58
N ALA C 342 46.50 -15.48 -1.98
CA ALA C 342 45.13 -15.45 -1.49
C ALA C 342 44.86 -16.57 -0.48
N THR C 343 45.19 -17.80 -0.84
CA THR C 343 45.06 -18.94 0.06
C THR C 343 46.46 -19.50 0.33
N ALA C 344 46.84 -19.55 1.60
CA ALA C 344 48.14 -20.06 2.00
C ALA C 344 47.99 -21.47 2.54
N LYS C 345 49.05 -22.27 2.36
CA LYS C 345 49.06 -23.65 2.82
C LYS C 345 49.56 -23.69 4.26
N VAL C 346 48.70 -24.14 5.17
CA VAL C 346 49.03 -24.21 6.59
C VAL C 346 49.60 -25.59 6.89
N LYS C 347 50.75 -25.61 7.54
CA LYS C 347 51.43 -26.85 7.92
C LYS C 347 51.52 -26.94 9.44
N THR C 348 51.96 -28.11 9.91
CA THR C 348 52.08 -28.32 11.35
C THR C 348 53.06 -27.33 11.96
N ALA C 349 54.20 -27.11 11.31
CA ALA C 349 55.13 -26.09 11.76
C ALA C 349 54.47 -24.72 11.70
N GLY C 350 54.59 -23.96 12.78
CA GLY C 350 53.94 -22.66 12.85
C GLY C 350 54.70 -21.57 12.11
N LYS C 351 54.76 -21.69 10.78
CA LYS C 351 55.46 -20.68 9.97
C LYS C 351 54.90 -20.70 8.56
N VAL C 352 54.32 -19.57 8.15
CA VAL C 352 53.86 -19.37 6.78
C VAL C 352 54.34 -18.00 6.34
N THR C 353 54.88 -17.92 5.12
CA THR C 353 55.40 -16.67 4.58
C THR C 353 54.43 -16.11 3.55
N LEU C 354 54.29 -14.79 3.56
CA LEU C 354 53.40 -14.10 2.62
C LEU C 354 54.10 -12.86 2.10
N HIS C 355 53.63 -12.37 0.96
CA HIS C 355 54.11 -11.15 0.35
C HIS C 355 52.99 -10.13 0.26
N PHE C 356 53.30 -8.87 0.51
CA PHE C 356 52.32 -7.81 0.45
C PHE C 356 52.96 -6.53 -0.04
N SER C 357 52.24 -5.79 -0.89
CA SER C 357 52.65 -4.48 -1.35
C SER C 357 51.94 -3.40 -0.54
N THR C 358 52.54 -2.21 -0.52
CA THR C 358 51.96 -1.09 0.22
C THR C 358 52.58 0.20 -0.29
N ALA C 359 52.06 1.31 0.23
CA ALA C 359 52.55 2.62 -0.16
C ALA C 359 52.74 3.55 1.03
N SER C 360 52.75 3.01 2.24
CA SER C 360 52.90 3.78 3.47
C SER C 360 54.20 3.41 4.15
N ALA C 361 54.92 4.42 4.66
CA ALA C 361 56.16 4.15 5.36
C ALA C 361 55.93 3.25 6.57
N SER C 362 54.80 3.43 7.25
CA SER C 362 54.47 2.66 8.45
C SER C 362 53.05 2.13 8.33
N PRO C 363 52.84 1.10 7.53
CA PRO C 363 51.50 0.53 7.38
C PRO C 363 51.11 -0.30 8.60
N SER C 364 49.79 -0.41 8.79
CA SER C 364 49.25 -1.20 9.89
C SER C 364 47.95 -1.83 9.41
N PHE C 365 47.98 -3.13 9.14
CA PHE C 365 46.85 -3.85 8.57
C PHE C 365 46.71 -5.18 9.27
N VAL C 366 45.49 -5.51 9.70
CA VAL C 366 45.24 -6.74 10.46
C VAL C 366 45.02 -7.87 9.45
N VAL C 367 46.04 -8.70 9.26
CA VAL C 367 45.87 -9.87 8.40
C VAL C 367 44.94 -10.88 9.08
N SER C 368 44.40 -11.79 8.28
CA SER C 368 43.43 -12.78 8.75
C SER C 368 43.79 -14.14 8.15
N LEU C 369 44.56 -14.92 8.89
CA LEU C 369 44.91 -16.27 8.45
C LEU C 369 43.77 -17.22 8.75
N CYS C 370 43.22 -17.83 7.71
CA CYS C 370 42.28 -18.92 7.86
C CYS C 370 41.05 -18.47 8.64
N SER C 371 41.18 -18.30 9.96
CA SER C 371 40.07 -17.85 10.79
C SER C 371 40.45 -16.85 11.87
N ALA C 372 41.73 -16.66 12.17
CA ALA C 372 42.17 -15.83 13.28
C ALA C 372 42.60 -14.45 12.77
N ARG C 373 43.05 -13.62 13.71
CA ARG C 373 43.50 -12.27 13.39
C ARG C 373 44.81 -11.98 14.09
N ALA C 374 45.53 -10.99 13.57
CA ALA C 374 46.74 -10.51 14.23
C ALA C 374 47.04 -9.12 13.69
N THR C 375 47.03 -8.11 14.56
CA THR C 375 47.42 -6.77 14.15
C THR C 375 48.85 -6.80 13.64
N CYS C 376 49.13 -6.02 12.60
CA CYS C 376 50.36 -6.13 11.86
C CYS C 376 50.99 -4.75 11.71
N SER C 377 52.32 -4.72 11.63
CA SER C 377 53.04 -3.46 11.54
C SER C 377 54.36 -3.68 10.83
N ALA C 378 54.97 -2.58 10.39
CA ALA C 378 56.22 -2.66 9.65
C ALA C 378 56.82 -1.27 9.54
N SER C 379 58.16 -1.23 9.50
CA SER C 379 58.91 0.00 9.26
C SER C 379 59.42 -0.04 7.81
N CYS C 380 58.55 0.36 6.90
CA CYS C 380 58.85 0.23 5.48
C CYS C 380 59.87 1.28 5.03
N GLU C 381 60.57 0.96 3.95
CA GLU C 381 61.59 1.81 3.37
C GLU C 381 61.17 2.19 1.95
N PRO C 382 61.70 3.29 1.42
CA PRO C 382 61.37 3.68 0.04
C PRO C 382 62.36 3.10 -0.94
N PRO C 383 61.90 2.68 -2.11
CA PRO C 383 62.82 2.14 -3.13
C PRO C 383 63.55 3.26 -3.86
N LYS C 384 64.59 2.87 -4.59
CA LYS C 384 65.41 3.81 -5.37
C LYS C 384 65.49 3.29 -6.80
N ASP C 385 64.49 3.64 -7.61
CA ASP C 385 64.56 3.42 -9.05
C ASP C 385 64.02 4.61 -9.82
N HIS C 386 63.04 5.30 -9.23
CA HIS C 386 62.40 6.48 -9.81
C HIS C 386 61.48 6.13 -10.96
N ILE C 387 61.52 4.90 -11.45
CA ILE C 387 60.83 4.53 -12.69
C ILE C 387 60.63 3.02 -12.68
N VAL C 388 59.42 2.59 -13.05
CA VAL C 388 59.15 1.16 -13.24
C VAL C 388 58.24 0.98 -14.45
N PRO C 389 58.33 -0.17 -15.10
CA PRO C 389 57.50 -0.42 -16.29
C PRO C 389 56.17 -1.10 -16.04
N TYR C 390 55.79 -1.35 -14.78
CA TYR C 390 54.52 -2.01 -14.46
C TYR C 390 53.69 -1.12 -13.55
N ALA C 391 52.38 -1.25 -13.67
CA ALA C 391 51.46 -0.45 -12.89
C ALA C 391 51.59 -0.75 -11.40
N ALA C 392 51.24 0.23 -10.58
CA ALA C 392 51.28 0.04 -9.14
C ALA C 392 50.32 -1.06 -8.71
N SER C 393 50.76 -1.87 -7.76
CA SER C 393 49.97 -2.99 -7.25
C SER C 393 49.48 -2.73 -5.83
N HIS C 394 49.33 -1.45 -5.47
CA HIS C 394 48.88 -1.07 -4.14
C HIS C 394 47.96 0.13 -4.24
N SER C 395 46.84 0.08 -3.52
CA SER C 395 46.00 1.26 -3.43
C SER C 395 46.82 2.41 -2.87
N ASN C 396 46.77 3.56 -3.52
CA ASN C 396 47.67 4.65 -3.19
C ASN C 396 47.30 5.28 -1.86
N VAL C 397 47.54 4.56 -0.77
CA VAL C 397 47.33 5.05 0.59
C VAL C 397 48.69 5.30 1.20
N VAL C 398 48.98 6.55 1.51
CA VAL C 398 50.29 6.94 2.02
C VAL C 398 50.24 7.41 3.47
N PHE C 399 49.09 7.84 3.97
CA PHE C 399 49.02 8.34 5.33
C PHE C 399 49.46 7.25 6.30
N PRO C 400 50.42 7.54 7.20
CA PRO C 400 50.87 6.49 8.12
C PRO C 400 49.84 6.20 9.19
N ASP C 401 50.15 5.28 10.09
CA ASP C 401 49.28 4.91 11.19
C ASP C 401 49.97 5.20 12.51
N MET C 402 49.20 5.60 13.51
CA MET C 402 49.75 5.92 14.82
C MET C 402 50.62 4.76 15.31
N SER C 403 51.55 5.04 16.20
CA SER C 403 52.62 4.14 16.65
C SER C 403 53.72 4.04 15.61
N GLY C 404 53.58 4.65 14.44
CA GLY C 404 54.69 4.74 13.52
C GLY C 404 55.74 5.72 13.98
N THR C 405 56.95 5.56 13.46
CA THR C 405 58.05 6.43 13.88
C THR C 405 57.71 7.89 13.65
N ALA C 406 57.14 8.21 12.48
CA ALA C 406 56.76 9.58 12.20
C ALA C 406 55.67 10.07 13.14
N LEU C 407 54.63 9.24 13.35
CA LEU C 407 53.55 9.63 14.24
C LEU C 407 53.97 9.55 15.70
N SER C 408 54.85 8.61 16.04
CA SER C 408 55.32 8.51 17.43
C SER C 408 56.03 9.79 17.85
N TRP C 409 56.85 10.36 16.97
CA TRP C 409 57.60 11.55 17.34
C TRP C 409 56.67 12.73 17.60
N VAL C 410 55.67 12.94 16.74
CA VAL C 410 54.71 14.01 16.98
C VAL C 410 53.88 13.69 18.22
N GLN C 411 53.58 12.41 18.44
CA GLN C 411 52.95 12.01 19.69
C GLN C 411 53.82 12.36 20.89
N LYS C 412 55.12 12.07 20.80
CA LYS C 412 56.04 12.42 21.88
C LYS C 412 56.05 13.92 22.12
N ILE C 413 56.23 14.70 21.06
CA ILE C 413 56.29 16.16 21.20
C ILE C 413 54.94 16.70 21.67
N SER C 414 53.85 16.22 21.08
CA SER C 414 52.54 16.72 21.45
C SER C 414 52.23 16.43 22.90
N GLY C 415 52.56 15.23 23.38
CA GLY C 415 52.31 14.90 24.77
C GLY C 415 53.08 15.77 25.73
N GLY C 416 54.37 16.01 25.44
CA GLY C 416 55.17 16.84 26.31
C GLY C 416 54.61 18.25 26.44
N LEU C 417 54.22 18.84 25.31
CA LEU C 417 53.63 20.17 25.35
C LEU C 417 52.30 20.16 26.08
N GLY C 418 51.49 19.12 25.85
CA GLY C 418 50.23 19.01 26.56
C GLY C 418 50.41 18.92 28.06
N ALA C 419 51.37 18.11 28.51
CA ALA C 419 51.66 18.03 29.94
C ALA C 419 52.13 19.38 30.46
N PHE C 420 52.97 20.07 29.70
CA PHE C 420 53.41 21.41 30.10
C PHE C 420 52.22 22.36 30.20
N ALA C 421 51.33 22.31 29.20
CA ALA C 421 50.13 23.13 29.26
C ALA C 421 49.23 22.72 30.41
N ILE C 422 49.07 21.42 30.64
CA ILE C 422 48.25 20.95 31.76
C ILE C 422 48.84 21.42 33.08
N GLY C 423 50.16 21.28 33.24
CA GLY C 423 50.79 21.75 34.46
C GLY C 423 50.56 23.23 34.70
N ALA C 424 50.66 24.04 33.64
CA ALA C 424 50.38 25.46 33.77
C ALA C 424 48.93 25.70 34.16
N ILE C 425 48.00 24.93 33.58
CA ILE C 425 46.60 25.07 33.93
C ILE C 425 46.40 24.75 35.40
N LEU C 426 46.99 23.65 35.88
CA LEU C 426 46.86 23.29 37.28
C LEU C 426 47.46 24.36 38.19
N VAL C 427 48.63 24.89 37.82
CA VAL C 427 49.26 25.92 38.62
C VAL C 427 48.38 27.16 38.69
N LEU C 428 47.84 27.59 37.54
CA LEU C 428 46.97 28.76 37.53
C LEU C 428 45.71 28.52 38.37
N VAL C 429 45.11 27.34 38.21
CA VAL C 429 43.88 27.04 38.95
C VAL C 429 44.15 27.12 40.44
N VAL C 430 45.24 26.50 40.90
CA VAL C 430 45.60 26.57 42.32
C VAL C 430 45.83 28.02 42.74
N VAL C 431 46.48 28.80 41.88
CA VAL C 431 46.77 30.19 42.22
C VAL C 431 45.47 30.98 42.38
N THR C 432 44.58 30.89 41.39
CA THR C 432 43.29 31.55 41.52
C THR C 432 42.49 30.98 42.68
N CYS C 433 42.61 29.67 42.90
CA CYS C 433 41.93 29.02 44.01
C CYS C 433 42.33 29.66 45.34
N ILE C 434 43.60 29.57 45.71
CA ILE C 434 44.05 30.10 47.00
C ILE C 434 43.73 31.58 47.14
N GLY C 435 43.46 32.26 46.03
CA GLY C 435 43.07 33.66 46.11
C GLY C 435 41.61 33.86 46.47
N LEU C 436 40.76 32.88 46.20
CA LEU C 436 39.32 33.07 46.38
C LEU C 436 38.91 32.80 47.83
N ARG C 437 39.09 31.56 48.29
CA ARG C 437 38.55 31.12 49.58
C ARG C 437 39.43 31.57 50.73
N SER D 1 1.59 -33.42 -54.79
CA SER D 1 0.38 -33.42 -53.92
C SER D 1 0.75 -33.67 -52.47
N VAL D 2 -0.25 -33.99 -51.65
CA VAL D 2 -0.01 -34.27 -50.24
C VAL D 2 0.90 -35.48 -50.06
N SER D 3 0.98 -36.36 -51.07
CA SER D 3 1.89 -37.50 -50.98
C SER D 3 3.31 -37.05 -50.66
N GLN D 4 3.71 -35.89 -51.20
CA GLN D 4 5.00 -35.32 -50.85
C GLN D 4 5.06 -34.98 -49.36
N HIS D 5 3.97 -34.45 -48.82
CA HIS D 5 3.92 -34.15 -47.40
C HIS D 5 4.10 -35.40 -46.55
N PHE D 6 3.66 -36.55 -47.07
CA PHE D 6 3.73 -37.81 -46.35
C PHE D 6 4.95 -38.64 -46.73
N ASN D 7 5.88 -38.08 -47.50
CA ASN D 7 7.12 -38.78 -47.78
C ASN D 7 7.95 -39.02 -46.52
N VAL D 8 7.64 -38.29 -45.45
CA VAL D 8 8.42 -38.41 -44.22
C VAL D 8 7.96 -39.59 -43.38
N TYR D 9 6.65 -39.86 -43.38
CA TYR D 9 6.09 -40.87 -42.49
C TYR D 9 6.29 -42.30 -42.98
N LYS D 10 7.03 -42.49 -44.09
CA LYS D 10 7.27 -43.84 -44.58
C LYS D 10 8.16 -44.64 -43.65
N ALA D 11 9.00 -43.97 -42.85
CA ALA D 11 9.94 -44.65 -41.96
C ALA D 11 9.53 -44.57 -40.50
N THR D 12 8.32 -44.07 -40.20
CA THR D 12 7.83 -43.95 -38.84
C THR D 12 6.79 -45.02 -38.56
N ARG D 13 6.22 -44.97 -37.36
CA ARG D 13 5.23 -45.96 -36.95
C ARG D 13 4.57 -45.54 -35.64
N PRO D 14 3.33 -45.95 -35.39
CA PRO D 14 2.75 -45.74 -34.07
C PRO D 14 3.45 -46.61 -33.03
N TYR D 15 3.40 -46.14 -31.78
CA TYR D 15 4.03 -46.84 -30.67
C TYR D 15 3.03 -46.95 -29.52
N ILE D 16 3.36 -47.80 -28.56
CA ILE D 16 2.56 -48.02 -27.37
C ILE D 16 3.25 -47.36 -26.19
N ALA D 17 2.47 -46.75 -25.31
CA ALA D 17 3.01 -46.03 -24.16
C ALA D 17 2.03 -46.06 -23.02
N TYR D 18 2.52 -45.72 -21.83
CA TYR D 18 1.67 -45.68 -20.65
C TYR D 18 0.63 -44.57 -20.79
N CYS D 19 -0.49 -44.75 -20.08
CA CYS D 19 -1.54 -43.74 -20.10
C CYS D 19 -2.00 -43.39 -18.68
N ALA D 20 -1.89 -44.34 -17.76
CA ALA D 20 -2.33 -44.15 -16.38
C ALA D 20 -3.84 -44.02 -16.28
N ASP D 21 -4.54 -44.08 -17.42
CA ASP D 21 -5.99 -43.93 -17.42
C ASP D 21 -6.52 -44.25 -18.81
N CYS D 22 -7.68 -44.90 -18.86
CA CYS D 22 -8.36 -45.19 -20.11
C CYS D 22 -9.86 -44.97 -19.94
N GLY D 23 -10.23 -43.89 -19.27
CA GLY D 23 -11.62 -43.68 -18.92
C GLY D 23 -12.11 -44.60 -17.83
N ALA D 24 -11.22 -45.38 -17.22
CA ALA D 24 -11.62 -46.30 -16.16
C ALA D 24 -10.62 -46.32 -15.01
N GLY D 25 -9.70 -45.35 -14.93
CA GLY D 25 -8.72 -45.32 -13.87
C GLY D 25 -7.92 -46.60 -13.77
N HIS D 26 -7.12 -46.89 -14.79
CA HIS D 26 -6.31 -48.10 -14.82
C HIS D 26 -5.14 -47.90 -15.77
N SER D 27 -3.96 -48.38 -15.35
CA SER D 27 -2.81 -48.38 -16.23
C SER D 27 -3.12 -49.21 -17.47
N CYS D 28 -2.69 -48.71 -18.63
CA CYS D 28 -3.16 -49.22 -19.91
C CYS D 28 -2.08 -49.85 -20.77
N HIS D 29 -0.97 -49.16 -20.99
CA HIS D 29 -0.07 -49.46 -22.10
C HIS D 29 -0.82 -49.35 -23.42
N SER D 30 -1.66 -48.32 -23.53
CA SER D 30 -2.62 -48.17 -24.61
C SER D 30 -1.93 -47.84 -25.93
N PRO D 31 -2.53 -48.24 -27.05
CA PRO D 31 -2.00 -47.78 -28.35
C PRO D 31 -2.06 -46.27 -28.51
N VAL D 32 -3.07 -45.62 -27.95
CA VAL D 32 -3.21 -44.18 -27.96
C VAL D 32 -2.69 -43.65 -26.63
N ALA D 33 -1.80 -42.67 -26.68
CA ALA D 33 -1.21 -42.11 -25.46
C ALA D 33 -0.90 -40.64 -25.70
N ILE D 34 -1.64 -39.76 -25.01
CA ILE D 34 -1.37 -38.33 -25.13
C ILE D 34 0.03 -38.05 -24.61
N GLU D 35 0.78 -37.25 -25.35
CA GLU D 35 2.15 -36.90 -24.99
C GLU D 35 2.31 -35.45 -24.56
N ALA D 36 1.64 -34.52 -25.23
CA ALA D 36 1.72 -33.12 -24.84
C ALA D 36 0.59 -32.35 -25.50
N VAL D 37 -0.25 -31.71 -24.69
CA VAL D 37 -1.21 -30.74 -25.20
C VAL D 37 -0.50 -29.41 -25.38
N ARG D 38 -0.74 -28.76 -26.52
CA ARG D 38 0.08 -27.63 -26.92
C ARG D 38 -0.78 -26.38 -27.17
N SER D 39 -1.65 -26.04 -26.22
CA SER D 39 -2.45 -24.84 -26.37
C SER D 39 -1.54 -23.63 -26.46
N GLU D 40 -1.46 -23.03 -27.64
CA GLU D 40 -0.61 -21.87 -27.87
C GLU D 40 -1.24 -20.84 -28.77
N ALA D 41 -2.50 -21.04 -29.19
CA ALA D 41 -3.19 -20.12 -30.07
C ALA D 41 -4.12 -19.23 -29.25
N THR D 42 -3.96 -17.91 -29.40
CA THR D 42 -4.83 -16.99 -28.67
C THR D 42 -6.29 -17.27 -29.00
N ASP D 43 -6.59 -17.72 -30.21
CA ASP D 43 -7.94 -18.17 -30.52
C ASP D 43 -8.34 -19.31 -29.59
N GLY D 44 -7.43 -20.23 -29.33
CA GLY D 44 -7.72 -21.41 -28.54
C GLY D 44 -7.92 -22.61 -29.43
N MET D 45 -6.90 -23.46 -29.54
CA MET D 45 -6.95 -24.59 -30.46
C MET D 45 -5.86 -25.57 -30.03
N LEU D 46 -6.25 -26.63 -29.34
CA LEU D 46 -5.28 -27.61 -28.88
C LEU D 46 -4.60 -28.28 -30.06
N LYS D 47 -3.37 -28.74 -29.83
CA LYS D 47 -2.62 -29.47 -30.85
C LYS D 47 -2.23 -30.82 -30.27
N ILE D 48 -3.22 -31.54 -29.74
CA ILE D 48 -2.97 -32.80 -29.06
C ILE D 48 -2.04 -33.66 -29.90
N GLN D 49 -0.97 -34.13 -29.27
CA GLN D 49 -0.06 -35.09 -29.87
C GLN D 49 -0.20 -36.41 -29.13
N PHE D 50 -0.49 -37.48 -29.86
CA PHE D 50 -0.78 -38.77 -29.26
C PHE D 50 -0.12 -39.87 -30.09
N SER D 51 0.14 -41.00 -29.43
CA SER D 51 0.96 -42.07 -29.98
C SER D 51 0.15 -42.88 -31.00
N ALA D 52 -0.13 -42.23 -32.12
CA ALA D 52 -0.75 -42.89 -33.26
C ALA D 52 -0.42 -42.08 -34.51
N GLN D 53 -1.02 -42.43 -35.64
CA GLN D 53 -0.78 -41.72 -36.89
C GLN D 53 -2.07 -41.70 -37.68
N ILE D 54 -2.66 -40.51 -37.82
CA ILE D 54 -3.91 -40.35 -38.55
C ILE D 54 -3.58 -39.87 -39.97
N GLY D 55 -4.17 -40.53 -40.96
CA GLY D 55 -4.00 -40.16 -42.34
C GLY D 55 -3.16 -41.11 -43.16
N ILE D 56 -2.61 -42.17 -42.57
CA ILE D 56 -1.76 -43.11 -43.27
C ILE D 56 -2.21 -44.53 -42.92
N ASP D 57 -2.44 -45.35 -43.94
CA ASP D 57 -2.87 -46.72 -43.73
C ASP D 57 -1.70 -47.59 -43.27
N LYS D 58 -2.02 -48.80 -42.82
CA LYS D 58 -1.00 -49.70 -42.29
C LYS D 58 0.10 -49.96 -43.31
N SER D 59 -0.21 -49.89 -44.61
CA SER D 59 0.75 -50.19 -45.66
C SER D 59 1.56 -48.96 -46.08
N ASP D 60 1.65 -47.95 -45.21
CA ASP D 60 2.45 -46.76 -45.48
C ASP D 60 2.00 -46.08 -46.79
N ASN D 61 0.74 -45.66 -46.79
CA ASN D 61 0.18 -44.91 -47.91
C ASN D 61 -0.79 -43.87 -47.37
N HIS D 62 -0.70 -42.65 -47.90
CA HIS D 62 -1.58 -41.58 -47.45
C HIS D 62 -3.04 -41.96 -47.68
N ASP D 63 -3.87 -41.75 -46.65
CA ASP D 63 -5.29 -42.08 -46.74
C ASP D 63 -6.01 -41.33 -45.64
N TYR D 64 -6.97 -40.49 -46.00
CA TYR D 64 -7.64 -39.62 -45.05
C TYR D 64 -8.76 -40.34 -44.27
N THR D 65 -8.80 -41.67 -44.30
CA THR D 65 -9.76 -42.42 -43.51
C THR D 65 -9.11 -43.60 -42.82
N LYS D 66 -7.85 -43.45 -42.41
CA LYS D 66 -7.10 -44.53 -41.78
C LYS D 66 -6.31 -43.97 -40.61
N ILE D 67 -6.06 -44.82 -39.62
CA ILE D 67 -5.30 -44.45 -38.43
C ILE D 67 -4.38 -45.62 -38.10
N ARG D 68 -3.08 -45.44 -38.30
CA ARG D 68 -2.10 -46.44 -37.93
C ARG D 68 -1.98 -46.45 -36.41
N TYR D 69 -2.63 -47.40 -35.76
CA TYR D 69 -2.55 -47.57 -34.31
C TYR D 69 -1.76 -48.84 -34.01
N ALA D 70 -0.71 -48.70 -33.20
CA ALA D 70 0.14 -49.83 -32.89
C ALA D 70 -0.65 -50.89 -32.13
N ASP D 71 -0.22 -52.14 -32.28
CA ASP D 71 -0.87 -53.26 -31.60
C ASP D 71 0.10 -54.44 -31.60
N GLY D 72 0.40 -54.96 -30.43
CA GLY D 72 1.35 -56.05 -30.32
C GLY D 72 2.69 -55.69 -30.93
N HIS D 73 3.02 -56.33 -32.05
CA HIS D 73 4.28 -56.09 -32.75
C HIS D 73 4.10 -55.53 -34.15
N ALA D 74 2.89 -55.47 -34.68
CA ALA D 74 2.64 -55.04 -36.04
C ALA D 74 1.61 -53.93 -36.07
N ILE D 75 1.70 -53.10 -37.11
CA ILE D 75 0.77 -51.99 -37.27
C ILE D 75 -0.60 -52.53 -37.68
N GLU D 76 -1.64 -51.82 -37.30
CA GLU D 76 -3.02 -52.15 -37.66
C GLU D 76 -3.66 -50.94 -38.35
N ASN D 77 -4.92 -51.10 -38.72
CA ASN D 77 -5.68 -50.06 -39.41
C ASN D 77 -7.03 -49.90 -38.73
N ALA D 78 -7.30 -48.70 -38.23
CA ALA D 78 -8.56 -48.39 -37.55
C ALA D 78 -9.30 -47.32 -38.33
N VAL D 79 -10.63 -47.43 -38.36
CA VAL D 79 -11.45 -46.47 -39.10
C VAL D 79 -11.28 -45.09 -38.48
N ARG D 80 -11.02 -44.09 -39.31
CA ARG D 80 -10.78 -42.74 -38.81
C ARG D 80 -12.02 -42.15 -38.16
N SER D 81 -13.20 -42.47 -38.66
CA SER D 81 -14.43 -41.83 -38.20
C SER D 81 -14.76 -42.15 -36.75
N SER D 82 -13.93 -42.97 -36.09
CA SER D 82 -14.12 -43.31 -34.69
C SER D 82 -13.22 -42.50 -33.76
N LEU D 83 -12.91 -41.27 -34.13
CA LEU D 83 -12.06 -40.39 -33.33
C LEU D 83 -12.94 -39.45 -32.51
N LYS D 84 -12.75 -39.44 -31.20
CA LYS D 84 -13.64 -38.75 -30.27
C LYS D 84 -12.84 -37.92 -29.27
N VAL D 85 -11.88 -37.14 -29.76
CA VAL D 85 -11.20 -36.17 -28.91
C VAL D 85 -12.26 -35.34 -28.20
N ALA D 86 -12.29 -35.41 -26.86
CA ALA D 86 -13.39 -34.81 -26.12
C ALA D 86 -12.97 -34.53 -24.69
N THR D 87 -13.00 -33.26 -24.29
CA THR D 87 -12.98 -32.90 -22.88
C THR D 87 -14.39 -33.06 -22.35
N SER D 88 -14.65 -32.51 -21.14
CA SER D 88 -15.97 -32.57 -20.54
C SER D 88 -17.08 -32.46 -21.58
N GLY D 89 -16.90 -31.61 -22.57
CA GLY D 89 -17.84 -31.51 -23.68
C GLY D 89 -17.52 -32.48 -24.79
N ASP D 90 -17.50 -31.97 -26.03
CA ASP D 90 -17.15 -32.80 -27.19
C ASP D 90 -16.43 -31.90 -28.18
N CYS D 91 -15.12 -32.09 -28.29
CA CYS D 91 -14.31 -31.23 -29.16
C CYS D 91 -14.68 -31.46 -30.62
N PHE D 92 -14.74 -30.36 -31.38
CA PHE D 92 -14.97 -30.44 -32.82
C PHE D 92 -13.60 -30.55 -33.49
N VAL D 93 -13.19 -31.79 -33.78
CA VAL D 93 -11.89 -32.00 -34.42
C VAL D 93 -11.84 -31.22 -35.72
N HIS D 94 -10.88 -30.30 -35.82
CA HIS D 94 -10.78 -29.38 -36.94
C HIS D 94 -9.88 -29.89 -38.05
N GLY D 95 -9.34 -31.10 -37.92
CA GLY D 95 -8.42 -31.62 -38.91
C GLY D 95 -7.21 -32.27 -38.26
N THR D 96 -6.75 -33.38 -38.84
CA THR D 96 -5.69 -34.17 -38.25
C THR D 96 -4.67 -34.55 -39.32
N MET D 97 -3.46 -34.87 -38.86
CA MET D 97 -2.43 -35.38 -39.75
C MET D 97 -1.32 -35.94 -38.87
N GLY D 98 -0.81 -37.10 -39.24
CA GLY D 98 0.28 -37.69 -38.48
C GLY D 98 -0.13 -37.90 -37.03
N HIS D 99 0.70 -37.40 -36.11
CA HIS D 99 0.51 -37.62 -34.69
C HIS D 99 -0.34 -36.56 -34.00
N PHE D 100 -0.76 -35.52 -34.73
CA PHE D 100 -1.30 -34.32 -34.12
C PHE D 100 -2.76 -34.13 -34.51
N ILE D 101 -3.65 -34.10 -33.52
CA ILE D 101 -5.04 -33.73 -33.73
C ILE D 101 -5.19 -32.25 -33.40
N LEU D 102 -6.20 -31.63 -34.01
CA LEU D 102 -6.56 -30.25 -33.70
C LEU D 102 -7.98 -30.24 -33.14
N ALA D 103 -8.17 -29.51 -32.05
CA ALA D 103 -9.43 -29.52 -31.33
C ALA D 103 -9.81 -28.11 -30.92
N LYS D 104 -11.09 -27.92 -30.59
CA LYS D 104 -11.63 -26.67 -30.10
C LYS D 104 -12.51 -26.94 -28.88
N CYS D 105 -11.96 -27.69 -27.93
CA CYS D 105 -12.74 -28.22 -26.83
C CYS D 105 -13.33 -27.09 -25.98
N PRO D 106 -14.46 -27.34 -25.32
CA PRO D 106 -15.02 -26.34 -24.42
C PRO D 106 -14.33 -26.39 -23.07
N PRO D 107 -14.67 -25.48 -22.15
CA PRO D 107 -14.00 -25.47 -20.85
C PRO D 107 -14.14 -26.81 -20.14
N GLY D 108 -13.06 -27.22 -19.48
CA GLY D 108 -13.05 -28.49 -18.79
C GLY D 108 -11.73 -28.71 -18.10
N GLU D 109 -11.60 -29.88 -17.49
CA GLU D 109 -10.42 -30.25 -16.70
C GLU D 109 -9.59 -31.35 -17.33
N PHE D 110 -10.22 -32.37 -17.91
CA PHE D 110 -9.52 -33.51 -18.49
C PHE D 110 -9.72 -33.54 -20.00
N LEU D 111 -8.76 -34.17 -20.68
CA LEU D 111 -8.78 -34.29 -22.13
C LEU D 111 -8.67 -35.77 -22.49
N GLN D 112 -9.66 -36.27 -23.22
CA GLN D 112 -9.75 -37.68 -23.58
C GLN D 112 -9.75 -37.84 -25.09
N VAL D 113 -8.87 -38.71 -25.58
CA VAL D 113 -8.81 -39.07 -26.99
C VAL D 113 -9.02 -40.57 -27.11
N SER D 114 -9.96 -40.97 -27.97
CA SER D 114 -10.31 -42.38 -28.12
C SER D 114 -10.42 -42.73 -29.60
N ILE D 115 -10.09 -43.98 -29.91
CA ILE D 115 -10.27 -44.53 -31.25
C ILE D 115 -10.83 -45.94 -31.11
N GLN D 116 -11.43 -46.42 -32.20
CA GLN D 116 -11.99 -47.76 -32.26
C GLN D 116 -11.01 -48.67 -32.98
N ASP D 117 -10.49 -49.66 -32.25
CA ASP D 117 -9.43 -50.51 -32.77
C ASP D 117 -10.02 -51.54 -33.73
N THR D 118 -9.20 -52.50 -34.14
CA THR D 118 -9.65 -53.48 -35.13
C THR D 118 -10.84 -54.29 -34.61
N ARG D 119 -10.78 -54.74 -33.36
CA ARG D 119 -11.85 -55.56 -32.80
C ARG D 119 -12.93 -54.69 -32.15
N ASN D 120 -13.42 -53.71 -32.90
CA ASN D 120 -14.53 -52.84 -32.51
C ASN D 120 -14.56 -52.58 -31.01
N ALA D 121 -13.39 -52.28 -30.46
CA ALA D 121 -13.27 -51.85 -29.08
C ALA D 121 -13.10 -50.35 -29.04
N VAL D 122 -12.84 -49.80 -27.85
CA VAL D 122 -12.63 -48.36 -27.67
C VAL D 122 -11.38 -48.20 -26.82
N ARG D 123 -10.23 -47.99 -27.47
CA ARG D 123 -9.02 -47.59 -26.76
C ARG D 123 -9.02 -46.08 -26.60
N ALA D 124 -8.71 -45.62 -25.39
CA ALA D 124 -8.76 -44.19 -25.10
C ALA D 124 -7.73 -43.84 -24.05
N CYS D 125 -7.12 -42.67 -24.21
CA CYS D 125 -6.22 -42.09 -23.22
C CYS D 125 -6.82 -40.78 -22.74
N ARG D 126 -6.89 -40.61 -21.43
CA ARG D 126 -7.54 -39.46 -20.81
C ARG D 126 -6.62 -38.90 -19.74
N ILE D 127 -6.07 -37.72 -20.01
CA ILE D 127 -5.12 -37.09 -19.10
C ILE D 127 -5.76 -35.84 -18.50
N GLN D 128 -5.05 -35.22 -17.56
CA GLN D 128 -5.51 -34.01 -16.90
C GLN D 128 -4.87 -32.81 -17.58
N TYR D 129 -5.71 -31.90 -18.08
CA TYR D 129 -5.23 -30.67 -18.70
C TYR D 129 -6.29 -29.59 -18.48
N HIS D 130 -5.94 -28.57 -17.70
CA HIS D 130 -6.90 -27.53 -17.33
C HIS D 130 -7.17 -26.61 -18.52
N HIS D 131 -7.90 -27.11 -19.51
CA HIS D 131 -8.28 -26.28 -20.65
C HIS D 131 -9.31 -25.25 -20.20
N ASP D 132 -9.08 -23.99 -20.58
CA ASP D 132 -10.00 -22.90 -20.27
C ASP D 132 -9.76 -21.75 -21.23
N PRO D 133 -10.28 -21.82 -22.46
CA PRO D 133 -9.98 -20.77 -23.42
C PRO D 133 -10.59 -19.44 -23.03
N GLN D 134 -9.92 -18.37 -23.45
CA GLN D 134 -10.42 -17.02 -23.22
C GLN D 134 -10.16 -16.21 -24.49
N PRO D 135 -11.21 -15.75 -25.19
CA PRO D 135 -10.99 -15.08 -26.47
C PRO D 135 -10.14 -13.84 -26.34
N VAL D 136 -9.40 -13.53 -27.41
CA VAL D 136 -8.61 -12.32 -27.42
C VAL D 136 -9.51 -11.10 -27.21
N GLY D 137 -8.90 -10.01 -26.76
CA GLY D 137 -9.63 -8.78 -26.55
C GLY D 137 -9.91 -8.53 -25.07
N ARG D 138 -10.99 -7.80 -24.80
CA ARG D 138 -11.34 -7.43 -23.43
C ARG D 138 -12.61 -8.09 -22.95
N GLU D 139 -13.38 -8.73 -23.83
CA GLU D 139 -14.64 -9.38 -23.48
C GLU D 139 -14.47 -10.88 -23.59
N LYS D 140 -14.78 -11.60 -22.51
CA LYS D 140 -14.66 -13.06 -22.49
C LYS D 140 -15.98 -13.67 -22.99
N PHE D 141 -16.28 -13.40 -24.26
CA PHE D 141 -17.47 -13.95 -24.89
C PHE D 141 -17.29 -15.44 -25.12
N THR D 142 -18.32 -16.07 -25.68
CA THR D 142 -18.30 -17.50 -25.94
C THR D 142 -18.31 -17.82 -27.44
N ILE D 143 -19.29 -17.31 -28.17
CA ILE D 143 -19.40 -17.54 -29.61
C ILE D 143 -19.14 -16.24 -30.34
N ARG D 144 -18.73 -16.36 -31.60
CA ARG D 144 -18.47 -15.18 -32.41
C ARG D 144 -19.77 -14.37 -32.59
N PRO D 145 -19.66 -13.06 -32.73
CA PRO D 145 -20.82 -12.25 -33.08
C PRO D 145 -20.94 -12.07 -34.59
N HIS D 146 -22.11 -11.58 -35.01
CA HIS D 146 -22.33 -11.28 -36.41
C HIS D 146 -21.96 -9.84 -36.75
N TYR D 147 -21.94 -8.95 -35.76
CA TYR D 147 -21.46 -7.58 -35.94
C TYR D 147 -20.47 -7.29 -34.81
N GLY D 148 -19.22 -7.02 -35.18
CA GLY D 148 -18.21 -6.73 -34.17
C GLY D 148 -16.94 -6.27 -34.85
N LYS D 149 -15.92 -6.04 -34.01
CA LYS D 149 -14.62 -5.59 -34.51
C LYS D 149 -13.89 -6.78 -35.13
N GLU D 150 -12.63 -6.57 -35.49
CA GLU D 150 -11.80 -7.64 -36.06
C GLU D 150 -10.36 -7.36 -35.64
N ILE D 151 -9.94 -7.98 -34.53
CA ILE D 151 -8.58 -7.82 -34.03
C ILE D 151 -7.83 -9.11 -34.29
N PRO D 152 -6.50 -9.09 -34.33
CA PRO D 152 -5.74 -10.29 -34.70
C PRO D 152 -5.60 -11.27 -33.54
N CYS D 153 -5.89 -12.54 -33.80
CA CYS D 153 -5.69 -13.60 -32.83
C CYS D 153 -5.06 -14.79 -33.54
N THR D 154 -3.95 -15.29 -32.98
CA THR D 154 -3.20 -16.36 -33.60
C THR D 154 -3.93 -17.69 -33.49
N THR D 155 -3.90 -18.47 -34.55
CA THR D 155 -4.50 -19.80 -34.55
C THR D 155 -3.68 -20.73 -35.44
N TYR D 156 -3.85 -22.02 -35.21
CA TYR D 156 -3.14 -23.02 -35.99
C TYR D 156 -3.77 -23.14 -37.38
N GLN D 157 -2.93 -23.08 -38.40
CA GLN D 157 -3.41 -23.16 -39.78
C GLN D 157 -3.60 -24.61 -40.20
N GLN D 158 -4.67 -24.86 -40.95
CA GLN D 158 -4.98 -26.21 -41.40
C GLN D 158 -3.96 -26.74 -42.40
N THR D 159 -3.16 -25.87 -43.00
CA THR D 159 -2.19 -26.30 -44.00
C THR D 159 -1.20 -27.29 -43.39
N THR D 160 -0.99 -28.40 -44.07
CA THR D 160 0.01 -29.40 -43.66
C THR D 160 1.34 -29.15 -44.35
N ALA D 161 1.82 -27.90 -44.26
CA ALA D 161 3.07 -27.51 -44.90
C ALA D 161 4.24 -28.02 -44.07
N GLU D 162 5.45 -27.62 -44.45
CA GLU D 162 6.67 -27.98 -43.74
C GLU D 162 7.17 -26.74 -43.01
N THR D 163 6.93 -26.70 -41.70
CA THR D 163 7.34 -25.58 -40.88
C THR D 163 8.76 -25.82 -40.35
N VAL D 164 9.28 -24.84 -39.62
CA VAL D 164 10.61 -24.97 -39.02
C VAL D 164 10.58 -25.78 -37.73
N GLU D 165 9.44 -25.90 -37.08
CA GLU D 165 9.35 -26.69 -35.86
C GLU D 165 9.62 -28.16 -36.18
N GLU D 166 10.28 -28.85 -35.25
CA GLU D 166 10.71 -30.22 -35.47
C GLU D 166 10.45 -31.05 -34.23
N ILE D 167 10.24 -32.34 -34.43
CA ILE D 167 10.05 -33.31 -33.36
C ILE D 167 11.15 -34.36 -33.49
N ASP D 168 11.78 -34.70 -32.37
CA ASP D 168 12.92 -35.60 -32.38
C ASP D 168 12.48 -37.00 -32.82
N MET D 169 13.47 -37.90 -32.92
CA MET D 169 13.25 -39.21 -33.52
C MET D 169 14.38 -40.14 -33.11
N HIS D 170 14.11 -41.44 -33.18
CA HIS D 170 15.15 -42.45 -33.06
C HIS D 170 14.49 -43.81 -33.25
N MET D 171 15.34 -44.85 -33.29
CA MET D 171 14.87 -46.20 -33.53
C MET D 171 14.19 -46.77 -32.29
N PRO D 172 13.28 -47.73 -32.46
CA PRO D 172 12.62 -48.33 -31.30
C PRO D 172 13.59 -49.14 -30.47
N PRO D 173 13.26 -49.41 -29.21
CA PRO D 173 14.10 -50.28 -28.38
C PRO D 173 13.76 -51.75 -28.63
N ASP D 174 14.39 -52.63 -27.86
CA ASP D 174 14.17 -54.06 -27.95
C ASP D 174 12.89 -54.40 -27.20
N THR D 175 11.79 -54.51 -27.92
CA THR D 175 10.50 -54.78 -27.28
C THR D 175 10.49 -56.20 -26.73
N PRO D 176 10.15 -56.39 -25.45
CA PRO D 176 10.05 -57.75 -24.91
C PRO D 176 8.65 -58.33 -25.05
N ASP D 177 8.61 -59.65 -25.24
CA ASP D 177 7.34 -60.35 -25.39
C ASP D 177 7.55 -61.80 -24.95
N ARG D 178 7.08 -62.13 -23.75
CA ARG D 178 7.21 -63.50 -23.25
C ARG D 178 6.45 -64.50 -24.10
N THR D 179 5.43 -64.06 -24.85
CA THR D 179 4.65 -65.00 -25.65
C THR D 179 5.50 -65.65 -26.73
N LEU D 180 6.60 -65.02 -27.14
CA LEU D 180 7.49 -65.65 -28.10
C LEU D 180 8.05 -66.95 -27.55
N LEU D 181 8.53 -66.92 -26.30
CA LEU D 181 9.03 -68.12 -25.66
C LEU D 181 7.87 -69.04 -25.33
N SER D 182 7.99 -70.31 -25.71
CA SER D 182 6.93 -71.29 -25.50
C SER D 182 7.53 -72.58 -24.98
N GLN D 183 7.04 -73.04 -23.82
CA GLN D 183 7.50 -74.30 -23.26
C GLN D 183 7.13 -75.45 -24.19
N GLN D 184 8.02 -76.44 -24.28
CA GLN D 184 7.85 -77.58 -25.17
C GLN D 184 8.16 -78.88 -24.43
N SER D 185 7.59 -79.03 -23.23
CA SER D 185 7.73 -80.25 -22.43
C SER D 185 9.20 -80.55 -22.16
N GLY D 186 9.83 -79.65 -21.40
CA GLY D 186 11.25 -79.74 -21.12
C GLY D 186 12.12 -79.00 -22.11
N ASN D 187 11.53 -78.43 -23.16
CA ASN D 187 12.25 -77.64 -24.15
C ASN D 187 11.51 -76.32 -24.35
N VAL D 188 12.15 -75.39 -25.06
CA VAL D 188 11.58 -74.07 -25.31
C VAL D 188 11.76 -73.75 -26.78
N LYS D 189 10.70 -73.21 -27.39
CA LYS D 189 10.72 -72.76 -28.78
C LYS D 189 10.31 -71.29 -28.83
N ILE D 190 10.98 -70.54 -29.68
CA ILE D 190 10.75 -69.10 -29.82
C ILE D 190 10.25 -68.86 -31.24
N THR D 191 8.94 -68.63 -31.38
CA THR D 191 8.36 -68.34 -32.68
C THR D 191 8.94 -67.04 -33.23
N VAL D 192 9.74 -67.14 -34.30
CA VAL D 192 10.37 -65.94 -34.85
C VAL D 192 9.31 -65.01 -35.42
N GLY D 193 8.35 -65.55 -36.15
CA GLY D 193 7.27 -64.74 -36.70
C GLY D 193 7.76 -63.60 -37.56
N GLY D 194 8.79 -63.85 -38.38
CA GLY D 194 9.35 -62.79 -39.19
C GLY D 194 10.04 -61.70 -38.39
N LYS D 195 10.53 -62.01 -37.20
CA LYS D 195 11.18 -61.05 -36.33
C LYS D 195 12.64 -61.46 -36.11
N LYS D 196 13.31 -60.76 -35.19
CA LYS D 196 14.72 -60.99 -34.88
C LYS D 196 14.91 -61.09 -33.38
N VAL D 197 14.08 -61.90 -32.73
CA VAL D 197 14.15 -62.05 -31.28
C VAL D 197 15.57 -62.38 -30.86
N LYS D 198 15.96 -61.86 -29.70
CA LYS D 198 17.26 -62.12 -29.10
C LYS D 198 17.07 -62.91 -27.81
N TYR D 199 18.18 -63.20 -27.14
CA TYR D 199 18.12 -63.97 -25.90
C TYR D 199 19.43 -63.88 -25.16
N ASN D 200 19.34 -63.71 -23.84
CA ASN D 200 20.48 -63.73 -22.94
C ASN D 200 20.32 -64.91 -21.99
N CYS D 201 19.95 -66.06 -22.54
CA CYS D 201 19.50 -67.20 -21.74
C CYS D 201 20.55 -67.60 -20.72
N THR D 202 20.06 -67.97 -19.53
CA THR D 202 20.88 -68.59 -18.50
C THR D 202 20.80 -70.11 -18.50
N CYS D 203 19.89 -70.68 -19.28
CA CYS D 203 19.77 -72.13 -19.38
C CYS D 203 20.92 -72.71 -20.19
N GLY D 204 21.99 -73.10 -19.51
CA GLY D 204 23.19 -73.56 -20.17
C GLY D 204 24.09 -72.42 -20.58
N THR D 205 25.33 -72.77 -20.93
CA THR D 205 26.33 -71.80 -21.32
C THR D 205 26.34 -71.63 -22.84
N GLY D 206 26.63 -70.41 -23.27
CA GLY D 206 26.73 -70.10 -24.69
C GLY D 206 25.41 -69.85 -25.39
N ASN D 207 24.29 -69.90 -24.67
CA ASN D 207 22.97 -69.67 -25.27
C ASN D 207 22.66 -68.18 -25.32
N VAL D 208 23.50 -67.46 -26.05
CA VAL D 208 23.37 -66.02 -26.23
C VAL D 208 23.47 -65.73 -27.73
N GLY D 209 22.55 -64.93 -28.24
CA GLY D 209 22.56 -64.57 -29.64
C GLY D 209 21.23 -63.95 -30.03
N THR D 210 21.15 -63.64 -31.33
CA THR D 210 19.96 -63.03 -31.92
C THR D 210 19.53 -63.88 -33.11
N THR D 211 18.71 -64.90 -32.84
CA THR D 211 18.22 -65.77 -33.90
C THR D 211 17.31 -65.00 -34.85
N ASN D 212 17.40 -65.35 -36.13
CA ASN D 212 16.54 -64.78 -37.16
C ASN D 212 15.54 -65.79 -37.71
N SER D 213 15.58 -67.03 -37.25
CA SER D 213 14.63 -68.07 -37.63
C SER D 213 14.02 -68.65 -36.36
N ASP D 214 13.15 -69.65 -36.55
CA ASP D 214 12.46 -70.29 -35.43
C ASP D 214 13.42 -71.24 -34.71
N MET D 215 14.38 -70.64 -34.00
CA MET D 215 15.32 -71.43 -33.23
C MET D 215 14.59 -72.23 -32.17
N THR D 216 15.07 -73.45 -31.92
CA THR D 216 14.42 -74.40 -31.03
C THR D 216 15.38 -74.90 -29.97
N ILE D 217 16.09 -73.97 -29.32
CA ILE D 217 16.97 -74.31 -28.22
C ILE D 217 16.17 -75.14 -27.22
N ASN D 218 16.64 -76.35 -26.93
CA ASN D 218 15.92 -77.32 -26.12
C ASN D 218 16.56 -77.42 -24.74
N THR D 219 15.97 -78.28 -23.90
CA THR D 219 16.45 -78.52 -22.55
C THR D 219 16.50 -77.22 -21.75
N CYS D 220 15.43 -76.43 -21.84
CA CYS D 220 15.34 -75.18 -21.11
C CYS D 220 13.92 -75.02 -20.59
N LEU D 221 13.76 -74.09 -19.65
CA LEU D 221 12.47 -73.81 -19.03
C LEU D 221 12.00 -72.41 -19.41
N ILE D 222 10.81 -72.05 -18.92
CA ILE D 222 10.22 -70.75 -19.24
C ILE D 222 11.08 -69.63 -18.65
N GLU D 223 11.21 -69.60 -17.33
CA GLU D 223 11.94 -68.53 -16.66
C GLU D 223 13.45 -68.80 -16.66
N GLN D 224 13.99 -69.10 -17.83
CA GLN D 224 15.44 -69.21 -18.00
C GLN D 224 15.91 -68.57 -19.30
N CYS D 225 15.00 -68.06 -20.13
CA CYS D 225 15.34 -67.40 -21.39
C CYS D 225 14.52 -66.13 -21.50
N HIS D 226 15.20 -65.02 -21.79
CA HIS D 226 14.54 -63.74 -22.00
C HIS D 226 14.45 -63.50 -23.49
N VAL D 227 13.24 -63.29 -23.99
CA VAL D 227 12.98 -63.13 -25.42
C VAL D 227 12.45 -61.72 -25.64
N SER D 228 13.03 -61.03 -26.63
CA SER D 228 12.64 -59.66 -26.94
C SER D 228 12.91 -59.40 -28.40
N VAL D 229 11.87 -59.02 -29.15
CA VAL D 229 12.06 -58.71 -30.56
C VAL D 229 13.03 -57.55 -30.69
N THR D 230 13.60 -57.41 -31.88
CA THR D 230 14.58 -56.37 -32.18
C THR D 230 14.23 -55.68 -33.50
N ASP D 231 12.96 -55.34 -33.66
CA ASP D 231 12.54 -54.58 -34.84
C ASP D 231 13.35 -53.30 -34.91
N HIS D 232 13.96 -53.06 -36.08
CA HIS D 232 14.91 -51.96 -36.23
C HIS D 232 14.73 -51.25 -37.57
N LYS D 233 13.50 -51.24 -38.10
CA LYS D 233 13.25 -50.66 -39.41
C LYS D 233 12.75 -49.22 -39.31
N LYS D 234 11.64 -48.99 -38.60
CA LYS D 234 11.00 -47.69 -38.57
C LYS D 234 11.53 -46.89 -37.38
N TRP D 235 10.91 -45.74 -37.11
CA TRP D 235 11.34 -44.82 -36.07
C TRP D 235 10.17 -44.50 -35.15
N GLN D 236 10.48 -44.13 -33.91
CA GLN D 236 9.47 -43.79 -32.91
C GLN D 236 9.67 -42.34 -32.46
N PHE D 237 8.60 -41.78 -31.90
CA PHE D 237 8.52 -40.33 -31.66
C PHE D 237 9.00 -39.97 -30.26
N ASN D 238 10.18 -40.48 -29.92
CA ASN D 238 10.93 -40.07 -28.73
C ASN D 238 10.01 -39.83 -27.53
N SER D 239 9.20 -40.83 -27.23
CA SER D 239 8.32 -40.72 -26.07
C SER D 239 9.13 -40.90 -24.79
N PRO D 240 8.90 -40.07 -23.76
CA PRO D 240 9.58 -40.32 -22.48
C PRO D 240 9.18 -41.65 -21.85
N PHE D 241 8.05 -42.22 -22.25
CA PHE D 241 7.60 -43.50 -21.71
C PHE D 241 8.18 -44.69 -22.45
N VAL D 242 8.99 -44.47 -23.48
CA VAL D 242 9.56 -45.54 -24.29
C VAL D 242 11.07 -45.51 -24.13
N PRO D 243 11.63 -46.31 -23.22
CA PRO D 243 13.09 -46.37 -23.08
C PRO D 243 13.83 -46.42 -24.40
N ARG D 244 14.69 -45.44 -24.64
CA ARG D 244 15.41 -45.34 -25.91
C ARG D 244 16.44 -46.46 -26.03
N ALA D 245 16.74 -46.81 -27.28
CA ALA D 245 17.75 -47.82 -27.55
C ALA D 245 19.13 -47.31 -27.10
N ASP D 246 20.13 -48.18 -27.20
CA ASP D 246 21.48 -47.81 -26.77
C ASP D 246 22.02 -46.63 -27.57
N GLU D 247 21.65 -46.52 -28.84
CA GLU D 247 22.14 -45.42 -29.66
C GLU D 247 21.59 -44.11 -29.12
N PRO D 248 22.43 -43.08 -28.95
CA PRO D 248 21.92 -41.79 -28.47
C PRO D 248 21.23 -40.96 -29.53
N ALA D 249 19.94 -41.20 -29.75
CA ALA D 249 19.08 -40.27 -30.48
C ALA D 249 19.57 -40.06 -31.92
N ARG D 250 19.39 -41.10 -32.73
CA ARG D 250 19.60 -40.99 -34.18
C ARG D 250 19.03 -39.68 -34.72
N LYS D 251 18.00 -39.16 -34.06
CA LYS D 251 17.54 -37.77 -34.22
C LYS D 251 17.01 -37.48 -35.63
N GLY D 252 16.06 -38.29 -36.08
CA GLY D 252 15.26 -37.92 -37.23
C GLY D 252 14.60 -36.57 -37.00
N LYS D 253 14.10 -35.99 -38.08
CA LYS D 253 13.60 -34.62 -38.06
C LYS D 253 12.24 -34.51 -38.75
N VAL D 254 11.30 -35.39 -38.36
CA VAL D 254 9.93 -35.23 -38.82
C VAL D 254 9.44 -33.86 -38.41
N HIS D 255 8.79 -33.16 -39.35
CA HIS D 255 8.34 -31.80 -39.10
C HIS D 255 6.99 -31.78 -38.42
N ILE D 256 6.85 -30.91 -37.42
CA ILE D 256 5.56 -30.76 -36.75
C ILE D 256 4.52 -30.28 -37.75
N PRO D 257 3.32 -30.86 -37.80
CA PRO D 257 2.42 -30.59 -38.93
C PRO D 257 1.95 -29.15 -39.06
N PHE D 258 1.31 -28.61 -38.02
CA PHE D 258 0.54 -27.39 -38.20
C PHE D 258 1.29 -26.18 -37.66
N PRO D 259 1.50 -25.13 -38.46
CA PRO D 259 2.17 -23.94 -37.93
C PRO D 259 1.19 -22.92 -37.36
N LEU D 260 1.72 -21.82 -36.84
CA LEU D 260 0.90 -20.70 -36.36
C LEU D 260 0.92 -19.60 -37.41
N ASP D 261 -0.24 -18.95 -37.60
CA ASP D 261 -0.37 -17.88 -38.58
C ASP D 261 -1.16 -16.74 -37.95
N ASN D 262 -0.61 -15.53 -38.04
CA ASN D 262 -1.31 -14.35 -37.56
C ASN D 262 -2.50 -14.08 -38.46
N ILE D 263 -3.71 -14.16 -37.90
CA ILE D 263 -4.94 -14.01 -38.67
C ILE D 263 -5.87 -13.04 -37.94
N THR D 264 -6.85 -12.53 -38.68
CA THR D 264 -7.87 -11.69 -38.08
C THR D 264 -8.79 -12.54 -37.21
N CYS D 265 -9.60 -11.87 -36.40
CA CYS D 265 -10.35 -12.58 -35.36
C CYS D 265 -11.50 -11.69 -34.91
N ARG D 266 -12.71 -12.21 -34.97
CA ARG D 266 -13.88 -11.42 -34.61
C ARG D 266 -14.00 -11.27 -33.11
N VAL D 267 -14.76 -10.24 -32.70
CA VAL D 267 -14.96 -9.94 -31.29
C VAL D 267 -16.13 -8.97 -31.17
N PRO D 268 -17.06 -9.17 -30.25
CA PRO D 268 -18.20 -8.25 -30.14
C PRO D 268 -17.86 -7.00 -29.37
N MET D 269 -18.62 -5.94 -29.65
CA MET D 269 -18.53 -4.70 -28.90
C MET D 269 -19.63 -4.66 -27.86
N ALA D 270 -19.25 -4.44 -26.61
CA ALA D 270 -20.22 -4.44 -25.53
C ALA D 270 -21.23 -3.31 -25.69
N ARG D 271 -22.41 -3.51 -25.12
CA ARG D 271 -23.44 -2.48 -25.15
C ARG D 271 -22.92 -1.18 -24.57
N GLU D 272 -23.22 -0.07 -25.23
CA GLU D 272 -22.74 1.21 -24.75
C GLU D 272 -23.39 1.54 -23.40
N PRO D 273 -22.63 2.08 -22.45
CA PRO D 273 -23.21 2.41 -21.15
C PRO D 273 -24.22 3.54 -21.26
N THR D 274 -25.13 3.59 -20.28
CA THR D 274 -26.13 4.64 -20.19
C THR D 274 -25.59 5.72 -19.26
N VAL D 275 -24.68 6.54 -19.80
CA VAL D 275 -24.03 7.56 -19.00
C VAL D 275 -25.07 8.49 -18.39
N ILE D 276 -24.89 8.80 -17.10
CA ILE D 276 -25.72 9.75 -16.37
C ILE D 276 -24.81 10.85 -15.87
N HIS D 277 -25.05 12.08 -16.33
CA HIS D 277 -24.18 13.19 -15.99
C HIS D 277 -24.40 13.62 -14.53
N GLY D 278 -23.37 14.25 -13.97
CA GLY D 278 -23.43 14.70 -12.60
C GLY D 278 -22.36 15.73 -12.34
N LYS D 279 -22.49 16.42 -11.21
CA LYS D 279 -21.57 17.50 -10.85
C LYS D 279 -20.18 16.93 -10.63
N ARG D 280 -19.27 17.20 -11.57
CA ARG D 280 -17.89 16.74 -11.48
C ARG D 280 -17.82 15.23 -11.30
N GLU D 281 -18.78 14.52 -11.86
CA GLU D 281 -18.80 13.07 -11.78
C GLU D 281 -19.90 12.55 -12.71
N VAL D 282 -19.76 11.30 -13.12
CA VAL D 282 -20.74 10.63 -13.96
C VAL D 282 -21.09 9.29 -13.32
N THR D 283 -22.28 8.81 -13.64
CA THR D 283 -22.76 7.51 -13.17
C THR D 283 -23.07 6.65 -14.38
N LEU D 284 -22.40 5.51 -14.49
CA LEU D 284 -22.52 4.63 -15.65
C LEU D 284 -23.32 3.39 -15.27
N HIS D 285 -24.30 3.05 -16.10
CA HIS D 285 -25.09 1.84 -15.92
C HIS D 285 -24.52 0.73 -16.81
N LEU D 286 -23.38 0.20 -16.39
CA LEU D 286 -22.75 -0.89 -17.14
C LEU D 286 -23.74 -2.04 -17.27
N HIS D 287 -23.96 -2.48 -18.51
CA HIS D 287 -24.95 -3.52 -18.81
C HIS D 287 -24.29 -4.59 -19.66
N PRO D 288 -23.50 -5.46 -19.07
CA PRO D 288 -22.85 -6.54 -19.82
C PRO D 288 -23.77 -7.75 -19.97
N ASP D 289 -23.33 -8.66 -20.84
CA ASP D 289 -23.95 -9.97 -20.99
C ASP D 289 -22.93 -11.09 -21.01
N HIS D 290 -21.65 -10.77 -20.82
CA HIS D 290 -20.56 -11.74 -20.71
C HIS D 290 -19.38 -10.96 -20.15
N PRO D 291 -18.60 -11.54 -19.24
CA PRO D 291 -17.61 -10.73 -18.51
C PRO D 291 -16.76 -9.83 -19.41
N THR D 292 -16.89 -8.52 -19.22
CA THR D 292 -16.10 -7.53 -19.94
C THR D 292 -15.20 -6.77 -18.96
N LEU D 293 -14.27 -6.02 -19.52
CA LEU D 293 -13.39 -5.17 -18.74
C LEU D 293 -13.97 -3.77 -18.64
N PHE D 294 -13.41 -2.98 -17.73
CA PHE D 294 -13.83 -1.59 -17.54
C PHE D 294 -12.73 -0.85 -16.82
N SER D 295 -12.20 0.20 -17.44
CA SER D 295 -11.10 0.96 -16.87
C SER D 295 -11.29 2.42 -17.18
N TYR D 296 -11.03 3.27 -16.19
CA TYR D 296 -11.12 4.71 -16.35
C TYR D 296 -9.94 5.37 -15.67
N ARG D 297 -9.38 6.40 -16.31
CA ARG D 297 -8.23 7.12 -15.76
C ARG D 297 -8.48 8.60 -15.92
N THR D 298 -8.56 9.32 -14.81
CA THR D 298 -8.69 10.77 -14.85
C THR D 298 -7.41 11.35 -15.45
N LEU D 299 -7.50 11.84 -16.68
CA LEU D 299 -6.31 12.19 -17.44
C LEU D 299 -5.78 13.57 -17.05
N GLY D 300 -5.59 13.79 -15.75
CA GLY D 300 -4.98 15.01 -15.28
C GLY D 300 -3.52 14.81 -14.92
N GLU D 301 -3.18 15.03 -13.65
CA GLU D 301 -1.85 14.77 -13.12
C GLU D 301 -1.97 13.75 -11.99
N ASP D 302 -1.17 12.69 -12.06
CA ASP D 302 -1.26 11.60 -11.10
C ASP D 302 -2.69 11.08 -11.17
N PRO D 303 -3.05 10.38 -12.24
CA PRO D 303 -4.46 9.97 -12.44
C PRO D 303 -4.95 9.12 -11.28
N GLN D 304 -6.26 8.88 -11.31
CA GLN D 304 -6.91 7.91 -10.43
C GLN D 304 -7.39 6.77 -11.34
N TYR D 305 -6.49 5.82 -11.59
CA TYR D 305 -6.79 4.73 -12.50
C TYR D 305 -7.77 3.76 -11.85
N HIS D 306 -8.21 2.80 -12.66
CA HIS D 306 -9.08 1.73 -12.15
C HIS D 306 -9.26 0.71 -13.26
N GLU D 307 -9.45 -0.54 -12.87
CA GLU D 307 -9.65 -1.62 -13.83
C GLU D 307 -10.30 -2.79 -13.10
N GLU D 308 -11.38 -3.32 -13.67
CA GLU D 308 -12.14 -4.37 -13.03
C GLU D 308 -12.87 -5.17 -14.09
N TRP D 309 -13.34 -6.36 -13.70
CA TRP D 309 -14.13 -7.22 -14.56
C TRP D 309 -15.58 -7.16 -14.10
N VAL D 310 -16.48 -6.89 -15.05
CA VAL D 310 -17.91 -6.74 -14.76
C VAL D 310 -18.63 -7.96 -15.33
N THR D 311 -19.44 -8.61 -14.49
CA THR D 311 -20.18 -9.80 -14.88
C THR D 311 -21.68 -9.63 -14.78
N ALA D 312 -22.16 -8.56 -14.16
CA ALA D 312 -23.60 -8.30 -14.06
C ALA D 312 -23.80 -6.80 -13.96
N ALA D 313 -25.04 -6.38 -14.23
CA ALA D 313 -25.36 -4.95 -14.24
C ALA D 313 -24.90 -4.29 -12.95
N VAL D 314 -24.10 -3.23 -13.10
CA VAL D 314 -23.58 -2.48 -11.97
C VAL D 314 -23.80 -0.99 -12.24
N GLU D 315 -23.54 -0.18 -11.23
CA GLU D 315 -23.82 1.25 -11.24
C GLU D 315 -22.58 2.04 -10.84
N ARG D 316 -21.44 1.71 -11.44
CA ARG D 316 -20.20 2.39 -11.10
C ARG D 316 -20.31 3.88 -11.38
N THR D 317 -19.91 4.69 -10.40
CA THR D 317 -19.78 6.13 -10.56
C THR D 317 -18.30 6.49 -10.66
N ILE D 318 -18.02 7.63 -11.29
CA ILE D 318 -16.64 8.01 -11.55
C ILE D 318 -16.50 9.52 -11.41
N PRO D 319 -15.42 10.02 -10.78
CA PRO D 319 -15.15 11.45 -10.83
C PRO D 319 -14.74 11.89 -12.23
N VAL D 320 -15.10 13.13 -12.56
CA VAL D 320 -14.71 13.73 -13.83
C VAL D 320 -14.11 15.10 -13.55
N PRO D 321 -12.89 15.18 -13.04
CA PRO D 321 -12.27 16.49 -12.80
C PRO D 321 -12.27 17.36 -14.04
N VAL D 322 -12.04 18.66 -13.86
CA VAL D 322 -12.05 19.59 -15.00
C VAL D 322 -11.09 19.14 -16.08
N ASP D 323 -10.11 18.30 -15.75
CA ASP D 323 -9.17 17.80 -16.74
C ASP D 323 -9.75 16.68 -17.61
N GLY D 324 -10.82 16.02 -17.18
CA GLY D 324 -11.44 14.98 -17.98
C GLY D 324 -10.97 13.58 -17.62
N MET D 325 -11.69 12.60 -18.15
CA MET D 325 -11.44 11.19 -17.88
C MET D 325 -11.42 10.42 -19.20
N GLU D 326 -11.16 9.11 -19.10
CA GLU D 326 -11.16 8.24 -20.28
C GLU D 326 -11.59 6.85 -19.82
N TYR D 327 -12.88 6.53 -20.01
CA TYR D 327 -13.39 5.21 -19.68
C TYR D 327 -13.39 4.34 -20.93
N HIS D 328 -13.13 3.05 -20.74
CA HIS D 328 -12.82 2.12 -21.82
C HIS D 328 -13.73 0.90 -21.76
N TRP D 329 -15.03 1.14 -21.63
CA TRP D 329 -15.99 0.05 -21.48
C TRP D 329 -15.86 -0.98 -22.61
N GLY D 330 -15.46 -2.19 -22.26
CA GLY D 330 -15.42 -3.26 -23.25
C GLY D 330 -14.48 -2.96 -24.40
N ASN D 331 -14.76 -3.62 -25.53
CA ASN D 331 -13.97 -3.41 -26.74
C ASN D 331 -14.20 -2.04 -27.36
N ASN D 332 -15.24 -1.32 -26.93
CA ASN D 332 -15.51 -0.02 -27.51
C ASN D 332 -14.29 0.89 -27.40
N ASP D 333 -14.21 1.86 -28.31
CA ASP D 333 -13.11 2.79 -28.29
C ASP D 333 -13.20 3.67 -27.03
N PRO D 334 -12.07 4.02 -26.42
CA PRO D 334 -12.13 4.89 -25.24
C PRO D 334 -12.83 6.21 -25.57
N VAL D 335 -13.63 6.67 -24.62
CA VAL D 335 -14.36 7.92 -24.74
C VAL D 335 -13.87 8.88 -23.67
N ARG D 336 -13.63 10.13 -24.06
CA ARG D 336 -13.04 11.13 -23.18
C ARG D 336 -14.11 12.15 -22.80
N LEU D 337 -14.73 11.94 -21.64
CA LEU D 337 -15.67 12.91 -21.12
C LEU D 337 -14.92 14.13 -20.61
N TRP D 338 -15.65 15.11 -20.10
CA TRP D 338 -15.04 16.36 -19.67
C TRP D 338 -16.06 17.15 -18.86
N SER D 339 -15.62 17.73 -17.75
CA SER D 339 -16.50 18.46 -16.85
C SER D 339 -16.28 19.97 -17.02
N GLN D 340 -17.38 20.70 -17.12
CA GLN D 340 -17.34 22.15 -17.26
C GLN D 340 -17.39 22.81 -15.88
N LEU D 341 -17.41 24.15 -15.89
CA LEU D 341 -17.52 24.94 -14.66
C LEU D 341 -18.98 25.32 -14.49
N THR D 342 -19.70 24.57 -13.66
CA THR D 342 -21.15 24.70 -13.52
C THR D 342 -21.54 24.70 -12.05
N THR D 343 -20.87 25.51 -11.24
CA THR D 343 -21.20 25.59 -9.83
C THR D 343 -22.68 25.92 -9.63
N GLU D 344 -23.17 25.59 -8.45
CA GLU D 344 -24.50 26.03 -8.03
C GLU D 344 -24.40 27.50 -7.63
N GLY D 345 -25.45 28.03 -7.02
CA GLY D 345 -25.45 29.43 -6.64
C GLY D 345 -25.81 30.33 -7.80
N LYS D 346 -25.62 31.63 -7.57
CA LYS D 346 -26.05 32.65 -8.52
C LYS D 346 -24.86 33.34 -9.18
N PRO D 347 -24.97 33.74 -10.45
CA PRO D 347 -23.92 34.55 -11.06
C PRO D 347 -23.93 35.97 -10.52
N HIS D 348 -23.13 36.86 -11.13
CA HIS D 348 -22.92 38.21 -10.64
C HIS D 348 -24.18 38.76 -9.98
N GLY D 349 -24.05 39.16 -8.72
CA GLY D 349 -25.21 39.60 -7.96
C GLY D 349 -24.88 39.93 -6.52
N TRP D 350 -25.81 39.65 -5.62
CA TRP D 350 -25.63 40.00 -4.22
C TRP D 350 -24.47 39.22 -3.62
N PRO D 351 -23.52 39.87 -2.95
CA PRO D 351 -22.41 39.18 -2.33
C PRO D 351 -22.74 37.82 -1.72
N HIS D 352 -23.85 37.72 -1.02
CA HIS D 352 -24.19 36.49 -0.32
C HIS D 352 -24.58 35.37 -1.29
N GLN D 353 -24.75 35.70 -2.58
CA GLN D 353 -24.98 34.70 -3.61
C GLN D 353 -23.83 34.55 -4.58
N ILE D 354 -23.00 35.59 -4.76
CA ILE D 354 -21.84 35.45 -5.63
C ILE D 354 -20.82 34.52 -5.02
N VAL D 355 -20.67 34.58 -3.69
CA VAL D 355 -19.78 33.63 -3.02
C VAL D 355 -20.27 32.21 -3.21
N GLN D 356 -21.60 32.03 -3.22
CA GLN D 356 -22.15 30.69 -3.46
C GLN D 356 -21.74 30.17 -4.83
N TYR D 357 -21.78 31.03 -5.84
CA TYR D 357 -21.34 30.62 -7.17
C TYR D 357 -19.88 30.19 -7.14
N TYR D 358 -19.04 30.98 -6.48
CA TYR D 358 -17.62 30.62 -6.38
C TYR D 358 -17.44 29.38 -5.51
N TYR D 359 -18.26 29.25 -4.46
CA TYR D 359 -18.22 28.05 -3.64
C TYR D 359 -18.80 26.89 -4.45
N GLY D 360 -17.92 26.01 -4.91
CA GLY D 360 -18.26 25.02 -5.91
C GLY D 360 -17.20 25.03 -6.98
N LEU D 361 -16.59 26.19 -7.18
CA LEU D 361 -15.39 26.34 -8.00
C LEU D 361 -14.23 26.54 -7.03
N TYR D 362 -13.49 25.47 -6.76
CA TYR D 362 -12.41 25.53 -5.78
C TYR D 362 -12.98 25.92 -4.42
N PRO D 363 -13.84 25.08 -3.83
CA PRO D 363 -14.47 25.48 -2.57
C PRO D 363 -13.48 25.81 -1.46
N ALA D 364 -12.37 25.08 -1.38
CA ALA D 364 -11.40 25.34 -0.32
C ALA D 364 -10.79 26.72 -0.47
N ALA D 365 -10.48 27.12 -1.70
CA ALA D 365 -9.84 28.42 -1.91
C ALA D 365 -10.79 29.57 -1.56
N THR D 366 -12.02 29.52 -2.07
CA THR D 366 -12.93 30.64 -1.87
C THR D 366 -13.23 30.87 -0.39
N VAL D 367 -13.49 29.79 0.35
CA VAL D 367 -13.81 29.94 1.76
C VAL D 367 -12.60 30.48 2.52
N SER D 368 -11.40 30.02 2.15
CA SER D 368 -10.19 30.55 2.76
C SER D 368 -10.04 32.04 2.46
N ALA D 369 -10.26 32.43 1.20
CA ALA D 369 -10.13 33.84 0.83
C ALA D 369 -11.18 34.70 1.54
N VAL D 370 -12.42 34.22 1.59
CA VAL D 370 -13.48 35.00 2.24
C VAL D 370 -13.16 35.22 3.71
N VAL D 371 -12.71 34.15 4.40
CA VAL D 371 -12.32 34.31 5.79
C VAL D 371 -11.16 35.28 5.92
N GLY D 372 -10.17 35.17 5.04
CA GLY D 372 -9.04 36.08 5.08
C GLY D 372 -9.47 37.53 4.90
N MET D 373 -10.33 37.78 3.90
CA MET D 373 -10.81 39.13 3.67
C MET D 373 -11.64 39.63 4.85
N SER D 374 -12.52 38.78 5.38
CA SER D 374 -13.37 39.19 6.49
C SER D 374 -12.55 39.53 7.72
N LEU D 375 -11.54 38.72 8.03
CA LEU D 375 -10.70 39.01 9.19
C LEU D 375 -9.95 40.33 9.01
N LEU D 376 -9.43 40.57 7.80
CA LEU D 376 -8.71 41.82 7.57
C LEU D 376 -9.63 43.03 7.76
N ALA D 377 -10.86 42.94 7.27
CA ALA D 377 -11.81 44.04 7.46
C ALA D 377 -12.11 44.25 8.94
N LEU D 378 -12.29 43.16 9.69
CA LEU D 378 -12.53 43.29 11.13
C LEU D 378 -11.35 43.92 11.83
N ILE D 379 -10.12 43.55 11.43
CA ILE D 379 -8.93 44.16 12.02
C ILE D 379 -8.92 45.65 11.73
N SER D 380 -9.23 46.03 10.48
CA SER D 380 -9.23 47.45 10.12
C SER D 380 -10.28 48.23 10.93
N ILE D 381 -11.48 47.67 11.08
CA ILE D 381 -12.50 48.36 11.85
C ILE D 381 -12.10 48.47 13.31
N PHE D 382 -11.49 47.41 13.86
CA PHE D 382 -11.01 47.47 15.23
C PHE D 382 -9.93 48.52 15.40
N ALA D 383 -9.00 48.58 14.44
CA ALA D 383 -7.93 49.58 14.52
C ALA D 383 -8.52 50.99 14.46
N SER D 384 -9.49 51.22 13.58
CA SER D 384 -10.10 52.54 13.48
C SER D 384 -10.79 52.92 14.79
N CYS D 385 -11.58 52.00 15.35
CA CYS D 385 -12.27 52.29 16.60
C CYS D 385 -11.28 52.50 17.75
N TYR D 386 -10.25 51.66 17.83
CA TYR D 386 -9.23 51.84 18.85
C TYR D 386 -8.55 53.19 18.71
N MET D 387 -8.18 53.55 17.48
CA MET D 387 -7.54 54.83 17.24
C MET D 387 -8.48 55.99 17.54
N LEU D 388 -9.76 55.86 17.18
CA LEU D 388 -10.72 56.91 17.50
C LEU D 388 -10.82 57.10 19.01
N VAL D 389 -10.88 56.01 19.77
CA VAL D 389 -10.89 56.12 21.23
C VAL D 389 -9.58 56.73 21.71
N ALA D 390 -8.46 56.35 21.09
CA ALA D 390 -7.18 56.92 21.48
C ALA D 390 -7.17 58.43 21.29
N ALA D 391 -7.72 58.91 20.16
CA ALA D 391 -7.81 60.35 19.95
C ALA D 391 -8.70 60.99 21.01
N ARG D 392 -9.81 60.34 21.36
CA ARG D 392 -10.68 60.86 22.40
C ARG D 392 -9.92 61.04 23.71
N SER D 393 -9.22 59.98 24.15
CA SER D 393 -8.48 60.05 25.41
C SER D 393 -7.37 61.10 25.34
N LYS D 394 -6.63 61.12 24.24
CA LYS D 394 -5.53 62.08 24.11
C LYS D 394 -6.01 63.52 24.07
N CYS D 395 -7.29 63.75 23.74
CA CYS D 395 -7.82 65.10 23.64
C CYS D 395 -8.72 65.47 24.82
N LEU D 396 -9.30 64.49 25.51
CA LEU D 396 -10.13 64.76 26.68
C LEU D 396 -9.30 64.96 27.94
N THR D 397 -8.26 64.17 28.12
CA THR D 397 -7.48 64.22 29.36
C THR D 397 -6.97 65.62 29.67
N PRO D 398 -6.36 66.36 28.73
CA PRO D 398 -5.83 67.68 29.09
C PRO D 398 -6.88 68.62 29.68
N TYR D 399 -8.10 68.57 29.15
CA TYR D 399 -9.15 69.44 29.68
C TYR D 399 -9.59 69.00 31.07
N ALA D 400 -9.80 67.70 31.25
CA ALA D 400 -10.37 67.18 32.50
C ALA D 400 -9.25 66.62 33.40
N LEU D 401 -8.41 67.53 33.89
CA LEU D 401 -7.52 67.18 35.00
C LEU D 401 -7.83 68.00 36.24
N THR D 402 -7.62 69.32 36.23
CA THR D 402 -8.07 70.18 37.32
C THR D 402 -9.47 70.71 37.09
N PRO D 403 -9.75 71.33 35.94
CA PRO D 403 -11.01 72.06 35.78
C PRO D 403 -12.10 71.24 35.10
N GLY D 404 -13.36 71.58 35.39
CA GLY D 404 -14.46 71.06 34.62
C GLY D 404 -14.89 72.08 33.58
N ALA D 405 -14.45 71.88 32.34
CA ALA D 405 -14.75 72.79 31.25
C ALA D 405 -14.52 72.05 29.94
N ALA D 406 -15.50 72.13 29.04
CA ALA D 406 -15.42 71.36 27.81
C ALA D 406 -15.85 72.13 26.57
N VAL D 407 -16.07 73.43 26.65
CA VAL D 407 -16.42 74.21 25.46
C VAL D 407 -17.61 73.51 24.81
N PRO D 408 -18.85 73.75 25.25
CA PRO D 408 -19.86 72.69 25.24
C PRO D 408 -20.14 72.18 23.83
N TRP D 409 -19.19 71.37 23.36
CA TRP D 409 -19.19 70.65 22.10
C TRP D 409 -18.87 71.57 20.92
N THR D 410 -18.67 72.86 21.14
CA THR D 410 -18.10 73.72 20.11
C THR D 410 -16.69 73.25 19.75
N LEU D 411 -15.89 72.93 20.77
CA LEU D 411 -14.60 72.27 20.58
C LEU D 411 -14.62 70.83 21.05
N GLY D 412 -15.75 70.35 21.55
CA GLY D 412 -15.86 68.95 21.94
C GLY D 412 -16.16 67.99 20.80
N ILE D 413 -16.43 68.52 19.61
CA ILE D 413 -16.68 67.69 18.43
C ILE D 413 -15.52 67.75 17.45
N LEU D 414 -15.05 68.97 17.13
CA LEU D 414 -14.00 69.13 16.14
C LEU D 414 -12.73 68.42 16.57
N CYS D 415 -12.25 68.69 17.79
CA CYS D 415 -10.99 68.12 18.24
C CYS D 415 -11.10 66.62 18.48
N CYS D 416 -12.17 66.19 19.14
CA CYS D 416 -12.29 64.80 19.56
C CYS D 416 -13.76 64.52 19.87
N ALA D 417 -14.01 63.37 20.49
CA ALA D 417 -15.38 62.95 20.76
C ALA D 417 -16.04 63.92 21.74
N PRO D 418 -17.30 64.29 21.50
CA PRO D 418 -18.06 65.08 22.47
C PRO D 418 -18.77 64.27 23.54
N ARG D 419 -18.47 62.98 23.66
CA ARG D 419 -19.20 62.10 24.56
C ARG D 419 -19.07 62.53 26.01
N ALA D 420 -18.07 63.34 26.35
CA ALA D 420 -17.88 63.81 27.71
C ALA D 420 -19.20 64.25 28.33
N HIS D 421 -19.40 63.90 29.61
CA HIS D 421 -20.68 64.16 30.25
C HIS D 421 -20.99 65.64 30.28
N ALA D 422 -20.00 66.48 30.60
CA ALA D 422 -20.21 67.92 30.66
C ALA D 422 -21.30 68.27 31.67
N GLY E 106 10.70 84.94 61.79
CA GLY E 106 11.05 83.49 61.90
C GLY E 106 9.85 82.58 61.81
N LYS E 107 8.89 82.79 62.71
CA LYS E 107 7.66 82.00 62.74
C LYS E 107 6.56 82.79 62.05
N ARG E 108 6.55 82.71 60.73
CA ARG E 108 5.56 83.37 59.89
C ARG E 108 4.81 82.34 59.04
N GLU E 109 4.58 81.16 59.60
CA GLU E 109 3.95 80.04 58.90
C GLU E 109 2.64 79.70 59.60
N ARG E 110 1.57 80.38 59.21
CA ARG E 110 0.21 80.09 59.64
C ARG E 110 -0.71 80.08 58.43
N MET E 111 -0.25 79.45 57.36
CA MET E 111 -0.83 79.57 56.03
C MET E 111 -1.68 78.33 55.72
N CYS E 112 -2.10 78.21 54.45
CA CYS E 112 -2.99 77.11 54.07
C CYS E 112 -2.40 75.75 54.38
N MET E 113 -1.07 75.64 54.46
CA MET E 113 -0.45 74.36 54.79
C MET E 113 -1.07 73.76 56.05
N LYS E 114 -0.96 74.48 57.17
CA LYS E 114 -1.56 73.99 58.41
C LYS E 114 -3.07 74.00 58.36
N ILE E 115 -3.68 74.83 57.52
CA ILE E 115 -5.14 74.86 57.40
C ILE E 115 -5.65 73.50 56.94
N GLU E 116 -5.04 72.95 55.89
CA GLU E 116 -5.43 71.62 55.42
C GLU E 116 -4.73 70.54 56.25
N ASN E 117 -3.40 70.53 56.23
CA ASN E 117 -2.54 69.67 57.03
C ASN E 117 -2.66 68.19 56.67
N ASP E 118 -3.62 67.79 55.82
CA ASP E 118 -3.78 66.37 55.52
C ASP E 118 -4.06 66.11 54.04
N CYS E 119 -3.99 67.10 53.16
CA CYS E 119 -4.20 66.86 51.74
C CYS E 119 -3.12 65.97 51.14
N ILE E 120 -2.00 65.77 51.83
CA ILE E 120 -0.92 64.92 51.37
C ILE E 120 -1.12 63.53 51.94
N PHE E 121 -1.09 62.52 51.08
CA PHE E 121 -1.40 61.15 51.48
C PHE E 121 -0.21 60.21 51.39
N GLU E 122 0.99 60.73 51.13
CA GLU E 122 2.23 59.96 51.20
C GLU E 122 2.09 58.59 50.55
N VAL E 123 1.94 58.59 49.23
CA VAL E 123 1.87 57.34 48.48
C VAL E 123 3.11 56.53 48.79
N LYS E 124 2.93 55.34 49.36
CA LYS E 124 4.04 54.51 49.82
C LYS E 124 3.96 53.16 49.12
N HIS E 125 5.09 52.73 48.55
CA HIS E 125 5.19 51.42 47.94
C HIS E 125 5.71 50.43 48.97
N GLU E 126 5.02 49.30 49.10
CA GLU E 126 5.33 48.27 50.09
C GLU E 126 5.74 48.88 51.43
N GLY E 127 5.05 49.95 51.83
CA GLY E 127 5.30 50.62 53.09
C GLY E 127 6.29 51.76 53.01
N LYS E 128 7.10 51.82 51.95
CA LYS E 128 8.08 52.88 51.79
C LYS E 128 7.42 54.08 51.13
N VAL E 129 7.39 55.20 51.83
CA VAL E 129 6.78 56.43 51.31
C VAL E 129 7.54 56.87 50.08
N THR E 130 6.89 56.81 48.92
CA THR E 130 7.51 57.13 47.63
C THR E 130 6.93 58.38 46.98
N GLY E 131 5.61 58.55 46.99
CA GLY E 131 4.97 59.65 46.31
C GLY E 131 3.96 60.34 47.21
N TYR E 132 3.49 61.49 46.74
CA TYR E 132 2.53 62.32 47.44
C TYR E 132 1.39 62.68 46.50
N ALA E 133 0.16 62.57 46.99
CA ALA E 133 -1.03 62.91 46.24
C ALA E 133 -1.78 64.03 46.95
N CYS E 134 -2.41 64.90 46.16
CA CYS E 134 -3.08 66.09 46.68
C CYS E 134 -4.48 66.19 46.09
N LEU E 135 -5.24 67.14 46.61
CA LEU E 135 -6.62 67.38 46.22
C LEU E 135 -6.76 68.80 45.69
N VAL E 136 -7.43 68.96 44.55
CA VAL E 136 -7.66 70.28 43.97
C VAL E 136 -9.02 70.34 43.30
N GLY E 137 -9.94 71.11 43.88
CA GLY E 137 -11.21 71.42 43.24
C GLY E 137 -11.94 70.22 42.67
N ASP E 138 -12.38 69.31 43.54
CA ASP E 138 -13.11 68.10 43.17
C ASP E 138 -12.26 67.12 42.36
N LYS E 139 -10.98 67.39 42.19
CA LYS E 139 -10.06 66.50 41.51
C LYS E 139 -8.89 66.16 42.43
N VAL E 140 -8.28 65.00 42.21
CA VAL E 140 -7.17 64.52 43.02
C VAL E 140 -5.98 64.29 42.09
N MET E 141 -4.87 64.97 42.37
CA MET E 141 -3.65 64.79 41.60
C MET E 141 -2.82 63.65 42.18
N LYS E 142 -2.05 63.00 41.31
CA LYS E 142 -1.13 61.95 41.72
C LYS E 142 -0.09 61.77 40.61
N PRO E 143 1.20 61.91 40.89
CA PRO E 143 2.20 61.72 39.83
C PRO E 143 2.08 60.34 39.20
N ALA E 144 2.10 60.32 37.87
CA ALA E 144 1.93 59.07 37.14
C ALA E 144 3.11 58.14 37.36
N HIS E 145 4.33 58.66 37.28
CA HIS E 145 5.52 57.82 37.39
C HIS E 145 5.56 57.10 38.73
N VAL E 146 5.44 57.85 39.82
CA VAL E 146 5.56 57.27 41.15
C VAL E 146 4.39 56.35 41.42
N LYS E 147 4.65 55.27 42.14
CA LYS E 147 3.65 54.27 42.49
C LYS E 147 3.76 53.95 43.96
N GLY E 148 2.74 53.28 44.48
CA GLY E 148 2.74 52.88 45.87
C GLY E 148 1.33 52.60 46.35
N VAL E 149 1.12 52.83 47.64
CA VAL E 149 -0.14 52.54 48.31
C VAL E 149 -0.97 53.80 48.39
N ILE E 150 -2.27 53.66 48.16
CA ILE E 150 -3.23 54.75 48.15
C ILE E 150 -4.17 54.49 49.31
N ASP E 151 -3.60 53.98 50.40
CA ASP E 151 -4.32 53.30 51.49
C ASP E 151 -5.72 53.83 51.75
N ASN E 152 -5.87 55.15 51.78
CA ASN E 152 -7.20 55.74 51.99
C ASN E 152 -8.24 55.04 51.14
N ALA E 153 -9.26 54.49 51.79
CA ALA E 153 -10.19 53.59 51.11
C ALA E 153 -10.85 54.27 49.91
N ASP E 154 -11.29 55.52 50.10
CA ASP E 154 -11.94 56.23 49.00
C ASP E 154 -11.01 56.35 47.80
N LEU E 155 -9.75 56.71 48.04
CA LEU E 155 -8.80 56.93 46.95
C LEU E 155 -8.18 55.64 46.46
N ALA E 156 -8.14 54.58 47.29
CA ALA E 156 -7.48 53.35 46.89
C ALA E 156 -8.19 52.68 45.72
N LYS E 157 -9.52 52.70 45.72
CA LYS E 157 -10.32 51.97 44.74
C LYS E 157 -10.80 52.88 43.62
N LEU E 158 -9.99 53.85 43.21
CA LEU E 158 -10.38 54.82 42.20
C LEU E 158 -9.50 54.67 40.96
N ALA E 159 -10.06 55.08 39.82
CA ALA E 159 -9.39 54.97 38.53
C ALA E 159 -8.88 56.34 38.10
N PHE E 160 -7.62 56.40 37.67
CA PHE E 160 -6.96 57.62 37.25
C PHE E 160 -6.63 57.53 35.75
N LYS E 161 -5.93 58.55 35.26
CA LYS E 161 -5.35 58.55 33.93
C LYS E 161 -3.84 58.58 34.04
N LYS E 162 -3.16 58.14 32.97
CA LYS E 162 -1.72 58.01 32.96
C LYS E 162 -1.13 58.61 31.70
N SER E 163 -1.55 59.84 31.39
CA SER E 163 -1.03 60.56 30.22
C SER E 163 0.40 60.97 30.51
N SER E 164 1.36 60.18 30.01
CA SER E 164 2.77 60.46 30.27
C SER E 164 3.20 61.81 29.73
N LYS E 165 2.44 62.37 28.79
CA LYS E 165 2.75 63.72 28.32
C LYS E 165 2.77 64.72 29.47
N TYR E 166 1.97 64.46 30.52
CA TYR E 166 1.94 65.30 31.71
C TYR E 166 2.35 64.58 32.99
N ASP E 167 2.35 63.25 32.99
CA ASP E 167 2.74 62.47 34.16
C ASP E 167 1.89 62.83 35.38
N LEU E 168 0.59 62.57 35.24
CA LEU E 168 -0.38 62.87 36.29
C LEU E 168 -1.43 61.78 36.34
N GLU E 169 -2.14 61.72 37.47
CA GLU E 169 -3.22 60.76 37.69
C GLU E 169 -4.42 61.53 38.26
N CYS E 170 -5.27 62.04 37.37
CA CYS E 170 -6.47 62.74 37.79
C CYS E 170 -7.44 61.77 38.47
N ALA E 171 -8.53 62.30 38.98
CA ALA E 171 -9.47 61.49 39.75
C ALA E 171 -10.69 62.34 40.10
N GLN E 172 -11.69 61.68 40.69
CA GLN E 172 -12.88 62.33 41.23
C GLN E 172 -12.96 62.00 42.71
N ILE E 173 -13.26 63.00 43.53
CA ILE E 173 -13.21 62.89 44.99
C ILE E 173 -14.63 63.09 45.51
N PRO E 174 -15.15 62.22 46.36
CA PRO E 174 -16.58 62.23 46.68
C PRO E 174 -16.93 63.34 47.67
N VAL E 175 -18.23 63.38 48.02
CA VAL E 175 -18.76 64.47 48.82
C VAL E 175 -18.22 64.41 50.26
N HIS E 176 -18.02 63.20 50.79
CA HIS E 176 -17.60 63.08 52.18
C HIS E 176 -16.23 63.70 52.43
N MET E 177 -15.41 63.87 51.39
CA MET E 177 -14.07 64.41 51.55
C MET E 177 -13.90 65.84 51.06
N ARG E 178 -14.83 66.38 50.27
CA ARG E 178 -14.62 67.72 49.73
C ARG E 178 -14.50 68.77 50.82
N SER E 179 -14.96 68.48 52.03
CA SER E 179 -14.63 69.34 53.16
C SER E 179 -13.13 69.46 53.32
N ASP E 180 -12.39 68.42 52.94
CA ASP E 180 -10.94 68.42 52.89
C ASP E 180 -10.53 68.77 51.47
N ALA E 181 -10.43 70.08 51.19
CA ALA E 181 -10.11 70.54 49.84
C ALA E 181 -8.91 71.47 49.85
N SER E 182 -8.60 72.05 48.71
CA SER E 182 -7.48 72.98 48.58
C SER E 182 -7.74 73.90 47.40
N LYS E 183 -7.71 75.21 47.66
CA LYS E 183 -7.97 76.17 46.60
C LYS E 183 -6.79 76.22 45.64
N TYR E 184 -7.07 76.68 44.42
CA TYR E 184 -6.07 76.67 43.35
C TYR E 184 -6.07 78.01 42.62
N THR E 185 -5.29 78.11 41.54
CA THR E 185 -5.21 79.33 40.77
C THR E 185 -4.77 78.99 39.35
N HIS E 186 -5.00 79.93 38.44
CA HIS E 186 -4.59 79.80 37.05
C HIS E 186 -3.64 80.91 36.61
N GLU E 187 -3.33 81.85 37.48
CA GLU E 187 -2.48 82.98 37.16
C GLU E 187 -1.23 82.93 38.03
N LYS E 188 -0.08 83.29 37.45
CA LYS E 188 1.22 83.19 38.12
C LYS E 188 1.82 84.59 38.23
N PRO E 189 1.44 85.36 39.25
CA PRO E 189 2.16 86.61 39.53
C PRO E 189 3.56 86.34 40.05
N GLU E 190 4.51 86.19 39.13
CA GLU E 190 5.86 85.73 39.43
C GLU E 190 6.40 86.31 40.74
N GLY E 191 6.90 85.44 41.60
CA GLY E 191 7.45 85.85 42.88
C GLY E 191 7.80 84.66 43.75
N HIS E 192 7.59 84.77 45.05
CA HIS E 192 7.84 83.68 45.99
C HIS E 192 6.55 82.96 46.32
N TYR E 193 6.65 81.66 46.57
CA TYR E 193 5.51 80.84 46.89
C TYR E 193 5.88 79.83 47.97
N ASN E 194 4.87 79.33 48.67
CA ASN E 194 5.08 78.46 49.82
C ASN E 194 5.41 77.04 49.38
N TRP E 195 6.16 76.34 50.23
CA TRP E 195 6.56 74.97 49.96
C TRP E 195 6.68 74.23 51.28
N HIS E 196 6.55 72.90 51.20
CA HIS E 196 6.62 72.07 52.41
C HIS E 196 8.06 71.89 52.88
N HIS E 197 8.98 71.63 51.95
CA HIS E 197 10.39 71.47 52.27
C HIS E 197 11.15 72.78 52.28
N GLY E 198 10.46 73.91 52.18
CA GLY E 198 11.12 75.20 52.17
C GLY E 198 10.26 76.28 51.54
N ALA E 199 10.83 77.02 50.59
CA ALA E 199 10.12 78.05 49.85
C ALA E 199 10.13 77.70 48.37
N VAL E 200 9.57 78.61 47.56
CA VAL E 200 9.52 78.45 46.11
C VAL E 200 9.79 79.81 45.50
N GLN E 201 10.95 79.97 44.87
CA GLN E 201 11.32 81.21 44.20
C GLN E 201 11.00 81.06 42.71
N TYR E 202 9.84 81.56 42.30
CA TYR E 202 9.39 81.44 40.92
C TYR E 202 9.99 82.59 40.12
N SER E 203 11.21 82.36 39.62
CA SER E 203 11.83 83.30 38.71
C SER E 203 11.03 83.34 37.41
N GLY E 204 11.45 84.21 36.49
CA GLY E 204 10.72 84.40 35.26
C GLY E 204 10.48 83.10 34.51
N GLY E 205 9.23 82.64 34.50
CA GLY E 205 8.88 81.43 33.79
C GLY E 205 9.71 80.22 34.17
N ARG E 206 10.15 80.13 35.43
CA ARG E 206 10.98 79.02 35.86
C ARG E 206 10.98 78.97 37.38
N PHE E 207 10.56 77.83 37.94
CA PHE E 207 10.60 77.64 39.38
C PHE E 207 11.98 77.19 39.82
N THR E 208 12.29 77.43 41.09
CA THR E 208 13.56 76.98 41.64
C THR E 208 13.48 76.98 43.16
N ILE E 209 14.36 76.18 43.77
CA ILE E 209 14.55 76.15 45.22
C ILE E 209 16.04 76.28 45.48
N PRO E 210 16.47 76.49 46.73
CA PRO E 210 17.90 76.66 46.98
C PRO E 210 18.71 75.45 46.51
N THR E 211 19.92 75.72 46.03
CA THR E 211 20.80 74.68 45.52
C THR E 211 20.88 73.52 46.51
N GLY E 212 20.50 72.33 46.04
CA GLY E 212 20.49 71.16 46.89
C GLY E 212 19.34 71.10 47.87
N ALA E 213 18.39 72.02 47.79
CA ALA E 213 17.26 72.00 48.72
C ALA E 213 16.33 70.83 48.41
N GLY E 214 15.42 70.58 49.34
CA GLY E 214 14.51 69.46 49.17
C GLY E 214 15.26 68.15 49.10
N LYS E 215 14.83 67.30 48.17
CA LYS E 215 15.42 65.97 48.02
C LYS E 215 14.79 65.24 46.83
N PRO E 216 15.40 64.17 46.34
CA PRO E 216 14.79 63.40 45.26
C PRO E 216 13.96 62.24 45.79
N GLY E 217 13.11 61.72 44.91
CA GLY E 217 12.21 60.64 45.28
C GLY E 217 10.95 61.09 45.99
N ASP E 218 10.65 62.38 45.97
CA ASP E 218 9.49 62.96 46.65
C ASP E 218 8.65 63.78 45.68
N SER E 219 8.29 63.15 44.56
CA SER E 219 7.69 63.86 43.43
C SER E 219 6.59 64.84 43.83
N GLY E 220 5.51 64.36 44.44
CA GLY E 220 4.28 65.12 44.50
C GLY E 220 4.40 66.54 45.00
N ARG E 221 4.63 66.74 46.30
CA ARG E 221 4.86 68.06 46.87
C ARG E 221 3.92 69.11 46.30
N PRO E 222 2.65 69.14 46.71
CA PRO E 222 1.71 70.10 46.12
C PRO E 222 2.03 71.54 46.49
N ILE E 223 2.98 72.14 45.76
CA ILE E 223 3.43 73.50 46.04
C ILE E 223 2.24 74.41 46.30
N PHE E 224 2.40 75.31 47.25
CA PHE E 224 1.34 76.19 47.71
C PHE E 224 1.70 77.65 47.40
N ASP E 225 0.67 78.43 47.12
CA ASP E 225 0.83 79.84 46.74
C ASP E 225 0.81 80.73 47.97
N ASN E 226 1.42 81.90 47.84
CA ASN E 226 1.55 82.83 48.97
C ASN E 226 0.20 83.33 49.47
N LYS E 227 -0.87 83.15 48.69
CA LYS E 227 -2.21 83.53 49.14
C LYS E 227 -2.92 82.40 49.87
N GLY E 228 -2.28 81.25 50.04
CA GLY E 228 -2.90 80.13 50.73
C GLY E 228 -3.66 79.23 49.79
N ARG E 229 -3.14 79.03 48.59
CA ARG E 229 -3.78 78.20 47.57
C ARG E 229 -2.70 77.35 46.91
N VAL E 230 -3.12 76.53 45.95
CA VAL E 230 -2.22 75.61 45.25
C VAL E 230 -1.98 76.17 43.86
N VAL E 231 -0.70 76.28 43.48
CA VAL E 231 -0.32 76.92 42.22
C VAL E 231 0.42 75.95 41.32
N ALA E 232 1.08 74.95 41.90
CA ALA E 232 1.88 74.03 41.11
C ALA E 232 2.09 72.73 41.89
N ILE E 233 2.44 71.68 41.15
CA ILE E 233 2.78 70.38 41.71
C ILE E 233 4.16 70.00 41.20
N VAL E 234 4.96 69.38 42.07
CA VAL E 234 6.34 69.06 41.77
C VAL E 234 6.41 67.67 41.14
N LEU E 235 7.32 67.50 40.18
CA LEU E 235 7.67 66.20 39.63
C LEU E 235 9.16 65.91 39.68
N GLY E 236 10.00 66.92 39.46
CA GLY E 236 11.43 66.68 39.41
C GLY E 236 12.28 67.82 39.94
N GLY E 237 13.44 68.01 39.31
CA GLY E 237 14.41 68.99 39.75
C GLY E 237 15.55 69.12 38.75
N ALA E 238 16.30 70.21 38.80
CA ALA E 238 17.45 70.40 37.92
C ALA E 238 18.49 71.20 38.69
N ASN E 239 19.43 70.49 39.33
CA ASN E 239 20.47 71.13 40.14
C ASN E 239 21.69 71.40 39.26
N GLU E 240 21.62 72.51 38.54
CA GLU E 240 22.78 72.98 37.80
C GLU E 240 23.83 73.51 38.76
N GLY E 241 25.00 73.85 38.23
CA GLY E 241 26.04 74.41 39.06
C GLY E 241 25.60 75.67 39.77
N SER E 242 24.63 76.38 39.22
CA SER E 242 24.15 77.62 39.84
C SER E 242 23.17 77.34 40.97
N ARG E 243 22.04 76.72 40.65
CA ARG E 243 21.00 76.45 41.64
C ARG E 243 20.12 75.31 41.12
N THR E 244 18.96 75.14 41.75
CA THR E 244 18.05 74.03 41.46
C THR E 244 16.81 74.56 40.76
N ALA E 245 16.62 74.15 39.50
CA ALA E 245 15.35 74.30 38.82
C ALA E 245 14.58 72.99 38.93
N LEU E 246 13.38 72.94 38.35
CA LEU E 246 12.59 71.72 38.51
C LEU E 246 11.49 71.65 37.48
N SER E 247 11.16 70.42 37.10
CA SER E 247 10.02 70.15 36.21
C SER E 247 8.75 70.04 37.06
N VAL E 248 7.75 70.83 36.72
CA VAL E 248 6.51 70.90 37.48
C VAL E 248 5.34 71.05 36.53
N VAL E 249 4.18 70.58 36.97
CA VAL E 249 2.94 70.81 36.26
C VAL E 249 2.34 72.12 36.75
N THR E 250 1.59 72.77 35.88
CA THR E 250 0.93 74.03 36.21
C THR E 250 -0.47 73.98 35.62
N TRP E 251 -1.13 75.13 35.58
CA TRP E 251 -2.47 75.23 35.01
C TRP E 251 -2.56 76.52 34.22
N ASN E 252 -2.78 76.40 32.91
CA ASN E 252 -3.06 77.55 32.07
C ASN E 252 -4.52 77.94 32.29
N LYS E 253 -5.04 78.82 31.42
CA LYS E 253 -6.44 79.24 31.58
C LYS E 253 -7.36 78.03 31.67
N ASP E 254 -7.18 77.07 30.77
CA ASP E 254 -7.88 75.79 30.88
C ASP E 254 -6.95 74.59 30.72
N MET E 255 -5.94 74.70 29.85
CA MET E 255 -5.07 73.57 29.55
C MET E 255 -4.10 73.33 30.69
N VAL E 256 -4.08 72.11 31.21
CA VAL E 256 -3.18 71.74 32.30
C VAL E 256 -1.88 71.27 31.64
N THR E 257 -0.94 72.20 31.50
CA THR E 257 0.29 71.96 30.76
C THR E 257 1.37 71.43 31.68
N ARG E 258 2.61 71.36 31.18
CA ARG E 258 3.74 70.83 31.91
C ARG E 258 5.01 71.52 31.44
N VAL E 259 5.85 71.93 32.39
CA VAL E 259 7.14 72.54 32.10
C VAL E 259 8.23 71.64 32.67
N THR E 260 9.21 71.29 31.84
CA THR E 260 10.30 70.39 32.23
C THR E 260 11.63 71.02 31.86
N PRO E 261 12.31 71.67 32.80
CA PRO E 261 13.63 72.23 32.49
C PRO E 261 14.60 71.14 32.05
N GLU E 262 15.52 71.54 31.16
CA GLU E 262 16.47 70.59 30.60
C GLU E 262 17.22 69.86 31.70
N GLY E 263 17.65 68.64 31.40
CA GLY E 263 18.48 67.88 32.32
C GLY E 263 17.83 67.61 33.66
N SER E 264 16.51 67.66 33.74
CA SER E 264 15.79 67.44 34.99
C SER E 264 15.41 65.97 35.09
N GLU E 265 15.79 65.32 36.18
CA GLU E 265 15.43 63.93 36.42
C GLU E 265 14.13 63.90 37.22
N GLU E 266 13.78 62.72 37.75
CA GLU E 266 12.56 62.57 38.53
C GLU E 266 12.92 62.58 40.01
N TRP E 267 12.37 63.55 40.73
CA TRP E 267 12.71 63.81 42.12
C TRP E 267 11.49 63.65 43.02
N TYR F 1 12.04 37.71 -40.78
CA TYR F 1 11.76 38.38 -39.47
C TYR F 1 11.63 37.35 -38.37
N GLU F 2 12.48 37.46 -37.35
CA GLU F 2 12.49 36.50 -36.26
C GLU F 2 11.39 36.82 -35.26
N HIS F 3 10.66 35.78 -34.84
CA HIS F 3 9.67 35.90 -33.78
C HIS F 3 9.68 34.62 -32.96
N SER F 4 9.78 34.76 -31.64
CA SER F 4 9.78 33.63 -30.73
C SER F 4 8.54 33.69 -29.84
N THR F 5 7.85 32.56 -29.73
CA THR F 5 6.64 32.46 -28.91
C THR F 5 6.52 31.03 -28.38
N VAL F 6 5.59 30.84 -27.46
CA VAL F 6 5.36 29.55 -26.82
C VAL F 6 3.89 29.18 -26.97
N MET F 7 3.63 27.92 -27.30
CA MET F 7 2.28 27.40 -27.44
C MET F 7 2.04 26.34 -26.38
N PRO F 8 0.83 26.23 -25.83
CA PRO F 8 0.54 25.12 -24.91
C PRO F 8 0.54 23.79 -25.66
N ASN F 9 1.29 22.83 -25.13
CA ASN F 9 1.39 21.50 -25.74
C ASN F 9 0.13 20.71 -25.43
N VAL F 10 -0.98 21.18 -26.00
CA VAL F 10 -2.28 20.54 -25.84
C VAL F 10 -2.85 20.28 -27.23
N VAL F 11 -3.25 19.04 -27.48
CA VAL F 11 -3.79 18.68 -28.78
C VAL F 11 -5.11 19.40 -29.01
N GLY F 12 -5.29 19.94 -30.22
CA GLY F 12 -6.53 20.57 -30.57
C GLY F 12 -6.78 21.91 -29.92
N PHE F 13 -5.73 22.62 -29.52
CA PHE F 13 -5.89 23.94 -28.93
C PHE F 13 -5.65 24.99 -30.00
N PRO F 14 -6.66 25.74 -30.44
CA PRO F 14 -6.43 26.72 -31.52
C PRO F 14 -5.63 27.92 -31.06
N TYR F 15 -4.32 27.74 -30.89
CA TYR F 15 -3.46 28.86 -30.53
C TYR F 15 -3.36 29.82 -31.71
N LYS F 16 -3.15 31.10 -31.38
CA LYS F 16 -3.12 32.16 -32.39
C LYS F 16 -2.00 33.14 -32.04
N ALA F 17 -0.86 33.00 -32.71
CA ALA F 17 0.22 33.96 -32.56
C ALA F 17 -0.12 35.24 -33.31
N HIS F 18 0.19 36.38 -32.69
CA HIS F 18 -0.14 37.70 -33.21
C HIS F 18 1.16 38.49 -33.36
N ILE F 19 1.79 38.37 -34.53
CA ILE F 19 3.05 39.05 -34.81
C ILE F 19 2.75 40.47 -35.26
N GLU F 20 3.55 41.43 -34.77
CA GLU F 20 3.38 42.85 -35.08
C GLU F 20 4.73 43.40 -35.52
N ARG F 21 5.01 43.29 -36.82
CA ARG F 21 6.26 43.84 -37.36
C ARG F 21 6.08 45.33 -37.64
N PRO F 22 7.03 46.17 -37.22
CA PRO F 22 6.89 47.60 -37.51
C PRO F 22 6.83 47.85 -39.01
N GLY F 23 6.00 48.82 -39.39
CA GLY F 23 5.84 49.19 -40.79
C GLY F 23 4.93 48.27 -41.58
N TYR F 24 4.29 47.30 -40.93
CA TYR F 24 3.40 46.37 -41.61
C TYR F 24 2.19 46.11 -40.71
N SER F 25 1.07 45.77 -41.34
CA SER F 25 -0.15 45.54 -40.58
C SER F 25 0.03 44.35 -39.65
N PRO F 26 -0.53 44.39 -38.45
CA PRO F 26 -0.44 43.22 -37.56
C PRO F 26 -0.98 41.97 -38.23
N LEU F 27 -0.28 40.86 -38.05
CA LEU F 27 -0.62 39.60 -38.68
C LEU F 27 -0.85 38.54 -37.61
N THR F 28 -1.99 37.87 -37.69
CA THR F 28 -2.31 36.75 -36.82
C THR F 28 -2.05 35.44 -37.55
N LEU F 29 -1.32 34.54 -36.91
CA LEU F 29 -0.98 33.24 -37.47
C LEU F 29 -1.51 32.18 -36.52
N GLN F 30 -2.59 31.50 -36.94
CA GLN F 30 -3.21 30.48 -36.12
C GLN F 30 -2.59 29.13 -36.43
N MET F 31 -2.29 28.37 -35.37
CA MET F 31 -1.64 27.08 -35.52
C MET F 31 -1.95 26.24 -34.30
N GLN F 32 -1.94 24.92 -34.48
CA GLN F 32 -2.28 24.00 -33.41
C GLN F 32 -1.61 22.66 -33.67
N VAL F 33 -1.44 21.89 -32.60
CA VAL F 33 -0.86 20.56 -32.70
C VAL F 33 -1.98 19.54 -32.89
N VAL F 34 -1.70 18.48 -33.64
CA VAL F 34 -2.68 17.44 -33.88
C VAL F 34 -2.25 16.08 -33.32
N GLU F 35 -0.96 15.82 -33.16
CA GLU F 35 -0.49 14.61 -32.48
C GLU F 35 0.99 14.77 -32.17
N THR F 36 1.40 14.30 -31.00
CA THR F 36 2.77 14.47 -30.50
C THR F 36 3.30 13.12 -30.06
N SER F 37 3.91 12.39 -30.99
CA SER F 37 4.56 11.13 -30.66
C SER F 37 5.80 11.39 -29.81
N LEU F 38 5.96 10.60 -28.74
CA LEU F 38 7.08 10.73 -27.82
C LEU F 38 7.78 9.37 -27.76
N GLU F 39 8.73 9.16 -28.67
CA GLU F 39 9.42 7.88 -28.77
C GLU F 39 10.59 7.86 -27.79
N PRO F 40 10.63 6.93 -26.83
CA PRO F 40 11.82 6.78 -26.00
C PRO F 40 12.80 5.76 -26.59
N THR F 41 14.08 6.10 -26.53
CA THR F 41 15.11 5.19 -26.99
C THR F 41 15.11 3.93 -26.14
N LEU F 42 15.44 2.80 -26.77
CA LEU F 42 15.31 1.50 -26.13
C LEU F 42 16.58 0.69 -26.32
N ASN F 43 16.84 -0.19 -25.35
CA ASN F 43 17.88 -1.21 -25.45
C ASN F 43 17.28 -2.53 -25.01
N LEU F 44 17.32 -3.52 -25.89
CA LEU F 44 16.68 -4.81 -25.63
C LEU F 44 17.48 -5.55 -24.57
N GLU F 45 17.05 -5.46 -23.31
CA GLU F 45 17.75 -6.14 -22.23
C GLU F 45 17.73 -7.64 -22.45
N TYR F 46 16.55 -8.22 -22.69
CA TYR F 46 16.42 -9.63 -22.99
C TYR F 46 14.97 -9.92 -23.34
N ILE F 47 14.74 -11.12 -23.87
CA ILE F 47 13.43 -11.55 -24.34
C ILE F 47 13.02 -12.80 -23.57
N THR F 48 11.83 -12.77 -23.00
CA THR F 48 11.28 -13.88 -22.23
C THR F 48 10.09 -14.49 -22.96
N CYS F 49 10.05 -15.83 -23.01
CA CYS F 49 8.89 -16.53 -23.53
C CYS F 49 8.73 -17.85 -22.79
N GLU F 50 7.51 -18.37 -22.81
CA GLU F 50 7.21 -19.60 -22.10
C GLU F 50 8.18 -20.70 -22.51
N TYR F 51 8.71 -21.41 -21.52
CA TYR F 51 9.70 -22.43 -21.78
C TYR F 51 9.04 -23.71 -22.29
N LYS F 52 9.87 -24.69 -22.64
CA LYS F 52 9.39 -25.99 -23.08
C LYS F 52 10.38 -27.03 -22.58
N THR F 53 9.91 -27.93 -21.71
CA THR F 53 10.77 -28.90 -21.07
C THR F 53 10.96 -30.10 -21.99
N VAL F 54 12.16 -30.28 -22.50
CA VAL F 54 12.50 -31.45 -23.30
C VAL F 54 12.95 -32.56 -22.38
N VAL F 55 12.39 -33.75 -22.55
CA VAL F 55 12.74 -34.90 -21.74
C VAL F 55 13.05 -36.08 -22.65
N PRO F 56 14.30 -36.27 -23.07
CA PRO F 56 14.62 -37.40 -23.94
C PRO F 56 14.26 -38.72 -23.28
N SER F 57 13.93 -39.70 -24.12
CA SER F 57 13.48 -40.99 -23.60
C SER F 57 14.55 -41.57 -22.68
N PRO F 58 14.18 -42.10 -21.52
CA PRO F 58 15.19 -42.64 -20.60
C PRO F 58 16.00 -43.75 -21.23
N TYR F 59 17.28 -43.81 -20.89
CA TYR F 59 18.18 -44.85 -21.36
C TYR F 59 18.38 -45.84 -20.22
N VAL F 60 17.82 -47.04 -20.37
CA VAL F 60 17.89 -48.08 -19.36
C VAL F 60 18.89 -49.13 -19.82
N LYS F 61 20.10 -49.09 -19.26
CA LYS F 61 21.14 -50.05 -19.53
C LYS F 61 21.16 -51.04 -18.37
N CYS F 62 20.27 -52.02 -18.42
CA CYS F 62 20.05 -52.91 -17.29
C CYS F 62 21.18 -53.93 -17.19
N CYS F 63 21.37 -54.46 -15.97
CA CYS F 63 22.53 -55.27 -15.62
C CYS F 63 23.79 -54.71 -16.26
N GLY F 64 23.93 -53.40 -16.21
CA GLY F 64 25.14 -52.69 -16.54
C GLY F 64 25.38 -51.60 -15.50
N ALA F 65 26.09 -50.55 -15.94
CA ALA F 65 26.27 -49.39 -15.07
C ALA F 65 26.38 -48.16 -15.98
N SER F 66 25.24 -47.51 -16.23
CA SER F 66 25.26 -46.23 -16.90
C SER F 66 25.68 -45.14 -15.91
N GLU F 67 26.43 -44.17 -16.41
CA GLU F 67 26.99 -43.10 -15.59
C GLU F 67 26.34 -41.78 -15.95
N CYS F 68 26.27 -40.88 -14.96
CA CYS F 68 25.67 -39.57 -15.15
C CYS F 68 26.53 -38.78 -16.13
N SER F 69 26.08 -38.69 -17.38
CA SER F 69 26.83 -38.00 -18.43
C SER F 69 26.36 -36.55 -18.45
N THR F 70 27.15 -35.67 -17.86
CA THR F 70 26.75 -34.27 -17.76
C THR F 70 26.81 -33.59 -19.12
N LYS F 71 26.10 -32.47 -19.22
CA LYS F 71 26.05 -31.69 -20.45
C LYS F 71 26.12 -30.21 -20.05
N GLU F 72 25.81 -29.32 -20.99
CA GLU F 72 25.82 -27.89 -20.74
C GLU F 72 24.55 -27.21 -21.26
N LYS F 73 23.48 -27.97 -21.47
CA LYS F 73 22.24 -27.39 -21.95
C LYS F 73 21.58 -26.57 -20.84
N PRO F 74 20.67 -25.66 -21.21
CA PRO F 74 20.02 -24.81 -20.20
C PRO F 74 19.40 -25.60 -19.06
N ASP F 75 19.87 -25.34 -17.84
CA ASP F 75 19.32 -25.98 -16.65
C ASP F 75 19.28 -27.50 -16.82
N TYR F 76 20.32 -28.04 -17.43
CA TYR F 76 20.37 -29.47 -17.71
C TYR F 76 20.48 -30.25 -16.40
N GLN F 77 19.67 -31.29 -16.28
CA GLN F 77 19.66 -32.16 -15.11
C GLN F 77 19.81 -33.60 -15.57
N CYS F 78 20.86 -34.26 -15.11
CA CYS F 78 21.11 -35.67 -15.43
C CYS F 78 21.19 -36.45 -14.13
N LYS F 79 20.29 -37.42 -13.97
CA LYS F 79 20.25 -38.25 -12.77
C LYS F 79 20.26 -39.71 -13.20
N VAL F 80 21.12 -40.50 -12.56
CA VAL F 80 21.25 -41.92 -12.86
C VAL F 80 20.80 -42.71 -11.65
N TYR F 81 19.97 -43.72 -11.89
CA TYR F 81 19.37 -44.50 -10.82
C TYR F 81 19.88 -45.93 -10.88
N THR F 82 19.50 -46.72 -9.88
CA THR F 82 19.97 -48.10 -9.77
C THR F 82 18.90 -48.94 -9.08
N GLY F 83 19.01 -50.25 -9.26
CA GLY F 83 18.03 -51.15 -8.67
C GLY F 83 16.63 -50.93 -9.19
N VAL F 84 16.48 -50.70 -10.49
CA VAL F 84 15.19 -50.44 -11.11
C VAL F 84 14.86 -51.62 -12.04
N TYR F 85 13.57 -51.89 -12.18
CA TYR F 85 13.08 -53.02 -12.96
C TYR F 85 12.03 -52.54 -13.94
N PRO F 86 12.45 -51.88 -15.02
CA PRO F 86 11.48 -51.47 -16.05
C PRO F 86 10.58 -52.62 -16.44
N PHE F 87 9.35 -52.29 -16.80
CA PHE F 87 8.30 -53.27 -17.06
C PHE F 87 7.58 -52.96 -18.36
N MET F 88 8.36 -52.76 -19.42
CA MET F 88 7.81 -52.55 -20.76
C MET F 88 6.68 -53.54 -21.02
N TRP F 89 5.70 -53.14 -21.82
CA TRP F 89 4.58 -54.02 -22.12
C TRP F 89 5.10 -55.38 -22.57
N GLY F 90 4.34 -56.43 -22.24
CA GLY F 90 4.69 -57.78 -22.65
C GLY F 90 5.72 -58.47 -21.79
N GLY F 91 6.02 -57.95 -20.61
CA GLY F 91 6.95 -58.59 -19.70
C GLY F 91 8.09 -57.67 -19.31
N ALA F 92 9.00 -58.23 -18.53
CA ALA F 92 10.16 -57.47 -18.06
C ALA F 92 10.98 -56.97 -19.24
N TYR F 93 11.56 -55.79 -19.07
CA TYR F 93 12.33 -55.16 -20.14
C TYR F 93 13.60 -55.93 -20.48
N CYS F 94 14.10 -56.77 -19.57
CA CYS F 94 15.29 -57.56 -19.86
C CYS F 94 15.42 -58.67 -18.84
N PHE F 95 16.34 -59.60 -19.12
CA PHE F 95 16.50 -60.79 -18.30
C PHE F 95 16.83 -60.44 -16.86
N CYS F 96 17.76 -59.52 -16.66
CA CYS F 96 18.37 -59.32 -15.36
C CYS F 96 17.40 -58.68 -14.37
N ASP F 97 17.32 -59.25 -13.17
CA ASP F 97 16.32 -58.83 -12.19
C ASP F 97 16.65 -57.48 -11.58
N SER F 98 17.91 -57.25 -11.24
CA SER F 98 18.31 -56.05 -10.51
C SER F 98 19.63 -55.56 -11.10
N GLU F 99 20.28 -54.64 -10.38
CA GLU F 99 21.52 -54.02 -10.84
C GLU F 99 21.32 -53.38 -12.21
N ASN F 100 20.21 -52.67 -12.35
CA ASN F 100 19.83 -52.02 -13.60
C ASN F 100 19.70 -50.52 -13.36
N THR F 101 20.13 -49.74 -14.35
CA THR F 101 20.22 -48.29 -14.20
C THR F 101 19.39 -47.59 -15.27
N GLN F 102 18.75 -46.49 -14.88
CA GLN F 102 18.04 -45.61 -15.80
C GLN F 102 18.78 -44.28 -15.84
N LEU F 103 19.17 -43.85 -17.04
CA LEU F 103 19.89 -42.59 -17.21
C LEU F 103 18.88 -41.52 -17.60
N SER F 104 18.13 -41.06 -16.60
CA SER F 104 17.15 -40.00 -16.83
C SER F 104 17.85 -38.67 -17.05
N GLU F 105 17.31 -37.86 -17.95
CA GLU F 105 17.88 -36.55 -18.24
C GLU F 105 16.79 -35.64 -18.78
N ALA F 106 16.85 -34.37 -18.38
CA ALA F 106 15.89 -33.38 -18.84
C ALA F 106 16.57 -32.01 -18.83
N TYR F 107 16.03 -31.10 -19.65
CA TYR F 107 16.57 -29.75 -19.74
C TYR F 107 15.51 -28.84 -20.35
N VAL F 108 15.70 -27.55 -20.15
CA VAL F 108 14.74 -26.54 -20.58
C VAL F 108 15.19 -25.95 -21.90
N ASP F 109 14.23 -25.45 -22.67
CA ASP F 109 14.50 -24.80 -23.94
C ASP F 109 13.36 -23.85 -24.26
N ARG F 110 13.65 -22.85 -25.09
CA ARG F 110 12.63 -21.89 -25.50
C ARG F 110 11.49 -22.61 -26.20
N SER F 111 10.27 -22.13 -25.98
CA SER F 111 9.11 -22.74 -26.62
C SER F 111 9.34 -22.89 -28.12
N ASP F 112 8.70 -23.90 -28.69
CA ASP F 112 8.83 -24.13 -30.13
C ASP F 112 8.43 -22.89 -30.92
N VAL F 113 7.50 -22.10 -30.38
CA VAL F 113 7.02 -20.89 -31.04
C VAL F 113 7.00 -19.79 -29.99
N CYS F 114 8.03 -18.94 -29.98
CA CYS F 114 7.92 -17.68 -29.26
C CYS F 114 8.57 -16.54 -30.03
N ARG F 115 8.83 -16.73 -31.32
CA ARG F 115 8.97 -15.59 -32.22
C ARG F 115 7.66 -14.85 -32.38
N HIS F 116 6.55 -15.48 -32.00
CA HIS F 116 5.22 -14.89 -32.10
C HIS F 116 4.61 -14.56 -30.73
N ASP F 117 5.21 -15.02 -29.64
CA ASP F 117 4.57 -14.91 -28.32
C ASP F 117 5.54 -14.45 -27.23
N HIS F 118 6.67 -13.84 -27.58
CA HIS F 118 7.60 -13.40 -26.57
C HIS F 118 7.11 -12.10 -25.92
N ALA F 119 7.88 -11.64 -24.94
CA ALA F 119 7.55 -10.42 -24.19
C ALA F 119 8.86 -9.66 -23.96
N SER F 120 9.08 -8.60 -24.74
CA SER F 120 10.32 -7.85 -24.64
C SER F 120 10.43 -7.16 -23.29
N ALA F 121 11.67 -6.86 -22.91
CA ALA F 121 11.99 -6.26 -21.61
C ALA F 121 12.94 -5.09 -21.80
N TYR F 122 12.60 -4.17 -22.70
CA TYR F 122 13.47 -3.06 -23.03
C TYR F 122 13.81 -2.24 -21.78
N LYS F 123 14.81 -1.36 -21.95
CA LYS F 123 15.27 -0.46 -20.90
C LYS F 123 15.40 0.93 -21.51
N ALA F 124 14.41 1.78 -21.29
CA ALA F 124 14.32 3.08 -21.95
C ALA F 124 14.83 4.17 -21.03
N HIS F 125 15.68 5.05 -21.57
CA HIS F 125 16.28 6.12 -20.79
C HIS F 125 15.96 7.51 -21.32
N THR F 126 16.10 7.73 -22.62
CA THR F 126 16.01 9.07 -23.20
C THR F 126 14.78 9.17 -24.10
N ALA F 127 14.03 10.26 -23.94
CA ALA F 127 12.86 10.54 -24.77
C ALA F 127 13.28 11.25 -26.05
N SER F 128 12.33 11.32 -26.98
CA SER F 128 12.56 12.02 -28.25
C SER F 128 11.21 12.44 -28.81
N LEU F 129 10.91 13.73 -28.78
CA LEU F 129 9.61 14.21 -29.21
C LEU F 129 9.48 14.15 -30.73
N LYS F 130 8.23 14.19 -31.18
CA LYS F 130 7.90 14.28 -32.60
C LYS F 130 6.45 14.66 -32.70
N ALA F 131 6.15 15.75 -33.42
CA ALA F 131 4.80 16.32 -33.42
C ALA F 131 4.38 16.67 -34.84
N LYS F 132 3.09 16.50 -35.10
CA LYS F 132 2.46 16.96 -36.33
C LYS F 132 1.72 18.25 -36.02
N VAL F 133 2.04 19.32 -36.75
CA VAL F 133 1.56 20.66 -36.45
C VAL F 133 0.87 21.22 -37.69
N ARG F 134 -0.28 21.85 -37.49
CA ARG F 134 -1.01 22.52 -38.55
C ARG F 134 -0.85 24.02 -38.38
N VAL F 135 -0.54 24.71 -39.49
CA VAL F 135 -0.32 26.15 -39.48
C VAL F 135 -1.18 26.78 -40.56
N MET F 136 -1.86 27.88 -40.22
CA MET F 136 -2.72 28.59 -41.15
C MET F 136 -2.47 30.08 -41.00
N TYR F 137 -1.66 30.65 -41.89
CA TYR F 137 -1.45 32.09 -41.96
C TYR F 137 -1.61 32.52 -43.41
N GLY F 138 -2.30 33.62 -43.64
CA GLY F 138 -2.68 33.98 -44.99
C GLY F 138 -3.60 32.92 -45.55
N ASN F 139 -3.09 32.12 -46.49
CA ASN F 139 -3.82 30.94 -46.96
C ASN F 139 -2.79 29.87 -47.32
N VAL F 140 -2.50 28.99 -46.37
CA VAL F 140 -1.62 27.86 -46.60
C VAL F 140 -2.28 26.57 -46.14
N ASN F 141 -3.07 26.65 -45.06
CA ASN F 141 -3.80 25.50 -44.53
C ASN F 141 -2.95 24.24 -44.58
N GLN F 142 -1.73 24.30 -44.03
CA GLN F 142 -0.77 23.22 -44.18
C GLN F 142 -0.52 22.51 -42.86
N THR F 143 -0.08 21.26 -42.97
CA THR F 143 0.29 20.44 -41.83
C THR F 143 1.66 19.84 -42.10
N VAL F 144 2.46 19.70 -41.05
CA VAL F 144 3.85 19.26 -41.20
C VAL F 144 4.25 18.46 -39.96
N ASP F 145 5.05 17.41 -40.18
CA ASP F 145 5.65 16.65 -39.09
C ASP F 145 7.00 17.25 -38.76
N VAL F 146 7.25 17.45 -37.46
CA VAL F 146 8.48 18.07 -36.98
C VAL F 146 8.99 17.31 -35.77
N TYR F 147 10.29 17.47 -35.52
CA TYR F 147 10.92 16.97 -34.30
C TYR F 147 11.14 18.14 -33.36
N VAL F 148 10.52 18.07 -32.18
CA VAL F 148 10.55 19.21 -31.26
C VAL F 148 11.83 19.14 -30.45
N ASN F 149 12.92 19.66 -31.02
CA ASN F 149 14.19 19.76 -30.31
C ASN F 149 14.89 21.10 -30.51
N GLY F 150 14.43 21.94 -31.44
CA GLY F 150 15.11 23.18 -31.75
C GLY F 150 16.12 23.11 -32.86
N ASP F 151 16.22 21.98 -33.54
CA ASP F 151 17.17 21.79 -34.63
C ASP F 151 16.50 21.60 -35.98
N HIS F 152 15.55 20.67 -36.07
CA HIS F 152 14.82 20.47 -37.32
C HIS F 152 14.13 21.77 -37.71
N ALA F 153 14.27 22.15 -38.98
CA ALA F 153 13.77 23.43 -39.49
C ALA F 153 12.80 23.15 -40.64
N VAL F 154 11.51 23.16 -40.34
CA VAL F 154 10.51 22.98 -41.38
C VAL F 154 10.22 24.32 -42.05
N THR F 155 9.78 24.24 -43.30
CA THR F 155 9.42 25.42 -44.09
C THR F 155 8.03 25.21 -44.64
N ILE F 156 7.14 26.17 -44.40
CA ILE F 156 5.73 26.08 -44.81
C ILE F 156 5.48 27.26 -45.76
N GLY F 157 5.65 27.01 -47.05
CA GLY F 157 5.37 28.02 -48.06
C GLY F 157 5.96 29.36 -47.71
N GLY F 158 7.28 29.49 -47.81
CA GLY F 158 7.95 30.70 -47.38
C GLY F 158 8.44 30.58 -45.95
N THR F 159 7.66 31.12 -45.01
CA THR F 159 8.02 31.13 -43.60
C THR F 159 8.67 29.81 -43.19
N GLN F 160 9.73 29.91 -42.38
CA GLN F 160 10.48 28.76 -41.90
C GLN F 160 10.34 28.68 -40.39
N PHE F 161 9.95 27.51 -39.89
CA PHE F 161 9.68 27.30 -38.48
C PHE F 161 10.71 26.35 -37.88
N ILE F 162 11.07 26.62 -36.63
CA ILE F 162 11.92 25.73 -35.84
C ILE F 162 11.31 25.64 -34.44
N PHE F 163 10.86 24.45 -34.06
CA PHE F 163 10.25 24.24 -32.75
C PHE F 163 11.34 23.93 -31.74
N GLY F 164 11.37 24.70 -30.64
CA GLY F 164 12.41 24.57 -29.66
C GLY F 164 12.20 23.38 -28.74
N PRO F 165 13.16 23.16 -27.87
CA PRO F 165 13.03 22.05 -26.91
C PRO F 165 11.79 22.22 -26.03
N LEU F 166 11.18 21.10 -25.69
CA LEU F 166 9.97 21.13 -24.88
C LEU F 166 10.25 21.80 -23.54
N SER F 167 9.26 22.55 -23.04
CA SER F 167 9.43 23.26 -21.78
C SER F 167 9.85 22.31 -20.67
N SER F 168 9.30 21.10 -20.65
CA SER F 168 9.62 20.08 -19.67
C SER F 168 10.22 18.87 -20.37
N ALA F 169 10.67 17.90 -19.57
CA ALA F 169 11.23 16.66 -20.08
C ALA F 169 10.57 15.44 -19.43
N TRP F 170 9.43 15.64 -18.77
CA TRP F 170 8.74 14.53 -18.12
C TRP F 170 8.40 13.45 -19.14
N THR F 171 8.62 12.20 -18.75
CA THR F 171 8.36 11.05 -19.61
C THR F 171 7.57 10.01 -18.82
N PRO F 172 6.46 9.50 -19.35
CA PRO F 172 5.68 8.52 -18.59
C PRO F 172 6.37 7.19 -18.41
N PHE F 173 7.35 6.86 -19.24
CA PHE F 173 8.02 5.57 -19.17
C PHE F 173 9.10 5.61 -18.09
N ASP F 174 9.00 4.69 -17.13
CA ASP F 174 10.03 4.57 -16.11
C ASP F 174 11.34 4.12 -16.75
N ASN F 175 12.38 3.99 -15.92
CA ASN F 175 13.68 3.59 -16.44
C ASN F 175 13.60 2.23 -17.13
N LYS F 176 12.86 1.30 -16.54
CA LYS F 176 12.71 -0.05 -17.07
C LYS F 176 11.26 -0.27 -17.49
N ILE F 177 11.06 -0.81 -18.68
CA ILE F 177 9.73 -1.10 -19.21
C ILE F 177 9.72 -2.51 -19.80
N VAL F 178 8.51 -3.06 -19.93
CA VAL F 178 8.29 -4.36 -20.53
C VAL F 178 7.17 -4.23 -21.56
N VAL F 179 7.42 -4.74 -22.77
CA VAL F 179 6.47 -4.63 -23.88
C VAL F 179 6.09 -6.04 -24.28
N TYR F 180 4.81 -6.40 -24.09
CA TYR F 180 4.41 -7.76 -24.39
C TYR F 180 3.81 -7.92 -25.79
N LYS F 181 2.61 -7.38 -26.00
CA LYS F 181 1.99 -7.41 -27.32
C LYS F 181 1.56 -6.01 -27.75
N ASP F 182 0.81 -5.35 -26.87
CA ASP F 182 0.28 -4.02 -27.16
C ASP F 182 0.34 -3.11 -25.94
N GLU F 183 0.92 -3.56 -24.83
CA GLU F 183 1.00 -2.80 -23.60
C GLU F 183 2.46 -2.63 -23.20
N VAL F 184 2.73 -1.56 -22.46
CA VAL F 184 4.09 -1.21 -22.03
C VAL F 184 4.05 -1.11 -20.51
N PHE F 185 4.33 -2.22 -19.83
CA PHE F 185 4.24 -2.26 -18.38
C PHE F 185 5.48 -1.63 -17.76
N ASN F 186 5.27 -0.88 -16.68
CA ASN F 186 6.38 -0.28 -15.94
C ASN F 186 6.92 -1.24 -14.89
N GLN F 187 7.24 -2.46 -15.33
CA GLN F 187 7.77 -3.46 -14.43
C GLN F 187 9.21 -3.10 -14.03
N ASP F 188 9.73 -3.86 -13.08
CA ASP F 188 11.15 -3.82 -12.71
C ASP F 188 11.66 -5.24 -12.88
N PHE F 189 12.02 -5.59 -14.11
CA PHE F 189 12.36 -6.96 -14.41
C PHE F 189 13.68 -7.34 -13.73
N PRO F 190 13.87 -8.62 -13.39
CA PRO F 190 15.11 -9.01 -12.73
C PRO F 190 16.28 -8.85 -13.67
N PRO F 191 17.49 -8.65 -13.15
CA PRO F 191 18.66 -8.55 -14.02
C PRO F 191 18.83 -9.82 -14.84
N TYR F 192 19.32 -9.66 -16.06
CA TYR F 192 19.53 -10.81 -16.93
C TYR F 192 20.40 -11.84 -16.23
N GLY F 193 20.04 -13.11 -16.40
CA GLY F 193 20.79 -14.19 -15.79
C GLY F 193 20.50 -14.41 -14.32
N SER F 194 19.45 -13.78 -13.79
CA SER F 194 19.12 -13.94 -12.37
C SER F 194 17.63 -14.11 -12.14
N GLY F 195 16.87 -14.56 -13.13
CA GLY F 195 15.45 -14.81 -12.93
C GLY F 195 15.21 -15.92 -11.93
N GLN F 196 14.07 -15.86 -11.26
CA GLN F 196 13.71 -16.85 -10.27
C GLN F 196 12.55 -17.71 -10.75
N PRO F 197 12.53 -19.00 -10.43
CA PRO F 197 11.49 -19.88 -10.99
C PRO F 197 10.09 -19.45 -10.55
N GLY F 198 9.25 -19.15 -11.53
CA GLY F 198 7.85 -18.85 -11.26
C GLY F 198 7.48 -17.42 -11.58
N ARG F 199 8.34 -16.47 -11.24
CA ARG F 199 8.07 -15.06 -11.49
C ARG F 199 8.43 -14.72 -12.94
N PHE F 200 8.45 -13.43 -13.26
CA PHE F 200 8.78 -13.02 -14.61
C PHE F 200 10.22 -13.40 -14.95
N GLY F 201 10.44 -13.78 -16.21
CA GLY F 201 11.79 -14.04 -16.68
C GLY F 201 12.48 -15.20 -15.99
N ASP F 202 11.73 -16.26 -15.66
CA ASP F 202 12.39 -17.49 -15.24
C ASP F 202 13.24 -18.05 -16.37
N ILE F 203 12.85 -17.77 -17.61
CA ILE F 203 13.59 -18.16 -18.80
C ILE F 203 13.89 -16.88 -19.57
N GLN F 204 15.18 -16.59 -19.77
CA GLN F 204 15.60 -15.33 -20.36
C GLN F 204 16.54 -15.60 -21.53
N SER F 205 16.22 -15.04 -22.68
CA SER F 205 17.07 -15.12 -23.85
C SER F 205 17.58 -13.73 -24.21
N ARG F 206 18.85 -13.65 -24.61
CA ARG F 206 19.45 -12.35 -24.91
C ARG F 206 18.73 -11.68 -26.06
N THR F 207 18.35 -12.45 -27.08
CA THR F 207 17.59 -11.91 -28.21
C THR F 207 16.76 -13.04 -28.79
N VAL F 208 15.66 -12.65 -29.44
CA VAL F 208 14.68 -13.63 -29.90
C VAL F 208 15.35 -14.76 -30.68
N GLU F 209 16.36 -14.42 -31.49
CA GLU F 209 17.02 -15.42 -32.31
C GLU F 209 18.25 -16.02 -31.65
N SER F 210 18.95 -15.25 -30.83
CA SER F 210 20.15 -15.76 -30.17
C SER F 210 19.82 -16.96 -29.31
N ASN F 211 20.85 -17.69 -28.90
CA ASN F 211 20.70 -18.92 -28.11
C ASN F 211 21.69 -18.89 -26.94
N ASP F 212 21.25 -18.29 -25.83
CA ASP F 212 21.91 -18.43 -24.53
C ASP F 212 21.02 -19.13 -23.53
N LEU F 213 19.80 -18.63 -23.34
CA LEU F 213 18.73 -19.37 -22.69
C LEU F 213 19.08 -19.71 -21.24
N TYR F 214 19.35 -18.67 -20.46
CA TYR F 214 19.49 -18.85 -19.01
C TYR F 214 18.13 -19.27 -18.46
N ALA F 215 18.03 -20.51 -17.98
CA ALA F 215 16.75 -21.14 -17.72
C ALA F 215 16.67 -21.66 -16.30
N ASN F 216 16.92 -20.79 -15.32
CA ASN F 216 16.73 -21.19 -13.93
C ASN F 216 15.24 -21.49 -13.71
N THR F 217 14.90 -22.76 -13.50
CA THR F 217 13.51 -23.16 -13.37
C THR F 217 13.30 -24.24 -12.33
N ALA F 218 14.32 -24.55 -11.53
CA ALA F 218 14.20 -25.53 -10.45
C ALA F 218 13.79 -26.90 -10.98
N LEU F 219 14.13 -27.22 -12.22
CA LEU F 219 13.83 -28.54 -12.77
C LEU F 219 14.51 -29.60 -11.92
N LYS F 220 13.72 -30.42 -11.24
CA LYS F 220 14.23 -31.48 -10.39
C LYS F 220 13.63 -32.81 -10.81
N LEU F 221 14.49 -33.82 -10.92
CA LEU F 221 14.05 -35.15 -11.32
C LEU F 221 13.71 -35.97 -10.09
N ALA F 222 13.21 -37.18 -10.31
CA ALA F 222 12.79 -38.05 -9.23
C ALA F 222 12.95 -39.50 -9.65
N ARG F 223 12.98 -40.38 -8.66
CA ARG F 223 13.21 -41.80 -8.93
C ARG F 223 11.96 -42.40 -9.57
N PRO F 224 12.07 -43.04 -10.74
CA PRO F 224 10.89 -43.67 -11.34
C PRO F 224 10.29 -44.71 -10.41
N SER F 225 8.97 -44.76 -10.38
CA SER F 225 8.29 -45.73 -9.55
C SER F 225 8.58 -47.15 -10.06
N PRO F 226 8.56 -48.15 -9.17
CA PRO F 226 8.86 -49.51 -9.62
C PRO F 226 7.87 -49.98 -10.67
N GLY F 227 8.38 -50.76 -11.62
CA GLY F 227 7.54 -51.34 -12.65
C GLY F 227 6.94 -50.34 -13.61
N MET F 228 7.72 -49.36 -14.05
CA MET F 228 7.26 -48.40 -15.05
C MET F 228 8.49 -47.69 -15.61
N VAL F 229 8.27 -46.90 -16.66
CA VAL F 229 9.37 -46.26 -17.37
C VAL F 229 9.15 -44.76 -17.51
N HIS F 230 8.41 -44.15 -16.58
CA HIS F 230 8.32 -42.70 -16.61
C HIS F 230 9.66 -42.06 -16.29
N VAL F 231 9.71 -40.75 -16.45
CA VAL F 231 10.87 -39.92 -16.12
C VAL F 231 10.35 -38.74 -15.31
N PRO F 232 9.87 -38.98 -14.08
CA PRO F 232 9.17 -37.92 -13.35
C PRO F 232 10.07 -36.72 -13.08
N TYR F 233 9.46 -35.54 -13.10
CA TYR F 233 10.14 -34.30 -12.79
C TYR F 233 9.14 -33.33 -12.20
N THR F 234 9.58 -32.53 -11.23
CA THR F 234 8.72 -31.56 -10.55
C THR F 234 9.30 -30.18 -10.83
N GLN F 235 8.86 -29.57 -11.92
CA GLN F 235 9.34 -28.26 -12.34
C GLN F 235 8.30 -27.20 -11.99
N THR F 236 8.77 -26.06 -11.49
CA THR F 236 7.87 -24.96 -11.21
C THR F 236 7.27 -24.45 -12.53
N PRO F 237 5.96 -24.29 -12.62
CA PRO F 237 5.35 -24.00 -13.93
C PRO F 237 5.91 -22.74 -14.56
N SER F 238 5.48 -22.51 -15.80
CA SER F 238 5.96 -21.38 -16.60
C SER F 238 5.95 -20.09 -15.80
N GLY F 239 7.12 -19.48 -15.66
CA GLY F 239 7.19 -18.17 -15.06
C GLY F 239 6.54 -17.11 -15.92
N PHE F 240 6.73 -17.20 -17.24
CA PHE F 240 6.11 -16.22 -18.13
C PHE F 240 4.59 -16.27 -18.04
N LYS F 241 4.01 -17.47 -18.03
CA LYS F 241 2.56 -17.57 -17.98
C LYS F 241 2.00 -16.95 -16.70
N TYR F 242 2.63 -17.25 -15.55
CA TYR F 242 2.17 -16.65 -14.32
C TYR F 242 2.31 -15.13 -14.34
N TRP F 243 3.24 -14.61 -15.14
CA TRP F 243 3.30 -13.17 -15.34
C TRP F 243 2.05 -12.67 -16.07
N LEU F 244 1.57 -13.44 -17.05
CA LEU F 244 0.38 -13.01 -17.79
C LEU F 244 -0.82 -12.89 -16.86
N LYS F 245 -0.97 -13.84 -15.93
CA LYS F 245 -2.12 -13.79 -15.02
C LYS F 245 -1.96 -12.68 -13.99
N GLU F 246 -0.74 -12.45 -13.50
CA GLU F 246 -0.47 -11.45 -12.48
C GLU F 246 0.22 -10.22 -13.05
N LYS F 247 -0.06 -9.88 -14.32
CA LYS F 247 0.62 -8.76 -14.94
C LYS F 247 0.32 -7.45 -14.22
N GLY F 248 -0.92 -7.26 -13.79
CA GLY F 248 -1.32 -6.01 -13.19
C GLY F 248 -1.70 -4.98 -14.23
N THR F 249 -2.15 -3.83 -13.74
CA THR F 249 -2.57 -2.76 -14.64
C THR F 249 -1.41 -2.33 -15.53
N ALA F 250 -1.64 -2.31 -16.84
CA ALA F 250 -0.63 -1.86 -17.77
C ALA F 250 -0.47 -0.35 -17.69
N LEU F 251 0.50 0.18 -18.43
CA LEU F 251 0.69 1.61 -18.50
C LEU F 251 -0.32 2.29 -19.42
N ASN F 252 -0.97 1.52 -20.29
CA ASN F 252 -1.98 2.10 -21.17
C ASN F 252 -3.19 2.61 -20.41
N THR F 253 -3.41 2.11 -19.20
CA THR F 253 -4.58 2.50 -18.41
C THR F 253 -4.25 3.41 -17.24
N LYS F 254 -2.98 3.77 -17.04
CA LYS F 254 -2.62 4.68 -15.96
C LYS F 254 -1.56 5.70 -16.35
N ALA F 255 -1.38 5.95 -17.64
CA ALA F 255 -0.41 6.95 -18.06
C ALA F 255 -0.94 8.35 -17.71
N PRO F 256 -0.17 9.17 -17.01
CA PRO F 256 -0.66 10.52 -16.68
C PRO F 256 -0.85 11.38 -17.92
N PHE F 257 -1.70 12.40 -17.77
CA PHE F 257 -1.94 13.38 -18.82
C PHE F 257 -2.56 12.77 -20.06
N GLY F 258 -3.33 11.70 -19.89
CA GLY F 258 -4.02 11.10 -21.03
C GLY F 258 -3.10 10.63 -22.12
N CYS F 259 -1.91 10.15 -21.76
CA CYS F 259 -0.92 9.74 -22.76
C CYS F 259 -1.34 8.42 -23.38
N GLN F 260 -1.92 8.49 -24.57
CA GLN F 260 -2.21 7.28 -25.32
C GLN F 260 -0.91 6.56 -25.65
N ILE F 261 -0.94 5.22 -25.54
CA ILE F 261 0.24 4.39 -25.69
C ILE F 261 0.09 3.54 -26.95
N LYS F 262 1.14 3.54 -27.78
CA LYS F 262 1.24 2.65 -28.91
C LYS F 262 2.49 1.79 -28.73
N THR F 263 2.50 0.64 -29.38
CA THR F 263 3.42 -0.44 -29.01
C THR F 263 4.56 -0.64 -30.00
N ASN F 264 4.26 -0.89 -31.29
CA ASN F 264 5.29 -1.40 -32.19
C ASN F 264 6.50 -0.47 -32.18
N PRO F 265 6.39 0.79 -32.65
CA PRO F 265 7.46 1.75 -32.30
C PRO F 265 7.12 2.44 -30.98
N VAL F 266 7.38 1.73 -29.88
CA VAL F 266 6.87 2.09 -28.56
C VAL F 266 6.97 3.59 -28.35
N ARG F 267 5.87 4.21 -27.95
CA ARG F 267 5.77 5.66 -27.89
C ARG F 267 4.52 6.04 -27.12
N ALA F 268 4.55 7.25 -26.57
CA ALA F 268 3.39 7.85 -25.92
C ALA F 268 2.92 9.02 -26.75
N MET F 269 1.63 9.03 -27.10
CA MET F 269 1.07 10.01 -28.03
C MET F 269 0.12 10.94 -27.31
N ASN F 270 0.09 12.20 -27.77
CA ASN F 270 -0.86 13.20 -27.28
C ASN F 270 -0.64 13.52 -25.81
N CYS F 271 0.59 13.41 -25.32
CA CYS F 271 0.90 13.76 -23.93
C CYS F 271 0.74 15.26 -23.76
N ALA F 272 -0.34 15.67 -23.10
CA ALA F 272 -0.63 17.09 -22.89
C ALA F 272 0.17 17.57 -21.68
N VAL F 273 1.44 17.89 -21.93
CA VAL F 273 2.36 18.33 -20.89
C VAL F 273 3.22 19.46 -21.42
N GLY F 274 3.43 20.49 -20.59
CA GLY F 274 4.38 21.53 -20.90
C GLY F 274 3.94 22.44 -22.04
N ASN F 275 4.93 23.20 -22.52
CA ASN F 275 4.72 24.15 -23.60
C ASN F 275 5.83 23.97 -24.64
N ILE F 276 5.51 24.35 -25.87
CA ILE F 276 6.42 24.18 -27.00
C ILE F 276 6.88 25.57 -27.44
N PRO F 277 8.14 25.96 -27.17
CA PRO F 277 8.65 27.22 -27.73
C PRO F 277 8.93 27.06 -29.22
N VAL F 278 8.49 28.05 -30.00
CA VAL F 278 8.60 28.00 -31.46
C VAL F 278 9.26 29.28 -31.93
N SER F 279 10.24 29.14 -32.83
CA SER F 279 10.89 30.27 -33.47
C SER F 279 10.57 30.23 -34.96
N MET F 280 10.16 31.38 -35.51
CA MET F 280 9.69 31.47 -36.88
C MET F 280 10.40 32.61 -37.59
N ASN F 281 10.71 32.40 -38.86
CA ASN F 281 11.26 33.43 -39.73
C ASN F 281 10.29 33.66 -40.89
N LEU F 282 9.94 34.92 -41.12
CA LEU F 282 8.91 35.27 -42.08
C LEU F 282 9.45 36.18 -43.16
N PRO F 283 9.29 35.85 -44.44
CA PRO F 283 9.63 36.81 -45.50
C PRO F 283 8.67 37.98 -45.50
N ASP F 284 9.17 39.12 -46.00
CA ASP F 284 8.35 40.33 -46.01
C ASP F 284 7.06 40.13 -46.79
N SER F 285 7.09 39.26 -47.80
CA SER F 285 5.89 39.04 -48.61
C SER F 285 4.71 38.59 -47.77
N ALA F 286 4.97 37.83 -46.69
CA ALA F 286 3.88 37.37 -45.85
C ALA F 286 3.16 38.52 -45.16
N PHE F 287 3.84 39.65 -44.97
CA PHE F 287 3.25 40.79 -44.29
C PHE F 287 2.45 41.65 -45.28
N THR F 288 1.80 42.69 -44.75
CA THR F 288 1.01 43.61 -45.55
C THR F 288 1.43 45.04 -45.24
N ARG F 289 1.56 45.85 -46.29
CA ARG F 289 1.93 47.25 -46.10
C ARG F 289 0.81 47.99 -45.38
N ILE F 290 1.20 48.90 -44.49
CA ILE F 290 0.21 49.62 -43.69
C ILE F 290 -0.69 50.47 -44.57
N VAL F 291 -0.10 51.12 -45.58
CA VAL F 291 -0.87 52.08 -46.38
C VAL F 291 -2.04 51.40 -47.05
N GLU F 292 -1.84 50.21 -47.62
CA GLU F 292 -2.92 49.47 -48.24
C GLU F 292 -3.73 48.64 -47.25
N ALA F 293 -3.26 48.51 -46.02
CA ALA F 293 -4.02 47.82 -44.99
C ALA F 293 -5.11 48.74 -44.44
N PRO F 294 -6.38 48.37 -44.49
CA PRO F 294 -7.43 49.26 -43.99
C PRO F 294 -7.18 49.66 -42.54
N THR F 295 -7.38 50.94 -42.24
CA THR F 295 -7.22 51.43 -40.88
C THR F 295 -8.55 51.39 -40.15
N ILE F 296 -8.48 51.53 -38.83
CA ILE F 296 -9.64 51.44 -37.95
C ILE F 296 -9.59 52.56 -36.93
N ILE F 297 -10.73 53.20 -36.72
CA ILE F 297 -10.86 54.26 -35.72
C ILE F 297 -12.19 54.05 -35.00
N ASP F 298 -12.26 54.55 -33.76
CA ASP F 298 -13.45 54.42 -32.92
C ASP F 298 -13.81 52.96 -32.70
N LEU F 299 -12.86 52.21 -32.15
CA LEU F 299 -13.06 50.80 -31.86
C LEU F 299 -13.69 50.63 -30.48
N THR F 300 -14.68 49.74 -30.40
CA THR F 300 -15.41 49.53 -29.15
C THR F 300 -15.87 48.09 -29.08
N CYS F 301 -16.11 47.62 -27.86
CA CYS F 301 -16.66 46.30 -27.61
C CYS F 301 -18.14 46.39 -27.25
N THR F 302 -18.89 45.35 -27.63
CA THR F 302 -20.29 45.21 -27.22
C THR F 302 -20.56 43.71 -27.14
N VAL F 303 -20.46 43.15 -25.94
CA VAL F 303 -20.62 41.71 -25.74
C VAL F 303 -22.10 41.41 -25.64
N ALA F 304 -22.66 40.81 -26.71
CA ALA F 304 -24.08 40.49 -26.71
C ALA F 304 -24.42 39.51 -25.59
N THR F 305 -23.60 38.48 -25.41
CA THR F 305 -23.81 37.50 -24.35
C THR F 305 -22.56 36.62 -24.26
N CYS F 306 -22.18 36.27 -23.04
CA CYS F 306 -21.00 35.45 -22.80
C CYS F 306 -21.33 34.39 -21.77
N THR F 307 -21.18 33.12 -22.17
CA THR F 307 -21.28 31.98 -21.26
C THR F 307 -19.95 31.26 -21.28
N HIS F 308 -19.25 31.26 -20.15
CA HIS F 308 -17.90 30.69 -20.11
C HIS F 308 -17.97 29.17 -20.14
N SER F 309 -18.40 28.61 -21.27
CA SER F 309 -18.45 27.18 -21.44
C SER F 309 -17.13 26.67 -21.98
N SER F 310 -17.02 25.34 -22.12
CA SER F 310 -15.80 24.75 -22.65
C SER F 310 -15.57 25.15 -24.10
N ASP F 311 -16.64 25.30 -24.87
CA ASP F 311 -16.54 25.68 -26.27
C ASP F 311 -16.63 27.20 -26.40
N PHE F 312 -16.79 27.69 -27.64
CA PHE F 312 -16.93 29.12 -27.86
C PHE F 312 -18.31 29.58 -27.40
N GLY F 313 -18.41 30.03 -26.16
CA GLY F 313 -19.68 30.41 -25.58
C GLY F 313 -19.81 31.91 -25.36
N GLY F 314 -19.10 32.69 -26.15
CA GLY F 314 -19.15 34.14 -26.02
C GLY F 314 -19.09 34.85 -27.36
N VAL F 315 -20.01 35.78 -27.58
CA VAL F 315 -20.10 36.53 -28.83
C VAL F 315 -19.94 38.01 -28.50
N LEU F 316 -19.00 38.67 -29.17
CA LEU F 316 -18.77 40.09 -29.00
C LEU F 316 -18.76 40.76 -30.36
N THR F 317 -19.39 41.94 -30.43
CA THR F 317 -19.48 42.72 -31.66
C THR F 317 -18.65 43.98 -31.50
N LEU F 318 -17.75 44.24 -32.45
CA LEU F 318 -16.89 45.40 -32.42
C LEU F 318 -17.44 46.47 -33.35
N THR F 319 -17.59 47.68 -32.83
CA THR F 319 -18.03 48.83 -33.60
C THR F 319 -16.81 49.68 -33.96
N TYR F 320 -16.62 49.93 -35.24
CA TYR F 320 -15.42 50.58 -35.73
C TYR F 320 -15.78 51.58 -36.83
N LYS F 321 -14.77 52.26 -37.35
CA LYS F 321 -14.92 53.17 -38.47
C LYS F 321 -13.66 53.10 -39.31
N THR F 322 -13.79 52.59 -40.53
CA THR F 322 -12.65 52.32 -41.41
C THR F 322 -12.63 53.30 -42.57
N ASN F 323 -11.56 53.21 -43.37
CA ASN F 323 -11.41 54.01 -44.57
C ASN F 323 -11.86 53.28 -45.83
N LYS F 324 -11.68 51.97 -45.87
CA LYS F 324 -12.07 51.15 -47.02
C LYS F 324 -12.47 49.78 -46.50
N ASN F 325 -12.61 48.83 -47.42
CA ASN F 325 -12.99 47.45 -47.10
C ASN F 325 -11.78 46.53 -47.28
N GLY F 326 -11.97 45.29 -46.91
CA GLY F 326 -10.92 44.28 -47.02
C GLY F 326 -10.95 43.36 -45.82
N ASP F 327 -9.82 42.69 -45.59
CA ASP F 327 -9.69 41.77 -44.47
C ASP F 327 -8.33 42.00 -43.82
N CYS F 328 -8.26 41.69 -42.53
CA CYS F 328 -7.00 41.80 -41.79
C CYS F 328 -7.17 41.12 -40.44
N SER F 329 -6.07 41.03 -39.70
CA SER F 329 -5.99 40.19 -38.53
C SER F 329 -6.79 40.74 -37.36
N VAL F 330 -7.29 39.82 -36.53
CA VAL F 330 -7.98 40.15 -35.29
C VAL F 330 -7.46 39.24 -34.20
N HIS F 331 -7.19 39.80 -33.02
CA HIS F 331 -6.56 39.04 -31.95
C HIS F 331 -7.00 39.62 -30.60
N SER F 332 -6.88 38.77 -29.57
CA SER F 332 -7.12 39.16 -28.19
C SER F 332 -5.79 39.06 -27.45
N HIS F 333 -5.23 40.19 -27.05
CA HIS F 333 -3.91 40.20 -26.45
C HIS F 333 -3.88 39.37 -25.18
N SER F 334 -4.87 39.52 -24.32
CA SER F 334 -4.93 38.75 -23.09
C SER F 334 -5.34 37.31 -23.39
N ASN F 335 -4.91 36.39 -22.53
CA ASN F 335 -5.23 34.98 -22.67
C ASN F 335 -6.46 34.56 -21.87
N VAL F 336 -7.12 35.51 -21.19
CA VAL F 336 -8.34 35.18 -20.47
C VAL F 336 -9.41 34.70 -21.45
N ALA F 337 -9.35 35.15 -22.70
CA ALA F 337 -10.28 34.75 -23.73
C ALA F 337 -9.53 34.32 -24.97
N THR F 338 -10.14 33.42 -25.75
CA THR F 338 -9.58 32.94 -26.99
C THR F 338 -10.62 33.10 -28.10
N LEU F 339 -10.20 33.70 -29.21
CA LEU F 339 -11.09 33.96 -30.32
C LEU F 339 -11.13 32.78 -31.28
N GLN F 340 -12.31 32.55 -31.86
CA GLN F 340 -12.45 31.50 -32.87
C GLN F 340 -11.81 31.93 -34.18
N GLU F 341 -12.22 33.08 -34.71
CA GLU F 341 -11.66 33.58 -35.95
C GLU F 341 -10.27 34.15 -35.70
N ALA F 342 -9.48 34.22 -36.78
CA ALA F 342 -8.16 34.83 -36.76
C ALA F 342 -8.07 36.07 -37.62
N THR F 343 -8.70 36.06 -38.79
CA THR F 343 -8.76 37.22 -39.67
C THR F 343 -10.22 37.49 -40.00
N ALA F 344 -10.65 38.74 -39.86
CA ALA F 344 -12.03 39.13 -40.06
C ALA F 344 -12.13 40.11 -41.22
N LYS F 345 -13.28 40.07 -41.90
CA LYS F 345 -13.52 40.96 -43.02
C LYS F 345 -13.97 42.33 -42.52
N VAL F 346 -13.41 43.38 -43.11
CA VAL F 346 -13.71 44.75 -42.74
C VAL F 346 -14.51 45.37 -43.88
N LYS F 347 -15.72 45.82 -43.58
CA LYS F 347 -16.58 46.50 -44.53
C LYS F 347 -16.73 47.97 -44.15
N THR F 348 -17.42 48.71 -45.02
CA THR F 348 -17.66 50.12 -44.74
C THR F 348 -18.49 50.28 -43.47
N ALA F 349 -19.52 49.46 -43.30
CA ALA F 349 -20.32 49.48 -42.08
C ALA F 349 -19.47 48.98 -40.92
N GLY F 350 -19.46 49.74 -39.83
CA GLY F 350 -18.61 49.40 -38.69
C GLY F 350 -19.21 48.36 -37.76
N LYS F 351 -19.29 47.12 -38.22
CA LYS F 351 -19.84 46.05 -37.41
C LYS F 351 -19.19 44.72 -37.82
N VAL F 352 -18.40 44.15 -36.92
CA VAL F 352 -17.78 42.85 -37.13
C VAL F 352 -18.04 42.00 -35.89
N THR F 353 -18.53 40.78 -36.10
CA THR F 353 -18.84 39.86 -35.02
C THR F 353 -17.74 38.81 -34.88
N LEU F 354 -17.49 38.40 -33.63
CA LEU F 354 -16.52 37.37 -33.34
C LEU F 354 -17.01 36.53 -32.18
N HIS F 355 -16.56 35.28 -32.14
CA HIS F 355 -16.86 34.36 -31.06
C HIS F 355 -15.62 34.16 -30.22
N PHE F 356 -15.77 34.26 -28.90
CA PHE F 356 -14.66 34.09 -27.97
C PHE F 356 -15.07 33.15 -26.84
N SER F 357 -14.22 32.17 -26.57
CA SER F 357 -14.40 31.30 -25.42
C SER F 357 -13.59 31.85 -24.24
N THR F 358 -14.10 31.62 -23.04
CA THR F 358 -13.46 32.16 -21.84
C THR F 358 -13.80 31.26 -20.66
N ALA F 359 -13.04 31.43 -19.58
CA ALA F 359 -13.22 30.64 -18.38
C ALA F 359 -13.31 31.51 -17.13
N SER F 360 -13.64 32.79 -17.26
CA SER F 360 -13.74 33.70 -16.14
C SER F 360 -15.12 34.32 -16.10
N ALA F 361 -15.65 34.49 -14.88
CA ALA F 361 -16.98 35.04 -14.74
C ALA F 361 -17.07 36.44 -15.34
N SER F 362 -16.03 37.25 -15.14
CA SER F 362 -15.98 38.63 -15.62
C SER F 362 -14.65 38.85 -16.34
N PRO F 363 -14.55 38.43 -17.61
CA PRO F 363 -13.29 38.58 -18.35
C PRO F 363 -13.14 39.97 -18.95
N SER F 364 -11.89 40.29 -19.27
CA SER F 364 -11.55 41.52 -19.97
C SER F 364 -10.28 41.29 -20.76
N PHE F 365 -10.22 41.84 -21.97
CA PHE F 365 -9.09 41.63 -22.85
C PHE F 365 -9.04 42.74 -23.89
N VAL F 366 -7.84 43.03 -24.36
CA VAL F 366 -7.61 44.11 -25.32
C VAL F 366 -7.70 43.50 -26.72
N VAL F 367 -8.86 43.65 -27.36
CA VAL F 367 -9.04 43.15 -28.71
C VAL F 367 -8.29 44.05 -29.68
N SER F 368 -7.53 43.43 -30.58
CA SER F 368 -6.75 44.16 -31.59
C SER F 368 -7.38 43.91 -32.95
N LEU F 369 -8.21 44.85 -33.41
CA LEU F 369 -8.85 44.75 -34.70
C LEU F 369 -7.96 45.37 -35.75
N CYS F 370 -7.39 44.53 -36.62
CA CYS F 370 -6.58 45.01 -37.73
C CYS F 370 -5.35 45.73 -37.21
N SER F 371 -5.50 46.95 -36.72
CA SER F 371 -4.40 47.68 -36.10
C SER F 371 -4.77 48.43 -34.83
N ALA F 372 -6.04 48.72 -34.59
CA ALA F 372 -6.45 49.51 -33.43
C ALA F 372 -6.57 48.61 -32.21
N ARG F 373 -7.08 49.17 -31.11
CA ARG F 373 -7.26 48.44 -29.86
C ARG F 373 -8.62 48.80 -29.27
N ALA F 374 -9.07 47.96 -28.34
CA ALA F 374 -10.31 48.25 -27.61
C ALA F 374 -10.32 47.40 -26.35
N THR F 375 -10.24 48.06 -25.19
CA THR F 375 -10.33 47.34 -23.92
C THR F 375 -11.72 46.73 -23.79
N CYS F 376 -11.78 45.42 -23.69
CA CYS F 376 -13.04 44.69 -23.74
C CYS F 376 -13.43 44.21 -22.36
N SER F 377 -14.74 43.98 -22.18
CA SER F 377 -15.26 43.55 -20.89
C SER F 377 -16.53 42.74 -21.13
N ALA F 378 -16.94 42.01 -20.10
CA ALA F 378 -18.14 41.17 -20.23
C ALA F 378 -18.53 40.66 -18.85
N SER F 379 -19.85 40.50 -18.66
CA SER F 379 -20.39 39.85 -17.47
C SER F 379 -20.87 38.47 -17.88
N CYS F 380 -19.92 37.52 -17.88
CA CYS F 380 -20.21 36.19 -18.40
C CYS F 380 -21.04 35.38 -17.41
N GLU F 381 -21.70 34.35 -17.92
CA GLU F 381 -22.58 33.47 -17.15
C GLU F 381 -22.04 32.05 -17.19
N PRO F 382 -22.40 31.23 -16.20
CA PRO F 382 -21.94 29.84 -16.19
C PRO F 382 -22.93 28.92 -16.88
N PRO F 383 -22.46 27.91 -17.59
CA PRO F 383 -23.37 26.95 -18.22
C PRO F 383 -23.76 25.84 -17.24
N LYS F 384 -24.76 25.05 -17.65
CA LYS F 384 -25.30 23.96 -16.84
C LYS F 384 -25.35 22.68 -17.69
N ASP F 385 -24.25 21.93 -17.69
CA ASP F 385 -24.24 20.60 -18.28
C ASP F 385 -23.53 19.62 -17.34
N HIS F 386 -22.46 20.08 -16.71
CA HIS F 386 -21.61 19.28 -15.83
C HIS F 386 -20.74 18.32 -16.60
N ILE F 387 -20.96 18.19 -17.92
CA ILE F 387 -20.28 17.17 -18.72
C ILE F 387 -20.34 17.60 -20.18
N VAL F 388 -19.22 17.42 -20.88
CA VAL F 388 -19.18 17.65 -22.32
C VAL F 388 -18.22 16.65 -22.95
N PRO F 389 -18.42 16.26 -24.21
CA PRO F 389 -17.53 15.28 -24.85
C PRO F 389 -16.36 15.86 -25.62
N TYR F 390 -16.11 17.17 -25.53
CA TYR F 390 -15.00 17.81 -26.22
C TYR F 390 -14.07 18.47 -25.22
N ALA F 391 -12.80 18.57 -25.58
CA ALA F 391 -11.79 19.14 -24.70
C ALA F 391 -12.06 20.60 -24.43
N ALA F 392 -11.25 21.22 -23.57
CA ALA F 392 -11.39 22.63 -23.25
C ALA F 392 -10.79 23.48 -24.35
N SER F 393 -11.52 24.51 -24.77
CA SER F 393 -11.09 25.43 -25.81
C SER F 393 -10.77 26.81 -25.24
N HIS F 394 -10.25 26.83 -24.01
CA HIS F 394 -9.92 28.07 -23.33
C HIS F 394 -8.90 27.78 -22.25
N SER F 395 -7.83 28.57 -22.21
CA SER F 395 -6.86 28.44 -21.13
C SER F 395 -7.58 28.60 -19.80
N ASN F 396 -7.34 27.67 -18.88
CA ASN F 396 -8.11 27.63 -17.65
C ASN F 396 -7.70 28.77 -16.71
N VAL F 397 -7.98 30.00 -17.12
CA VAL F 397 -7.77 31.18 -16.28
C VAL F 397 -9.13 31.60 -15.74
N VAL F 398 -9.23 31.68 -14.42
CA VAL F 398 -10.50 32.04 -13.77
C VAL F 398 -10.42 33.31 -12.97
N PHE F 399 -9.24 33.74 -12.53
CA PHE F 399 -9.09 34.95 -11.74
C PHE F 399 -9.69 36.13 -12.49
N PRO F 400 -10.85 36.67 -12.05
CA PRO F 400 -11.45 37.78 -12.79
C PRO F 400 -10.54 39.00 -12.84
N ASP F 401 -10.95 40.00 -13.61
CA ASP F 401 -10.21 41.25 -13.73
C ASP F 401 -10.87 42.34 -12.91
N MET F 402 -10.08 43.36 -12.59
CA MET F 402 -10.61 44.52 -11.88
C MET F 402 -11.81 45.08 -12.63
N SER F 403 -12.68 45.77 -11.90
CA SER F 403 -13.93 46.35 -12.38
C SER F 403 -15.01 45.30 -12.55
N GLY F 404 -14.72 44.02 -12.33
CA GLY F 404 -15.74 43.01 -12.38
C GLY F 404 -16.70 43.11 -11.21
N THR F 405 -17.86 42.47 -11.36
CA THR F 405 -18.90 42.59 -10.34
C THR F 405 -18.40 42.07 -9.00
N ALA F 406 -17.70 40.93 -9.00
CA ALA F 406 -17.21 40.36 -7.75
C ALA F 406 -16.20 41.29 -7.09
N LEU F 407 -15.20 41.74 -7.84
CA LEU F 407 -14.18 42.62 -7.27
C LEU F 407 -14.67 44.04 -7.09
N SER F 408 -15.62 44.49 -7.92
CA SER F 408 -16.20 45.82 -7.71
C SER F 408 -16.81 45.93 -6.32
N TRP F 409 -17.48 44.88 -5.87
CA TRP F 409 -17.97 44.85 -4.49
C TRP F 409 -16.80 44.90 -3.51
N VAL F 410 -15.73 44.15 -3.80
CA VAL F 410 -14.56 44.16 -2.91
C VAL F 410 -13.97 45.56 -2.84
N GLN F 411 -13.83 46.21 -4.00
CA GLN F 411 -13.29 47.57 -4.00
C GLN F 411 -14.20 48.53 -3.25
N LYS F 412 -15.52 48.38 -3.42
CA LYS F 412 -16.45 49.27 -2.72
C LYS F 412 -16.24 49.19 -1.21
N ILE F 413 -16.21 47.97 -0.66
CA ILE F 413 -16.01 47.83 0.78
C ILE F 413 -14.60 48.24 1.17
N SER F 414 -13.62 47.93 0.31
CA SER F 414 -12.25 48.32 0.60
C SER F 414 -12.10 49.84 0.63
N GLY F 415 -12.73 50.52 -0.33
CA GLY F 415 -12.67 51.98 -0.34
C GLY F 415 -13.33 52.59 0.89
N GLY F 416 -14.50 52.07 1.27
CA GLY F 416 -15.17 52.59 2.45
C GLY F 416 -14.34 52.41 3.70
N LEU F 417 -13.79 51.21 3.88
CA LEU F 417 -12.91 50.96 5.02
C LEU F 417 -11.68 51.85 4.96
N GLY F 418 -11.10 52.00 3.77
CA GLY F 418 -9.93 52.87 3.64
C GLY F 418 -10.24 54.30 4.03
N ALA F 419 -11.39 54.82 3.57
CA ALA F 419 -11.78 56.18 3.95
C ALA F 419 -11.96 56.29 5.46
N PHE F 420 -12.61 55.29 6.07
CA PHE F 420 -12.79 55.31 7.52
C PHE F 420 -11.45 55.31 8.23
N ALA F 421 -10.52 54.48 7.78
CA ALA F 421 -9.18 54.47 8.36
C ALA F 421 -8.47 55.78 8.11
N ILE F 422 -8.58 56.33 6.91
CA ILE F 422 -7.93 57.60 6.60
C ILE F 422 -8.53 58.72 7.43
N GLY F 423 -9.83 58.67 7.70
CA GLY F 423 -10.43 59.63 8.60
C GLY F 423 -9.90 59.51 10.01
N ALA F 424 -9.73 58.26 10.48
CA ALA F 424 -9.25 58.05 11.85
C ALA F 424 -7.82 58.55 12.01
N ILE F 425 -6.97 58.28 11.03
CA ILE F 425 -5.57 58.70 11.14
C ILE F 425 -5.46 60.22 11.07
N LEU F 426 -6.28 60.85 10.22
CA LEU F 426 -6.23 62.30 10.08
C LEU F 426 -6.59 63.00 11.40
N VAL F 427 -7.64 62.53 12.07
CA VAL F 427 -8.00 63.12 13.36
C VAL F 427 -6.90 62.85 14.38
N LEU F 428 -6.36 61.64 14.40
CA LEU F 428 -5.33 61.31 15.38
C LEU F 428 -4.10 62.19 15.21
N VAL F 429 -3.62 62.35 13.97
CA VAL F 429 -2.45 63.19 13.74
C VAL F 429 -2.76 64.64 14.08
N VAL F 430 -4.00 65.08 13.81
CA VAL F 430 -4.41 66.42 14.19
C VAL F 430 -4.34 66.59 15.71
N VAL F 431 -4.87 65.60 16.44
CA VAL F 431 -4.81 65.66 17.90
C VAL F 431 -3.36 65.65 18.37
N THR F 432 -2.52 64.83 17.75
CA THR F 432 -1.11 64.79 18.12
C THR F 432 -0.45 66.14 17.88
N CYS F 433 -0.75 66.78 16.75
CA CYS F 433 -0.13 68.06 16.44
C CYS F 433 -0.52 69.13 17.46
N ILE F 434 -1.83 69.28 17.71
CA ILE F 434 -2.27 70.28 18.67
C ILE F 434 -1.78 69.97 20.08
N GLY F 435 -1.49 68.70 20.37
CA GLY F 435 -0.95 68.35 21.67
C GLY F 435 0.54 68.64 21.80
N LEU F 436 1.26 68.69 20.68
CA LEU F 436 2.69 68.97 20.72
C LEU F 436 2.97 70.47 20.68
N ARG F 437 2.49 71.14 19.62
CA ARG F 437 2.73 72.57 19.46
C ARG F 437 1.50 73.36 19.91
N SER G 1 -19.26 -71.96 -11.45
CA SER G 1 -19.03 -70.72 -12.24
C SER G 1 -19.97 -69.61 -11.79
N VAL G 2 -20.07 -68.57 -12.61
CA VAL G 2 -20.97 -67.46 -12.31
C VAL G 2 -22.42 -67.93 -12.26
N SER G 3 -22.74 -69.03 -12.94
CA SER G 3 -24.10 -69.55 -12.88
C SER G 3 -24.55 -69.79 -11.45
N GLN G 4 -23.63 -70.19 -10.57
CA GLN G 4 -23.98 -70.36 -9.16
C GLN G 4 -24.38 -69.03 -8.54
N HIS G 5 -23.72 -67.94 -8.94
CA HIS G 5 -24.05 -66.63 -8.38
C HIS G 5 -25.48 -66.22 -8.72
N PHE G 6 -26.00 -66.70 -9.85
CA PHE G 6 -27.33 -66.32 -10.32
C PHE G 6 -28.42 -67.28 -9.87
N ASN G 7 -28.07 -68.31 -9.09
CA ASN G 7 -29.09 -69.24 -8.61
C ASN G 7 -30.14 -68.55 -7.76
N VAL G 8 -29.82 -67.39 -7.18
CA VAL G 8 -30.78 -66.68 -6.34
C VAL G 8 -31.82 -65.96 -7.19
N TYR G 9 -31.40 -65.40 -8.32
CA TYR G 9 -32.29 -64.58 -9.14
C TYR G 9 -33.33 -65.41 -9.89
N LYS G 10 -33.26 -66.73 -9.84
CA LYS G 10 -34.24 -67.56 -10.53
C LYS G 10 -35.65 -67.27 -10.05
N ALA G 11 -35.81 -66.79 -8.82
CA ALA G 11 -37.11 -66.57 -8.21
C ALA G 11 -37.48 -65.10 -8.11
N THR G 12 -36.71 -64.20 -8.70
CA THR G 12 -36.96 -62.76 -8.65
C THR G 12 -37.46 -62.28 -10.01
N ARG G 13 -37.71 -60.98 -10.11
CA ARG G 13 -38.21 -60.40 -11.36
C ARG G 13 -38.14 -58.88 -11.30
N PRO G 14 -38.01 -58.21 -12.45
CA PRO G 14 -38.12 -56.75 -12.46
C PRO G 14 -39.54 -56.30 -12.19
N TYR G 15 -39.67 -55.03 -11.82
CA TYR G 15 -40.97 -54.47 -11.49
C TYR G 15 -41.07 -53.05 -12.03
N ILE G 16 -42.30 -52.58 -12.19
CA ILE G 16 -42.60 -51.23 -12.64
C ILE G 16 -42.82 -50.37 -11.41
N ALA G 17 -42.20 -49.19 -11.39
CA ALA G 17 -42.27 -48.31 -10.22
C ALA G 17 -42.33 -46.87 -10.68
N TYR G 18 -42.78 -46.01 -9.76
CA TYR G 18 -42.86 -44.58 -10.01
C TYR G 18 -41.46 -43.99 -10.23
N CYS G 19 -41.40 -43.00 -11.12
CA CYS G 19 -40.16 -42.32 -11.44
C CYS G 19 -40.19 -40.82 -11.20
N ALA G 20 -41.33 -40.17 -11.46
CA ALA G 20 -41.50 -38.73 -11.35
C ALA G 20 -40.72 -37.96 -12.42
N ASP G 21 -40.01 -38.64 -13.31
CA ASP G 21 -39.30 -37.99 -14.39
C ASP G 21 -38.76 -39.04 -15.33
N CYS G 22 -38.72 -38.70 -16.63
CA CYS G 22 -38.12 -39.57 -17.64
C CYS G 22 -37.32 -38.75 -18.64
N GLY G 23 -36.66 -37.70 -18.18
CA GLY G 23 -36.01 -36.76 -19.09
C GLY G 23 -36.95 -35.78 -19.74
N ALA G 24 -38.22 -35.78 -19.36
CA ALA G 24 -39.19 -34.84 -19.92
C ALA G 24 -40.12 -34.25 -18.87
N GLY G 25 -39.84 -34.47 -17.59
CA GLY G 25 -40.68 -33.93 -16.53
C GLY G 25 -42.10 -34.45 -16.58
N HIS G 26 -42.28 -35.76 -16.45
CA HIS G 26 -43.60 -36.37 -16.50
C HIS G 26 -43.58 -37.67 -15.71
N SER G 27 -44.65 -37.91 -14.95
CA SER G 27 -44.79 -39.18 -14.26
C SER G 27 -44.83 -40.33 -15.27
N CYS G 28 -44.16 -41.42 -14.94
CA CYS G 28 -43.89 -42.47 -15.91
C CYS G 28 -44.48 -43.82 -15.52
N HIS G 29 -44.31 -44.26 -14.27
CA HIS G 29 -44.41 -45.67 -13.93
C HIS G 29 -43.44 -46.47 -14.80
N SER G 30 -42.25 -45.90 -15.01
CA SER G 30 -41.30 -46.47 -15.94
C SER G 30 -40.79 -47.83 -15.45
N PRO G 31 -40.51 -48.76 -16.36
CA PRO G 31 -39.90 -50.02 -15.94
C PRO G 31 -38.56 -49.81 -15.24
N VAL G 32 -37.78 -48.83 -15.69
CA VAL G 32 -36.55 -48.45 -15.02
C VAL G 32 -36.90 -47.38 -13.99
N ALA G 33 -36.50 -47.61 -12.74
CA ALA G 33 -36.83 -46.68 -11.66
C ALA G 33 -35.70 -46.73 -10.65
N ILE G 34 -34.89 -45.66 -10.59
CA ILE G 34 -33.81 -45.60 -9.64
C ILE G 34 -34.39 -45.59 -8.23
N GLU G 35 -33.83 -46.44 -7.37
CA GLU G 35 -34.32 -46.60 -6.00
C GLU G 35 -33.46 -45.87 -4.98
N ALA G 36 -32.14 -46.03 -5.06
CA ALA G 36 -31.25 -45.41 -4.09
C ALA G 36 -29.83 -45.40 -4.64
N VAL G 37 -29.23 -44.22 -4.72
CA VAL G 37 -27.81 -44.11 -5.05
C VAL G 37 -27.00 -44.27 -3.77
N ARG G 38 -25.94 -45.06 -3.83
CA ARG G 38 -25.24 -45.52 -2.64
C ARG G 38 -23.76 -45.20 -2.70
N SER G 39 -23.43 -43.95 -3.00
CA SER G 39 -22.04 -43.53 -2.99
C SER G 39 -21.45 -43.67 -1.58
N GLU G 40 -20.55 -44.63 -1.40
CA GLU G 40 -19.89 -44.83 -0.13
C GLU G 40 -18.41 -45.10 -0.26
N ALA G 41 -17.86 -45.12 -1.48
CA ALA G 41 -16.46 -45.40 -1.70
C ALA G 41 -15.66 -44.10 -1.74
N THR G 42 -14.59 -44.03 -0.96
CA THR G 42 -13.73 -42.85 -0.99
C THR G 42 -13.21 -42.60 -2.39
N ASP G 43 -12.98 -43.66 -3.16
CA ASP G 43 -12.63 -43.48 -4.56
C ASP G 43 -13.71 -42.72 -5.30
N GLY G 44 -14.97 -43.07 -5.07
CA GLY G 44 -16.08 -42.47 -5.77
C GLY G 44 -16.56 -43.38 -6.88
N MET G 45 -17.66 -44.09 -6.63
CA MET G 45 -18.18 -45.05 -7.60
C MET G 45 -19.62 -45.36 -7.19
N LEU G 46 -20.57 -44.75 -7.89
CA LEU G 46 -21.97 -44.94 -7.53
C LEU G 46 -22.38 -46.39 -7.71
N LYS G 47 -23.37 -46.82 -6.94
CA LYS G 47 -23.91 -48.17 -6.97
C LYS G 47 -25.40 -48.12 -7.22
N ILE G 48 -25.78 -47.38 -8.26
CA ILE G 48 -27.19 -47.14 -8.57
C ILE G 48 -27.96 -48.45 -8.51
N GLN G 49 -29.10 -48.42 -7.83
CA GLN G 49 -30.03 -49.54 -7.79
C GLN G 49 -31.33 -49.10 -8.46
N PHE G 50 -31.82 -49.91 -9.38
CA PHE G 50 -32.98 -49.53 -10.18
C PHE G 50 -33.80 -50.78 -10.49
N SER G 51 -35.08 -50.55 -10.81
CA SER G 51 -36.05 -51.62 -11.00
C SER G 51 -35.81 -52.29 -12.35
N ALA G 52 -34.84 -53.19 -12.37
CA ALA G 52 -34.55 -54.01 -13.53
C ALA G 52 -33.51 -55.04 -13.12
N GLN G 53 -33.09 -55.87 -14.07
CA GLN G 53 -32.06 -56.86 -13.82
C GLN G 53 -31.19 -56.98 -15.06
N ILE G 54 -29.88 -56.91 -14.88
CA ILE G 54 -28.91 -57.00 -15.97
C ILE G 54 -28.15 -58.32 -15.83
N GLY G 55 -27.84 -58.93 -16.96
CA GLY G 55 -27.12 -60.19 -16.98
C GLY G 55 -28.00 -61.42 -17.00
N ILE G 56 -29.30 -61.26 -16.84
CA ILE G 56 -30.25 -62.38 -16.83
C ILE G 56 -31.27 -62.15 -17.93
N ASP G 57 -31.45 -63.14 -18.81
CA ASP G 57 -32.37 -63.03 -19.92
C ASP G 57 -33.80 -63.28 -19.43
N LYS G 58 -34.76 -63.10 -20.35
CA LYS G 58 -36.17 -63.29 -20.01
C LYS G 58 -36.44 -64.70 -19.50
N SER G 59 -35.65 -65.68 -19.94
CA SER G 59 -35.87 -67.08 -19.59
C SER G 59 -35.08 -67.50 -18.35
N ASP G 60 -34.77 -66.56 -17.46
CA ASP G 60 -34.09 -66.87 -16.21
C ASP G 60 -32.75 -67.59 -16.46
N ASN G 61 -31.99 -67.07 -17.42
CA ASN G 61 -30.71 -67.66 -17.80
C ASN G 61 -29.64 -66.58 -17.81
N HIS G 62 -28.46 -66.93 -17.30
CA HIS G 62 -27.33 -66.01 -17.31
C HIS G 62 -26.99 -65.62 -18.74
N ASP G 63 -26.92 -64.31 -18.98
CA ASP G 63 -26.45 -63.80 -20.27
C ASP G 63 -26.05 -62.35 -20.07
N TYR G 64 -24.78 -62.05 -20.31
CA TYR G 64 -24.23 -60.72 -20.07
C TYR G 64 -24.60 -59.71 -21.16
N THR G 65 -25.58 -60.01 -21.99
CA THR G 65 -26.06 -59.08 -23.01
C THR G 65 -27.58 -58.99 -23.00
N LYS G 66 -28.20 -59.24 -21.84
CA LYS G 66 -29.65 -59.22 -21.71
C LYS G 66 -30.03 -58.45 -20.46
N ILE G 67 -31.20 -57.82 -20.50
CA ILE G 67 -31.72 -57.05 -19.37
C ILE G 67 -33.19 -57.41 -19.19
N ARG G 68 -33.54 -57.89 -18.00
CA ARG G 68 -34.93 -58.16 -17.64
C ARG G 68 -35.57 -56.86 -17.17
N TYR G 69 -36.35 -56.23 -18.05
CA TYR G 69 -37.10 -55.03 -17.69
C TYR G 69 -38.58 -55.37 -17.69
N ALA G 70 -39.25 -55.04 -16.59
CA ALA G 70 -40.67 -55.36 -16.47
C ALA G 70 -41.47 -54.58 -17.52
N ASP G 71 -42.58 -55.18 -17.94
CA ASP G 71 -43.46 -54.53 -18.91
C ASP G 71 -44.80 -55.24 -18.89
N GLY G 72 -45.87 -54.48 -18.68
CA GLY G 72 -47.19 -55.07 -18.55
C GLY G 72 -47.25 -56.05 -17.40
N HIS G 73 -47.38 -57.34 -17.72
CA HIS G 73 -47.40 -58.39 -16.71
C HIS G 73 -46.35 -59.47 -16.93
N ALA G 74 -45.60 -59.41 -18.04
CA ALA G 74 -44.59 -60.41 -18.35
C ALA G 74 -43.23 -59.74 -18.49
N ILE G 75 -42.18 -60.52 -18.27
CA ILE G 75 -40.82 -60.01 -18.41
C ILE G 75 -40.45 -59.94 -19.89
N GLU G 76 -39.44 -59.13 -20.20
CA GLU G 76 -38.96 -58.93 -21.56
C GLU G 76 -37.44 -59.05 -21.57
N ASN G 77 -36.86 -58.85 -22.75
CA ASN G 77 -35.42 -58.92 -22.96
C ASN G 77 -34.98 -57.68 -23.74
N ALA G 78 -34.13 -56.87 -23.12
CA ALA G 78 -33.61 -55.65 -23.73
C ALA G 78 -32.10 -55.75 -23.85
N VAL G 79 -31.58 -55.41 -25.04
CA VAL G 79 -30.13 -55.48 -25.25
C VAL G 79 -29.42 -54.60 -24.24
N ARG G 80 -28.38 -55.16 -23.60
CA ARG G 80 -27.68 -54.42 -22.56
C ARG G 80 -26.87 -53.27 -23.13
N SER G 81 -26.44 -53.36 -24.39
CA SER G 81 -25.55 -52.37 -24.97
C SER G 81 -26.19 -50.99 -25.03
N SER G 82 -27.49 -50.91 -24.72
CA SER G 82 -28.22 -49.65 -24.73
C SER G 82 -28.34 -49.04 -23.34
N LEU G 83 -27.33 -49.24 -22.50
CA LEU G 83 -27.32 -48.69 -21.14
C LEU G 83 -26.54 -47.38 -21.16
N LYS G 84 -27.16 -46.31 -20.65
CA LYS G 84 -26.63 -44.96 -20.76
C LYS G 84 -26.72 -44.22 -19.43
N VAL G 85 -26.31 -44.86 -18.35
CA VAL G 85 -26.27 -44.17 -17.06
C VAL G 85 -25.36 -42.96 -17.22
N ALA G 86 -25.93 -41.77 -17.07
CA ALA G 86 -25.20 -40.54 -17.38
C ALA G 86 -25.73 -39.39 -16.54
N THR G 87 -24.83 -38.79 -15.75
CA THR G 87 -25.10 -37.50 -15.13
C THR G 87 -24.73 -36.40 -16.12
N SER G 88 -24.60 -35.16 -15.64
CA SER G 88 -24.29 -34.01 -16.49
C SER G 88 -23.34 -34.39 -17.62
N GLY G 89 -22.35 -35.22 -17.33
CA GLY G 89 -21.49 -35.76 -18.37
C GLY G 89 -22.00 -37.09 -18.90
N ASP G 90 -21.21 -38.15 -18.75
CA ASP G 90 -21.64 -39.48 -19.13
C ASP G 90 -20.80 -40.49 -18.35
N CYS G 91 -21.46 -41.24 -17.47
CA CYS G 91 -20.75 -42.21 -16.65
C CYS G 91 -20.17 -43.33 -17.50
N PHE G 92 -19.11 -43.94 -16.99
CA PHE G 92 -18.52 -45.14 -17.58
C PHE G 92 -18.92 -46.33 -16.71
N VAL G 93 -19.79 -47.18 -17.24
CA VAL G 93 -20.25 -48.33 -16.47
C VAL G 93 -19.08 -49.24 -16.16
N HIS G 94 -18.95 -49.63 -14.90
CA HIS G 94 -17.87 -50.50 -14.42
C HIS G 94 -18.39 -51.90 -14.11
N GLY G 95 -19.31 -52.41 -14.91
CA GLY G 95 -19.87 -53.73 -14.68
C GLY G 95 -21.14 -53.68 -13.87
N THR G 96 -22.02 -54.64 -14.13
CA THR G 96 -23.32 -54.70 -13.48
C THR G 96 -23.72 -56.16 -13.26
N MET G 97 -24.60 -56.36 -12.28
CA MET G 97 -25.31 -57.63 -12.13
C MET G 97 -26.59 -57.36 -11.36
N GLY G 98 -27.64 -58.06 -11.75
CA GLY G 98 -28.91 -57.93 -11.05
C GLY G 98 -29.39 -56.51 -11.08
N HIS G 99 -29.66 -55.95 -9.90
CA HIS G 99 -30.31 -54.66 -9.76
C HIS G 99 -29.36 -53.49 -9.59
N PHE G 100 -28.06 -53.74 -9.51
CA PHE G 100 -27.10 -52.71 -9.10
C PHE G 100 -26.14 -52.43 -10.24
N ILE G 101 -26.07 -51.17 -10.67
CA ILE G 101 -25.12 -50.71 -11.65
C ILE G 101 -23.95 -50.04 -10.94
N LEU G 102 -22.79 -50.04 -11.59
CA LEU G 102 -21.60 -49.36 -11.07
C LEU G 102 -21.19 -48.28 -12.05
N ALA G 103 -20.92 -47.09 -11.54
CA ALA G 103 -20.65 -45.93 -12.38
C ALA G 103 -19.53 -45.09 -11.76
N LYS G 104 -18.94 -44.24 -12.59
CA LYS G 104 -17.89 -43.31 -12.21
C LYS G 104 -18.19 -41.93 -12.76
N CYS G 105 -19.42 -41.47 -12.53
CA CYS G 105 -19.93 -40.31 -13.23
C CYS G 105 -19.11 -39.06 -12.89
N PRO G 106 -19.05 -38.09 -13.81
CA PRO G 106 -18.40 -36.82 -13.50
C PRO G 106 -19.31 -35.94 -12.65
N PRO G 107 -18.82 -34.79 -12.19
CA PRO G 107 -19.64 -33.95 -11.32
C PRO G 107 -20.94 -33.53 -11.98
N GLY G 108 -22.00 -33.48 -11.19
CA GLY G 108 -23.31 -33.10 -11.70
C GLY G 108 -24.34 -33.12 -10.59
N GLU G 109 -25.57 -32.81 -10.97
CA GLU G 109 -26.69 -32.72 -10.04
C GLU G 109 -27.70 -33.85 -10.17
N PHE G 110 -27.98 -34.31 -11.39
CA PHE G 110 -28.99 -35.33 -11.63
C PHE G 110 -28.34 -36.60 -12.15
N LEU G 111 -29.00 -37.73 -11.88
CA LEU G 111 -28.59 -39.03 -12.39
C LEU G 111 -29.69 -39.57 -13.29
N GLN G 112 -29.31 -39.99 -14.49
CA GLN G 112 -30.25 -40.54 -15.46
C GLN G 112 -29.77 -41.92 -15.89
N VAL G 113 -30.66 -42.92 -15.75
CA VAL G 113 -30.40 -44.28 -16.19
C VAL G 113 -31.44 -44.64 -17.24
N SER G 114 -30.98 -45.16 -18.37
CA SER G 114 -31.85 -45.45 -19.51
C SER G 114 -31.48 -46.77 -20.14
N ILE G 115 -32.51 -47.49 -20.60
CA ILE G 115 -32.34 -48.69 -21.40
C ILE G 115 -33.32 -48.60 -22.58
N GLN G 116 -33.00 -49.34 -23.63
CA GLN G 116 -33.84 -49.38 -24.83
C GLN G 116 -34.68 -50.65 -24.77
N ASP G 117 -36.01 -50.48 -24.77
CA ASP G 117 -36.92 -51.60 -24.60
C ASP G 117 -36.99 -52.39 -25.91
N THR G 118 -37.90 -53.37 -25.95
CA THR G 118 -38.01 -54.22 -27.14
C THR G 118 -38.35 -53.41 -28.37
N ARG G 119 -39.32 -52.50 -28.26
CA ARG G 119 -39.73 -51.68 -29.41
C ARG G 119 -38.85 -50.46 -29.58
N ASN G 120 -37.53 -50.67 -29.63
CA ASN G 120 -36.55 -49.62 -29.93
C ASN G 120 -36.98 -48.25 -29.41
N ALA G 121 -37.42 -48.22 -28.15
CA ALA G 121 -37.75 -46.99 -27.48
C ALA G 121 -36.65 -46.67 -26.48
N VAL G 122 -36.81 -45.60 -25.71
CA VAL G 122 -35.83 -45.16 -24.72
C VAL G 122 -36.58 -44.95 -23.41
N ARG G 123 -36.61 -45.99 -22.57
CA ARG G 123 -37.10 -45.84 -21.21
C ARG G 123 -35.96 -45.38 -20.31
N ALA G 124 -36.26 -44.40 -19.46
CA ALA G 124 -35.23 -43.84 -18.60
C ALA G 124 -35.87 -43.28 -17.34
N CYS G 125 -35.07 -43.18 -16.28
CA CYS G 125 -35.46 -42.53 -15.05
C CYS G 125 -34.36 -41.54 -14.68
N ARG G 126 -34.76 -40.35 -14.24
CA ARG G 126 -33.83 -39.28 -13.92
C ARG G 126 -34.18 -38.71 -12.56
N ILE G 127 -33.28 -38.90 -11.59
CA ILE G 127 -33.50 -38.48 -10.21
C ILE G 127 -32.43 -37.47 -9.84
N GLN G 128 -32.72 -36.67 -8.82
CA GLN G 128 -31.79 -35.67 -8.32
C GLN G 128 -30.82 -36.31 -7.34
N TYR G 129 -29.52 -36.09 -7.58
CA TYR G 129 -28.49 -36.64 -6.71
C TYR G 129 -27.25 -35.78 -6.87
N HIS G 130 -26.92 -35.00 -5.84
CA HIS G 130 -25.81 -34.06 -5.92
C HIS G 130 -24.47 -34.79 -5.89
N HIS G 131 -24.11 -35.44 -6.99
CA HIS G 131 -22.86 -36.16 -7.07
C HIS G 131 -21.71 -35.17 -7.24
N ASP G 132 -20.70 -35.27 -6.39
CA ASP G 132 -19.54 -34.38 -6.43
C ASP G 132 -18.36 -35.10 -5.79
N PRO G 133 -17.77 -36.06 -6.49
CA PRO G 133 -16.72 -36.88 -5.87
C PRO G 133 -15.51 -36.04 -5.50
N GLN G 134 -14.87 -36.41 -4.40
CA GLN G 134 -13.69 -35.73 -3.91
C GLN G 134 -12.61 -36.78 -3.68
N PRO G 135 -11.61 -36.90 -4.56
CA PRO G 135 -10.63 -37.98 -4.41
C PRO G 135 -9.92 -37.92 -3.08
N VAL G 136 -9.57 -39.10 -2.56
CA VAL G 136 -8.89 -39.17 -1.29
C VAL G 136 -7.60 -38.36 -1.35
N GLY G 137 -7.10 -37.98 -0.18
CA GLY G 137 -5.88 -37.21 -0.09
C GLY G 137 -6.16 -35.75 0.23
N ARG G 138 -5.19 -34.91 -0.12
CA ARG G 138 -5.24 -33.49 0.15
C ARG G 138 -5.28 -32.65 -1.11
N GLU G 139 -5.30 -33.27 -2.28
CA GLU G 139 -5.29 -32.57 -3.56
C GLU G 139 -6.47 -33.04 -4.39
N LYS G 140 -7.41 -32.14 -4.66
CA LYS G 140 -8.63 -32.47 -5.40
C LYS G 140 -8.36 -32.51 -6.90
N PHE G 141 -7.47 -33.43 -7.28
CA PHE G 141 -7.15 -33.60 -8.69
C PHE G 141 -8.36 -34.14 -9.45
N THR G 142 -8.19 -34.30 -10.76
CA THR G 142 -9.25 -34.78 -11.63
C THR G 142 -8.97 -36.17 -12.19
N ILE G 143 -7.82 -36.35 -12.83
CA ILE G 143 -7.44 -37.61 -13.44
C ILE G 143 -6.20 -38.13 -12.72
N ARG G 144 -6.06 -39.44 -12.69
CA ARG G 144 -4.92 -40.02 -11.99
C ARG G 144 -3.63 -39.48 -12.58
N PRO G 145 -2.62 -39.21 -11.77
CA PRO G 145 -1.29 -38.92 -12.28
C PRO G 145 -0.55 -40.22 -12.57
N HIS G 146 0.67 -40.09 -13.05
CA HIS G 146 1.48 -41.28 -13.28
C HIS G 146 2.50 -41.51 -12.17
N TYR G 147 3.29 -40.49 -11.84
CA TYR G 147 4.22 -40.55 -10.72
C TYR G 147 3.56 -39.89 -9.52
N GLY G 148 3.23 -40.69 -8.51
CA GLY G 148 2.55 -40.16 -7.35
C GLY G 148 2.64 -41.12 -6.19
N LYS G 149 2.03 -40.72 -5.09
CA LYS G 149 2.02 -41.53 -3.88
C LYS G 149 1.03 -42.68 -4.04
N GLU G 150 0.90 -43.49 -2.99
CA GLU G 150 -0.06 -44.60 -2.98
C GLU G 150 -0.73 -44.60 -1.60
N ILE G 151 -1.94 -44.06 -1.53
CA ILE G 151 -2.69 -43.99 -0.27
C ILE G 151 -3.93 -44.86 -0.45
N PRO G 152 -4.49 -45.37 0.66
CA PRO G 152 -5.59 -46.33 0.55
C PRO G 152 -6.93 -45.63 0.40
N CYS G 153 -7.66 -45.96 -0.67
CA CYS G 153 -9.02 -45.50 -0.86
C CYS G 153 -9.90 -46.70 -1.16
N THR G 154 -11.02 -46.81 -0.45
CA THR G 154 -11.92 -47.94 -0.59
C THR G 154 -12.78 -47.77 -1.83
N THR G 155 -12.99 -48.88 -2.54
CA THR G 155 -13.79 -48.87 -3.76
C THR G 155 -14.62 -50.13 -3.82
N TYR G 156 -15.64 -50.10 -4.68
CA TYR G 156 -16.53 -51.24 -4.87
C TYR G 156 -15.85 -52.26 -5.78
N GLN G 157 -15.66 -53.47 -5.27
CA GLN G 157 -14.98 -54.51 -6.03
C GLN G 157 -15.82 -54.96 -7.22
N GLN G 158 -15.14 -55.21 -8.35
CA GLN G 158 -15.81 -55.85 -9.47
C GLN G 158 -16.25 -57.27 -9.13
N THR G 159 -15.59 -57.91 -8.16
CA THR G 159 -15.93 -59.28 -7.81
C THR G 159 -17.40 -59.37 -7.38
N THR G 160 -18.14 -60.25 -8.04
CA THR G 160 -19.56 -60.46 -7.75
C THR G 160 -19.77 -61.64 -6.82
N ALA G 161 -19.06 -61.65 -5.69
CA ALA G 161 -19.16 -62.73 -4.73
C ALA G 161 -20.42 -62.54 -3.88
N GLU G 162 -20.55 -63.34 -2.83
CA GLU G 162 -21.64 -63.22 -1.88
C GLU G 162 -21.17 -62.39 -0.69
N THR G 163 -21.96 -61.40 -0.31
CA THR G 163 -21.61 -60.48 0.77
C THR G 163 -22.65 -60.57 1.88
N VAL G 164 -22.22 -60.15 3.08
CA VAL G 164 -23.11 -60.16 4.23
C VAL G 164 -24.28 -59.21 4.04
N GLU G 165 -24.13 -58.19 3.21
CA GLU G 165 -25.22 -57.24 2.97
C GLU G 165 -26.38 -57.94 2.28
N GLU G 166 -27.60 -57.53 2.63
CA GLU G 166 -28.81 -58.15 2.10
C GLU G 166 -29.83 -57.08 1.73
N ILE G 167 -30.68 -57.40 0.78
CA ILE G 167 -31.82 -56.58 0.39
C ILE G 167 -33.08 -57.42 0.56
N ASP G 168 -34.10 -56.83 1.17
CA ASP G 168 -35.31 -57.57 1.51
C ASP G 168 -36.12 -57.92 0.26
N MET G 169 -37.08 -58.82 0.44
CA MET G 169 -37.95 -59.25 -0.64
C MET G 169 -39.32 -59.58 -0.05
N HIS G 170 -40.31 -59.65 -0.93
CA HIS G 170 -41.66 -60.04 -0.55
C HIS G 170 -42.46 -60.28 -1.82
N MET G 171 -43.48 -61.12 -1.71
CA MET G 171 -44.25 -61.50 -2.89
C MET G 171 -44.95 -60.27 -3.48
N PRO G 172 -45.08 -60.19 -4.80
CA PRO G 172 -45.68 -59.00 -5.41
C PRO G 172 -47.13 -58.86 -5.02
N PRO G 173 -47.69 -57.67 -5.15
CA PRO G 173 -49.12 -57.46 -4.87
C PRO G 173 -49.97 -57.89 -6.07
N ASP G 174 -51.27 -57.69 -5.94
CA ASP G 174 -52.22 -58.04 -6.99
C ASP G 174 -52.31 -56.87 -7.96
N THR G 175 -51.57 -56.95 -9.06
CA THR G 175 -51.52 -55.86 -10.01
C THR G 175 -52.89 -55.67 -10.68
N PRO G 176 -53.43 -54.45 -10.73
CA PRO G 176 -54.67 -54.22 -11.45
C PRO G 176 -54.43 -53.87 -12.92
N ASP G 177 -55.37 -54.27 -13.75
CA ASP G 177 -55.27 -53.99 -15.19
C ASP G 177 -56.67 -54.04 -15.79
N ARG G 178 -57.20 -52.87 -16.15
CA ARG G 178 -58.55 -52.81 -16.72
C ARG G 178 -58.60 -53.43 -18.12
N THR G 179 -57.47 -53.59 -18.80
CA THR G 179 -57.47 -54.15 -20.13
C THR G 179 -58.00 -55.57 -20.14
N LEU G 180 -57.79 -56.32 -19.06
CA LEU G 180 -58.32 -57.68 -18.98
C LEU G 180 -59.83 -57.68 -19.14
N LEU G 181 -60.52 -56.81 -18.40
CA LEU G 181 -61.95 -56.68 -18.54
C LEU G 181 -62.30 -56.00 -19.87
N SER G 182 -63.31 -56.53 -20.55
CA SER G 182 -63.75 -55.99 -21.83
C SER G 182 -65.25 -56.18 -21.97
N GLN G 183 -65.94 -55.13 -22.42
CA GLN G 183 -67.37 -55.23 -22.63
C GLN G 183 -67.69 -56.16 -23.79
N GLN G 184 -68.84 -56.82 -23.71
CA GLN G 184 -69.29 -57.79 -24.69
C GLN G 184 -70.76 -57.54 -25.04
N SER G 185 -71.09 -56.28 -25.31
CA SER G 185 -72.45 -55.89 -25.67
C SER G 185 -73.45 -56.27 -24.58
N GLY G 186 -73.28 -55.64 -23.42
CA GLY G 186 -74.05 -55.97 -22.24
C GLY G 186 -73.46 -57.05 -21.37
N ASN G 187 -72.34 -57.62 -21.78
CA ASN G 187 -71.65 -58.66 -21.01
C ASN G 187 -70.17 -58.29 -20.91
N VAL G 188 -69.46 -58.96 -20.01
CA VAL G 188 -68.06 -58.67 -19.75
C VAL G 188 -67.27 -59.97 -19.85
N LYS G 189 -66.14 -59.90 -20.57
CA LYS G 189 -65.22 -61.02 -20.69
C LYS G 189 -63.87 -60.62 -20.12
N ILE G 190 -63.26 -61.53 -19.35
CA ILE G 190 -61.98 -61.30 -18.71
C ILE G 190 -60.98 -62.25 -19.36
N THR G 191 -60.02 -61.70 -20.09
CA THR G 191 -58.99 -62.52 -20.74
C THR G 191 -58.01 -63.00 -19.68
N VAL G 192 -58.05 -64.30 -19.36
CA VAL G 192 -57.18 -64.83 -18.31
C VAL G 192 -55.72 -64.66 -18.71
N GLY G 193 -55.39 -64.97 -19.96
CA GLY G 193 -54.03 -64.80 -20.43
C GLY G 193 -53.01 -65.56 -19.61
N GLY G 194 -53.34 -66.76 -19.18
CA GLY G 194 -52.43 -67.53 -18.35
C GLY G 194 -52.15 -66.89 -17.00
N LYS G 195 -53.13 -66.22 -16.42
CA LYS G 195 -52.99 -65.55 -15.13
C LYS G 195 -54.01 -66.12 -14.15
N LYS G 196 -54.10 -65.50 -12.97
CA LYS G 196 -55.02 -65.89 -11.92
C LYS G 196 -55.80 -64.68 -11.44
N VAL G 197 -56.34 -63.93 -12.39
CA VAL G 197 -57.07 -62.69 -12.11
C VAL G 197 -58.18 -62.94 -11.09
N LYS G 198 -58.42 -61.96 -10.23
CA LYS G 198 -59.51 -62.00 -9.27
C LYS G 198 -60.53 -60.92 -9.62
N TYR G 199 -61.61 -60.86 -8.85
CA TYR G 199 -62.69 -59.93 -9.15
C TYR G 199 -63.54 -59.72 -7.91
N ASN G 200 -63.95 -58.47 -7.69
CA ASN G 200 -64.88 -58.13 -6.62
C ASN G 200 -66.12 -57.53 -7.24
N CYS G 201 -66.62 -58.18 -8.30
CA CYS G 201 -67.72 -57.66 -9.08
C CYS G 201 -68.88 -57.22 -8.20
N THR G 202 -69.32 -55.98 -8.40
CA THR G 202 -70.55 -55.49 -7.78
C THR G 202 -71.78 -55.77 -8.62
N CYS G 203 -71.60 -56.24 -9.86
CA CYS G 203 -72.70 -56.58 -10.74
C CYS G 203 -73.25 -57.94 -10.33
N GLY G 204 -74.36 -57.94 -9.61
CA GLY G 204 -74.96 -59.18 -9.15
C GLY G 204 -74.28 -59.72 -7.90
N THR G 205 -75.07 -60.29 -7.00
CA THR G 205 -74.53 -60.81 -5.75
C THR G 205 -73.71 -62.08 -6.00
N GLY G 206 -72.72 -62.31 -5.13
CA GLY G 206 -71.92 -63.51 -5.18
C GLY G 206 -70.84 -63.54 -6.23
N ASN G 207 -70.65 -62.45 -6.97
CA ASN G 207 -69.65 -62.41 -8.05
C ASN G 207 -68.29 -62.03 -7.48
N VAL G 208 -67.73 -62.94 -6.69
CA VAL G 208 -66.42 -62.78 -6.09
C VAL G 208 -65.66 -64.10 -6.22
N GLY G 209 -64.41 -64.03 -6.62
CA GLY G 209 -63.62 -65.23 -6.80
C GLY G 209 -62.33 -64.94 -7.52
N THR G 210 -61.57 -66.01 -7.76
CA THR G 210 -60.27 -65.95 -8.44
C THR G 210 -60.30 -66.94 -9.59
N THR G 211 -60.78 -66.50 -10.75
CA THR G 211 -60.85 -67.36 -11.91
C THR G 211 -59.46 -67.65 -12.47
N ASN G 212 -59.20 -68.92 -12.76
CA ASN G 212 -57.96 -69.35 -13.38
C ASN G 212 -58.09 -69.58 -14.88
N SER G 213 -59.28 -69.38 -15.44
CA SER G 213 -59.50 -69.56 -16.87
C SER G 213 -60.24 -68.36 -17.44
N ASP G 214 -60.64 -68.44 -18.71
CA ASP G 214 -61.28 -67.32 -19.40
C ASP G 214 -62.76 -67.25 -18.99
N MET G 215 -62.98 -66.84 -17.74
CA MET G 215 -64.33 -66.66 -17.24
C MET G 215 -65.02 -65.53 -18.00
N THR G 216 -66.32 -65.70 -18.24
CA THR G 216 -67.09 -64.80 -19.10
C THR G 216 -68.41 -64.44 -18.43
N ILE G 217 -68.34 -64.01 -17.15
CA ILE G 217 -69.54 -63.57 -16.46
C ILE G 217 -70.24 -62.52 -17.30
N ASN G 218 -71.55 -62.69 -17.48
CA ASN G 218 -72.34 -61.89 -18.41
C ASN G 218 -73.22 -60.90 -17.65
N THR G 219 -73.95 -60.10 -18.42
CA THR G 219 -74.93 -59.14 -17.88
C THR G 219 -74.27 -58.20 -16.86
N CYS G 220 -73.13 -57.64 -17.24
CA CYS G 220 -72.40 -56.71 -16.38
C CYS G 220 -71.82 -55.60 -17.24
N LEU G 221 -71.24 -54.61 -16.57
CA LEU G 221 -70.65 -53.44 -17.22
C LEU G 221 -69.21 -53.27 -16.76
N ILE G 222 -68.49 -52.41 -17.48
CA ILE G 222 -67.06 -52.21 -17.20
C ILE G 222 -66.88 -51.64 -15.80
N GLU G 223 -67.67 -50.63 -15.43
CA GLU G 223 -67.53 -49.97 -14.15
C GLU G 223 -68.40 -50.62 -13.08
N GLN G 224 -68.28 -51.95 -12.99
CA GLN G 224 -68.99 -52.70 -11.96
C GLN G 224 -68.10 -53.79 -11.38
N CYS G 225 -66.82 -53.83 -11.72
CA CYS G 225 -65.94 -54.93 -11.33
C CYS G 225 -64.51 -54.42 -11.30
N HIS G 226 -63.69 -55.05 -10.45
CA HIS G 226 -62.28 -54.70 -10.32
C HIS G 226 -61.45 -55.95 -10.59
N VAL G 227 -60.84 -56.03 -11.75
CA VAL G 227 -59.99 -57.15 -12.13
C VAL G 227 -58.56 -56.84 -11.75
N SER G 228 -57.84 -57.87 -11.29
CA SER G 228 -56.45 -57.70 -10.89
C SER G 228 -55.78 -59.06 -10.87
N VAL G 229 -54.64 -59.17 -11.57
CA VAL G 229 -53.88 -60.41 -11.54
C VAL G 229 -53.33 -60.65 -10.13
N THR G 230 -53.01 -61.91 -9.85
CA THR G 230 -52.51 -62.33 -8.54
C THR G 230 -51.27 -63.18 -8.72
N ASP G 231 -50.33 -62.71 -9.56
CA ASP G 231 -49.09 -63.44 -9.77
C ASP G 231 -48.35 -63.61 -8.45
N HIS G 232 -47.90 -64.84 -8.19
CA HIS G 232 -47.18 -65.14 -6.96
C HIS G 232 -45.99 -66.06 -7.19
N LYS G 233 -45.53 -66.17 -8.44
CA LYS G 233 -44.46 -67.11 -8.75
C LYS G 233 -43.10 -66.54 -8.35
N LYS G 234 -42.80 -65.31 -8.78
CA LYS G 234 -41.53 -64.67 -8.52
C LYS G 234 -41.69 -63.58 -7.46
N TRP G 235 -40.59 -62.89 -7.19
CA TRP G 235 -40.47 -61.97 -6.07
C TRP G 235 -40.07 -60.59 -6.58
N GLN G 236 -40.50 -59.56 -5.85
CA GLN G 236 -40.09 -58.19 -6.08
C GLN G 236 -39.21 -57.72 -4.93
N PHE G 237 -38.67 -56.51 -5.04
CA PHE G 237 -37.69 -56.00 -4.09
C PHE G 237 -38.29 -54.82 -3.32
N ASN G 238 -39.14 -55.14 -2.34
CA ASN G 238 -39.51 -54.25 -1.24
C ASN G 238 -39.49 -52.78 -1.63
N SER G 239 -40.09 -52.44 -2.76
CA SER G 239 -39.98 -51.06 -3.19
C SER G 239 -40.97 -50.18 -2.42
N PRO G 240 -40.55 -48.97 -1.99
CA PRO G 240 -41.51 -48.06 -1.36
C PRO G 240 -42.62 -47.63 -2.30
N PHE G 241 -42.42 -47.76 -3.61
CA PHE G 241 -43.42 -47.39 -4.60
C PHE G 241 -44.37 -48.53 -4.94
N VAL G 242 -44.14 -49.71 -4.40
CA VAL G 242 -44.94 -50.89 -4.69
C VAL G 242 -45.69 -51.29 -3.43
N PRO G 243 -46.98 -50.98 -3.34
CA PRO G 243 -47.78 -51.46 -2.20
C PRO G 243 -47.59 -52.94 -1.93
N ARG G 244 -47.12 -53.29 -0.75
CA ARG G 244 -46.85 -54.69 -0.43
C ARG G 244 -48.14 -55.46 -0.24
N ALA G 245 -48.06 -56.77 -0.46
CA ALA G 245 -49.21 -57.65 -0.28
C ALA G 245 -49.54 -57.77 1.21
N ASP G 246 -50.56 -58.58 1.50
CA ASP G 246 -50.99 -58.75 2.88
C ASP G 246 -49.90 -59.43 3.71
N GLU G 247 -49.20 -60.39 3.13
CA GLU G 247 -48.20 -61.14 3.88
C GLU G 247 -47.13 -60.18 4.40
N PRO G 248 -46.71 -60.29 5.67
CA PRO G 248 -45.72 -59.35 6.22
C PRO G 248 -44.27 -59.70 5.90
N ALA G 249 -43.84 -59.33 4.69
CA ALA G 249 -42.42 -59.32 4.33
C ALA G 249 -41.79 -60.69 4.51
N ARG G 250 -42.19 -61.62 3.64
CA ARG G 250 -41.59 -62.96 3.64
C ARG G 250 -40.06 -62.86 3.70
N LYS G 251 -39.48 -61.74 3.27
CA LYS G 251 -38.08 -61.39 3.53
C LYS G 251 -37.11 -62.35 2.83
N GLY G 252 -37.26 -62.48 1.52
CA GLY G 252 -36.20 -63.06 0.72
C GLY G 252 -34.92 -62.25 0.84
N LYS G 253 -33.78 -62.93 0.67
CA LYS G 253 -32.51 -62.33 1.05
C LYS G 253 -31.51 -62.33 -0.10
N VAL G 254 -31.93 -61.85 -1.27
CA VAL G 254 -30.99 -61.65 -2.37
C VAL G 254 -29.83 -60.83 -1.86
N HIS G 255 -28.61 -61.31 -2.10
CA HIS G 255 -27.41 -60.65 -1.61
C HIS G 255 -27.06 -59.47 -2.50
N ILE G 256 -26.62 -58.37 -1.88
CA ILE G 256 -26.18 -57.21 -2.67
C ILE G 256 -24.95 -57.60 -3.47
N PRO G 257 -24.91 -57.40 -4.79
CA PRO G 257 -23.82 -57.95 -5.59
C PRO G 257 -22.44 -57.47 -5.19
N PHE G 258 -22.21 -56.15 -5.22
CA PHE G 258 -20.87 -55.60 -5.19
C PHE G 258 -20.50 -55.19 -3.77
N PRO G 259 -19.47 -55.77 -3.16
CA PRO G 259 -19.06 -55.36 -1.82
C PRO G 259 -18.08 -54.19 -1.89
N LEU G 260 -17.68 -53.73 -0.70
CA LEU G 260 -16.73 -52.62 -0.55
C LEU G 260 -15.47 -53.14 0.09
N ASP G 261 -14.32 -52.85 -0.52
CA ASP G 261 -13.04 -53.39 -0.09
C ASP G 261 -12.00 -52.29 -0.05
N ASN G 262 -11.01 -52.46 0.82
CA ASN G 262 -9.91 -51.50 0.96
C ASN G 262 -8.84 -51.80 -0.08
N ILE G 263 -8.55 -50.81 -0.94
CA ILE G 263 -7.55 -50.96 -1.97
C ILE G 263 -6.66 -49.72 -2.00
N THR G 264 -5.49 -49.87 -2.59
CA THR G 264 -4.58 -48.74 -2.76
C THR G 264 -5.22 -47.71 -3.69
N CYS G 265 -4.55 -46.56 -3.80
CA CYS G 265 -5.13 -45.44 -4.54
C CYS G 265 -4.05 -44.42 -4.85
N ARG G 266 -3.95 -43.98 -6.10
CA ARG G 266 -2.89 -43.07 -6.50
C ARG G 266 -3.29 -41.62 -6.26
N VAL G 267 -2.29 -40.77 -6.09
CA VAL G 267 -2.49 -39.35 -5.82
C VAL G 267 -1.23 -38.60 -6.20
N PRO G 268 -1.33 -37.44 -6.85
CA PRO G 268 -0.12 -36.72 -7.24
C PRO G 268 0.55 -36.03 -6.07
N MET G 269 1.82 -35.72 -6.26
CA MET G 269 2.60 -34.91 -5.32
C MET G 269 2.76 -33.52 -5.94
N ALA G 270 2.26 -32.51 -5.24
CA ALA G 270 2.21 -31.16 -5.80
C ALA G 270 3.61 -30.59 -5.98
N ARG G 271 3.69 -29.52 -6.77
CA ARG G 271 4.96 -28.86 -7.01
C ARG G 271 5.57 -28.43 -5.68
N GLU G 272 6.87 -28.67 -5.53
CA GLU G 272 7.56 -28.21 -4.34
C GLU G 272 7.63 -26.68 -4.36
N PRO G 273 7.37 -26.01 -3.24
CA PRO G 273 7.37 -24.55 -3.25
C PRO G 273 8.77 -23.97 -3.25
N THR G 274 8.86 -22.72 -3.70
CA THR G 274 10.13 -22.00 -3.77
C THR G 274 10.28 -21.20 -2.47
N VAL G 275 10.95 -21.80 -1.49
CA VAL G 275 11.13 -21.14 -0.22
C VAL G 275 11.98 -19.89 -0.39
N ILE G 276 11.62 -18.83 0.33
CA ILE G 276 12.40 -17.60 0.41
C ILE G 276 12.63 -17.29 1.87
N HIS G 277 13.88 -17.37 2.31
CA HIS G 277 14.19 -17.16 3.72
C HIS G 277 14.05 -15.69 4.08
N GLY G 278 13.79 -15.45 5.36
CA GLY G 278 13.64 -14.09 5.87
C GLY G 278 13.76 -14.10 7.38
N LYS G 279 13.84 -12.89 7.93
CA LYS G 279 14.00 -12.75 9.37
C LYS G 279 12.84 -13.41 10.09
N ARG G 280 13.11 -14.53 10.77
CA ARG G 280 12.13 -15.24 11.58
C ARG G 280 10.87 -15.62 10.79
N GLU G 281 10.95 -15.65 9.46
CA GLU G 281 9.77 -15.97 8.66
C GLU G 281 10.21 -16.42 7.28
N VAL G 282 9.30 -17.14 6.60
CA VAL G 282 9.48 -17.55 5.22
C VAL G 282 8.37 -16.92 4.39
N THR G 283 8.58 -16.94 3.07
CA THR G 283 7.54 -16.55 2.11
C THR G 283 7.56 -17.56 0.98
N LEU G 284 6.59 -18.47 0.99
CA LEU G 284 6.52 -19.54 0.02
C LEU G 284 5.82 -19.06 -1.25
N HIS G 285 6.33 -19.50 -2.40
CA HIS G 285 5.69 -19.25 -3.69
C HIS G 285 4.93 -20.51 -4.09
N LEU G 286 3.74 -20.68 -3.51
CA LEU G 286 2.92 -21.83 -3.84
C LEU G 286 2.51 -21.77 -5.30
N HIS G 287 2.68 -22.89 -6.00
CA HIS G 287 2.41 -22.98 -7.44
C HIS G 287 1.57 -24.23 -7.71
N PRO G 288 0.29 -24.21 -7.37
CA PRO G 288 -0.56 -25.37 -7.61
C PRO G 288 -1.07 -25.41 -9.05
N ASP G 289 -1.74 -26.52 -9.37
CA ASP G 289 -2.48 -26.64 -10.61
C ASP G 289 -3.86 -27.24 -10.39
N HIS G 290 -4.24 -27.52 -9.15
CA HIS G 290 -5.57 -27.98 -8.78
C HIS G 290 -5.70 -27.80 -7.27
N PRO G 291 -6.91 -27.62 -6.74
CA PRO G 291 -7.03 -27.31 -5.30
C PRO G 291 -6.25 -28.27 -4.42
N THR G 292 -5.32 -27.73 -3.64
CA THR G 292 -4.54 -28.49 -2.67
C THR G 292 -4.68 -27.86 -1.30
N LEU G 293 -4.21 -28.59 -0.28
CA LEU G 293 -4.20 -28.09 1.08
C LEU G 293 -2.87 -27.43 1.39
N PHE G 294 -2.86 -26.70 2.51
CA PHE G 294 -1.63 -26.04 2.97
C PHE G 294 -1.83 -25.69 4.43
N SER G 295 -1.07 -26.33 5.31
CA SER G 295 -1.23 -26.12 6.75
C SER G 295 0.14 -26.07 7.41
N TYR G 296 0.36 -25.03 8.21
CA TYR G 296 1.59 -24.87 8.95
C TYR G 296 1.26 -24.63 10.41
N ARG G 297 1.93 -25.37 11.30
CA ARG G 297 1.75 -25.23 12.73
C ARG G 297 3.09 -24.93 13.37
N THR G 298 3.12 -23.91 14.24
CA THR G 298 4.34 -23.53 14.94
C THR G 298 4.54 -24.52 16.10
N LEU G 299 5.47 -25.46 15.93
CA LEU G 299 5.66 -26.53 16.89
C LEU G 299 6.42 -26.03 18.12
N GLY G 300 5.84 -25.04 18.78
CA GLY G 300 6.34 -24.54 20.04
C GLY G 300 5.40 -24.88 21.18
N GLU G 301 4.79 -23.86 21.77
CA GLU G 301 3.72 -24.04 22.74
C GLU G 301 2.56 -23.13 22.35
N ASP G 302 1.34 -23.67 22.40
CA ASP G 302 0.19 -22.94 21.92
C ASP G 302 0.45 -22.50 20.49
N PRO G 303 0.46 -23.43 19.53
CA PRO G 303 0.87 -23.09 18.17
C PRO G 303 -0.03 -22.04 17.53
N GLN G 304 0.38 -21.59 16.35
CA GLN G 304 -0.43 -20.74 15.48
C GLN G 304 -0.72 -21.58 14.23
N TYR G 305 -1.76 -22.41 14.32
CA TYR G 305 -2.08 -23.32 13.23
C TYR G 305 -2.73 -22.56 12.07
N HIS G 306 -2.92 -23.26 10.97
CA HIS G 306 -3.55 -22.68 9.79
C HIS G 306 -3.82 -23.80 8.80
N GLU G 307 -4.89 -23.65 8.03
CA GLU G 307 -5.29 -24.67 7.07
C GLU G 307 -6.19 -24.02 6.02
N GLU G 308 -5.76 -24.00 4.77
CA GLU G 308 -6.51 -23.34 3.72
C GLU G 308 -6.35 -24.11 2.42
N TRP G 309 -7.31 -23.92 1.53
CA TRP G 309 -7.32 -24.57 0.22
C TRP G 309 -6.78 -23.59 -0.81
N VAL G 310 -5.59 -23.88 -1.34
CA VAL G 310 -4.97 -23.04 -2.35
C VAL G 310 -5.48 -23.47 -3.72
N THR G 311 -6.01 -22.50 -4.48
CA THR G 311 -6.56 -22.76 -5.79
C THR G 311 -5.73 -22.17 -6.93
N ALA G 312 -4.95 -21.12 -6.67
CA ALA G 312 -4.13 -20.50 -7.68
C ALA G 312 -2.83 -20.04 -7.03
N ALA G 313 -1.90 -19.57 -7.86
CA ALA G 313 -0.61 -19.12 -7.36
C ALA G 313 -0.79 -18.03 -6.31
N VAL G 314 -0.09 -18.18 -5.18
CA VAL G 314 -0.15 -17.24 -4.08
C VAL G 314 1.26 -17.05 -3.53
N GLU G 315 1.38 -16.18 -2.53
CA GLU G 315 2.67 -15.80 -1.95
C GLU G 315 2.56 -15.83 -0.42
N ARG G 316 2.03 -16.93 0.12
CA ARG G 316 1.82 -17.02 1.55
C ARG G 316 3.13 -16.89 2.30
N THR G 317 3.13 -16.08 3.35
CA THR G 317 4.24 -15.98 4.29
C THR G 317 3.89 -16.71 5.57
N ILE G 318 4.93 -17.10 6.31
CA ILE G 318 4.75 -17.92 7.50
C ILE G 318 5.73 -17.46 8.59
N PRO G 319 5.28 -17.24 9.82
CA PRO G 319 6.24 -17.03 10.89
C PRO G 319 6.99 -18.31 11.21
N VAL G 320 8.26 -18.16 11.58
CA VAL G 320 9.09 -19.29 11.95
C VAL G 320 9.80 -18.97 13.26
N PRO G 321 9.08 -18.90 14.38
CA PRO G 321 9.75 -18.65 15.67
C PRO G 321 10.88 -19.64 15.92
N VAL G 322 11.74 -19.32 16.90
CA VAL G 322 12.91 -20.16 17.14
C VAL G 322 12.51 -21.62 17.32
N ASP G 323 11.31 -21.87 17.83
CA ASP G 323 10.89 -23.25 18.05
C ASP G 323 10.68 -23.99 16.73
N GLY G 324 10.34 -23.28 15.67
CA GLY G 324 10.22 -23.88 14.35
C GLY G 324 8.76 -24.17 13.98
N MET G 325 8.52 -24.23 12.67
CA MET G 325 7.20 -24.50 12.11
C MET G 325 7.28 -25.72 11.20
N GLU G 326 6.14 -26.10 10.64
CA GLU G 326 6.04 -27.33 9.86
C GLU G 326 4.88 -27.19 8.88
N TYR G 327 5.20 -26.91 7.62
CA TYR G 327 4.19 -26.81 6.57
C TYR G 327 4.04 -28.14 5.86
N HIS G 328 2.87 -28.35 5.27
CA HIS G 328 2.44 -29.64 4.75
C HIS G 328 1.86 -29.49 3.36
N TRP G 329 2.59 -28.80 2.47
CA TRP G 329 2.07 -28.48 1.15
C TRP G 329 1.68 -29.75 0.40
N GLY G 330 0.47 -29.74 -0.17
CA GLY G 330 0.01 -30.82 -1.00
C GLY G 330 0.02 -32.15 -0.27
N ASN G 331 0.31 -33.21 -1.02
CA ASN G 331 0.48 -34.55 -0.45
C ASN G 331 1.90 -34.81 0.02
N ASN G 332 2.84 -33.92 -0.26
CA ASN G 332 4.22 -34.10 0.16
C ASN G 332 4.27 -34.31 1.67
N ASP G 333 5.34 -34.96 2.12
CA ASP G 333 5.50 -35.18 3.55
C ASP G 333 5.71 -33.84 4.26
N PRO G 334 5.36 -33.76 5.53
CA PRO G 334 5.58 -32.51 6.26
C PRO G 334 7.04 -32.11 6.24
N VAL G 335 7.28 -30.81 6.09
CA VAL G 335 8.63 -30.25 6.06
C VAL G 335 8.77 -29.34 7.27
N ARG G 336 9.84 -29.55 8.03
CA ARG G 336 10.10 -28.80 9.25
C ARG G 336 11.29 -27.88 9.05
N LEU G 337 11.08 -26.59 9.28
CA LEU G 337 12.14 -25.61 9.25
C LEU G 337 12.46 -25.17 10.68
N TRP G 338 13.40 -24.24 10.81
CA TRP G 338 13.80 -23.76 12.12
C TRP G 338 14.66 -22.52 11.93
N SER G 339 14.39 -21.49 12.72
CA SER G 339 15.09 -20.22 12.62
C SER G 339 16.24 -20.17 13.62
N GLN G 340 17.34 -19.54 13.22
CA GLN G 340 18.49 -19.36 14.08
C GLN G 340 18.43 -18.00 14.77
N LEU G 341 19.38 -17.76 15.68
CA LEU G 341 19.52 -16.46 16.33
C LEU G 341 20.42 -15.61 15.44
N THR G 342 19.80 -14.78 14.60
CA THR G 342 20.50 -14.03 13.56
C THR G 342 20.09 -12.56 13.58
N THR G 343 20.11 -11.95 14.76
CA THR G 343 19.72 -10.55 14.88
C THR G 343 20.66 -9.66 14.08
N GLU G 344 20.20 -8.44 13.84
CA GLU G 344 21.03 -7.39 13.27
C GLU G 344 21.91 -6.82 14.39
N GLY G 345 22.54 -5.69 14.14
CA GLY G 345 23.44 -5.11 15.11
C GLY G 345 24.78 -5.82 15.15
N LYS G 346 25.62 -5.35 16.05
CA LYS G 346 26.97 -5.86 16.09
C LYS G 346 27.18 -6.78 17.28
N PRO G 347 28.07 -7.78 17.16
CA PRO G 347 28.42 -8.61 18.32
C PRO G 347 29.28 -7.83 19.31
N HIS G 348 29.89 -8.53 20.28
CA HIS G 348 30.72 -7.89 21.31
C HIS G 348 31.43 -6.67 20.73
N GLY G 349 31.26 -5.54 21.40
CA GLY G 349 31.79 -4.29 20.87
C GLY G 349 31.24 -3.10 21.62
N TRP G 350 31.11 -1.99 20.90
CA TRP G 350 30.67 -0.76 21.53
C TRP G 350 29.27 -0.95 22.11
N PRO G 351 28.98 -0.39 23.29
CA PRO G 351 27.65 -0.60 23.88
C PRO G 351 26.50 -0.15 22.99
N HIS G 352 26.65 0.96 22.27
CA HIS G 352 25.58 1.42 21.41
C HIS G 352 25.28 0.43 20.29
N GLN G 353 26.22 -0.44 19.97
CA GLN G 353 26.03 -1.46 18.94
C GLN G 353 25.96 -2.87 19.51
N ILE G 354 25.99 -3.03 20.84
CA ILE G 354 25.77 -4.34 21.44
C ILE G 354 24.34 -4.47 21.95
N VAL G 355 23.71 -3.35 22.31
CA VAL G 355 22.29 -3.39 22.67
C VAL G 355 21.47 -3.81 21.46
N GLN G 356 21.87 -3.35 20.26
CA GLN G 356 21.17 -3.74 19.05
C GLN G 356 21.19 -5.26 18.87
N TYR G 357 22.37 -5.87 18.99
CA TYR G 357 22.48 -7.30 18.74
C TYR G 357 21.51 -8.09 19.61
N TYR G 358 21.32 -7.65 20.85
CA TYR G 358 20.34 -8.31 21.70
C TYR G 358 18.91 -7.90 21.31
N TYR G 359 18.72 -6.65 20.91
CA TYR G 359 17.42 -6.20 20.42
C TYR G 359 17.16 -6.90 19.09
N GLY G 360 16.27 -7.88 19.11
CA GLY G 360 16.10 -8.81 18.01
C GLY G 360 16.04 -10.20 18.57
N LEU G 361 16.79 -10.42 19.64
CA LEU G 361 16.63 -11.58 20.52
C LEU G 361 15.84 -11.09 21.73
N TYR G 362 14.55 -11.42 21.76
CA TYR G 362 13.70 -11.03 22.88
C TYR G 362 13.64 -9.50 22.97
N PRO G 363 13.11 -8.83 21.95
CA PRO G 363 13.13 -7.35 21.97
C PRO G 363 12.48 -6.75 23.20
N ALA G 364 11.40 -7.34 23.70
CA ALA G 364 10.75 -6.81 24.89
C ALA G 364 11.69 -6.89 26.09
N ALA G 365 12.42 -7.99 26.23
CA ALA G 365 13.31 -8.15 27.37
C ALA G 365 14.44 -7.14 27.35
N THR G 366 15.08 -6.96 26.20
CA THR G 366 16.27 -6.11 26.12
C THR G 366 15.93 -4.67 26.47
N VAL G 367 14.84 -4.15 25.92
CA VAL G 367 14.46 -2.76 26.20
C VAL G 367 14.15 -2.60 27.68
N SER G 368 13.45 -3.57 28.27
CA SER G 368 13.15 -3.51 29.70
C SER G 368 14.43 -3.51 30.53
N ALA G 369 15.38 -4.36 30.17
CA ALA G 369 16.66 -4.37 30.89
C ALA G 369 17.42 -3.07 30.68
N VAL G 370 17.44 -2.56 29.44
CA VAL G 370 18.22 -1.36 29.15
C VAL G 370 17.68 -0.17 29.93
N VAL G 371 16.35 0.00 29.94
CA VAL G 371 15.76 1.11 30.68
C VAL G 371 16.02 0.96 32.17
N GLY G 372 15.93 -0.27 32.68
CA GLY G 372 16.20 -0.48 34.10
C GLY G 372 17.62 -0.13 34.48
N MET G 373 18.59 -0.59 33.69
CA MET G 373 19.98 -0.29 33.99
C MET G 373 20.25 1.21 33.91
N SER G 374 19.72 1.86 32.87
CA SER G 374 19.92 3.30 32.74
C SER G 374 19.27 4.05 33.91
N LEU G 375 18.08 3.64 34.31
CA LEU G 375 17.40 4.30 35.43
C LEU G 375 18.21 4.12 36.72
N LEU G 376 18.72 2.92 36.96
CA LEU G 376 19.57 2.70 38.13
C LEU G 376 20.82 3.56 38.06
N ALA G 377 21.42 3.67 36.88
CA ALA G 377 22.63 4.48 36.75
C ALA G 377 22.36 5.94 37.10
N LEU G 378 21.24 6.48 36.64
CA LEU G 378 20.91 7.87 36.95
C LEU G 378 20.66 8.06 38.44
N ILE G 379 19.93 7.13 39.06
CA ILE G 379 19.55 7.31 40.46
C ILE G 379 20.80 7.33 41.34
N SER G 380 21.76 6.45 41.07
CA SER G 380 23.00 6.46 41.84
C SER G 380 23.76 7.76 41.61
N ILE G 381 23.81 8.23 40.37
CA ILE G 381 24.47 9.51 40.08
C ILE G 381 23.75 10.64 40.82
N PHE G 382 22.42 10.65 40.77
CA PHE G 382 21.67 11.69 41.47
C PHE G 382 21.88 11.59 42.98
N ALA G 383 21.89 10.36 43.52
CA ALA G 383 22.20 10.20 44.93
C ALA G 383 23.60 10.70 45.25
N SER G 384 24.58 10.33 44.42
CA SER G 384 25.95 10.78 44.66
C SER G 384 26.06 12.30 44.62
N CYS G 385 25.40 12.93 43.62
CA CYS G 385 25.36 14.39 43.59
C CYS G 385 24.66 14.94 44.81
N TYR G 386 23.61 14.24 45.28
CA TYR G 386 22.89 14.71 46.46
C TYR G 386 23.79 14.71 47.69
N MET G 387 24.58 13.66 47.88
CA MET G 387 25.47 13.62 49.03
C MET G 387 26.51 14.73 48.97
N LEU G 388 27.06 14.98 47.78
CA LEU G 388 28.11 15.99 47.64
C LEU G 388 27.62 17.36 48.07
N VAL G 389 26.41 17.74 47.64
CA VAL G 389 25.87 19.04 48.01
C VAL G 389 25.55 19.08 49.50
N ALA G 390 25.01 17.99 50.04
CA ALA G 390 24.74 17.95 51.47
C ALA G 390 26.01 18.10 52.28
N ALA G 391 27.08 17.39 51.89
CA ALA G 391 28.35 17.53 52.59
C ALA G 391 28.86 18.96 52.51
N ARG G 392 28.66 19.62 51.38
CA ARG G 392 29.05 21.02 51.26
C ARG G 392 28.30 21.88 52.26
N SER G 393 26.98 21.67 52.38
CA SER G 393 26.18 22.47 53.29
C SER G 393 26.61 22.24 54.74
N LYS G 394 26.83 20.98 55.12
CA LYS G 394 27.18 20.69 56.51
C LYS G 394 28.53 21.29 56.88
N CYS G 395 29.51 21.21 55.98
CA CYS G 395 30.84 21.68 56.28
C CYS G 395 31.03 23.18 56.02
N LEU G 396 30.18 23.78 55.18
CA LEU G 396 30.31 25.21 54.90
C LEU G 396 29.54 26.08 55.88
N THR G 397 28.41 25.59 56.39
CA THR G 397 27.62 26.38 57.32
C THR G 397 28.41 26.78 58.56
N PRO G 398 29.16 25.88 59.22
CA PRO G 398 29.88 26.28 60.43
C PRO G 398 30.87 27.41 60.19
N TYR G 399 31.71 27.29 59.16
CA TYR G 399 32.68 28.34 58.87
C TYR G 399 31.97 29.67 58.60
N ALA G 400 30.92 29.63 57.78
CA ALA G 400 30.20 30.85 57.40
C ALA G 400 28.91 30.97 58.21
N LEU G 401 29.07 31.35 59.48
CA LEU G 401 27.93 31.84 60.26
C LEU G 401 28.15 33.29 60.67
N THR G 402 29.15 33.59 61.51
CA THR G 402 29.60 34.94 61.75
C THR G 402 30.68 35.36 60.76
N PRO G 403 31.75 34.57 60.61
CA PRO G 403 32.93 35.06 59.89
C PRO G 403 32.98 34.65 58.44
N GLY G 404 33.63 35.48 57.62
CA GLY G 404 34.10 35.04 56.32
C GLY G 404 35.54 34.59 56.42
N ALA G 405 35.76 33.28 56.57
CA ALA G 405 37.10 32.74 56.75
C ALA G 405 37.06 31.27 56.38
N ALA G 406 37.80 30.88 55.35
CA ALA G 406 37.68 29.53 54.82
C ALA G 406 39.02 28.93 54.41
N VAL G 407 40.12 29.36 55.04
CA VAL G 407 41.40 28.65 54.91
C VAL G 407 41.73 28.48 53.42
N PRO G 408 42.32 29.48 52.76
CA PRO G 408 42.16 29.61 51.30
C PRO G 408 42.60 28.37 50.54
N TRP G 409 41.72 27.37 50.55
CA TRP G 409 41.83 26.13 49.80
C TRP G 409 42.84 25.19 50.43
N THR G 410 43.48 25.61 51.52
CA THR G 410 44.31 24.68 52.28
C THR G 410 43.46 23.65 53.00
N LEU G 411 42.40 24.11 53.69
CA LEU G 411 41.38 23.25 54.25
C LEU G 411 40.06 23.34 53.48
N GLY G 412 40.03 24.09 52.39
CA GLY G 412 38.83 24.15 51.56
C GLY G 412 38.67 22.99 50.61
N ILE G 413 39.77 22.30 50.28
CA ILE G 413 39.72 21.15 49.38
C ILE G 413 39.55 19.85 50.15
N LEU G 414 40.39 19.64 51.15
CA LEU G 414 40.39 18.36 51.87
C LEU G 414 39.08 18.15 52.61
N CYS G 415 38.52 19.20 53.20
CA CYS G 415 37.35 19.06 54.04
C CYS G 415 36.08 18.86 53.22
N CYS G 416 35.72 19.84 52.40
CA CYS G 416 34.46 19.82 51.67
C CYS G 416 34.62 20.66 50.41
N ALA G 417 33.50 21.01 49.78
CA ALA G 417 33.54 21.78 48.55
C ALA G 417 34.13 23.16 48.81
N PRO G 418 35.22 23.55 48.14
CA PRO G 418 35.73 24.92 48.30
C PRO G 418 35.01 25.92 47.42
N ARG G 419 33.84 25.54 46.89
CA ARG G 419 33.12 26.39 45.94
C ARG G 419 32.53 27.64 46.57
N ALA G 420 32.78 27.91 47.85
CA ALA G 420 32.34 29.16 48.44
C ALA G 420 33.04 30.33 47.76
N HIS G 421 32.29 31.41 47.55
CA HIS G 421 32.82 32.57 46.83
C HIS G 421 34.00 33.19 47.57
N ALA G 422 33.74 33.72 48.76
CA ALA G 422 34.78 34.42 49.53
C ALA G 422 35.45 35.50 48.70
N GLY H 106 23.44 51.60 91.28
CA GLY H 106 22.15 51.16 90.66
C GLY H 106 22.08 51.46 89.19
N LYS H 107 22.17 52.74 88.84
CA LYS H 107 22.10 53.18 87.44
C LYS H 107 23.52 53.24 86.88
N ARG H 108 24.02 52.08 86.47
CA ARG H 108 25.32 51.94 85.84
C ARG H 108 25.19 51.41 84.41
N GLU H 109 24.03 51.62 83.79
CA GLU H 109 23.71 51.04 82.50
C GLU H 109 23.75 52.14 81.44
N ARG H 110 24.93 52.31 80.84
CA ARG H 110 25.13 53.17 79.68
C ARG H 110 25.98 52.44 78.64
N MET H 111 25.80 51.13 78.55
CA MET H 111 26.64 50.28 77.73
C MET H 111 26.12 50.25 76.29
N CYS H 112 26.64 49.32 75.49
CA CYS H 112 26.27 49.24 74.08
C CYS H 112 24.79 48.99 73.89
N MET H 113 24.10 48.42 74.89
CA MET H 113 22.67 48.15 74.74
C MET H 113 21.92 49.40 74.34
N LYS H 114 22.20 50.52 75.01
CA LYS H 114 21.59 51.79 74.63
C LYS H 114 22.19 52.35 73.36
N ILE H 115 23.48 52.06 73.09
CA ILE H 115 24.12 52.58 71.89
C ILE H 115 23.46 52.01 70.64
N GLU H 116 23.27 50.69 70.60
CA GLU H 116 22.67 50.07 69.42
C GLU H 116 21.15 50.15 69.48
N ASN H 117 20.54 49.53 70.48
CA ASN H 117 19.13 49.65 70.83
C ASN H 117 18.17 49.19 69.74
N ASP H 118 18.66 48.76 68.57
CA ASP H 118 17.77 48.44 67.46
C ASP H 118 18.09 47.13 66.77
N CYS H 119 19.21 46.47 67.09
CA CYS H 119 19.52 45.20 66.45
C CYS H 119 18.46 44.14 66.76
N ILE H 120 17.69 44.32 67.83
CA ILE H 120 16.62 43.39 68.18
C ILE H 120 15.45 43.62 67.23
N PHE H 121 15.05 42.56 66.53
CA PHE H 121 13.98 42.63 65.54
C PHE H 121 12.69 42.00 66.01
N GLU H 122 12.63 41.52 67.26
CA GLU H 122 11.42 41.01 67.89
C GLU H 122 10.61 40.14 66.92
N VAL H 123 11.23 39.03 66.49
CA VAL H 123 10.56 38.09 65.61
C VAL H 123 9.20 37.74 66.20
N LYS H 124 8.16 37.85 65.39
CA LYS H 124 6.77 37.70 65.84
C LYS H 124 6.05 36.73 64.90
N HIS H 125 5.67 35.57 65.42
CA HIS H 125 4.90 34.61 64.66
C HIS H 125 3.42 34.95 64.75
N GLU H 126 2.75 35.06 63.60
CA GLU H 126 1.36 35.50 63.52
C GLU H 126 1.13 36.68 64.44
N GLY H 127 2.11 37.59 64.52
CA GLY H 127 2.02 38.77 65.35
C GLY H 127 2.42 38.57 66.79
N LYS H 128 2.83 37.36 67.19
CA LYS H 128 3.19 37.05 68.56
C LYS H 128 4.71 36.96 68.65
N VAL H 129 5.32 37.91 69.36
CA VAL H 129 6.77 37.94 69.48
C VAL H 129 7.23 36.64 70.13
N THR H 130 8.01 35.86 69.38
CA THR H 130 8.51 34.57 69.85
C THR H 130 10.02 34.52 69.97
N GLY H 131 10.75 35.34 69.21
CA GLY H 131 12.20 35.35 69.27
C GLY H 131 12.77 36.72 69.00
N TYR H 132 14.10 36.82 68.96
CA TYR H 132 14.77 38.10 68.74
C TYR H 132 15.97 37.86 67.82
N ALA H 133 16.02 38.60 66.72
CA ALA H 133 17.11 38.50 65.76
C ALA H 133 18.07 39.68 65.95
N CYS H 134 19.35 39.41 65.75
CA CYS H 134 20.40 40.42 65.89
C CYS H 134 21.34 40.34 64.68
N LEU H 135 22.40 41.13 64.72
CA LEU H 135 23.38 41.18 63.63
C LEU H 135 24.79 41.16 64.21
N VAL H 136 25.69 40.48 63.51
CA VAL H 136 27.09 40.42 63.91
C VAL H 136 27.98 40.31 62.68
N GLY H 137 28.82 41.31 62.46
CA GLY H 137 29.83 41.27 61.42
C GLY H 137 29.32 40.86 60.06
N ASP H 138 28.48 41.69 59.44
CA ASP H 138 27.93 41.46 58.11
C ASP H 138 27.04 40.23 58.05
N LYS H 139 26.66 39.67 59.19
CA LYS H 139 25.79 38.50 59.26
C LYS H 139 24.62 38.81 60.18
N VAL H 140 23.56 38.02 60.05
CA VAL H 140 22.36 38.15 60.85
C VAL H 140 22.18 36.86 61.64
N MET H 141 22.03 36.97 62.95
CA MET H 141 21.82 35.83 63.83
C MET H 141 20.35 35.72 64.18
N LYS H 142 19.82 34.51 64.10
CA LYS H 142 18.42 34.25 64.36
C LYS H 142 18.29 32.75 64.64
N PRO H 143 17.72 32.34 65.78
CA PRO H 143 17.60 30.91 66.05
C PRO H 143 16.74 30.22 64.99
N ALA H 144 17.16 29.01 64.61
CA ALA H 144 16.42 28.27 63.60
C ALA H 144 15.15 27.65 64.17
N HIS H 145 15.21 27.14 65.40
CA HIS H 145 14.05 26.46 65.97
C HIS H 145 12.85 27.41 66.13
N VAL H 146 13.11 28.69 66.40
CA VAL H 146 12.03 29.65 66.47
C VAL H 146 11.61 30.05 65.05
N LYS H 147 10.43 30.65 64.95
CA LYS H 147 9.91 31.11 63.67
C LYS H 147 8.98 32.29 63.92
N GLY H 148 8.76 33.07 62.88
CA GLY H 148 7.87 34.21 62.99
C GLY H 148 8.06 35.16 61.82
N VAL H 149 7.73 36.42 62.07
CA VAL H 149 7.76 37.46 61.05
C VAL H 149 9.12 38.14 61.07
N ILE H 150 9.62 38.45 59.87
CA ILE H 150 10.92 39.08 59.67
C ILE H 150 10.66 40.46 59.06
N ASP H 151 9.60 41.12 59.53
CA ASP H 151 8.97 42.26 58.88
C ASP H 151 9.95 43.14 58.13
N ASN H 152 11.10 43.44 58.71
CA ASN H 152 12.11 44.24 58.03
C ASN H 152 12.31 43.71 56.62
N ALA H 153 11.98 44.55 55.63
CA ALA H 153 11.97 44.08 54.24
C ALA H 153 13.33 43.56 53.82
N ASP H 154 14.41 44.25 54.22
CA ASP H 154 15.75 43.79 53.91
C ASP H 154 15.96 42.37 54.43
N LEU H 155 15.64 42.13 55.70
CA LEU H 155 15.82 40.82 56.28
C LEU H 155 14.74 39.83 55.85
N ALA H 156 13.54 40.32 55.53
CA ALA H 156 12.43 39.43 55.22
C ALA H 156 12.73 38.58 53.99
N LYS H 157 13.36 39.17 52.97
CA LYS H 157 13.60 38.50 51.70
C LYS H 157 14.99 37.90 51.61
N LEU H 158 15.52 37.42 52.73
CA LEU H 158 16.86 36.87 52.78
C LEU H 158 16.78 35.39 53.15
N ALA H 159 17.69 34.59 52.60
CA ALA H 159 17.70 33.15 52.82
C ALA H 159 18.66 32.79 53.96
N PHE H 160 18.18 31.97 54.88
CA PHE H 160 18.97 31.52 56.02
C PHE H 160 19.17 30.01 55.96
N LYS H 161 20.25 29.55 56.56
CA LYS H 161 20.44 28.13 56.83
C LYS H 161 19.60 27.74 58.04
N LYS H 162 19.39 26.43 58.20
CA LYS H 162 18.57 25.91 59.30
C LYS H 162 19.25 24.71 59.93
N SER H 163 20.58 24.72 60.02
CA SER H 163 21.32 23.62 60.60
C SER H 163 20.87 23.40 62.04
N SER H 164 20.24 22.26 62.30
CA SER H 164 19.77 21.97 63.66
C SER H 164 20.92 21.74 64.61
N LYS H 165 22.05 21.23 64.12
CA LYS H 165 23.23 21.05 64.97
C LYS H 165 23.62 22.36 65.63
N TYR H 166 23.45 23.48 64.93
CA TYR H 166 23.69 24.81 65.49
C TYR H 166 22.43 25.60 65.75
N ASP H 167 21.31 25.26 65.10
CA ASP H 167 20.03 25.93 65.33
C ASP H 167 20.18 27.44 65.14
N LEU H 168 20.85 27.83 64.07
CA LEU H 168 21.13 29.23 63.78
C LEU H 168 20.68 29.55 62.37
N GLU H 169 20.43 30.84 62.11
CA GLU H 169 20.08 31.34 60.79
C GLU H 169 21.07 32.44 60.43
N CYS H 170 22.20 32.06 59.85
CA CYS H 170 23.15 33.02 59.35
C CYS H 170 22.57 33.78 58.15
N ALA H 171 23.32 34.73 57.64
CA ALA H 171 22.82 35.60 56.58
C ALA H 171 23.95 36.49 56.08
N GLN H 172 23.68 37.23 55.02
CA GLN H 172 24.56 38.27 54.50
C GLN H 172 23.75 39.56 54.45
N ILE H 173 23.84 40.35 55.52
CA ILE H 173 23.06 41.57 55.68
C ILE H 173 23.59 42.64 54.74
N PRO H 174 22.73 43.53 54.20
CA PRO H 174 23.25 44.65 53.41
C PRO H 174 23.84 45.75 54.29
N VAL H 175 24.21 46.86 53.67
CA VAL H 175 24.84 47.98 54.37
C VAL H 175 23.79 48.74 55.17
N HIS H 176 22.52 48.31 55.06
CA HIS H 176 21.41 48.99 55.72
C HIS H 176 21.43 48.76 57.23
N MET H 177 22.18 47.76 57.70
CA MET H 177 22.44 47.57 59.13
C MET H 177 23.90 47.73 59.52
N ARG H 178 24.82 47.79 58.56
CA ARG H 178 26.25 47.71 58.88
C ARG H 178 26.74 48.86 59.75
N SER H 179 25.88 49.82 60.07
CA SER H 179 26.13 50.75 61.16
C SER H 179 25.16 50.58 62.32
N ASP H 180 24.03 49.91 62.10
CA ASP H 180 23.15 49.46 63.17
C ASP H 180 23.51 48.04 63.61
N ALA H 181 24.78 47.84 63.92
CA ALA H 181 25.36 46.53 64.16
C ALA H 181 25.77 46.39 65.63
N SER H 182 26.40 45.26 65.94
CA SER H 182 26.85 44.97 67.29
C SER H 182 28.12 44.13 67.22
N LYS H 183 29.22 44.66 67.75
CA LYS H 183 30.48 43.93 67.74
C LYS H 183 30.33 42.61 68.49
N TYR H 184 31.32 41.74 68.33
CA TYR H 184 31.26 40.38 68.83
C TYR H 184 32.60 40.04 69.48
N THR H 185 32.76 38.76 69.83
CA THR H 185 34.04 38.26 70.31
C THR H 185 34.12 36.77 70.02
N HIS H 186 35.35 36.29 69.91
CA HIS H 186 35.63 34.85 69.85
C HIS H 186 36.27 34.37 71.14
N GLU H 187 36.35 35.22 72.16
CA GLU H 187 36.95 34.88 73.45
C GLU H 187 35.95 35.19 74.56
N LYS H 188 36.09 34.47 75.67
CA LYS H 188 35.15 34.58 76.79
C LYS H 188 35.92 34.81 78.08
N PRO H 189 36.07 36.06 78.53
CA PRO H 189 36.66 36.31 79.85
C PRO H 189 35.71 35.94 80.97
N GLU H 190 35.75 34.68 81.40
CA GLU H 190 34.79 34.12 82.35
C GLU H 190 34.44 35.12 83.44
N GLY H 191 33.14 35.33 83.64
CA GLY H 191 32.67 36.27 84.66
C GLY H 191 31.26 36.74 84.43
N HIS H 192 31.06 38.04 84.53
CA HIS H 192 29.75 38.67 84.39
C HIS H 192 29.64 39.33 83.02
N TYR H 193 28.48 39.17 82.38
CA TYR H 193 28.20 39.79 81.10
C TYR H 193 26.83 40.43 81.14
N ASN H 194 26.63 41.40 80.26
CA ASN H 194 25.40 42.18 80.22
C ASN H 194 24.27 41.39 79.57
N TRP H 195 23.05 41.62 80.05
CA TRP H 195 21.87 40.95 79.55
C TRP H 195 20.72 41.95 79.42
N HIS H 196 19.67 41.54 78.73
CA HIS H 196 18.49 42.38 78.51
C HIS H 196 17.54 42.32 79.71
N HIS H 197 17.07 41.13 80.06
CA HIS H 197 16.11 40.95 81.14
C HIS H 197 16.79 40.74 82.49
N GLY H 198 18.06 41.09 82.61
CA GLY H 198 18.80 40.86 83.83
C GLY H 198 20.30 40.94 83.63
N ALA H 199 21.02 39.91 84.09
CA ALA H 199 22.46 39.84 83.94
C ALA H 199 22.86 38.44 83.47
N VAL H 200 24.14 38.26 83.20
CA VAL H 200 24.69 36.97 82.78
C VAL H 200 25.80 36.61 83.76
N GLN H 201 25.71 35.42 84.33
CA GLN H 201 26.72 34.90 85.27
C GLN H 201 27.39 33.70 84.60
N TYR H 202 28.57 33.93 84.02
CA TYR H 202 29.28 32.91 83.26
C TYR H 202 30.28 32.24 84.20
N SER H 203 29.85 31.16 84.85
CA SER H 203 30.76 30.37 85.64
C SER H 203 31.78 29.67 84.73
N GLY H 204 32.66 28.90 85.34
CA GLY H 204 33.67 28.21 84.56
C GLY H 204 33.06 27.30 83.52
N GLY H 205 33.14 27.72 82.26
CA GLY H 205 32.61 26.91 81.16
C GLY H 205 31.14 26.57 81.28
N ARG H 206 30.32 27.53 81.72
CA ARG H 206 28.88 27.29 81.81
C ARG H 206 28.17 28.62 81.99
N PHE H 207 27.18 28.89 81.14
CA PHE H 207 26.34 30.06 81.29
C PHE H 207 25.20 29.78 82.26
N THR H 208 24.80 30.81 83.00
CA THR H 208 23.67 30.69 83.92
C THR H 208 23.14 32.07 84.24
N ILE H 209 21.89 32.09 84.72
CA ILE H 209 21.24 33.30 85.19
C ILE H 209 20.54 33.00 86.50
N PRO H 210 20.17 34.03 87.26
CA PRO H 210 19.54 33.79 88.56
C PRO H 210 18.31 32.90 88.42
N THR H 211 18.15 31.99 89.38
CA THR H 211 17.09 31.00 89.32
C THR H 211 15.73 31.66 89.17
N GLY H 212 14.96 31.19 88.20
CA GLY H 212 13.65 31.75 87.94
C GLY H 212 13.65 33.07 87.19
N ALA H 213 14.83 33.63 86.89
CA ALA H 213 14.91 34.87 86.15
C ALA H 213 14.65 34.63 84.68
N GLY H 214 14.42 35.72 83.95
CA GLY H 214 14.13 35.59 82.54
C GLY H 214 12.80 34.89 82.29
N LYS H 215 12.73 34.12 81.21
CA LYS H 215 11.51 33.46 80.80
C LYS H 215 11.76 32.57 79.59
N PRO H 216 10.88 31.63 79.28
CA PRO H 216 11.00 30.86 78.05
C PRO H 216 10.26 31.51 76.89
N GLY H 217 10.51 30.96 75.70
CA GLY H 217 9.90 31.51 74.50
C GLY H 217 10.49 32.81 74.03
N ASP H 218 11.71 33.13 74.43
CA ASP H 218 12.39 34.38 74.08
C ASP H 218 13.82 34.10 73.65
N SER H 219 13.98 33.15 72.73
CA SER H 219 15.28 32.60 72.38
C SER H 219 16.38 33.65 72.23
N GLY H 220 16.23 34.58 71.29
CA GLY H 220 17.35 35.37 70.82
C GLY H 220 18.20 36.04 71.89
N ARG H 221 17.68 37.10 72.51
CA ARG H 221 18.33 37.77 73.63
C ARG H 221 19.83 37.95 73.38
N PRO H 222 20.24 38.91 72.57
CA PRO H 222 21.67 39.04 72.26
C PRO H 222 22.47 39.47 73.48
N ILE H 223 22.79 38.50 74.34
CA ILE H 223 23.56 38.77 75.54
C ILE H 223 24.76 39.65 75.20
N PHE H 224 25.08 40.56 76.11
CA PHE H 224 26.12 41.55 75.90
C PHE H 224 27.21 41.42 76.95
N ASP H 225 28.42 41.79 76.57
CA ASP H 225 29.58 41.73 77.44
C ASP H 225 29.69 43.02 78.27
N ASN H 226 30.53 42.97 79.30
CA ASN H 226 30.75 44.13 80.15
C ASN H 226 31.57 45.21 79.47
N LYS H 227 32.18 44.92 78.32
CA LYS H 227 32.91 45.92 77.55
C LYS H 227 32.01 46.62 76.53
N GLY H 228 30.77 46.18 76.37
CA GLY H 228 29.87 46.77 75.39
C GLY H 228 29.91 46.04 74.06
N ARG H 229 30.03 44.71 74.11
CA ARG H 229 30.13 43.90 72.90
C ARG H 229 29.35 42.60 73.13
N VAL H 230 29.30 41.76 72.09
CA VAL H 230 28.51 40.53 72.10
C VAL H 230 29.45 39.35 72.27
N VAL H 231 29.06 38.41 73.13
CA VAL H 231 29.80 37.17 73.30
C VAL H 231 28.91 35.94 73.28
N ALA H 232 27.59 36.07 73.35
CA ALA H 232 26.72 34.90 73.39
C ALA H 232 25.32 35.30 72.94
N ILE H 233 24.56 34.30 72.51
CA ILE H 233 23.16 34.44 72.16
C ILE H 233 22.39 33.32 72.84
N VAL H 234 21.27 33.67 73.46
CA VAL H 234 20.49 32.71 74.23
C VAL H 234 19.74 31.79 73.29
N LEU H 235 19.68 30.51 73.66
CA LEU H 235 18.87 29.52 72.94
C LEU H 235 17.84 28.85 73.85
N GLY H 236 18.26 28.37 75.02
CA GLY H 236 17.38 27.63 75.89
C GLY H 236 17.50 28.03 77.35
N GLY H 237 17.12 27.12 78.24
CA GLY H 237 17.18 27.37 79.67
C GLY H 237 16.95 26.11 80.47
N ALA H 238 17.84 25.83 81.43
CA ALA H 238 17.75 24.65 82.29
C ALA H 238 17.65 25.13 83.73
N ASN H 239 16.54 24.82 84.39
CA ASN H 239 16.29 25.26 85.76
C ASN H 239 16.54 24.09 86.71
N GLU H 240 17.81 23.90 87.06
CA GLU H 240 18.17 22.87 88.02
C GLU H 240 17.85 23.34 89.44
N GLY H 241 17.87 22.40 90.38
CA GLY H 241 17.60 22.74 91.77
C GLY H 241 18.54 23.80 92.31
N SER H 242 19.76 23.88 91.76
CA SER H 242 20.72 24.87 92.23
C SER H 242 20.45 26.23 91.60
N ARG H 243 20.49 26.31 90.27
CA ARG H 243 20.32 27.57 89.56
C ARG H 243 19.84 27.27 88.16
N THR H 244 19.89 28.28 87.28
CA THR H 244 19.32 28.21 85.94
C THR H 244 20.46 28.27 84.92
N ALA H 245 20.69 27.17 84.22
CA ALA H 245 21.59 27.15 83.08
C ALA H 245 20.80 27.45 81.81
N LEU H 246 21.48 27.42 80.66
CA LEU H 246 20.80 27.78 79.42
C LEU H 246 21.64 27.38 78.22
N SER H 247 20.98 26.83 77.21
CA SER H 247 21.65 26.57 75.94
C SER H 247 21.91 27.87 75.20
N VAL H 248 23.11 28.01 74.65
CA VAL H 248 23.53 29.23 73.97
C VAL H 248 24.47 28.86 72.84
N VAL H 249 24.89 29.86 72.07
CA VAL H 249 25.83 29.69 70.97
C VAL H 249 27.01 30.64 71.18
N THR H 250 28.21 30.11 70.96
CA THR H 250 29.42 30.91 71.06
C THR H 250 30.20 30.84 69.75
N TRP H 251 31.39 31.43 69.74
CA TRP H 251 32.22 31.49 68.53
C TRP H 251 33.66 31.18 68.91
N ASN H 252 34.19 30.10 68.35
CA ASN H 252 35.59 29.75 68.55
C ASN H 252 36.46 30.67 67.69
N LYS H 253 37.76 30.36 67.60
CA LYS H 253 38.65 31.20 66.81
C LYS H 253 38.09 31.40 65.40
N ASP H 254 37.67 30.32 64.76
CA ASP H 254 36.99 30.39 63.47
C ASP H 254 35.67 29.62 63.47
N MET H 255 35.61 28.50 64.18
CA MET H 255 34.39 27.70 64.20
C MET H 255 33.29 28.42 64.98
N VAL H 256 32.08 28.36 64.45
CA VAL H 256 30.90 28.93 65.12
C VAL H 256 30.19 27.74 65.76
N THR H 257 30.53 27.47 67.02
CA THR H 257 30.07 26.28 67.72
C THR H 257 28.80 26.60 68.51
N ARG H 258 28.39 25.66 69.36
CA ARG H 258 27.20 25.82 70.18
C ARG H 258 27.35 24.95 71.42
N VAL H 259 26.65 25.33 72.48
CA VAL H 259 26.64 24.59 73.73
C VAL H 259 25.20 24.47 74.22
N THR H 260 24.85 23.30 74.76
CA THR H 260 23.50 23.03 75.23
C THR H 260 23.60 22.21 76.51
N PRO H 261 23.51 22.85 77.68
CA PRO H 261 23.63 22.08 78.93
C PRO H 261 22.49 21.09 79.10
N GLU H 262 22.80 19.99 79.78
CA GLU H 262 21.82 18.93 79.96
C GLU H 262 20.61 19.44 80.74
N GLY H 263 19.44 18.95 80.36
CA GLY H 263 18.20 19.38 80.98
C GLY H 263 17.69 20.73 80.53
N SER H 264 18.28 21.31 79.49
CA SER H 264 17.89 22.62 79.00
C SER H 264 16.81 22.46 77.94
N GLU H 265 15.71 23.20 78.11
CA GLU H 265 14.61 23.20 77.16
C GLU H 265 14.68 24.44 76.28
N GLU H 266 13.82 24.48 75.26
CA GLU H 266 13.76 25.62 74.36
C GLU H 266 13.19 26.82 75.10
N TRP H 267 13.87 27.96 75.01
CA TRP H 267 13.44 29.18 75.68
C TRP H 267 13.40 30.35 74.70
N TYR I 1 27.38 -49.11 40.17
CA TYR I 1 27.54 -47.71 40.64
C TYR I 1 26.34 -46.86 40.23
N GLU I 2 25.46 -46.59 41.19
CA GLU I 2 24.25 -45.82 40.90
C GLU I 2 24.61 -44.42 40.42
N HIS I 3 23.89 -43.97 39.39
CA HIS I 3 24.05 -42.62 38.88
C HIS I 3 22.71 -42.17 38.31
N SER I 4 22.27 -40.98 38.71
CA SER I 4 20.99 -40.42 38.28
C SER I 4 21.24 -39.10 37.58
N THR I 5 20.54 -38.90 36.45
CA THR I 5 20.67 -37.68 35.67
C THR I 5 19.37 -37.46 34.91
N VAL I 6 19.24 -36.27 34.32
CA VAL I 6 18.06 -35.90 33.56
C VAL I 6 18.48 -35.46 32.17
N MET I 7 17.80 -35.98 31.14
CA MET I 7 18.05 -35.59 29.76
C MET I 7 16.81 -34.89 29.19
N PRO I 8 17.01 -33.88 28.34
CA PRO I 8 15.84 -33.25 27.70
C PRO I 8 15.11 -34.22 26.79
N ASN I 9 13.78 -34.09 26.75
CA ASN I 9 12.95 -34.97 25.94
C ASN I 9 12.74 -34.38 24.55
N VAL I 10 13.87 -34.17 23.86
CA VAL I 10 13.87 -33.62 22.51
C VAL I 10 14.51 -34.64 21.59
N VAL I 11 13.71 -35.19 20.66
CA VAL I 11 14.22 -36.21 19.75
C VAL I 11 15.37 -35.63 18.94
N GLY I 12 16.46 -36.39 18.84
CA GLY I 12 17.62 -35.94 18.10
C GLY I 12 18.53 -35.00 18.85
N PHE I 13 18.54 -35.04 20.17
CA PHE I 13 19.41 -34.20 20.97
C PHE I 13 20.54 -35.05 21.55
N PRO I 14 21.79 -34.90 21.10
CA PRO I 14 22.85 -35.79 21.60
C PRO I 14 23.26 -35.47 23.03
N TYR I 15 22.49 -35.93 24.00
CA TYR I 15 22.88 -35.75 25.40
C TYR I 15 24.07 -36.64 25.73
N LYS I 16 24.86 -36.21 26.71
CA LYS I 16 26.11 -36.89 27.07
C LYS I 16 26.25 -36.86 28.59
N ALA I 17 25.77 -37.92 29.24
CA ALA I 17 26.00 -38.07 30.67
C ALA I 17 27.47 -38.36 30.94
N HIS I 18 28.00 -37.75 31.99
CA HIS I 18 29.42 -37.81 32.33
C HIS I 18 29.54 -38.31 33.76
N ILE I 19 29.73 -39.62 33.91
CA ILE I 19 29.87 -40.25 35.21
C ILE I 19 31.34 -40.18 35.63
N GLU I 20 31.57 -39.81 36.89
CA GLU I 20 32.92 -39.64 37.43
C GLU I 20 33.02 -40.49 38.69
N ARG I 21 33.48 -41.73 38.55
CA ARG I 21 33.67 -42.60 39.70
C ARG I 21 35.05 -42.36 40.31
N PRO I 22 35.15 -41.91 41.55
CA PRO I 22 36.47 -41.75 42.16
C PRO I 22 37.24 -43.06 42.12
N GLY I 23 38.54 -42.97 41.85
CA GLY I 23 39.35 -44.15 41.69
C GLY I 23 39.26 -44.79 40.32
N TYR I 24 38.51 -44.19 39.40
CA TYR I 24 38.37 -44.69 38.05
C TYR I 24 38.44 -43.53 37.06
N SER I 25 38.85 -43.83 35.84
CA SER I 25 38.89 -42.81 34.82
C SER I 25 37.47 -42.36 34.48
N PRO I 26 37.22 -41.05 34.37
CA PRO I 26 35.88 -40.59 34.04
C PRO I 26 35.40 -41.19 32.72
N LEU I 27 34.12 -41.53 32.67
CA LEU I 27 33.49 -42.13 31.49
C LEU I 27 32.35 -41.25 31.02
N THR I 28 32.35 -40.92 29.74
CA THR I 28 31.22 -40.24 29.12
C THR I 28 30.21 -41.28 28.64
N LEU I 29 28.96 -40.84 28.54
CA LEU I 29 27.87 -41.73 28.14
C LEU I 29 26.89 -40.91 27.32
N GLN I 30 26.95 -41.05 26.00
CA GLN I 30 26.10 -40.27 25.10
C GLN I 30 24.90 -41.10 24.68
N MET I 31 23.72 -40.49 24.81
CA MET I 31 22.48 -41.18 24.51
C MET I 31 21.48 -40.16 23.99
N GLN I 32 20.50 -40.63 23.22
CA GLN I 32 19.51 -39.74 22.64
C GLN I 32 18.25 -40.53 22.30
N VAL I 33 17.11 -39.88 22.45
CA VAL I 33 15.83 -40.47 22.07
C VAL I 33 15.66 -40.35 20.56
N VAL I 34 15.02 -41.34 19.96
CA VAL I 34 14.75 -41.32 18.53
C VAL I 34 13.26 -41.25 18.22
N GLU I 35 12.40 -41.72 19.12
CA GLU I 35 10.95 -41.58 18.95
C GLU I 35 10.28 -41.89 20.27
N THR I 36 9.23 -41.13 20.60
CA THR I 36 8.55 -41.24 21.90
C THR I 36 7.04 -41.24 21.66
N SER I 37 6.47 -42.43 21.54
CA SER I 37 5.02 -42.55 21.44
C SER I 37 4.37 -42.26 22.78
N LEU I 38 3.21 -41.61 22.75
CA LEU I 38 2.45 -41.26 23.94
C LEU I 38 1.04 -41.79 23.78
N GLU I 39 0.79 -42.99 24.30
CA GLU I 39 -0.49 -43.67 24.14
C GLU I 39 -1.37 -43.40 25.34
N PRO I 40 -2.55 -42.80 25.19
CA PRO I 40 -3.48 -42.68 26.31
C PRO I 40 -4.47 -43.84 26.37
N THR I 41 -4.85 -44.21 27.59
CA THR I 41 -5.85 -45.26 27.77
C THR I 41 -7.22 -44.74 27.35
N LEU I 42 -7.98 -45.59 26.68
CA LEU I 42 -9.25 -45.22 26.07
C LEU I 42 -10.40 -46.05 26.63
N ASN I 43 -11.59 -45.47 26.59
CA ASN I 43 -12.85 -46.18 26.79
C ASN I 43 -13.76 -45.85 25.61
N LEU I 44 -14.23 -46.88 24.91
CA LEU I 44 -15.05 -46.66 23.73
C LEU I 44 -16.44 -46.21 24.14
N GLU I 45 -16.63 -44.88 24.24
CA GLU I 45 -17.92 -44.36 24.67
C GLU I 45 -19.04 -44.83 23.76
N TYR I 46 -18.86 -44.67 22.45
CA TYR I 46 -19.80 -45.20 21.46
C TYR I 46 -19.20 -44.98 20.08
N ILE I 47 -19.92 -45.46 19.06
CA ILE I 47 -19.47 -45.44 17.68
C ILE I 47 -20.59 -44.89 16.82
N THR I 48 -20.25 -43.97 15.91
CA THR I 48 -21.22 -43.32 15.04
C THR I 48 -20.85 -43.56 13.58
N CYS I 49 -21.86 -43.83 12.75
CA CYS I 49 -21.66 -43.99 11.32
C CYS I 49 -22.94 -43.62 10.60
N GLU I 50 -22.80 -43.23 9.33
CA GLU I 50 -23.93 -42.74 8.55
C GLU I 50 -25.11 -43.69 8.66
N TYR I 51 -26.30 -43.12 8.93
CA TYR I 51 -27.49 -43.93 9.12
C TYR I 51 -28.04 -44.35 7.76
N LYS I 52 -29.07 -45.19 7.79
CA LYS I 52 -29.77 -45.61 6.58
C LYS I 52 -31.24 -45.80 6.92
N THR I 53 -32.11 -45.08 6.23
CA THR I 53 -33.54 -45.09 6.50
C THR I 53 -34.19 -46.25 5.76
N VAL I 54 -34.56 -47.29 6.50
CA VAL I 54 -35.29 -48.40 5.92
C VAL I 54 -36.76 -48.02 5.80
N VAL I 55 -37.33 -48.22 4.63
CA VAL I 55 -38.72 -47.84 4.36
C VAL I 55 -39.45 -49.05 3.80
N PRO I 56 -40.07 -49.89 4.62
CA PRO I 56 -40.83 -51.02 4.08
C PRO I 56 -41.96 -50.55 3.18
N SER I 57 -42.27 -51.37 2.19
CA SER I 57 -43.33 -51.01 1.25
C SER I 57 -44.64 -50.80 2.01
N PRO I 58 -45.40 -49.76 1.71
CA PRO I 58 -46.64 -49.52 2.46
C PRO I 58 -47.60 -50.69 2.33
N TYR I 59 -48.30 -50.99 3.42
CA TYR I 59 -49.32 -52.03 3.43
C TYR I 59 -50.67 -51.32 3.23
N VAL I 60 -51.07 -51.18 1.97
CA VAL I 60 -52.29 -50.45 1.64
C VAL I 60 -53.43 -51.46 1.68
N LYS I 61 -54.04 -51.59 2.85
CA LYS I 61 -55.21 -52.46 3.04
C LYS I 61 -56.46 -51.63 2.74
N CYS I 62 -56.72 -51.45 1.45
CA CYS I 62 -57.91 -50.71 1.04
C CYS I 62 -59.12 -51.64 1.05
N CYS I 63 -60.29 -51.04 0.86
CA CYS I 63 -61.57 -51.75 1.03
C CYS I 63 -61.68 -52.33 2.43
N GLY I 64 -61.05 -51.66 3.40
CA GLY I 64 -61.04 -52.10 4.77
C GLY I 64 -60.49 -51.01 5.68
N ALA I 65 -59.70 -51.39 6.68
CA ALA I 65 -59.09 -50.41 7.56
C ALA I 65 -57.95 -51.07 8.32
N SER I 66 -56.72 -50.61 8.07
CA SER I 66 -55.56 -51.10 8.80
C SER I 66 -55.38 -50.31 10.09
N GLU I 67 -54.50 -50.82 10.95
CA GLU I 67 -54.26 -50.22 12.25
C GLU I 67 -52.76 -50.01 12.45
N CYS I 68 -52.41 -48.99 13.22
CA CYS I 68 -51.02 -48.64 13.48
C CYS I 68 -50.41 -49.71 14.38
N SER I 69 -49.65 -50.63 13.77
CA SER I 69 -48.96 -51.69 14.51
C SER I 69 -47.61 -51.15 14.94
N THR I 70 -47.56 -50.61 16.16
CA THR I 70 -46.34 -50.00 16.65
C THR I 70 -45.24 -51.04 16.84
N LYS I 71 -44.00 -50.58 16.77
CA LYS I 71 -42.83 -51.44 16.93
C LYS I 71 -41.83 -50.79 17.87
N GLU I 72 -40.62 -51.34 17.96
CA GLU I 72 -39.59 -50.82 18.85
C GLU I 72 -38.26 -50.62 18.14
N LYS I 73 -38.27 -50.55 16.81
CA LYS I 73 -37.04 -50.28 16.07
C LYS I 73 -36.56 -48.86 16.35
N PRO I 74 -35.26 -48.60 16.16
CA PRO I 74 -34.74 -47.26 16.43
C PRO I 74 -35.49 -46.17 15.69
N ASP I 75 -36.03 -45.21 16.44
CA ASP I 75 -36.76 -44.09 15.85
C ASP I 75 -37.91 -44.58 14.98
N TYR I 76 -38.49 -45.71 15.33
CA TYR I 76 -39.55 -46.30 14.52
C TYR I 76 -40.72 -45.34 14.41
N GLN I 77 -41.26 -45.22 13.20
CA GLN I 77 -42.42 -44.38 12.92
C GLN I 77 -43.44 -45.19 12.14
N CYS I 78 -44.67 -45.20 12.64
CA CYS I 78 -45.78 -45.89 11.98
C CYS I 78 -46.96 -44.95 11.93
N LYS I 79 -47.48 -44.69 10.73
CA LYS I 79 -48.58 -43.76 10.54
C LYS I 79 -49.66 -44.44 9.71
N VAL I 80 -50.91 -44.18 10.06
CA VAL I 80 -52.07 -44.75 9.39
C VAL I 80 -52.91 -43.61 8.85
N TYR I 81 -53.23 -43.67 7.56
CA TYR I 81 -53.99 -42.62 6.87
C TYR I 81 -55.35 -43.15 6.46
N THR I 82 -56.20 -42.25 5.97
CA THR I 82 -57.56 -42.61 5.60
C THR I 82 -57.98 -41.77 4.40
N GLY I 83 -58.98 -42.27 3.68
CA GLY I 83 -59.47 -41.58 2.50
C GLY I 83 -58.40 -41.45 1.43
N VAL I 84 -57.68 -42.53 1.18
CA VAL I 84 -56.56 -42.52 0.25
C VAL I 84 -56.87 -43.49 -0.89
N TYR I 85 -56.50 -43.09 -2.11
CA TYR I 85 -56.87 -43.81 -3.33
C TYR I 85 -55.63 -44.14 -4.14
N PRO I 86 -54.90 -45.20 -3.74
CA PRO I 86 -53.75 -45.63 -4.54
C PRO I 86 -54.11 -45.76 -6.02
N PHE I 87 -53.11 -45.54 -6.86
CA PHE I 87 -53.29 -45.54 -8.30
C PHE I 87 -52.19 -46.33 -8.99
N MET I 88 -51.95 -47.56 -8.52
CA MET I 88 -50.98 -48.45 -9.14
C MET I 88 -51.11 -48.38 -10.65
N TRP I 89 -49.99 -48.57 -11.37
CA TRP I 89 -50.01 -48.48 -12.82
C TRP I 89 -51.15 -49.30 -13.40
N GLY I 90 -51.71 -48.83 -14.51
CA GLY I 90 -52.73 -49.56 -15.22
C GLY I 90 -54.14 -49.40 -14.69
N GLY I 91 -54.35 -48.59 -13.67
CA GLY I 91 -55.68 -48.33 -13.14
C GLY I 91 -55.69 -48.35 -11.63
N ALA I 92 -56.88 -48.12 -11.09
CA ALA I 92 -57.05 -48.08 -9.64
C ALA I 92 -56.55 -49.37 -9.00
N TYR I 93 -56.33 -49.32 -7.69
CA TYR I 93 -55.76 -50.44 -6.96
C TYR I 93 -56.81 -51.35 -6.33
N CYS I 94 -58.06 -50.90 -6.18
CA CYS I 94 -59.10 -51.77 -5.66
C CYS I 94 -60.46 -51.14 -5.91
N PHE I 95 -61.49 -51.99 -5.91
CA PHE I 95 -62.82 -51.63 -6.39
C PHE I 95 -63.49 -50.55 -5.54
N CYS I 96 -63.00 -50.30 -4.33
CA CYS I 96 -63.61 -49.26 -3.50
C CYS I 96 -63.23 -47.88 -4.01
N ASP I 97 -64.09 -46.91 -3.75
CA ASP I 97 -63.84 -45.52 -4.12
C ASP I 97 -63.24 -44.71 -2.99
N SER I 98 -63.54 -45.06 -1.75
CA SER I 98 -62.98 -44.41 -0.58
C SER I 98 -62.89 -45.45 0.54
N GLU I 99 -62.72 -44.98 1.77
CA GLU I 99 -62.62 -45.88 2.93
C GLU I 99 -61.45 -46.85 2.73
N ASN I 100 -60.25 -46.28 2.63
CA ASN I 100 -59.04 -47.06 2.43
C ASN I 100 -57.95 -46.52 3.35
N THR I 101 -56.97 -47.38 3.61
CA THR I 101 -55.93 -47.09 4.59
C THR I 101 -54.56 -47.42 4.02
N GLN I 102 -53.57 -46.61 4.42
CA GLN I 102 -52.17 -46.86 4.10
C GLN I 102 -51.39 -46.89 5.40
N LEU I 103 -50.68 -48.01 5.64
CA LEU I 103 -49.90 -48.19 6.87
C LEU I 103 -48.45 -47.87 6.54
N SER I 104 -48.16 -46.59 6.41
CA SER I 104 -46.79 -46.16 6.16
C SER I 104 -45.93 -46.38 7.39
N GLU I 105 -44.70 -46.83 7.18
CA GLU I 105 -43.78 -47.08 8.28
C GLU I 105 -42.35 -46.88 7.80
N ALA I 106 -41.51 -46.36 8.68
CA ALA I 106 -40.10 -46.16 8.39
C ALA I 106 -39.33 -46.11 9.69
N TYR I 107 -38.08 -46.60 9.66
CA TYR I 107 -37.26 -46.66 10.85
C TYR I 107 -35.81 -46.57 10.45
N VAL I 108 -35.00 -45.97 11.33
CA VAL I 108 -33.59 -45.80 11.06
C VAL I 108 -32.85 -47.10 11.31
N ASP I 109 -31.69 -47.24 10.66
CA ASP I 109 -30.83 -48.39 10.86
C ASP I 109 -29.42 -48.02 10.42
N ARG I 110 -28.43 -48.65 11.06
CA ARG I 110 -27.05 -48.37 10.73
C ARG I 110 -26.78 -48.71 9.26
N SER I 111 -25.95 -47.90 8.62
CA SER I 111 -25.63 -48.14 7.22
C SER I 111 -25.18 -49.58 7.01
N ASP I 112 -25.42 -50.10 5.81
CA ASP I 112 -25.04 -51.47 5.51
C ASP I 112 -23.55 -51.69 5.74
N VAL I 113 -22.74 -50.65 5.57
CA VAL I 113 -21.30 -50.77 5.75
C VAL I 113 -20.79 -49.60 6.58
N CYS I 114 -20.60 -49.82 7.88
CA CYS I 114 -19.80 -48.89 8.66
C CYS I 114 -18.88 -49.62 9.63
N ARG I 115 -18.63 -50.91 9.42
CA ARG I 115 -17.44 -51.53 9.99
C ARG I 115 -16.19 -50.95 9.36
N HIS I 116 -16.31 -50.33 8.18
CA HIS I 116 -15.20 -49.72 7.48
C HIS I 116 -15.19 -48.20 7.56
N ASP I 117 -16.32 -47.58 7.86
CA ASP I 117 -16.47 -46.12 7.75
C ASP I 117 -17.10 -45.52 8.99
N HIS I 118 -16.74 -46.01 10.17
CA HIS I 118 -17.25 -45.47 11.42
C HIS I 118 -16.25 -44.50 12.03
N ALA I 119 -16.74 -43.70 12.98
CA ALA I 119 -15.93 -42.70 13.67
C ALA I 119 -16.07 -42.93 15.17
N SER I 120 -15.08 -43.60 15.75
CA SER I 120 -15.11 -43.88 17.18
C SER I 120 -15.19 -42.57 17.98
N ALA I 121 -15.60 -42.71 19.24
CA ALA I 121 -15.79 -41.58 20.14
C ALA I 121 -15.18 -41.87 21.50
N TYR I 122 -13.92 -42.30 21.51
CA TYR I 122 -13.28 -42.70 22.74
C TYR I 122 -13.29 -41.58 23.78
N LYS I 123 -12.94 -41.94 25.01
CA LYS I 123 -12.83 -41.01 26.12
C LYS I 123 -11.53 -41.32 26.86
N ALA I 124 -10.50 -40.52 26.61
CA ALA I 124 -9.16 -40.79 27.11
C ALA I 124 -8.91 -40.00 28.39
N HIS I 125 -8.35 -40.67 29.40
CA HIS I 125 -8.13 -40.07 30.70
C HIS I 125 -6.66 -40.03 31.10
N THR I 126 -5.93 -41.13 30.92
CA THR I 126 -4.56 -41.24 31.42
C THR I 126 -3.60 -41.52 30.26
N ALA I 127 -2.45 -40.87 30.28
CA ALA I 127 -1.42 -41.06 29.27
C ALA I 127 -0.50 -42.21 29.66
N SER I 128 0.37 -42.58 28.72
CA SER I 128 1.37 -43.62 28.98
C SER I 128 2.49 -43.44 27.97
N LEU I 129 3.66 -43.02 28.46
CA LEU I 129 4.79 -42.77 27.57
C LEU I 129 5.45 -44.08 27.13
N LYS I 130 6.17 -44.00 26.03
CA LYS I 130 6.92 -45.14 25.51
C LYS I 130 7.92 -44.59 24.51
N ALA I 131 9.22 -44.81 24.76
CA ALA I 131 10.27 -44.15 24.00
C ALA I 131 11.29 -45.16 23.52
N LYS I 132 11.89 -44.87 22.38
CA LYS I 132 13.01 -45.62 21.84
C LYS I 132 14.27 -44.78 22.03
N VAL I 133 15.25 -45.34 22.76
CA VAL I 133 16.44 -44.60 23.17
C VAL I 133 17.67 -45.31 22.63
N ARG I 134 18.66 -44.54 22.21
CA ARG I 134 19.95 -45.06 21.77
C ARG I 134 21.02 -44.63 22.77
N VAL I 135 21.88 -45.57 23.14
CA VAL I 135 22.96 -45.33 24.09
C VAL I 135 24.28 -45.70 23.43
N MET I 136 25.29 -44.85 23.61
CA MET I 136 26.61 -45.06 23.00
C MET I 136 27.66 -44.81 24.08
N TYR I 137 28.11 -45.87 24.73
CA TYR I 137 29.17 -45.80 25.72
C TYR I 137 30.18 -46.89 25.42
N GLY I 138 31.47 -46.55 25.50
CA GLY I 138 32.48 -47.47 25.05
C GLY I 138 32.21 -47.80 23.59
N ASN I 139 31.73 -49.02 23.33
CA ASN I 139 31.23 -49.36 22.00
C ASN I 139 30.09 -50.36 22.18
N VAL I 140 28.86 -49.85 22.22
CA VAL I 140 27.68 -50.71 22.27
C VAL I 140 26.72 -50.32 21.16
N ASN I 141 26.69 -49.03 20.81
CA ASN I 141 25.87 -48.52 19.71
C ASN I 141 24.52 -49.23 19.66
N GLN I 142 23.81 -49.26 20.78
CA GLN I 142 22.58 -50.03 20.90
C GLN I 142 21.38 -49.11 21.06
N THR I 143 20.21 -49.60 20.65
CA THR I 143 18.96 -48.91 20.80
C THR I 143 17.94 -49.84 21.43
N VAL I 144 17.17 -49.32 22.39
CA VAL I 144 16.22 -50.12 23.15
C VAL I 144 14.90 -49.38 23.23
N ASP I 145 13.82 -50.13 23.46
CA ASP I 145 12.50 -49.59 23.66
C ASP I 145 12.13 -49.71 25.14
N VAL I 146 11.71 -48.60 25.74
CA VAL I 146 11.42 -48.55 27.16
C VAL I 146 10.08 -47.84 27.37
N TYR I 147 9.43 -48.18 28.48
CA TYR I 147 8.24 -47.49 28.94
C TYR I 147 8.69 -46.47 29.98
N VAL I 148 8.55 -45.18 29.68
CA VAL I 148 9.07 -44.15 30.57
C VAL I 148 8.07 -43.96 31.70
N ASN I 149 8.21 -44.75 32.75
CA ASN I 149 7.42 -44.58 33.96
C ASN I 149 8.23 -44.74 35.24
N GLY I 150 9.46 -45.28 35.17
CA GLY I 150 10.26 -45.54 36.34
C GLY I 150 10.25 -46.97 36.81
N ASP I 151 9.54 -47.86 36.12
CA ASP I 151 9.46 -49.26 36.49
C ASP I 151 10.08 -50.20 35.45
N HIS I 152 10.15 -49.79 34.19
CA HIS I 152 10.81 -50.61 33.18
C HIS I 152 12.31 -50.44 33.29
N ALA I 153 13.02 -51.57 33.41
CA ALA I 153 14.47 -51.58 33.57
C ALA I 153 15.07 -52.37 32.42
N VAL I 154 15.79 -51.69 31.56
CA VAL I 154 16.41 -52.31 30.39
C VAL I 154 17.90 -52.47 30.64
N THR I 155 18.42 -53.64 30.30
CA THR I 155 19.84 -53.96 30.46
C THR I 155 20.48 -53.94 29.08
N ILE I 156 21.51 -53.11 28.94
CA ILE I 156 22.22 -52.94 27.67
C ILE I 156 23.65 -53.39 27.90
N GLY I 157 23.94 -54.63 27.55
CA GLY I 157 25.29 -55.18 27.68
C GLY I 157 25.94 -54.82 29.00
N GLY I 158 25.44 -55.36 30.10
CA GLY I 158 25.91 -54.95 31.41
C GLY I 158 25.02 -53.89 32.02
N THR I 159 25.40 -52.63 31.81
CA THR I 159 24.72 -51.49 32.43
C THR I 159 23.21 -51.67 32.39
N GLN I 160 22.54 -51.15 33.42
CA GLN I 160 21.10 -51.22 33.55
C GLN I 160 20.54 -49.80 33.62
N PHE I 161 19.58 -49.51 32.75
CA PHE I 161 18.98 -48.19 32.65
C PHE I 161 17.51 -48.26 33.03
N ILE I 162 17.07 -47.33 33.88
CA ILE I 162 15.66 -47.16 34.22
C ILE I 162 15.30 -45.70 33.95
N PHE I 163 14.37 -45.49 33.03
CA PHE I 163 13.98 -44.13 32.63
C PHE I 163 12.80 -43.71 33.50
N GLY I 164 13.06 -42.85 34.48
CA GLY I 164 12.06 -42.42 35.42
C GLY I 164 10.87 -41.78 34.75
N PRO I 165 9.86 -41.43 35.54
CA PRO I 165 8.66 -40.82 34.95
C PRO I 165 8.95 -39.46 34.36
N LEU I 166 8.22 -39.11 33.32
CA LEU I 166 8.40 -37.82 32.68
C LEU I 166 8.14 -36.70 33.67
N SER I 167 8.93 -35.63 33.57
CA SER I 167 8.82 -34.54 34.54
C SER I 167 7.43 -33.92 34.51
N SER I 168 6.88 -33.70 33.32
CA SER I 168 5.58 -33.10 33.14
C SER I 168 4.58 -34.13 32.64
N ALA I 169 3.33 -34.00 33.10
CA ALA I 169 2.25 -34.90 32.70
C ALA I 169 1.40 -34.31 31.58
N TRP I 170 1.91 -33.28 30.90
CA TRP I 170 1.14 -32.65 29.83
C TRP I 170 0.79 -33.66 28.76
N THR I 171 -0.47 -33.62 28.31
CA THR I 171 -0.98 -34.55 27.32
C THR I 171 -1.79 -33.76 26.30
N PRO I 172 -1.47 -33.83 25.00
CA PRO I 172 -2.22 -33.04 24.02
C PRO I 172 -3.68 -33.42 23.94
N PHE I 173 -4.02 -34.69 24.16
CA PHE I 173 -5.41 -35.13 24.07
C PHE I 173 -6.21 -34.57 25.25
N ASP I 174 -7.38 -34.01 24.95
CA ASP I 174 -8.26 -33.54 25.99
C ASP I 174 -8.98 -34.73 26.64
N ASN I 175 -9.94 -34.44 27.51
CA ASN I 175 -10.67 -35.52 28.18
C ASN I 175 -11.39 -36.42 27.19
N LYS I 176 -12.03 -35.84 26.17
CA LYS I 176 -12.79 -36.59 25.18
C LYS I 176 -12.21 -36.35 23.80
N ILE I 177 -12.06 -37.43 23.03
CA ILE I 177 -11.50 -37.38 21.69
C ILE I 177 -12.44 -38.14 20.75
N VAL I 178 -12.27 -37.89 19.46
CA VAL I 178 -13.09 -38.52 18.42
C VAL I 178 -12.15 -38.95 17.29
N VAL I 179 -11.95 -40.24 17.14
CA VAL I 179 -11.01 -40.79 16.17
C VAL I 179 -11.82 -41.32 14.99
N TYR I 180 -11.65 -40.71 13.82
CA TYR I 180 -12.48 -41.11 12.68
C TYR I 180 -11.78 -42.12 11.77
N LYS I 181 -10.74 -41.71 11.06
CA LYS I 181 -9.94 -42.65 10.28
C LYS I 181 -8.46 -42.52 10.61
N ASP I 182 -7.96 -41.29 10.58
CA ASP I 182 -6.55 -41.03 10.83
C ASP I 182 -6.34 -39.77 11.67
N GLU I 183 -7.40 -39.12 12.12
CA GLU I 183 -7.32 -37.91 12.92
C GLU I 183 -7.98 -38.16 14.27
N VAL I 184 -7.52 -37.43 15.29
CA VAL I 184 -8.04 -37.56 16.64
C VAL I 184 -8.45 -36.16 17.09
N PHE I 185 -9.71 -35.82 16.88
CA PHE I 185 -10.21 -34.49 17.18
C PHE I 185 -10.43 -34.32 18.67
N ASN I 186 -10.23 -33.09 19.14
CA ASN I 186 -10.47 -32.74 20.54
C ASN I 186 -11.90 -32.23 20.74
N GLN I 187 -12.85 -33.01 20.24
CA GLN I 187 -14.25 -32.62 20.30
C GLN I 187 -14.83 -32.88 21.68
N ASP I 188 -16.10 -32.50 21.85
CA ASP I 188 -16.88 -32.79 23.05
C ASP I 188 -18.19 -33.42 22.58
N PHE I 189 -18.15 -34.72 22.34
CA PHE I 189 -19.31 -35.40 21.80
C PHE I 189 -20.44 -35.43 22.82
N PRO I 190 -21.70 -35.42 22.38
CA PRO I 190 -22.79 -35.59 23.31
C PRO I 190 -22.74 -36.95 23.97
N PRO I 191 -23.12 -37.05 25.24
CA PRO I 191 -23.09 -38.36 25.91
C PRO I 191 -24.09 -39.31 25.27
N TYR I 192 -23.77 -40.60 25.36
CA TYR I 192 -24.61 -41.62 24.76
C TYR I 192 -26.07 -41.41 25.13
N GLY I 193 -26.96 -41.68 24.18
CA GLY I 193 -28.38 -41.54 24.42
C GLY I 193 -28.89 -40.11 24.40
N SER I 194 -28.09 -39.15 23.92
CA SER I 194 -28.49 -37.75 23.91
C SER I 194 -28.10 -37.07 22.60
N GLY I 195 -27.86 -37.84 21.55
CA GLY I 195 -27.52 -37.24 20.27
C GLY I 195 -28.67 -36.41 19.73
N GLN I 196 -28.31 -35.29 19.09
CA GLN I 196 -29.29 -34.41 18.48
C GLN I 196 -29.33 -34.60 16.96
N PRO I 197 -30.48 -34.39 16.33
CA PRO I 197 -30.55 -34.58 14.87
C PRO I 197 -29.70 -33.55 14.13
N GLY I 198 -28.89 -34.02 13.20
CA GLY I 198 -28.14 -33.14 12.33
C GLY I 198 -26.68 -33.00 12.68
N ARG I 199 -26.37 -32.92 13.97
CA ARG I 199 -24.99 -32.73 14.40
C ARG I 199 -24.34 -34.10 14.61
N PHE I 200 -23.17 -34.12 15.22
CA PHE I 200 -22.46 -35.37 15.46
C PHE I 200 -23.29 -36.29 16.34
N GLY I 201 -23.24 -37.59 16.02
CA GLY I 201 -23.87 -38.60 16.85
C GLY I 201 -25.39 -38.55 16.90
N ASP I 202 -26.05 -38.21 15.78
CA ASP I 202 -27.48 -38.45 15.70
C ASP I 202 -27.77 -39.94 15.70
N ILE I 203 -26.78 -40.74 15.38
CA ILE I 203 -26.86 -42.20 15.38
C ILE I 203 -25.71 -42.70 16.23
N GLN I 204 -26.02 -43.48 17.26
CA GLN I 204 -25.02 -43.84 18.27
C GLN I 204 -25.15 -45.32 18.61
N SER I 205 -24.26 -46.13 18.06
CA SER I 205 -24.14 -47.52 18.45
C SER I 205 -23.15 -47.66 19.59
N ARG I 206 -23.45 -48.57 20.52
CA ARG I 206 -22.56 -48.76 21.66
C ARG I 206 -21.25 -49.40 21.23
N THR I 207 -21.27 -50.19 20.17
CA THR I 207 -20.07 -50.83 19.66
C THR I 207 -20.31 -51.22 18.21
N VAL I 208 -19.22 -51.46 17.49
CA VAL I 208 -19.33 -51.74 16.05
C VAL I 208 -20.22 -52.95 15.81
N GLU I 209 -20.11 -53.98 16.65
CA GLU I 209 -20.89 -55.19 16.46
C GLU I 209 -22.20 -55.19 17.24
N SER I 210 -22.30 -54.39 18.30
CA SER I 210 -23.51 -54.38 19.11
C SER I 210 -24.66 -53.74 18.34
N ASN I 211 -25.88 -53.99 18.81
CA ASN I 211 -27.10 -53.48 18.20
C ASN I 211 -27.96 -52.82 19.28
N ASP I 212 -27.68 -51.55 19.56
CA ASP I 212 -28.52 -50.70 20.39
C ASP I 212 -29.12 -49.54 19.61
N LEU I 213 -28.27 -48.75 18.96
CA LEU I 213 -28.68 -47.85 17.89
C LEU I 213 -29.71 -46.83 18.36
N TYR I 214 -29.29 -46.00 19.31
CA TYR I 214 -30.05 -44.82 19.69
C TYR I 214 -30.06 -43.87 18.51
N ALA I 215 -31.22 -43.70 17.87
CA ALA I 215 -31.30 -43.14 16.53
C ALA I 215 -32.27 -41.97 16.46
N ASN I 216 -32.19 -41.05 17.42
CA ASN I 216 -33.00 -39.85 17.34
C ASN I 216 -32.58 -39.05 16.10
N THR I 217 -33.45 -38.98 15.10
CA THR I 217 -33.10 -38.31 13.85
C THR I 217 -34.27 -37.54 13.25
N ALA I 218 -35.36 -37.34 13.98
CA ALA I 218 -36.48 -36.54 13.53
C ALA I 218 -37.12 -37.11 12.26
N LEU I 219 -37.09 -38.43 12.11
CA LEU I 219 -37.77 -39.06 10.98
C LEU I 219 -39.28 -38.88 11.14
N LYS I 220 -39.88 -38.15 10.22
CA LYS I 220 -41.31 -37.85 10.27
C LYS I 220 -41.97 -38.23 8.96
N LEU I 221 -43.16 -38.79 9.05
CA LEU I 221 -43.91 -39.23 7.88
C LEU I 221 -44.89 -38.15 7.43
N ALA I 222 -45.42 -38.32 6.22
CA ALA I 222 -46.40 -37.40 5.66
C ALA I 222 -47.36 -38.16 4.78
N ARG I 223 -48.59 -37.67 4.68
CA ARG I 223 -49.61 -38.36 3.92
C ARG I 223 -49.22 -38.39 2.44
N PRO I 224 -49.39 -39.52 1.75
CA PRO I 224 -49.08 -39.54 0.32
C PRO I 224 -49.97 -38.60 -0.46
N SER I 225 -49.42 -38.04 -1.53
CA SER I 225 -50.21 -37.21 -2.41
C SER I 225 -51.28 -38.07 -3.10
N PRO I 226 -52.46 -37.54 -3.38
CA PRO I 226 -53.51 -38.35 -3.98
C PRO I 226 -53.07 -38.92 -5.33
N GLY I 227 -53.48 -40.15 -5.59
CA GLY I 227 -53.18 -40.79 -6.86
C GLY I 227 -51.76 -41.29 -7.00
N MET I 228 -51.13 -41.70 -5.90
CA MET I 228 -49.78 -42.21 -5.94
C MET I 228 -49.53 -43.05 -4.69
N VAL I 229 -48.42 -43.80 -4.71
CA VAL I 229 -48.14 -44.78 -3.67
C VAL I 229 -46.78 -44.56 -3.04
N HIS I 230 -46.29 -43.32 -3.04
CA HIS I 230 -45.08 -43.03 -2.28
C HIS I 230 -45.33 -43.17 -0.79
N VAL I 231 -44.24 -43.11 -0.04
CA VAL I 231 -44.26 -43.09 1.42
C VAL I 231 -43.36 -41.94 1.87
N PRO I 232 -43.79 -40.70 1.69
CA PRO I 232 -42.88 -39.57 1.93
C PRO I 232 -42.46 -39.46 3.38
N TYR I 233 -41.24 -38.98 3.59
CA TYR I 233 -40.72 -38.71 4.92
C TYR I 233 -39.77 -37.53 4.84
N THR I 234 -39.59 -36.86 5.98
CA THR I 234 -38.74 -35.66 6.07
C THR I 234 -37.74 -35.89 7.21
N GLN I 235 -36.61 -36.50 6.88
CA GLN I 235 -35.59 -36.86 7.86
C GLN I 235 -34.39 -35.93 7.73
N THR I 236 -33.96 -35.38 8.85
CA THR I 236 -32.78 -34.53 8.85
C THR I 236 -31.59 -35.34 8.33
N PRO I 237 -30.71 -34.75 7.51
CA PRO I 237 -29.71 -35.57 6.81
C PRO I 237 -28.79 -36.29 7.79
N SER I 238 -27.90 -37.10 7.24
CA SER I 238 -26.94 -37.81 8.06
C SER I 238 -26.14 -36.84 8.92
N GLY I 239 -26.35 -36.91 10.23
CA GLY I 239 -25.58 -36.07 11.13
C GLY I 239 -24.10 -36.36 11.05
N PHE I 240 -23.74 -37.64 10.88
CA PHE I 240 -22.34 -37.99 10.73
C PHE I 240 -21.72 -37.30 9.52
N LYS I 241 -22.43 -37.29 8.39
CA LYS I 241 -21.89 -36.65 7.20
C LYS I 241 -21.63 -35.18 7.44
N TYR I 242 -22.57 -34.48 8.09
CA TYR I 242 -22.35 -33.07 8.38
C TYR I 242 -21.13 -32.87 9.27
N TRP I 243 -20.85 -33.83 10.15
CA TRP I 243 -19.62 -33.74 10.95
C TRP I 243 -18.39 -33.81 10.05
N LEU I 244 -18.43 -34.65 9.02
CA LEU I 244 -17.30 -34.75 8.11
C LEU I 244 -17.04 -33.41 7.42
N LYS I 245 -18.10 -32.71 7.02
CA LYS I 245 -17.92 -31.45 6.32
C LYS I 245 -17.45 -30.35 7.27
N GLU I 246 -17.95 -30.34 8.50
CA GLU I 246 -17.66 -29.29 9.47
C GLU I 246 -16.77 -29.78 10.60
N LYS I 247 -15.94 -30.80 10.33
CA LYS I 247 -15.12 -31.37 11.39
C LYS I 247 -14.21 -30.32 12.03
N GLY I 248 -13.74 -29.36 11.25
CA GLY I 248 -12.80 -28.37 11.76
C GLY I 248 -11.37 -28.86 11.66
N THR I 249 -10.47 -28.05 12.21
CA THR I 249 -9.05 -28.39 12.17
C THR I 249 -8.78 -29.59 13.07
N ALA I 250 -8.37 -30.70 12.46
CA ALA I 250 -8.05 -31.90 13.21
C ALA I 250 -6.84 -31.66 14.11
N LEU I 251 -6.79 -32.42 15.20
CA LEU I 251 -5.68 -32.26 16.14
C LEU I 251 -4.33 -32.50 15.48
N ASN I 252 -4.28 -33.26 14.39
CA ASN I 252 -3.02 -33.50 13.71
C ASN I 252 -2.34 -32.20 13.28
N THR I 253 -3.11 -31.13 13.06
CA THR I 253 -2.57 -29.88 12.57
C THR I 253 -2.53 -28.79 13.62
N LYS I 254 -2.87 -29.09 14.88
CA LYS I 254 -2.74 -28.09 15.93
C LYS I 254 -2.22 -28.67 17.24
N ALA I 255 -1.57 -29.83 17.21
CA ALA I 255 -1.00 -30.39 18.43
C ALA I 255 0.16 -29.52 18.90
N PRO I 256 0.19 -29.11 20.16
CA PRO I 256 1.33 -28.31 20.64
C PRO I 256 2.60 -29.12 20.67
N PHE I 257 3.73 -28.40 20.65
CA PHE I 257 5.06 -29.00 20.76
C PHE I 257 5.38 -29.92 19.60
N GLY I 258 4.74 -29.72 18.45
CA GLY I 258 5.05 -30.53 17.28
C GLY I 258 4.86 -32.01 17.50
N CYS I 259 3.78 -32.40 18.16
CA CYS I 259 3.50 -33.81 18.44
C CYS I 259 2.81 -34.42 17.23
N GLN I 260 3.54 -35.25 16.48
CA GLN I 260 2.94 -35.97 15.38
C GLN I 260 1.93 -36.99 15.91
N ILE I 261 0.80 -37.10 15.22
CA ILE I 261 -0.33 -37.91 15.65
C ILE I 261 -0.45 -39.12 14.75
N LYS I 262 -0.58 -40.30 15.34
CA LYS I 262 -0.94 -41.52 14.66
C LYS I 262 -2.22 -42.06 15.28
N THR I 263 -2.87 -42.99 14.57
CA THR I 263 -4.27 -43.29 14.84
C THR I 263 -4.51 -44.70 15.38
N ASN I 264 -4.09 -45.75 14.66
CA ASN I 264 -4.60 -47.08 14.96
C ASN I 264 -4.37 -47.41 16.43
N PRO I 265 -3.11 -47.49 16.92
CA PRO I 265 -2.92 -47.35 18.37
C PRO I 265 -2.72 -45.88 18.72
N VAL I 266 -3.83 -45.14 18.79
CA VAL I 266 -3.81 -43.69 18.88
C VAL I 266 -2.71 -43.22 19.81
N ARG I 267 -1.87 -42.30 19.33
CA ARG I 267 -0.69 -41.90 20.07
C ARG I 267 -0.18 -40.58 19.51
N ALA I 268 0.61 -39.89 20.34
CA ALA I 268 1.28 -38.67 19.95
C ALA I 268 2.78 -38.93 20.03
N MET I 269 3.48 -38.78 18.91
CA MET I 269 4.88 -39.13 18.81
C MET I 269 5.75 -37.88 18.76
N ASN I 270 7.00 -38.03 19.19
CA ASN I 270 7.99 -36.96 19.13
C ASN I 270 7.56 -35.74 19.93
N CYS I 271 6.73 -35.95 20.96
CA CYS I 271 6.30 -34.85 21.81
C CYS I 271 7.51 -34.29 22.53
N ALA I 272 7.90 -33.06 22.20
CA ALA I 272 9.08 -32.43 22.79
C ALA I 272 8.63 -31.61 24.00
N VAL I 273 8.51 -32.28 25.14
CA VAL I 273 8.07 -31.65 26.39
C VAL I 273 8.83 -32.26 27.55
N GLY I 274 9.22 -31.42 28.50
CA GLY I 274 9.75 -31.87 29.76
C GLY I 274 11.10 -32.58 29.64
N ASN I 275 11.49 -33.17 30.76
CA ASN I 275 12.75 -33.89 30.89
C ASN I 275 12.46 -35.35 31.21
N ILE I 276 13.46 -36.20 30.95
CA ILE I 276 13.35 -37.63 31.24
C ILE I 276 14.40 -37.99 32.28
N PRO I 277 14.04 -38.10 33.56
CA PRO I 277 15.04 -38.55 34.55
C PRO I 277 15.51 -39.96 34.23
N VAL I 278 16.81 -40.20 34.38
CA VAL I 278 17.42 -41.48 34.05
C VAL I 278 18.28 -41.92 35.22
N SER I 279 18.08 -43.15 35.68
CA SER I 279 18.88 -43.75 36.73
C SER I 279 19.63 -44.94 36.14
N MET I 280 20.93 -45.03 36.44
CA MET I 280 21.81 -45.99 35.81
C MET I 280 22.59 -46.76 36.86
N ASN I 281 22.56 -48.09 36.78
CA ASN I 281 23.41 -48.96 37.58
C ASN I 281 24.47 -49.55 36.66
N LEU I 282 25.74 -49.37 37.03
CA LEU I 282 26.85 -49.71 36.17
C LEU I 282 27.75 -50.75 36.82
N PRO I 283 28.15 -51.78 36.10
CA PRO I 283 29.18 -52.70 36.63
C PRO I 283 30.57 -52.12 36.44
N ASP I 284 31.47 -52.52 37.34
CA ASP I 284 32.84 -52.00 37.31
C ASP I 284 33.54 -52.33 36.00
N SER I 285 33.12 -53.36 35.29
CA SER I 285 33.79 -53.75 34.05
C SER I 285 33.79 -52.60 33.05
N ALA I 286 32.70 -51.82 33.01
CA ALA I 286 32.61 -50.74 32.04
C ALA I 286 33.67 -49.68 32.29
N PHE I 287 33.93 -49.36 33.55
CA PHE I 287 34.86 -48.28 33.87
C PHE I 287 36.29 -48.68 33.52
N THR I 288 37.18 -47.70 33.62
CA THR I 288 38.60 -47.87 33.31
C THR I 288 39.44 -47.47 34.51
N ARG I 289 40.49 -48.25 34.78
CA ARG I 289 41.35 -47.97 35.91
C ARG I 289 42.16 -46.70 35.68
N ILE I 290 42.31 -45.90 36.74
CA ILE I 290 43.05 -44.64 36.62
C ILE I 290 44.47 -44.91 36.16
N VAL I 291 45.13 -45.89 36.79
CA VAL I 291 46.53 -46.15 36.50
C VAL I 291 46.74 -46.50 35.03
N GLU I 292 45.68 -46.91 34.33
CA GLU I 292 45.77 -47.24 32.92
C GLU I 292 45.31 -46.11 32.00
N ALA I 293 44.53 -45.17 32.51
CA ALA I 293 44.06 -44.06 31.69
C ALA I 293 45.17 -43.02 31.55
N PRO I 294 45.53 -42.61 30.34
CA PRO I 294 46.60 -41.62 30.17
C PRO I 294 46.31 -40.36 30.97
N THR I 295 47.24 -40.00 31.85
CA THR I 295 47.07 -38.82 32.69
C THR I 295 47.28 -37.54 31.89
N ILE I 296 46.56 -36.49 32.27
CA ILE I 296 46.57 -35.21 31.59
C ILE I 296 47.03 -34.14 32.56
N ILE I 297 47.97 -33.30 32.13
CA ILE I 297 48.49 -32.21 32.93
C ILE I 297 48.57 -30.96 32.06
N ASP I 298 48.44 -29.79 32.68
CA ASP I 298 48.43 -28.51 31.97
C ASP I 298 47.38 -28.48 30.86
N LEU I 299 46.12 -28.57 31.26
CA LEU I 299 45.02 -28.46 30.31
C LEU I 299 44.65 -26.99 30.10
N THR I 300 44.41 -26.62 28.85
CA THR I 300 44.13 -25.24 28.50
C THR I 300 43.15 -25.17 27.33
N CYS I 301 42.13 -24.34 27.48
CA CYS I 301 41.20 -24.05 26.39
C CYS I 301 41.71 -22.92 25.51
N THR I 302 41.38 -23.00 24.23
CA THR I 302 41.60 -21.88 23.31
C THR I 302 40.60 -22.06 22.16
N VAL I 303 39.51 -21.29 22.20
CA VAL I 303 38.46 -21.43 21.19
C VAL I 303 38.95 -20.80 19.89
N ALA I 304 39.11 -21.63 18.86
CA ALA I 304 39.56 -21.11 17.57
C ALA I 304 38.56 -20.12 17.01
N THR I 305 37.28 -20.51 16.97
CA THR I 305 36.22 -19.64 16.48
C THR I 305 34.89 -20.18 16.99
N CYS I 306 34.03 -19.28 17.47
CA CYS I 306 32.72 -19.65 17.97
C CYS I 306 31.65 -18.89 17.20
N THR I 307 30.64 -19.62 16.74
CA THR I 307 29.46 -19.05 16.10
C THR I 307 28.26 -19.81 16.63
N HIS I 308 27.44 -19.13 17.45
CA HIS I 308 26.37 -19.84 18.12
C HIS I 308 25.26 -20.18 17.12
N SER I 309 25.59 -21.05 16.16
CA SER I 309 24.62 -21.54 15.19
C SER I 309 23.85 -22.71 15.77
N SER I 310 22.76 -23.07 15.10
CA SER I 310 21.92 -24.16 15.58
C SER I 310 22.70 -25.46 15.66
N ASP I 311 23.58 -25.73 14.69
CA ASP I 311 24.43 -26.91 14.71
C ASP I 311 25.74 -26.58 15.43
N PHE I 312 26.70 -27.48 15.35
CA PHE I 312 27.97 -27.30 16.02
C PHE I 312 28.80 -26.23 15.33
N GLY I 313 28.68 -24.98 15.79
CA GLY I 313 29.34 -23.87 15.15
C GLY I 313 30.41 -23.24 16.01
N GLY I 314 31.19 -24.08 16.68
CA GLY I 314 32.30 -23.60 17.50
C GLY I 314 33.36 -24.67 17.66
N VAL I 315 34.62 -24.32 17.40
CA VAL I 315 35.73 -25.26 17.46
C VAL I 315 36.72 -24.77 18.51
N LEU I 316 37.01 -25.63 19.48
CA LEU I 316 37.97 -25.33 20.53
C LEU I 316 39.05 -26.40 20.53
N THR I 317 40.30 -25.97 20.66
CA THR I 317 41.44 -26.88 20.74
C THR I 317 42.00 -26.86 22.15
N LEU I 318 42.27 -28.03 22.69
CA LEU I 318 42.83 -28.17 24.03
C LEU I 318 44.31 -28.51 23.94
N THR I 319 45.14 -27.73 24.61
CA THR I 319 46.56 -28.01 24.71
C THR I 319 46.83 -28.64 26.06
N TYR I 320 47.45 -29.82 26.05
CA TYR I 320 47.66 -30.61 27.26
C TYR I 320 49.09 -31.14 27.25
N LYS I 321 49.38 -32.02 28.19
CA LYS I 321 50.69 -32.65 28.28
C LYS I 321 50.50 -34.02 28.90
N THR I 322 50.45 -35.05 28.08
CA THR I 322 50.12 -36.40 28.52
C THR I 322 51.37 -37.21 28.78
N ASN I 323 51.18 -38.46 29.19
CA ASN I 323 52.27 -39.40 29.43
C ASN I 323 52.32 -40.51 28.40
N LYS I 324 51.19 -40.85 27.79
CA LYS I 324 51.11 -41.90 26.78
C LYS I 324 49.99 -41.57 25.81
N ASN I 325 49.66 -42.51 24.95
CA ASN I 325 48.65 -42.33 23.92
C ASN I 325 47.47 -43.26 24.15
N GLY I 326 46.30 -42.81 23.72
CA GLY I 326 45.09 -43.59 23.87
C GLY I 326 43.85 -42.72 23.67
N ASP I 327 42.75 -43.16 24.28
CA ASP I 327 41.49 -42.43 24.22
C ASP I 327 40.89 -42.36 25.62
N CYS I 328 40.14 -41.30 25.87
CA CYS I 328 39.38 -41.18 27.11
C CYS I 328 38.38 -40.04 26.95
N SER I 329 37.45 -39.96 27.91
CA SER I 329 36.24 -39.19 27.76
C SER I 329 36.50 -37.69 27.78
N VAL I 330 35.57 -36.95 27.16
CA VAL I 330 35.51 -35.50 27.26
C VAL I 330 34.05 -35.11 27.48
N HIS I 331 33.85 -33.91 28.03
CA HIS I 331 32.51 -33.46 28.36
C HIS I 331 32.57 -32.02 28.83
N SER I 332 31.47 -31.30 28.65
CA SER I 332 31.33 -29.93 29.12
C SER I 332 30.47 -29.94 30.37
N HIS I 333 31.07 -29.68 31.53
CA HIS I 333 30.34 -29.78 32.78
C HIS I 333 29.18 -28.80 32.81
N SER I 334 29.39 -27.58 32.32
CA SER I 334 28.29 -26.62 32.23
C SER I 334 27.33 -27.05 31.13
N ASN I 335 26.27 -26.27 30.95
CA ASN I 335 25.23 -26.56 29.99
C ASN I 335 25.18 -25.59 28.83
N VAL I 336 25.85 -24.44 28.93
CA VAL I 336 25.78 -23.43 27.88
C VAL I 336 26.34 -23.95 26.57
N ALA I 337 27.17 -24.99 26.61
CA ALA I 337 27.77 -25.56 25.42
C ALA I 337 27.58 -27.07 25.42
N THR I 338 27.38 -27.64 24.23
CA THR I 338 27.22 -29.07 24.06
C THR I 338 28.25 -29.57 23.07
N LEU I 339 29.09 -30.50 23.50
CA LEU I 339 30.14 -31.04 22.64
C LEU I 339 29.57 -32.00 21.61
N GLN I 340 30.20 -32.02 20.44
CA GLN I 340 29.84 -32.99 19.41
C GLN I 340 30.40 -34.36 19.75
N GLU I 341 31.70 -34.44 19.95
CA GLU I 341 32.34 -35.71 20.28
C GLU I 341 32.15 -36.03 21.75
N ALA I 342 32.23 -37.32 22.06
CA ALA I 342 32.16 -37.82 23.43
C ALA I 342 33.50 -38.32 23.93
N THR I 343 34.22 -39.09 23.11
CA THR I 343 35.55 -39.57 23.44
C THR I 343 36.52 -39.08 22.37
N ALA I 344 37.61 -38.47 22.81
CA ALA I 344 38.64 -37.95 21.92
C ALA I 344 39.93 -38.74 22.11
N LYS I 345 40.72 -38.83 21.04
CA LYS I 345 41.97 -39.58 21.06
C LYS I 345 43.09 -38.66 21.51
N VAL I 346 43.81 -39.07 22.57
CA VAL I 346 44.90 -38.29 23.14
C VAL I 346 46.21 -38.82 22.57
N LYS I 347 47.04 -37.92 22.07
CA LYS I 347 48.33 -38.26 21.49
C LYS I 347 49.45 -37.58 22.26
N THR I 348 50.69 -37.99 21.98
CA THR I 348 51.83 -37.41 22.66
C THR I 348 51.93 -35.91 22.41
N ALA I 349 51.71 -35.49 21.17
CA ALA I 349 51.63 -34.07 20.86
C ALA I 349 50.40 -33.49 21.54
N GLY I 350 50.61 -32.53 22.44
CA GLY I 350 49.53 -32.04 23.27
C GLY I 350 48.54 -31.16 22.53
N LYS I 351 47.76 -31.75 21.64
CA LYS I 351 46.76 -30.99 20.89
C LYS I 351 45.60 -31.90 20.53
N VAL I 352 44.39 -31.51 20.92
CA VAL I 352 43.16 -32.18 20.52
C VAL I 352 42.12 -31.13 20.21
N THR I 353 41.35 -31.33 19.15
CA THR I 353 40.34 -30.38 18.72
C THR I 353 38.95 -30.95 18.94
N LEU I 354 38.08 -30.13 19.53
CA LEU I 354 36.70 -30.50 19.80
C LEU I 354 35.77 -29.48 19.18
N HIS I 355 34.62 -29.96 18.70
CA HIS I 355 33.58 -29.10 18.15
C HIS I 355 32.44 -29.01 19.16
N PHE I 356 31.98 -27.79 19.42
CA PHE I 356 30.90 -27.56 20.37
C PHE I 356 29.92 -26.56 19.80
N SER I 357 28.64 -26.74 20.15
CA SER I 357 27.60 -25.79 19.82
C SER I 357 27.23 -25.00 21.07
N THR I 358 26.56 -23.86 20.86
CA THR I 358 26.18 -23.01 21.98
C THR I 358 25.11 -22.03 21.50
N ALA I 359 24.60 -21.25 22.45
CA ALA I 359 23.58 -20.26 22.14
C ALA I 359 23.80 -18.94 22.88
N SER I 360 25.00 -18.72 23.42
CA SER I 360 25.31 -17.52 24.17
C SER I 360 26.42 -16.76 23.47
N ALA I 361 26.34 -15.44 23.48
CA ALA I 361 27.38 -14.63 22.85
C ALA I 361 28.73 -14.88 23.51
N SER I 362 28.76 -15.09 24.82
CA SER I 362 30.00 -15.28 25.57
C SER I 362 29.84 -16.49 26.48
N PRO I 363 29.87 -17.70 25.92
CA PRO I 363 29.74 -18.90 26.75
C PRO I 363 30.99 -19.13 27.59
N SER I 364 30.79 -19.81 28.71
CA SER I 364 31.88 -20.18 29.60
C SER I 364 31.53 -21.50 30.26
N PHE I 365 32.35 -22.52 30.04
CA PHE I 365 32.04 -23.87 30.48
C PHE I 365 33.34 -24.59 30.81
N VAL I 366 33.33 -25.33 31.91
CA VAL I 366 34.51 -26.05 32.38
C VAL I 366 34.62 -27.33 31.55
N VAL I 367 35.46 -27.30 30.52
CA VAL I 367 35.74 -28.52 29.75
C VAL I 367 36.47 -29.51 30.65
N SER I 368 36.27 -30.79 30.37
CA SER I 368 36.86 -31.88 31.16
C SER I 368 37.45 -32.89 30.20
N LEU I 369 38.77 -32.85 30.01
CA LEU I 369 39.47 -33.79 29.15
C LEU I 369 40.00 -34.94 30.01
N CYS I 370 39.42 -36.12 29.82
CA CYS I 370 39.94 -37.33 30.44
C CYS I 370 39.76 -37.27 31.95
N SER I 371 40.60 -36.52 32.65
CA SER I 371 40.47 -36.35 34.10
C SER I 371 40.72 -34.94 34.60
N ALA I 372 41.23 -34.04 33.76
CA ALA I 372 41.58 -32.69 34.17
C ALA I 372 40.45 -31.73 33.85
N ARG I 373 40.69 -30.43 34.04
CA ARG I 373 39.70 -29.40 33.80
C ARG I 373 40.38 -28.18 33.21
N ALA I 374 39.58 -27.30 32.62
CA ALA I 374 40.09 -26.05 32.07
C ALA I 374 38.93 -25.10 31.87
N THR I 375 38.91 -24.00 32.63
CA THR I 375 37.88 -22.99 32.45
C THR I 375 37.91 -22.48 31.01
N CYS I 376 36.83 -22.73 30.28
CA CYS I 376 36.78 -22.48 28.85
C CYS I 376 35.91 -21.26 28.59
N SER I 377 36.31 -20.46 27.61
CA SER I 377 35.62 -19.21 27.31
C SER I 377 35.62 -19.00 25.80
N ALA I 378 34.95 -17.93 25.36
CA ALA I 378 34.88 -17.61 23.95
C ALA I 378 34.14 -16.29 23.77
N SER I 379 34.35 -15.68 22.60
CA SER I 379 33.61 -14.51 22.14
C SER I 379 32.93 -14.93 20.84
N CYS I 380 31.64 -15.23 20.93
CA CYS I 380 30.96 -15.90 19.84
C CYS I 380 30.35 -14.89 18.87
N GLU I 381 29.85 -15.43 17.75
CA GLU I 381 29.39 -14.68 16.60
C GLU I 381 27.99 -15.18 16.25
N PRO I 382 27.07 -14.31 15.82
CA PRO I 382 25.75 -14.80 15.44
C PRO I 382 25.70 -15.13 13.96
N PRO I 383 25.10 -16.27 13.59
CA PRO I 383 25.07 -16.65 12.17
C PRO I 383 24.14 -15.75 11.38
N LYS I 384 24.31 -15.78 10.06
CA LYS I 384 23.44 -15.04 9.13
C LYS I 384 22.87 -16.03 8.13
N ASP I 385 21.77 -16.67 8.51
CA ASP I 385 20.93 -17.42 7.58
C ASP I 385 19.44 -17.26 7.85
N HIS I 386 19.04 -16.98 9.08
CA HIS I 386 17.65 -16.77 9.47
C HIS I 386 16.85 -18.06 9.48
N ILE I 387 17.42 -19.14 8.97
CA ILE I 387 16.66 -20.38 8.78
C ILE I 387 17.63 -21.52 8.54
N VAL I 388 17.33 -22.68 9.12
CA VAL I 388 18.03 -23.93 8.82
C VAL I 388 17.02 -25.06 8.85
N PRO I 389 17.27 -26.17 8.15
CA PRO I 389 16.28 -27.25 8.09
C PRO I 389 16.41 -28.30 9.19
N TYR I 390 17.36 -28.17 10.11
CA TYR I 390 17.57 -29.14 11.17
C TYR I 390 17.28 -28.49 12.53
N ALA I 391 16.86 -29.33 13.47
CA ALA I 391 16.54 -28.85 14.81
C ALA I 391 17.80 -28.33 15.49
N ALA I 392 17.62 -27.78 16.69
CA ALA I 392 18.73 -27.24 17.45
C ALA I 392 19.59 -28.36 18.02
N SER I 393 20.85 -28.03 18.31
CA SER I 393 21.79 -28.92 18.96
C SER I 393 22.40 -28.26 20.19
N HIS I 394 21.63 -27.38 20.83
CA HIS I 394 22.11 -26.62 21.97
C HIS I 394 20.92 -26.21 22.82
N SER I 395 20.99 -26.51 24.12
CA SER I 395 19.97 -25.99 25.03
C SER I 395 19.96 -24.46 24.94
N ASN I 396 18.77 -23.89 24.85
CA ASN I 396 18.65 -22.47 24.57
C ASN I 396 19.09 -21.64 25.76
N VAL I 397 20.38 -21.66 26.05
CA VAL I 397 20.98 -20.86 27.11
C VAL I 397 21.63 -19.65 26.44
N VAL I 398 21.03 -18.48 26.62
CA VAL I 398 21.51 -17.26 25.97
C VAL I 398 22.10 -16.26 26.95
N PHE I 399 21.89 -16.44 28.24
CA PHE I 399 22.47 -15.51 29.22
C PHE I 399 23.98 -15.65 29.21
N PRO I 400 24.74 -14.57 28.96
CA PRO I 400 26.20 -14.71 29.00
C PRO I 400 26.72 -15.01 30.40
N ASP I 401 28.02 -15.20 30.51
CA ASP I 401 28.70 -15.36 31.79
C ASP I 401 29.52 -14.11 32.09
N MET I 402 29.69 -13.82 33.38
CA MET I 402 30.52 -12.71 33.79
C MET I 402 31.86 -12.80 33.05
N SER I 403 32.51 -11.66 32.85
CA SER I 403 33.71 -11.49 32.04
C SER I 403 33.38 -11.44 30.56
N GLY I 404 32.12 -11.62 30.17
CA GLY I 404 31.73 -11.37 28.80
C GLY I 404 31.78 -9.90 28.45
N THR I 405 32.07 -9.61 27.18
CA THR I 405 32.21 -8.22 26.77
C THR I 405 30.96 -7.42 27.11
N ALA I 406 29.79 -8.04 27.02
CA ALA I 406 28.56 -7.36 27.40
C ALA I 406 28.53 -7.07 28.90
N LEU I 407 28.80 -8.08 29.72
CA LEU I 407 28.79 -7.88 31.16
C LEU I 407 30.04 -7.14 31.62
N SER I 408 31.19 -7.39 30.98
CA SER I 408 32.40 -6.67 31.34
C SER I 408 32.19 -5.16 31.21
N TRP I 409 31.54 -4.72 30.13
CA TRP I 409 31.20 -3.31 30.01
C TRP I 409 30.26 -2.88 31.13
N VAL I 410 29.28 -3.73 31.46
CA VAL I 410 28.41 -3.43 32.60
C VAL I 410 29.22 -3.33 33.88
N GLN I 411 30.15 -4.27 34.08
CA GLN I 411 31.00 -4.20 35.26
C GLN I 411 31.81 -2.91 35.28
N LYS I 412 32.33 -2.49 34.14
CA LYS I 412 33.14 -1.28 34.09
C LYS I 412 32.33 -0.07 34.54
N ILE I 413 31.13 0.11 33.98
CA ILE I 413 30.32 1.28 34.34
C ILE I 413 29.92 1.19 35.82
N SER I 414 29.48 0.01 36.26
CA SER I 414 29.08 -0.15 37.64
C SER I 414 30.25 0.07 38.59
N GLY I 415 31.42 -0.48 38.25
CA GLY I 415 32.58 -0.29 39.11
C GLY I 415 32.96 1.17 39.25
N GLY I 416 33.00 1.91 38.15
CA GLY I 416 33.25 3.34 38.22
C GLY I 416 32.15 4.06 38.98
N LEU I 417 30.89 3.69 38.70
CA LEU I 417 29.78 4.29 39.42
C LEU I 417 29.84 3.96 40.90
N GLY I 418 30.14 2.70 41.24
CA GLY I 418 30.23 2.32 42.63
C GLY I 418 31.30 3.08 43.37
N ALA I 419 32.47 3.25 42.75
CA ALA I 419 33.54 4.02 43.38
C ALA I 419 33.09 5.46 43.64
N PHE I 420 32.37 6.05 42.69
CA PHE I 420 31.85 7.41 42.89
C PHE I 420 30.88 7.44 44.08
N ALA I 421 30.02 6.43 44.19
CA ALA I 421 29.11 6.37 45.32
C ALA I 421 29.88 6.20 46.63
N ILE I 422 30.89 5.33 46.64
CA ILE I 422 31.70 5.14 47.84
C ILE I 422 32.40 6.44 48.21
N GLY I 423 33.01 7.11 47.23
CA GLY I 423 33.71 8.34 47.52
C GLY I 423 32.82 9.39 48.17
N ALA I 424 31.59 9.52 47.68
CA ALA I 424 30.65 10.44 48.29
C ALA I 424 30.31 10.01 49.70
N ILE I 425 30.12 8.72 49.92
CA ILE I 425 29.79 8.23 51.26
C ILE I 425 30.93 8.53 52.23
N LEU I 426 32.16 8.25 51.83
CA LEU I 426 33.30 8.53 52.70
C LEU I 426 33.40 10.01 53.00
N VAL I 427 33.22 10.86 51.99
CA VAL I 427 33.32 12.31 52.20
C VAL I 427 32.25 12.77 53.17
N LEU I 428 31.02 12.29 53.00
CA LEU I 428 29.95 12.68 53.91
C LEU I 428 30.23 12.21 55.33
N VAL I 429 30.68 10.96 55.48
CA VAL I 429 30.97 10.45 56.82
C VAL I 429 32.08 11.26 57.48
N VAL I 430 33.14 11.55 56.73
CA VAL I 430 34.23 12.35 57.29
C VAL I 430 33.70 13.71 57.75
N VAL I 431 32.81 14.32 56.94
CA VAL I 431 32.25 15.60 57.32
C VAL I 431 31.45 15.47 58.61
N THR I 432 30.64 14.42 58.72
CA THR I 432 29.86 14.20 59.94
C THR I 432 30.79 13.96 61.13
N CYS I 433 31.86 13.18 60.93
CA CYS I 433 32.76 12.86 62.02
C CYS I 433 33.41 14.13 62.58
N ILE I 434 34.00 14.95 61.70
CA ILE I 434 34.67 16.16 62.17
C ILE I 434 33.68 17.12 62.81
N GLY I 435 32.44 17.13 62.32
CA GLY I 435 31.42 17.97 62.95
C GLY I 435 31.13 17.56 64.37
N LEU I 436 31.22 16.26 64.67
CA LEU I 436 30.86 15.76 65.99
C LEU I 436 32.05 15.83 66.95
N ARG I 437 33.14 15.13 66.62
CA ARG I 437 34.33 15.11 67.48
C ARG I 437 35.32 16.19 67.06
N SER J 1 -57.84 -32.64 -39.45
CA SER J 1 -56.63 -33.17 -38.78
C SER J 1 -55.54 -32.11 -38.72
N VAL J 2 -54.31 -32.55 -38.43
CA VAL J 2 -53.18 -31.62 -38.37
C VAL J 2 -52.92 -30.99 -39.74
N SER J 3 -53.35 -31.62 -40.82
CA SER J 3 -53.20 -31.01 -42.14
C SER J 3 -53.81 -29.63 -42.18
N GLN J 4 -54.93 -29.44 -41.47
CA GLN J 4 -55.54 -28.12 -41.40
C GLN J 4 -54.59 -27.11 -40.76
N HIS J 5 -53.88 -27.52 -39.71
CA HIS J 5 -52.91 -26.62 -39.08
C HIS J 5 -51.78 -26.28 -40.04
N PHE J 6 -51.45 -27.19 -40.95
CA PHE J 6 -50.36 -26.98 -41.90
C PHE J 6 -50.83 -26.36 -43.21
N ASN J 7 -52.10 -25.98 -43.29
CA ASN J 7 -52.61 -25.30 -44.48
C ASN J 7 -51.97 -23.94 -44.70
N VAL J 8 -51.28 -23.40 -43.69
CA VAL J 8 -50.66 -22.08 -43.83
C VAL J 8 -49.31 -22.19 -44.51
N TYR J 9 -48.58 -23.27 -44.25
CA TYR J 9 -47.20 -23.40 -44.72
C TYR J 9 -47.10 -23.72 -46.20
N LYS J 10 -48.21 -23.97 -46.89
CA LYS J 10 -48.15 -24.29 -48.31
C LYS J 10 -47.55 -23.16 -49.12
N ALA J 11 -47.60 -21.93 -48.62
CA ALA J 11 -47.05 -20.76 -49.30
C ALA J 11 -45.83 -20.20 -48.58
N THR J 12 -45.00 -21.09 -48.03
CA THR J 12 -43.79 -20.70 -47.32
C THR J 12 -42.66 -21.63 -47.73
N ARG J 13 -41.43 -21.23 -47.37
CA ARG J 13 -40.25 -21.98 -47.77
C ARG J 13 -39.13 -21.71 -46.78
N PRO J 14 -38.22 -22.65 -46.57
CA PRO J 14 -37.00 -22.34 -45.82
C PRO J 14 -36.10 -21.40 -46.62
N TYR J 15 -35.28 -20.65 -45.89
CA TYR J 15 -34.39 -19.69 -46.51
C TYR J 15 -32.99 -19.82 -45.92
N ILE J 16 -32.01 -19.30 -46.64
CA ILE J 16 -30.61 -19.33 -46.25
C ILE J 16 -30.24 -17.98 -45.67
N ALA J 17 -29.66 -17.98 -44.48
CA ALA J 17 -29.31 -16.75 -43.78
C ALA J 17 -27.96 -16.91 -43.10
N TYR J 18 -27.33 -15.78 -42.79
CA TYR J 18 -26.04 -15.79 -42.12
C TYR J 18 -26.19 -16.32 -40.69
N CYS J 19 -25.11 -16.94 -40.21
CA CYS J 19 -25.09 -17.58 -38.90
C CYS J 19 -24.00 -17.04 -37.99
N ALA J 20 -22.80 -16.80 -38.52
CA ALA J 20 -21.62 -16.35 -37.80
C ALA J 20 -20.96 -17.50 -37.03
N ASP J 21 -21.46 -18.73 -37.16
CA ASP J 21 -20.85 -19.87 -36.50
C ASP J 21 -21.51 -21.14 -37.02
N CYS J 22 -20.71 -22.20 -37.14
CA CYS J 22 -21.20 -23.51 -37.56
C CYS J 22 -20.56 -24.62 -36.75
N GLY J 23 -20.21 -24.33 -35.49
CA GLY J 23 -19.42 -25.24 -34.70
C GLY J 23 -17.94 -25.20 -35.01
N ALA J 24 -17.52 -24.33 -35.92
CA ALA J 24 -16.10 -24.20 -36.28
C ALA J 24 -15.68 -22.74 -36.40
N GLY J 25 -16.48 -21.81 -35.90
CA GLY J 25 -16.15 -20.40 -35.98
C GLY J 25 -15.89 -19.94 -37.40
N HIS J 26 -16.92 -19.97 -38.25
CA HIS J 26 -16.77 -19.56 -39.64
C HIS J 26 -18.10 -19.07 -40.17
N SER J 27 -18.02 -18.14 -41.12
CA SER J 27 -19.21 -17.71 -41.83
C SER J 27 -19.85 -18.89 -42.55
N CYS J 28 -21.18 -18.97 -42.50
CA CYS J 28 -21.90 -20.15 -42.94
C CYS J 28 -22.78 -19.90 -44.16
N HIS J 29 -23.69 -18.94 -44.10
CA HIS J 29 -24.83 -18.90 -45.01
C HIS J 29 -25.57 -20.24 -44.95
N SER J 30 -25.79 -20.72 -43.73
CA SER J 30 -26.25 -22.08 -43.54
C SER J 30 -27.75 -22.20 -43.82
N PRO J 31 -28.22 -23.38 -44.22
CA PRO J 31 -29.67 -23.59 -44.35
C PRO J 31 -30.40 -23.51 -43.03
N VAL J 32 -29.70 -23.75 -41.92
CA VAL J 32 -30.27 -23.61 -40.59
C VAL J 32 -29.61 -22.42 -39.91
N ALA J 33 -30.43 -21.49 -39.42
CA ALA J 33 -29.91 -20.28 -38.78
C ALA J 33 -30.87 -19.85 -37.69
N ILE J 34 -30.36 -19.80 -36.44
CA ILE J 34 -31.18 -19.32 -35.35
C ILE J 34 -31.50 -17.84 -35.59
N GLU J 35 -32.68 -17.44 -35.15
CA GLU J 35 -33.12 -16.06 -35.28
C GLU J 35 -33.50 -15.41 -33.97
N ALA J 36 -34.13 -16.15 -33.06
CA ALA J 36 -34.51 -15.57 -31.77
C ALA J 36 -34.86 -16.69 -30.80
N VAL J 37 -34.06 -16.86 -29.75
CA VAL J 37 -34.45 -17.70 -28.63
C VAL J 37 -35.45 -16.93 -27.79
N ARG J 38 -36.55 -17.60 -27.41
CA ARG J 38 -37.68 -16.90 -26.82
C ARG J 38 -38.06 -17.48 -25.47
N SER J 39 -37.08 -17.68 -24.58
CA SER J 39 -37.37 -18.22 -23.27
C SER J 39 -38.32 -17.29 -22.52
N GLU J 40 -39.55 -17.72 -22.31
CA GLU J 40 -40.54 -16.93 -21.60
C GLU J 40 -41.36 -17.76 -20.61
N ALA J 41 -41.14 -19.07 -20.56
CA ALA J 41 -41.86 -19.93 -19.63
C ALA J 41 -41.11 -19.98 -18.31
N THR J 42 -41.82 -19.68 -17.22
CA THR J 42 -41.21 -19.79 -15.89
C THR J 42 -40.66 -21.19 -15.65
N ASP J 43 -41.33 -22.22 -16.17
CA ASP J 43 -40.77 -23.56 -16.11
C ASP J 43 -39.41 -23.61 -16.79
N GLY J 44 -39.28 -22.97 -17.94
CA GLY J 44 -38.05 -22.95 -18.69
C GLY J 44 -38.09 -23.92 -19.84
N MET J 45 -38.35 -23.41 -21.04
CA MET J 45 -38.50 -24.27 -22.21
C MET J 45 -38.36 -23.37 -23.45
N LEU J 46 -37.19 -23.42 -24.07
CA LEU J 46 -36.89 -22.49 -25.15
C LEU J 46 -37.79 -22.73 -26.35
N LYS J 47 -37.86 -21.72 -27.21
CA LYS J 47 -38.70 -21.72 -28.41
C LYS J 47 -37.86 -21.37 -29.62
N ILE J 48 -36.73 -22.06 -29.76
CA ILE J 48 -35.77 -21.74 -30.81
C ILE J 48 -36.49 -21.63 -32.15
N GLN J 49 -36.33 -20.48 -32.79
CA GLN J 49 -36.86 -20.24 -34.14
C GLN J 49 -35.68 -20.17 -35.09
N PHE J 50 -35.73 -20.98 -36.15
CA PHE J 50 -34.60 -21.12 -37.05
C PHE J 50 -35.10 -21.30 -38.48
N SER J 51 -34.22 -21.03 -39.43
CA SER J 51 -34.58 -20.89 -40.84
C SER J 51 -34.72 -22.25 -41.52
N ALA J 52 -35.65 -23.04 -41.00
CA ALA J 52 -36.01 -24.30 -41.65
C ALA J 52 -37.39 -24.71 -41.16
N GLN J 53 -38.03 -25.59 -41.91
CA GLN J 53 -39.39 -26.02 -41.64
C GLN J 53 -39.37 -27.50 -41.25
N ILE J 54 -39.96 -27.83 -40.11
CA ILE J 54 -40.03 -29.18 -39.60
C ILE J 54 -41.49 -29.63 -39.63
N GLY J 55 -41.72 -30.87 -40.06
CA GLY J 55 -43.05 -31.41 -40.16
C GLY J 55 -43.65 -31.38 -41.56
N ILE J 56 -42.94 -30.81 -42.53
CA ILE J 56 -43.43 -30.69 -43.90
C ILE J 56 -42.34 -31.16 -44.84
N ASP J 57 -42.70 -32.00 -45.79
CA ASP J 57 -41.74 -32.48 -46.78
C ASP J 57 -41.50 -31.42 -47.85
N LYS J 58 -40.53 -31.71 -48.72
CA LYS J 58 -40.20 -30.75 -49.78
C LYS J 58 -41.36 -30.49 -50.72
N SER J 59 -42.36 -31.38 -50.75
CA SER J 59 -43.51 -31.23 -51.63
C SER J 59 -44.68 -30.54 -50.96
N ASP J 60 -44.46 -29.92 -49.80
CA ASP J 60 -45.50 -29.18 -49.09
C ASP J 60 -46.62 -30.11 -48.64
N ASN J 61 -46.24 -31.20 -47.98
CA ASN J 61 -47.17 -32.14 -47.38
C ASN J 61 -46.76 -32.41 -45.95
N HIS J 62 -47.73 -32.40 -45.03
CA HIS J 62 -47.43 -32.64 -43.63
C HIS J 62 -46.78 -34.00 -43.46
N ASP J 63 -45.67 -34.03 -42.70
CA ASP J 63 -44.98 -35.29 -42.44
C ASP J 63 -44.07 -35.07 -41.24
N TYR J 64 -44.29 -35.83 -40.17
CA TYR J 64 -43.57 -35.64 -38.92
C TYR J 64 -42.16 -36.21 -38.94
N THR J 65 -41.69 -36.70 -40.11
CA THR J 65 -40.34 -37.24 -40.23
C THR J 65 -39.59 -36.56 -41.38
N LYS J 66 -39.98 -35.34 -41.72
CA LYS J 66 -39.37 -34.62 -42.83
C LYS J 66 -39.07 -33.19 -42.41
N ILE J 67 -37.94 -32.66 -42.87
CA ILE J 67 -37.53 -31.30 -42.57
C ILE J 67 -37.22 -30.61 -43.89
N ARG J 68 -37.89 -29.49 -44.15
CA ARG J 68 -37.65 -28.69 -45.35
C ARG J 68 -36.53 -27.70 -45.07
N TYR J 69 -35.34 -27.99 -45.58
CA TYR J 69 -34.20 -27.10 -45.45
C TYR J 69 -33.78 -26.63 -46.84
N ALA J 70 -33.65 -25.30 -46.99
CA ALA J 70 -33.30 -24.75 -48.28
C ALA J 70 -31.91 -25.18 -48.70
N ASP J 71 -31.67 -25.14 -50.00
CA ASP J 71 -30.37 -25.52 -50.56
C ASP J 71 -30.27 -24.93 -51.95
N GLY J 72 -29.24 -24.10 -52.17
CA GLY J 72 -29.12 -23.41 -53.45
C GLY J 72 -30.35 -22.60 -53.76
N HIS J 73 -31.11 -23.03 -54.76
CA HIS J 73 -32.35 -22.37 -55.14
C HIS J 73 -33.60 -23.19 -54.82
N ALA J 74 -33.44 -24.49 -54.56
CA ALA J 74 -34.57 -25.39 -54.38
C ALA J 74 -34.59 -25.94 -52.97
N ILE J 75 -35.74 -26.49 -52.59
CA ILE J 75 -35.91 -27.07 -51.26
C ILE J 75 -35.35 -28.48 -51.25
N GLU J 76 -35.15 -29.01 -50.05
CA GLU J 76 -34.67 -30.37 -49.86
C GLU J 76 -35.33 -30.97 -48.61
N ASN J 77 -35.35 -32.30 -48.55
CA ASN J 77 -35.97 -33.04 -47.47
C ASN J 77 -34.88 -33.74 -46.66
N ALA J 78 -34.91 -33.54 -45.35
CA ALA J 78 -33.94 -34.12 -44.44
C ALA J 78 -34.63 -34.91 -43.34
N VAL J 79 -34.09 -36.08 -43.02
CA VAL J 79 -34.66 -36.91 -41.97
C VAL J 79 -34.70 -36.13 -40.67
N ARG J 80 -35.82 -36.25 -39.95
CA ARG J 80 -35.99 -35.47 -38.71
C ARG J 80 -35.16 -36.03 -37.57
N SER J 81 -34.85 -37.32 -37.58
CA SER J 81 -34.16 -37.95 -36.47
C SER J 81 -32.75 -37.39 -36.28
N SER J 82 -32.31 -36.53 -37.20
CA SER J 82 -30.99 -35.91 -37.11
C SER J 82 -31.05 -34.49 -36.56
N LEU J 83 -32.02 -34.22 -35.69
CA LEU J 83 -32.15 -32.90 -35.05
C LEU J 83 -31.49 -32.97 -33.68
N LYS J 84 -30.49 -32.12 -33.45
CA LYS J 84 -29.63 -32.21 -32.29
C LYS J 84 -29.55 -30.87 -31.57
N VAL J 85 -30.70 -30.25 -31.32
CA VAL J 85 -30.74 -29.03 -30.52
C VAL J 85 -30.03 -29.32 -29.20
N ALA J 86 -28.93 -28.62 -28.96
CA ALA J 86 -28.06 -28.99 -27.83
C ALA J 86 -27.30 -27.76 -27.35
N THR J 87 -27.49 -27.40 -26.09
CA THR J 87 -26.59 -26.46 -25.42
C THR J 87 -25.38 -27.23 -24.92
N SER J 88 -24.57 -26.60 -24.07
CA SER J 88 -23.41 -27.25 -23.46
C SER J 88 -23.68 -28.72 -23.15
N GLY J 89 -24.89 -29.03 -22.72
CA GLY J 89 -25.29 -30.42 -22.53
C GLY J 89 -25.92 -30.99 -23.78
N ASP J 90 -27.16 -31.45 -23.69
CA ASP J 90 -27.89 -31.96 -24.85
C ASP J 90 -29.37 -31.85 -24.54
N CYS J 91 -30.06 -30.95 -25.25
CA CYS J 91 -31.47 -30.69 -24.98
C CYS J 91 -32.34 -31.86 -25.36
N PHE J 92 -33.43 -32.06 -24.62
CA PHE J 92 -34.46 -33.02 -24.98
C PHE J 92 -35.57 -32.24 -25.67
N VAL J 93 -35.65 -32.36 -27.00
CA VAL J 93 -36.66 -31.63 -27.75
C VAL J 93 -38.04 -32.11 -27.35
N HIS J 94 -38.93 -31.17 -27.03
CA HIS J 94 -40.27 -31.46 -26.54
C HIS J 94 -41.34 -31.33 -27.62
N GLY J 95 -41.01 -31.70 -28.85
CA GLY J 95 -41.94 -31.58 -29.95
C GLY J 95 -41.74 -30.28 -30.71
N THR J 96 -41.97 -30.34 -32.02
CA THR J 96 -41.66 -29.21 -32.89
C THR J 96 -42.70 -29.10 -33.99
N MET J 97 -42.78 -27.90 -34.57
CA MET J 97 -43.66 -27.66 -35.70
C MET J 97 -43.14 -26.44 -36.45
N GLY J 98 -43.20 -26.48 -37.77
CA GLY J 98 -42.78 -25.33 -38.55
C GLY J 98 -41.34 -24.96 -38.28
N HIS J 99 -41.14 -23.74 -37.79
CA HIS J 99 -39.82 -23.19 -37.53
C HIS J 99 -39.42 -23.20 -36.06
N PHE J 100 -40.30 -23.63 -35.16
CA PHE J 100 -40.14 -23.35 -33.74
C PHE J 100 -39.86 -24.65 -32.99
N ILE J 101 -38.57 -24.96 -32.84
CA ILE J 101 -38.15 -26.08 -32.01
C ILE J 101 -38.45 -25.76 -30.54
N LEU J 102 -38.75 -26.80 -29.77
CA LEU J 102 -39.05 -26.66 -28.36
C LEU J 102 -38.07 -27.54 -27.59
N ALA J 103 -37.32 -26.93 -26.68
CA ALA J 103 -36.23 -27.61 -26.00
C ALA J 103 -36.27 -27.32 -24.50
N LYS J 104 -35.54 -28.14 -23.75
CA LYS J 104 -35.42 -28.04 -22.30
C LYS J 104 -33.96 -28.13 -21.90
N CYS J 105 -33.11 -27.35 -22.56
CA CYS J 105 -31.68 -27.51 -22.43
C CYS J 105 -31.23 -27.28 -21.00
N PRO J 106 -30.15 -27.94 -20.57
CA PRO J 106 -29.58 -27.67 -19.25
C PRO J 106 -28.83 -26.35 -19.24
N PRO J 107 -28.32 -25.92 -18.09
CA PRO J 107 -27.61 -24.65 -18.04
C PRO J 107 -26.42 -24.63 -19.00
N GLY J 108 -26.22 -23.48 -19.63
CA GLY J 108 -25.14 -23.35 -20.59
C GLY J 108 -25.05 -21.93 -21.10
N GLU J 109 -24.07 -21.70 -21.97
CA GLU J 109 -23.79 -20.37 -22.52
C GLU J 109 -24.17 -20.22 -23.97
N PHE J 110 -24.02 -21.27 -24.78
CA PHE J 110 -24.32 -21.22 -26.20
C PHE J 110 -25.42 -22.21 -26.54
N LEU J 111 -26.11 -21.94 -27.65
CA LEU J 111 -27.16 -22.80 -28.15
C LEU J 111 -26.82 -23.21 -29.58
N GLN J 112 -26.83 -24.51 -29.85
CA GLN J 112 -26.52 -25.05 -31.17
C GLN J 112 -27.69 -25.88 -31.66
N VAL J 113 -28.08 -25.66 -32.93
CA VAL J 113 -29.10 -26.45 -33.59
C VAL J 113 -28.51 -26.99 -34.88
N SER J 114 -28.66 -28.29 -35.10
CA SER J 114 -28.07 -28.96 -36.25
C SER J 114 -29.08 -29.93 -36.87
N ILE J 115 -28.99 -30.07 -38.19
CA ILE J 115 -29.74 -31.07 -38.93
C ILE J 115 -28.81 -31.73 -39.93
N GLN J 116 -29.17 -32.93 -40.34
CA GLN J 116 -28.38 -33.69 -41.31
C GLN J 116 -28.97 -33.45 -42.70
N ASP J 117 -28.16 -32.89 -43.59
CA ASP J 117 -28.64 -32.53 -44.91
C ASP J 117 -28.72 -33.77 -45.78
N THR J 118 -28.98 -33.59 -47.08
CA THR J 118 -29.12 -34.73 -47.98
C THR J 118 -27.83 -35.54 -48.03
N ARG J 119 -26.70 -34.88 -48.24
CA ARG J 119 -25.43 -35.56 -48.43
C ARG J 119 -24.78 -35.94 -47.10
N ASN J 120 -25.54 -36.62 -46.25
CA ASN J 120 -25.07 -37.13 -44.96
C ASN J 120 -24.03 -36.21 -44.33
N ALA J 121 -24.32 -34.91 -44.34
CA ALA J 121 -23.50 -33.91 -43.70
C ALA J 121 -24.30 -33.23 -42.59
N VAL J 122 -23.61 -32.48 -41.74
CA VAL J 122 -24.20 -31.90 -40.54
C VAL J 122 -24.13 -30.38 -40.68
N ARG J 123 -25.24 -29.77 -41.07
CA ARG J 123 -25.37 -28.33 -41.02
C ARG J 123 -25.85 -27.91 -39.63
N ALA J 124 -25.27 -26.83 -39.11
CA ALA J 124 -25.56 -26.42 -37.75
C ALA J 124 -25.35 -24.93 -37.61
N CYS J 125 -26.12 -24.31 -36.71
CA CYS J 125 -25.94 -22.92 -36.32
C CYS J 125 -25.81 -22.88 -34.81
N ARG J 126 -24.88 -22.06 -34.31
CA ARG J 126 -24.57 -21.99 -32.90
C ARG J 126 -24.38 -20.53 -32.50
N ILE J 127 -25.28 -20.03 -31.65
CA ILE J 127 -25.24 -18.66 -31.20
C ILE J 127 -24.97 -18.63 -29.70
N GLN J 128 -24.80 -17.43 -29.16
CA GLN J 128 -24.55 -17.22 -27.74
C GLN J 128 -25.89 -16.90 -27.05
N TYR J 129 -26.27 -17.74 -26.10
CA TYR J 129 -27.50 -17.53 -25.35
C TYR J 129 -27.28 -18.01 -23.93
N HIS J 130 -27.29 -17.07 -22.98
CA HIS J 130 -27.00 -17.38 -21.58
C HIS J 130 -28.21 -18.05 -20.92
N HIS J 131 -28.44 -19.29 -21.33
CA HIS J 131 -29.55 -20.06 -20.76
C HIS J 131 -29.19 -20.49 -19.34
N ASP J 132 -30.11 -20.26 -18.41
CA ASP J 132 -29.92 -20.67 -17.03
C ASP J 132 -31.26 -20.66 -16.32
N PRO J 133 -32.11 -21.67 -16.56
CA PRO J 133 -33.46 -21.63 -16.01
C PRO J 133 -33.45 -21.93 -14.52
N GLN J 134 -34.22 -21.14 -13.78
CA GLN J 134 -34.40 -21.33 -12.34
C GLN J 134 -35.85 -21.70 -12.08
N PRO J 135 -36.16 -22.89 -11.58
CA PRO J 135 -37.56 -23.29 -11.44
C PRO J 135 -38.34 -22.34 -10.53
N VAL J 136 -39.64 -22.27 -10.78
CA VAL J 136 -40.50 -21.41 -9.99
C VAL J 136 -40.40 -21.79 -8.52
N GLY J 137 -40.81 -20.87 -7.66
CA GLY J 137 -40.78 -21.09 -6.23
C GLY J 137 -39.54 -20.50 -5.58
N ARG J 138 -39.34 -20.89 -4.33
CA ARG J 138 -38.24 -20.38 -3.52
C ARG J 138 -37.09 -21.37 -3.42
N GLU J 139 -37.12 -22.46 -4.18
CA GLU J 139 -36.09 -23.49 -4.13
C GLU J 139 -35.59 -23.74 -5.53
N LYS J 140 -34.27 -23.66 -5.72
CA LYS J 140 -33.66 -23.84 -7.05
C LYS J 140 -33.24 -25.29 -7.25
N PHE J 141 -34.22 -26.18 -7.14
CA PHE J 141 -33.97 -27.59 -7.34
C PHE J 141 -33.67 -27.86 -8.82
N THR J 142 -33.19 -29.08 -9.09
CA THR J 142 -32.81 -29.47 -10.44
C THR J 142 -33.84 -30.36 -11.13
N ILE J 143 -34.21 -31.47 -10.49
CA ILE J 143 -35.17 -32.41 -11.05
C ILE J 143 -36.42 -32.39 -10.19
N ARG J 144 -37.55 -32.70 -10.82
CA ARG J 144 -38.80 -32.73 -10.08
C ARG J 144 -38.69 -33.71 -8.91
N PRO J 145 -39.25 -33.38 -7.76
CA PRO J 145 -39.34 -34.35 -6.68
C PRO J 145 -40.53 -35.28 -6.91
N HIS J 146 -40.75 -36.16 -5.95
CA HIS J 146 -41.90 -37.06 -5.99
C HIS J 146 -43.02 -36.61 -5.07
N TYR J 147 -42.72 -36.36 -3.80
CA TYR J 147 -43.67 -35.77 -2.86
C TYR J 147 -43.32 -34.31 -2.69
N GLY J 148 -44.20 -33.41 -3.13
CA GLY J 148 -43.92 -31.99 -3.03
C GLY J 148 -45.17 -31.17 -3.27
N LYS J 149 -44.99 -29.86 -3.09
CA LYS J 149 -46.07 -28.92 -3.32
C LYS J 149 -46.34 -28.76 -4.81
N GLU J 150 -47.50 -28.18 -5.13
CA GLU J 150 -47.90 -27.92 -6.50
C GLU J 150 -48.21 -26.43 -6.62
N ILE J 151 -47.46 -25.74 -7.47
CA ILE J 151 -47.64 -24.30 -7.67
C ILE J 151 -47.73 -24.03 -9.16
N PRO J 152 -48.35 -22.92 -9.56
CA PRO J 152 -48.56 -22.65 -10.98
C PRO J 152 -47.34 -22.01 -11.63
N CYS J 153 -46.89 -22.60 -12.73
CA CYS J 153 -45.79 -22.05 -13.52
C CYS J 153 -46.14 -22.18 -15.00
N THR J 154 -45.91 -21.11 -15.75
CA THR J 154 -46.28 -21.07 -17.16
C THR J 154 -45.30 -21.90 -18.00
N THR J 155 -45.84 -22.55 -19.02
CA THR J 155 -45.03 -23.28 -19.98
C THR J 155 -45.76 -23.32 -21.32
N TYR J 156 -44.98 -23.50 -22.39
CA TYR J 156 -45.55 -23.55 -23.73
C TYR J 156 -46.35 -24.83 -23.91
N GLN J 157 -47.55 -24.70 -24.47
CA GLN J 157 -48.39 -25.85 -24.71
C GLN J 157 -47.94 -26.58 -25.98
N GLN J 158 -47.81 -27.90 -25.87
CA GLN J 158 -47.37 -28.71 -27.01
C GLN J 158 -48.37 -28.69 -28.16
N THR J 159 -49.63 -28.35 -27.88
CA THR J 159 -50.64 -28.35 -28.93
C THR J 159 -50.26 -27.38 -30.04
N THR J 160 -50.32 -27.85 -31.28
CA THR J 160 -50.02 -27.03 -32.44
C THR J 160 -51.27 -26.30 -32.94
N ALA J 161 -51.95 -25.62 -32.03
CA ALA J 161 -53.20 -24.94 -32.35
C ALA J 161 -52.88 -23.58 -33.00
N GLU J 162 -53.90 -22.76 -33.20
CA GLU J 162 -53.74 -21.42 -33.75
C GLU J 162 -53.80 -20.41 -32.61
N THR J 163 -52.73 -19.64 -32.46
CA THR J 163 -52.61 -18.65 -31.40
C THR J 163 -52.74 -17.25 -31.98
N VAL J 164 -52.81 -16.26 -31.09
CA VAL J 164 -52.89 -14.87 -31.53
C VAL J 164 -51.53 -14.29 -31.89
N GLU J 165 -50.44 -14.87 -31.36
CA GLU J 165 -49.11 -14.42 -31.74
C GLU J 165 -48.88 -14.64 -33.23
N GLU J 166 -48.17 -13.72 -33.86
CA GLU J 166 -48.05 -13.72 -35.31
C GLU J 166 -46.62 -13.40 -35.71
N ILE J 167 -46.18 -13.98 -36.82
CA ILE J 167 -44.87 -13.73 -37.41
C ILE J 167 -45.08 -13.24 -38.83
N ASP J 168 -44.45 -12.11 -39.16
CA ASP J 168 -44.69 -11.44 -40.42
C ASP J 168 -44.06 -12.23 -41.58
N MET J 169 -44.30 -11.75 -42.79
CA MET J 169 -43.81 -12.38 -44.01
C MET J 169 -43.44 -11.31 -45.03
N HIS J 170 -42.89 -11.78 -46.16
CA HIS J 170 -42.74 -10.98 -47.37
C HIS J 170 -42.14 -11.90 -48.42
N MET J 171 -42.27 -11.50 -49.68
CA MET J 171 -41.76 -12.31 -50.76
C MET J 171 -40.23 -12.31 -50.76
N PRO J 172 -39.61 -13.40 -51.20
CA PRO J 172 -38.15 -13.45 -51.17
C PRO J 172 -37.56 -12.42 -52.11
N PRO J 173 -36.33 -11.98 -51.85
CA PRO J 173 -35.67 -11.03 -52.75
C PRO J 173 -35.11 -11.73 -53.97
N ASP J 174 -34.43 -10.95 -54.81
CA ASP J 174 -33.85 -11.45 -56.05
C ASP J 174 -32.52 -12.13 -55.72
N THR J 175 -32.57 -13.42 -55.43
CA THR J 175 -31.37 -14.15 -55.07
C THR J 175 -30.38 -14.14 -56.23
N PRO J 176 -29.13 -13.74 -56.02
CA PRO J 176 -28.13 -13.81 -57.08
C PRO J 176 -27.38 -15.12 -57.06
N ASP J 177 -26.95 -15.54 -58.25
CA ASP J 177 -26.21 -16.79 -58.39
C ASP J 177 -25.36 -16.70 -59.65
N ARG J 178 -24.05 -16.47 -59.47
CA ARG J 178 -23.14 -16.42 -60.60
C ARG J 178 -23.06 -17.74 -61.34
N THR J 179 -23.37 -18.85 -60.68
CA THR J 179 -23.29 -20.15 -61.35
C THR J 179 -24.27 -20.26 -62.50
N LEU J 180 -25.34 -19.46 -62.50
CA LEU J 180 -26.27 -19.47 -63.63
C LEU J 180 -25.56 -19.01 -64.90
N LEU J 181 -24.78 -17.93 -64.80
CA LEU J 181 -24.04 -17.45 -65.96
C LEU J 181 -22.87 -18.37 -66.26
N SER J 182 -22.65 -18.66 -67.54
CA SER J 182 -21.56 -19.52 -67.98
C SER J 182 -20.96 -18.96 -69.25
N GLN J 183 -19.63 -18.85 -69.27
CA GLN J 183 -18.93 -18.36 -70.45
C GLN J 183 -19.02 -19.39 -71.58
N GLN J 184 -18.98 -18.90 -72.80
CA GLN J 184 -19.10 -19.74 -73.99
C GLN J 184 -18.08 -19.34 -75.05
N SER J 185 -16.85 -19.08 -74.62
CA SER J 185 -15.74 -18.73 -75.52
C SER J 185 -16.09 -17.49 -76.34
N GLY J 186 -16.23 -16.38 -75.60
CA GLY J 186 -16.66 -15.13 -76.20
C GLY J 186 -18.14 -14.86 -76.08
N ASN J 187 -18.90 -15.77 -75.51
CA ASN J 187 -20.34 -15.60 -75.32
C ASN J 187 -20.70 -16.12 -73.94
N VAL J 188 -21.84 -15.66 -73.43
CA VAL J 188 -22.31 -16.02 -72.10
C VAL J 188 -23.70 -16.62 -72.20
N LYS J 189 -23.91 -17.76 -71.54
CA LYS J 189 -25.19 -18.45 -71.54
C LYS J 189 -25.69 -18.56 -70.11
N ILE J 190 -26.97 -18.27 -69.91
CA ILE J 190 -27.58 -18.25 -68.59
C ILE J 190 -28.57 -19.40 -68.52
N THR J 191 -28.19 -20.46 -67.82
CA THR J 191 -29.08 -21.62 -67.64
C THR J 191 -30.30 -21.21 -66.84
N VAL J 192 -31.47 -21.20 -67.50
CA VAL J 192 -32.69 -20.77 -66.82
C VAL J 192 -33.03 -21.73 -65.68
N GLY J 193 -32.93 -23.03 -65.93
CA GLY J 193 -33.22 -24.01 -64.90
C GLY J 193 -34.61 -23.86 -64.30
N GLY J 194 -35.59 -23.44 -65.09
CA GLY J 194 -36.94 -23.26 -64.59
C GLY J 194 -37.15 -21.99 -63.79
N LYS J 195 -36.16 -21.11 -63.72
CA LYS J 195 -36.24 -19.88 -62.95
C LYS J 195 -36.57 -18.72 -63.89
N LYS J 196 -36.58 -17.51 -63.34
CA LYS J 196 -36.85 -16.29 -64.08
C LYS J 196 -35.71 -15.30 -63.89
N VAL J 197 -34.48 -15.79 -64.07
CA VAL J 197 -33.30 -14.96 -63.88
C VAL J 197 -33.46 -13.66 -64.66
N LYS J 198 -32.96 -12.57 -64.08
CA LYS J 198 -32.95 -11.26 -64.72
C LYS J 198 -31.50 -10.83 -64.94
N TYR J 199 -31.32 -9.61 -65.42
CA TYR J 199 -30.00 -9.12 -65.75
C TYR J 199 -30.05 -7.62 -65.95
N ASN J 200 -28.93 -6.96 -65.65
CA ASN J 200 -28.72 -5.54 -65.96
C ASN J 200 -27.42 -5.38 -66.73
N CYS J 201 -27.22 -6.26 -67.71
CA CYS J 201 -25.92 -6.42 -68.35
C CYS J 201 -25.42 -5.09 -68.92
N THR J 202 -24.15 -4.80 -68.69
CA THR J 202 -23.49 -3.67 -69.31
C THR J 202 -22.83 -4.02 -70.64
N CYS J 203 -22.82 -5.30 -71.01
CA CYS J 203 -22.25 -5.75 -72.27
C CYS J 203 -23.26 -5.47 -73.39
N GLY J 204 -23.07 -4.35 -74.08
CA GLY J 204 -23.98 -3.96 -75.14
C GLY J 204 -25.22 -3.29 -74.58
N THR J 205 -25.65 -2.19 -75.20
CA THR J 205 -26.81 -1.46 -74.72
C THR J 205 -28.08 -2.28 -74.94
N GLY J 206 -29.05 -2.08 -74.05
CA GLY J 206 -30.33 -2.74 -74.16
C GLY J 206 -30.40 -4.13 -73.58
N ASN J 207 -29.30 -4.64 -73.01
CA ASN J 207 -29.28 -5.98 -72.44
C ASN J 207 -29.78 -5.95 -70.99
N VAL J 208 -31.05 -5.58 -70.85
CA VAL J 208 -31.72 -5.52 -69.56
C VAL J 208 -33.11 -6.13 -69.71
N GLY J 209 -33.46 -7.03 -68.81
CA GLY J 209 -34.74 -7.70 -68.87
C GLY J 209 -34.78 -8.91 -67.96
N THR J 210 -35.91 -9.59 -68.01
CA THR J 210 -36.16 -10.78 -67.19
C THR J 210 -36.46 -11.94 -68.13
N THR J 211 -35.46 -12.78 -68.38
CA THR J 211 -35.64 -13.93 -69.25
C THR J 211 -36.39 -15.04 -68.52
N ASN J 212 -37.00 -15.93 -69.31
CA ASN J 212 -37.68 -17.11 -68.79
C ASN J 212 -37.23 -18.39 -69.48
N SER J 213 -36.28 -18.32 -70.41
CA SER J 213 -35.76 -19.48 -71.11
C SER J 213 -34.24 -19.42 -71.09
N ASP J 214 -33.60 -20.42 -71.71
CA ASP J 214 -32.15 -20.53 -71.72
C ASP J 214 -31.57 -19.54 -72.73
N MET J 215 -31.71 -18.26 -72.41
CA MET J 215 -31.14 -17.22 -73.25
C MET J 215 -29.62 -17.30 -73.25
N THR J 216 -29.02 -16.93 -74.39
CA THR J 216 -27.60 -17.09 -74.64
C THR J 216 -27.01 -15.80 -75.21
N ILE J 217 -27.29 -14.68 -74.55
CA ILE J 217 -26.73 -13.40 -74.95
C ILE J 217 -25.24 -13.57 -75.23
N ASN J 218 -24.81 -13.20 -76.43
CA ASN J 218 -23.47 -13.49 -76.91
C ASN J 218 -22.61 -12.23 -76.89
N THR J 219 -21.33 -12.42 -77.23
CA THR J 219 -20.37 -11.31 -77.31
C THR J 219 -20.22 -10.62 -75.95
N CYS J 220 -20.20 -11.41 -74.88
CA CYS J 220 -20.13 -10.89 -73.53
C CYS J 220 -19.16 -11.72 -72.70
N LEU J 221 -18.76 -11.16 -71.56
CA LEU J 221 -17.79 -11.77 -70.66
C LEU J 221 -18.44 -12.07 -69.31
N ILE J 222 -17.65 -12.66 -68.41
CA ILE J 222 -18.17 -13.04 -67.10
C ILE J 222 -18.59 -11.81 -66.32
N GLU J 223 -17.71 -10.82 -66.25
CA GLU J 223 -17.94 -9.62 -65.42
C GLU J 223 -18.61 -8.51 -66.23
N GLN J 224 -19.72 -8.85 -66.87
CA GLN J 224 -20.53 -7.87 -67.58
C GLN J 224 -22.02 -8.13 -67.46
N CYS J 225 -22.43 -9.20 -66.77
CA CYS J 225 -23.83 -9.53 -66.58
C CYS J 225 -24.06 -9.91 -65.13
N HIS J 226 -25.13 -9.39 -64.54
CA HIS J 226 -25.50 -9.67 -63.16
C HIS J 226 -26.77 -10.52 -63.18
N VAL J 227 -26.60 -11.83 -63.20
CA VAL J 227 -27.72 -12.76 -63.23
C VAL J 227 -28.25 -12.94 -61.82
N SER J 228 -29.57 -12.94 -61.68
CA SER J 228 -30.20 -13.10 -60.37
C SER J 228 -31.59 -13.68 -60.57
N VAL J 229 -31.87 -14.80 -59.89
CA VAL J 229 -33.20 -15.39 -59.98
C VAL J 229 -34.21 -14.50 -59.27
N THR J 230 -35.48 -14.71 -59.59
CA THR J 230 -36.59 -13.95 -59.02
C THR J 230 -37.73 -14.87 -58.61
N ASP J 231 -37.40 -15.96 -57.94
CA ASP J 231 -38.42 -16.84 -57.39
C ASP J 231 -39.39 -16.04 -56.54
N HIS J 232 -40.65 -16.00 -56.97
CA HIS J 232 -41.65 -15.12 -56.38
C HIS J 232 -42.90 -15.87 -55.94
N LYS J 233 -42.84 -17.19 -55.88
CA LYS J 233 -44.02 -18.00 -55.56
C LYS J 233 -44.23 -18.11 -54.05
N LYS J 234 -43.24 -18.64 -53.33
CA LYS J 234 -43.38 -18.87 -51.91
C LYS J 234 -42.92 -17.64 -51.12
N TRP J 235 -42.95 -17.77 -49.79
CA TRP J 235 -42.75 -16.66 -48.88
C TRP J 235 -41.64 -16.98 -47.89
N GLN J 236 -41.00 -15.93 -47.38
CA GLN J 236 -39.99 -16.03 -46.34
C GLN J 236 -40.52 -15.36 -45.07
N PHE J 237 -39.66 -15.33 -44.04
CA PHE J 237 -40.06 -14.85 -42.71
C PHE J 237 -39.17 -13.69 -42.30
N ASN J 238 -39.46 -12.50 -42.85
CA ASN J 238 -39.00 -11.22 -42.33
C ASN J 238 -37.62 -11.32 -41.68
N SER J 239 -36.68 -11.97 -42.34
CA SER J 239 -35.40 -12.24 -41.71
C SER J 239 -34.53 -10.99 -41.75
N PRO J 240 -33.95 -10.56 -40.63
CA PRO J 240 -33.06 -9.39 -40.67
C PRO J 240 -31.82 -9.61 -41.53
N PHE J 241 -31.45 -10.85 -41.80
CA PHE J 241 -30.28 -11.16 -42.61
C PHE J 241 -30.60 -11.34 -44.08
N VAL J 242 -31.87 -11.26 -44.46
CA VAL J 242 -32.31 -11.44 -45.84
C VAL J 242 -32.87 -10.12 -46.35
N PRO J 243 -32.10 -9.39 -47.18
CA PRO J 243 -32.60 -8.10 -47.68
C PRO J 243 -34.00 -8.19 -48.26
N ARG J 244 -34.92 -7.37 -47.74
CA ARG J 244 -36.31 -7.46 -48.15
C ARG J 244 -36.48 -6.94 -49.57
N ALA J 245 -37.49 -7.48 -50.25
CA ALA J 245 -37.78 -7.09 -51.62
C ALA J 245 -38.28 -5.65 -51.65
N ASP J 246 -38.57 -5.17 -52.87
CA ASP J 246 -39.02 -3.78 -53.03
C ASP J 246 -40.35 -3.55 -52.33
N GLU J 247 -41.25 -4.54 -52.38
CA GLU J 247 -42.55 -4.37 -51.76
C GLU J 247 -42.37 -4.19 -50.25
N PRO J 248 -43.06 -3.22 -49.64
CA PRO J 248 -42.91 -3.01 -48.20
C PRO J 248 -43.72 -3.95 -47.33
N ALA J 249 -43.19 -5.14 -47.05
CA ALA J 249 -43.72 -6.03 -46.01
C ALA J 249 -45.18 -6.40 -46.29
N ARG J 250 -45.38 -7.18 -47.36
CA ARG J 250 -46.69 -7.73 -47.66
C ARG J 250 -47.36 -8.28 -46.40
N LYS J 251 -46.57 -8.68 -45.40
CA LYS J 251 -47.07 -8.97 -44.04
C LYS J 251 -48.00 -10.19 -44.02
N GLY J 252 -47.56 -11.28 -44.65
CA GLY J 252 -48.20 -12.56 -44.41
C GLY J 252 -48.18 -12.87 -42.92
N LYS J 253 -49.13 -13.67 -42.45
CA LYS J 253 -49.44 -13.76 -41.02
C LYS J 253 -49.44 -15.21 -40.54
N VAL J 254 -48.37 -15.94 -40.83
CA VAL J 254 -48.21 -17.26 -40.23
C VAL J 254 -48.32 -17.14 -38.72
N HIS J 255 -49.07 -18.06 -38.11
CA HIS J 255 -49.29 -18.02 -36.67
C HIS J 255 -48.18 -18.74 -35.92
N ILE J 256 -47.79 -18.18 -34.79
CA ILE J 256 -46.75 -18.81 -33.97
C ILE J 256 -47.26 -20.18 -33.51
N PRO J 257 -46.48 -21.24 -33.61
CA PRO J 257 -47.01 -22.59 -33.29
C PRO J 257 -47.56 -22.74 -31.87
N PHE J 258 -46.72 -22.50 -30.87
CA PHE J 258 -47.02 -22.94 -29.51
C PHE J 258 -47.34 -21.75 -28.61
N PRO J 259 -48.54 -21.67 -28.03
CA PRO J 259 -48.85 -20.59 -27.11
C PRO J 259 -48.31 -20.90 -25.71
N LEU J 260 -48.65 -20.01 -24.77
CA LEU J 260 -48.30 -20.18 -23.36
C LEU J 260 -49.56 -20.46 -22.56
N ASP J 261 -49.44 -21.33 -21.56
CA ASP J 261 -50.57 -21.72 -20.74
C ASP J 261 -50.14 -21.80 -19.29
N ASN J 262 -51.06 -21.42 -18.39
CA ASN J 262 -50.83 -21.50 -16.96
C ASN J 262 -51.20 -22.90 -16.48
N ILE J 263 -50.20 -23.65 -16.03
CA ILE J 263 -50.40 -25.03 -15.58
C ILE J 263 -49.67 -25.23 -14.26
N THR J 264 -50.06 -26.30 -13.55
CA THR J 264 -49.42 -26.64 -12.29
C THR J 264 -47.93 -26.89 -12.50
N CYS J 265 -47.19 -26.93 -11.39
CA CYS J 265 -45.74 -27.01 -11.46
C CYS J 265 -45.24 -27.54 -10.13
N ARG J 266 -44.61 -28.71 -10.14
CA ARG J 266 -44.18 -29.33 -8.90
C ARG J 266 -42.96 -28.63 -8.33
N VAL J 267 -42.71 -28.86 -7.04
CA VAL J 267 -41.61 -28.22 -6.32
C VAL J 267 -41.45 -28.93 -4.99
N PRO J 268 -40.23 -29.21 -4.54
CA PRO J 268 -40.06 -29.91 -3.26
C PRO J 268 -40.15 -28.97 -2.07
N MET J 269 -40.37 -29.57 -0.91
CA MET J 269 -40.34 -28.86 0.36
C MET J 269 -39.04 -29.20 1.06
N ALA J 270 -38.26 -28.17 1.40
CA ALA J 270 -36.99 -28.39 2.07
C ALA J 270 -37.22 -29.05 3.43
N ARG J 271 -36.18 -29.74 3.91
CA ARG J 271 -36.26 -30.42 5.18
C ARG J 271 -36.57 -29.43 6.29
N GLU J 272 -37.43 -29.84 7.22
CA GLU J 272 -37.83 -28.94 8.29
C GLU J 272 -36.63 -28.59 9.17
N PRO J 273 -36.49 -27.34 9.60
CA PRO J 273 -35.34 -26.98 10.44
C PRO J 273 -35.42 -27.63 11.80
N THR J 274 -34.25 -27.79 12.42
CA THR J 274 -34.14 -28.31 13.79
C THR J 274 -34.09 -27.11 14.72
N VAL J 275 -35.22 -26.76 15.31
CA VAL J 275 -35.31 -25.58 16.16
C VAL J 275 -34.61 -25.84 17.48
N ILE J 276 -33.92 -24.82 17.99
CA ILE J 276 -33.31 -24.84 19.31
C ILE J 276 -33.82 -23.62 20.06
N HIS J 277 -34.55 -23.85 21.15
CA HIS J 277 -35.11 -22.76 21.91
C HIS J 277 -34.03 -22.05 22.72
N GLY J 278 -34.29 -20.79 23.04
CA GLY J 278 -33.35 -20.00 23.82
C GLY J 278 -34.03 -18.78 24.38
N LYS J 279 -33.30 -18.08 25.25
CA LYS J 279 -33.85 -16.90 25.90
C LYS J 279 -34.15 -15.82 24.87
N ARG J 280 -35.43 -15.61 24.57
CA ARG J 280 -35.88 -14.59 23.63
C ARG J 280 -35.20 -14.73 22.27
N GLU J 281 -34.68 -15.91 21.96
CA GLU J 281 -34.05 -16.15 20.68
C GLU J 281 -34.06 -17.65 20.39
N VAL J 282 -34.00 -17.98 19.09
CA VAL J 282 -33.96 -19.36 18.64
C VAL J 282 -32.76 -19.53 17.71
N THR J 283 -32.26 -20.76 17.66
CA THR J 283 -31.16 -21.12 16.78
C THR J 283 -31.62 -22.26 15.89
N LEU J 284 -31.51 -22.08 14.59
CA LEU J 284 -32.03 -23.01 13.60
C LEU J 284 -30.88 -23.72 12.90
N HIS J 285 -31.00 -25.04 12.74
CA HIS J 285 -30.02 -25.83 12.02
C HIS J 285 -30.56 -26.09 10.61
N LEU J 286 -30.47 -25.07 9.76
CA LEU J 286 -30.89 -25.24 8.38
C LEU J 286 -30.06 -26.32 7.72
N HIS J 287 -30.73 -27.26 7.04
CA HIS J 287 -30.08 -28.42 6.43
C HIS J 287 -30.57 -28.57 4.99
N PRO J 288 -30.17 -27.66 4.11
CA PRO J 288 -30.60 -27.73 2.71
C PRO J 288 -29.84 -28.82 1.95
N ASP J 289 -30.36 -29.11 0.76
CA ASP J 289 -29.68 -29.95 -0.21
C ASP J 289 -29.60 -29.29 -1.58
N HIS J 290 -30.15 -28.08 -1.73
CA HIS J 290 -30.03 -27.29 -2.93
C HIS J 290 -30.40 -25.85 -2.56
N PRO J 291 -29.89 -24.84 -3.26
CA PRO J 291 -30.11 -23.46 -2.81
C PRO J 291 -31.56 -23.13 -2.53
N THR J 292 -31.89 -22.84 -1.27
CA THR J 292 -33.22 -22.45 -0.86
C THR J 292 -33.19 -21.02 -0.33
N LEU J 293 -34.38 -20.49 -0.06
CA LEU J 293 -34.53 -19.15 0.51
C LEU J 293 -34.86 -19.27 1.99
N PHE J 294 -34.34 -18.34 2.78
CA PHE J 294 -34.57 -18.31 4.22
C PHE J 294 -34.76 -16.85 4.63
N SER J 295 -35.98 -16.51 5.04
CA SER J 295 -36.30 -15.15 5.43
C SER J 295 -37.15 -15.16 6.68
N TYR J 296 -36.86 -14.26 7.61
CA TYR J 296 -37.59 -14.16 8.86
C TYR J 296 -37.84 -12.70 9.19
N ARG J 297 -39.06 -12.39 9.58
CA ARG J 297 -39.45 -11.06 10.01
C ARG J 297 -40.06 -11.14 11.40
N THR J 298 -39.71 -10.18 12.25
CA THR J 298 -40.26 -10.11 13.61
C THR J 298 -41.58 -9.35 13.53
N LEU J 299 -42.69 -10.07 13.63
CA LEU J 299 -44.02 -9.50 13.40
C LEU J 299 -44.45 -8.64 14.60
N GLY J 300 -43.70 -7.55 14.81
CA GLY J 300 -44.03 -6.58 15.82
C GLY J 300 -44.29 -5.21 15.20
N GLU J 301 -43.46 -4.23 15.56
CA GLU J 301 -43.50 -2.90 14.97
C GLU J 301 -42.11 -2.56 14.47
N ASP J 302 -42.02 -2.07 13.23
CA ASP J 302 -40.73 -1.81 12.61
C ASP J 302 -39.91 -3.09 12.70
N PRO J 303 -40.24 -4.11 11.90
CA PRO J 303 -39.59 -5.41 12.07
C PRO J 303 -38.10 -5.37 11.75
N GLN J 304 -37.44 -6.47 12.04
CA GLN J 304 -36.06 -6.72 11.64
C GLN J 304 -36.10 -7.87 10.65
N TYR J 305 -36.34 -7.53 9.38
CA TYR J 305 -36.47 -8.54 8.35
C TYR J 305 -35.10 -9.04 7.91
N HIS J 306 -35.11 -10.09 7.10
CA HIS J 306 -33.88 -10.61 6.53
C HIS J 306 -34.24 -11.67 5.50
N GLU J 307 -33.38 -11.84 4.51
CA GLU J 307 -33.61 -12.82 3.45
C GLU J 307 -32.27 -13.14 2.81
N GLU J 308 -32.00 -14.44 2.62
CA GLU J 308 -30.72 -14.88 2.10
C GLU J 308 -30.91 -16.23 1.42
N TRP J 309 -29.93 -16.56 0.57
CA TRP J 309 -29.89 -17.84 -0.13
C TRP J 309 -28.88 -18.74 0.57
N VAL J 310 -29.34 -19.87 1.09
CA VAL J 310 -28.49 -20.82 1.80
C VAL J 310 -28.17 -21.96 0.85
N THR J 311 -26.89 -22.35 0.80
CA THR J 311 -26.44 -23.44 -0.04
C THR J 311 -25.83 -24.59 0.73
N ALA J 312 -25.49 -24.40 2.01
CA ALA J 312 -24.91 -25.45 2.82
C ALA J 312 -25.42 -25.29 4.24
N ALA J 313 -25.30 -26.36 5.02
CA ALA J 313 -25.78 -26.34 6.40
C ALA J 313 -25.20 -25.15 7.15
N VAL J 314 -26.09 -24.38 7.79
CA VAL J 314 -25.70 -23.18 8.52
C VAL J 314 -26.29 -23.27 9.92
N GLU J 315 -26.02 -22.23 10.72
CA GLU J 315 -26.43 -22.16 12.11
C GLU J 315 -27.04 -20.80 12.42
N ARG J 316 -27.94 -20.35 11.55
CA ARG J 316 -28.55 -19.04 11.72
C ARG J 316 -29.29 -18.97 13.04
N THR J 317 -29.08 -17.87 13.76
CA THR J 317 -29.79 -17.58 15.00
C THR J 317 -30.73 -16.40 14.78
N ILE J 318 -31.89 -16.46 15.42
CA ILE J 318 -32.95 -15.48 15.17
C ILE J 318 -33.43 -14.91 16.49
N PRO J 319 -33.67 -13.61 16.59
CA PRO J 319 -34.34 -13.06 17.77
C PRO J 319 -35.84 -13.30 17.72
N VAL J 320 -36.43 -13.45 18.90
CA VAL J 320 -37.87 -13.68 19.01
C VAL J 320 -38.46 -12.70 20.01
N PRO J 321 -38.61 -11.43 19.66
CA PRO J 321 -39.26 -10.49 20.56
C PRO J 321 -40.61 -11.01 21.04
N VAL J 322 -41.11 -10.48 22.16
CA VAL J 322 -42.37 -10.97 22.71
C VAL J 322 -43.47 -10.96 21.66
N ASP J 323 -43.39 -10.03 20.71
CA ASP J 323 -44.39 -9.99 19.64
C ASP J 323 -44.35 -11.24 18.77
N GLY J 324 -43.21 -11.92 18.70
CA GLY J 324 -43.06 -13.10 17.87
C GLY J 324 -42.37 -12.79 16.56
N MET J 325 -42.07 -13.86 15.82
CA MET J 325 -41.41 -13.74 14.53
C MET J 325 -41.96 -14.81 13.59
N GLU J 326 -41.52 -14.77 12.35
CA GLU J 326 -42.07 -15.63 11.30
C GLU J 326 -40.98 -15.91 10.28
N TYR J 327 -40.45 -17.13 10.28
CA TYR J 327 -39.48 -17.57 9.30
C TYR J 327 -40.16 -18.43 8.26
N HIS J 328 -39.64 -18.36 7.03
CA HIS J 328 -40.29 -18.93 5.86
C HIS J 328 -39.34 -19.89 5.14
N TRP J 329 -38.73 -20.79 5.90
CA TRP J 329 -37.75 -21.72 5.35
C TRP J 329 -38.29 -22.45 4.14
N GLY J 330 -37.63 -22.26 3.00
CA GLY J 330 -37.98 -23.01 1.81
C GLY J 330 -39.40 -22.75 1.34
N ASN J 331 -39.94 -23.76 0.66
CA ASN J 331 -41.31 -23.70 0.17
C ASN J 331 -42.34 -23.97 1.26
N ASN J 332 -41.91 -24.40 2.45
CA ASN J 332 -42.85 -24.65 3.53
C ASN J 332 -43.65 -23.39 3.83
N ASP J 333 -44.79 -23.60 4.49
CA ASP J 333 -45.59 -22.47 4.93
C ASP J 333 -44.85 -21.71 6.03
N PRO J 334 -45.04 -20.40 6.13
CA PRO J 334 -44.38 -19.64 7.20
C PRO J 334 -44.77 -20.18 8.56
N VAL J 335 -43.80 -20.19 9.48
CA VAL J 335 -44.01 -20.67 10.84
C VAL J 335 -43.82 -19.48 11.78
N ARG J 336 -44.81 -19.26 12.64
CA ARG J 336 -44.81 -18.13 13.56
C ARG J 336 -44.53 -18.64 14.97
N LEU J 337 -43.47 -18.15 15.58
CA LEU J 337 -43.13 -18.48 16.95
C LEU J 337 -43.59 -17.36 17.87
N TRP J 338 -43.26 -17.46 19.15
CA TRP J 338 -43.61 -16.44 20.13
C TRP J 338 -42.86 -16.75 21.42
N SER J 339 -42.38 -15.70 22.09
CA SER J 339 -41.55 -15.84 23.27
C SER J 339 -42.36 -15.54 24.52
N GLN J 340 -42.34 -16.47 25.47
CA GLN J 340 -43.00 -16.26 26.74
C GLN J 340 -42.11 -15.45 27.68
N LEU J 341 -42.68 -15.04 28.81
CA LEU J 341 -41.95 -14.31 29.84
C LEU J 341 -41.31 -15.35 30.76
N THR J 342 -40.00 -15.56 30.60
CA THR J 342 -39.28 -16.62 31.31
C THR J 342 -37.98 -16.06 31.89
N THR J 343 -38.08 -14.92 32.57
CA THR J 343 -36.88 -14.27 33.08
C THR J 343 -36.21 -15.14 34.14
N GLU J 344 -34.88 -15.02 34.21
CA GLU J 344 -34.14 -15.67 35.28
C GLU J 344 -34.49 -14.99 36.62
N GLY J 345 -33.87 -15.48 37.68
CA GLY J 345 -34.18 -14.98 39.01
C GLY J 345 -35.38 -15.70 39.60
N LYS J 346 -35.73 -15.29 40.82
CA LYS J 346 -36.77 -16.01 41.54
C LYS J 346 -38.08 -15.23 41.53
N PRO J 347 -39.21 -15.93 41.57
CA PRO J 347 -40.51 -15.24 41.73
C PRO J 347 -40.65 -14.70 43.15
N HIS J 348 -41.85 -14.25 43.50
CA HIS J 348 -42.11 -13.60 44.79
C HIS J 348 -41.22 -14.18 45.88
N GLY J 349 -40.51 -13.30 46.58
CA GLY J 349 -39.55 -13.72 47.57
C GLY J 349 -38.64 -12.60 48.03
N TRP J 350 -37.39 -12.93 48.32
CA TRP J 350 -36.47 -11.92 48.83
C TRP J 350 -36.25 -10.83 47.78
N PRO J 351 -36.15 -9.56 48.19
CA PRO J 351 -36.01 -8.48 47.20
C PRO J 351 -34.82 -8.64 46.28
N HIS J 352 -33.68 -9.13 46.79
CA HIS J 352 -32.51 -9.27 45.94
C HIS J 352 -32.70 -10.31 44.85
N GLN J 353 -33.75 -11.13 44.94
CA GLN J 353 -34.11 -12.06 43.88
C GLN J 353 -35.43 -11.73 43.20
N ILE J 354 -36.31 -10.95 43.84
CA ILE J 354 -37.49 -10.45 43.14
C ILE J 354 -37.08 -9.43 42.09
N VAL J 355 -36.06 -8.62 42.39
CA VAL J 355 -35.55 -7.67 41.41
C VAL J 355 -34.91 -8.42 40.23
N GLN J 356 -34.25 -9.54 40.52
CA GLN J 356 -33.69 -10.34 39.45
C GLN J 356 -34.77 -10.83 38.49
N TYR J 357 -35.93 -11.23 39.03
CA TYR J 357 -37.01 -11.70 38.17
C TYR J 357 -37.44 -10.62 37.20
N TYR J 358 -37.55 -9.37 37.67
CA TYR J 358 -37.89 -8.28 36.77
C TYR J 358 -36.75 -7.95 35.83
N TYR J 359 -35.50 -8.00 36.30
CA TYR J 359 -34.36 -7.80 35.42
C TYR J 359 -34.29 -8.98 34.46
N GLY J 360 -34.64 -8.74 33.20
CA GLY J 360 -34.87 -9.80 32.24
C GLY J 360 -36.23 -9.61 31.59
N LEU J 361 -37.09 -8.88 32.28
CA LEU J 361 -38.39 -8.43 31.74
C LEU J 361 -38.31 -6.91 31.73
N TYR J 362 -37.93 -6.35 30.59
CA TYR J 362 -37.56 -4.94 30.51
C TYR J 362 -36.40 -4.66 31.45
N PRO J 363 -35.20 -5.19 31.16
CA PRO J 363 -34.07 -4.92 32.06
C PRO J 363 -33.78 -3.45 32.25
N ALA J 364 -33.93 -2.65 31.20
CA ALA J 364 -33.68 -1.21 31.32
C ALA J 364 -34.68 -0.56 32.28
N ALA J 365 -35.95 -0.92 32.16
CA ALA J 365 -36.95 -0.35 33.06
C ALA J 365 -36.68 -0.76 34.50
N THR J 366 -36.32 -2.02 34.73
CA THR J 366 -36.09 -2.50 36.09
C THR J 366 -34.95 -1.74 36.75
N VAL J 367 -33.83 -1.58 36.04
CA VAL J 367 -32.69 -0.88 36.63
C VAL J 367 -33.00 0.60 36.82
N SER J 368 -33.74 1.19 35.87
CA SER J 368 -34.11 2.59 36.00
C SER J 368 -35.02 2.80 37.21
N ALA J 369 -35.97 1.88 37.42
CA ALA J 369 -36.90 2.03 38.53
C ALA J 369 -36.19 1.87 39.88
N VAL J 370 -35.39 0.80 40.01
CA VAL J 370 -34.76 0.52 41.30
C VAL J 370 -33.82 1.65 41.69
N VAL J 371 -33.00 2.14 40.75
CA VAL J 371 -32.08 3.21 41.07
C VAL J 371 -32.85 4.47 41.46
N GLY J 372 -33.94 4.76 40.76
CA GLY J 372 -34.75 5.92 41.12
C GLY J 372 -35.34 5.79 42.51
N MET J 373 -35.92 4.63 42.82
CA MET J 373 -36.50 4.42 44.14
C MET J 373 -35.43 4.49 45.23
N SER J 374 -34.26 3.89 44.97
CA SER J 374 -33.18 3.96 45.95
C SER J 374 -32.77 5.40 46.21
N LEU J 375 -32.66 6.21 45.15
CA LEU J 375 -32.32 7.61 45.34
C LEU J 375 -33.39 8.35 46.13
N LEU J 376 -34.67 8.06 45.85
CA LEU J 376 -35.74 8.70 46.60
C LEU J 376 -35.68 8.31 48.08
N ALA J 377 -35.39 7.05 48.38
CA ALA J 377 -35.20 6.66 49.78
C ALA J 377 -34.03 7.41 50.40
N LEU J 378 -32.91 7.51 49.68
CA LEU J 378 -31.71 8.12 50.26
C LEU J 378 -31.93 9.59 50.56
N ILE J 379 -32.59 10.32 49.65
CA ILE J 379 -32.84 11.73 49.90
C ILE J 379 -33.68 11.91 51.17
N SER J 380 -34.69 11.06 51.34
CA SER J 380 -35.51 11.16 52.54
C SER J 380 -34.69 10.92 53.81
N ILE J 381 -33.86 9.88 53.83
CA ILE J 381 -33.03 9.61 54.99
C ILE J 381 -32.13 10.81 55.28
N PHE J 382 -31.55 11.40 54.24
CA PHE J 382 -30.77 12.61 54.41
C PHE J 382 -31.66 13.76 54.90
N ALA J 383 -32.86 13.87 54.33
CA ALA J 383 -33.79 14.91 54.78
C ALA J 383 -34.17 14.70 56.24
N SER J 384 -34.48 13.46 56.63
CA SER J 384 -34.80 13.18 58.02
C SER J 384 -33.61 13.47 58.92
N CYS J 385 -32.45 12.92 58.59
CA CYS J 385 -31.25 13.15 59.40
C CYS J 385 -30.92 14.63 59.45
N TYR J 386 -31.08 15.34 58.32
CA TYR J 386 -30.84 16.78 58.31
C TYR J 386 -31.78 17.50 59.26
N MET J 387 -33.05 17.09 59.29
CA MET J 387 -34.02 17.75 60.17
C MET J 387 -33.74 17.43 61.63
N LEU J 388 -33.37 16.19 61.94
CA LEU J 388 -33.11 15.82 63.32
C LEU J 388 -31.96 16.64 63.90
N VAL J 389 -30.87 16.79 63.15
CA VAL J 389 -29.77 17.63 63.63
C VAL J 389 -30.21 19.08 63.72
N ALA J 390 -31.04 19.53 62.78
CA ALA J 390 -31.54 20.91 62.84
C ALA J 390 -32.35 21.13 64.11
N ALA J 391 -33.22 20.18 64.46
CA ALA J 391 -33.93 20.27 65.72
C ALA J 391 -32.98 20.26 66.90
N ARG J 392 -31.94 19.42 66.84
CA ARG J 392 -30.96 19.39 67.90
C ARG J 392 -30.28 20.74 68.07
N SER J 393 -29.87 21.36 66.95
CA SER J 393 -29.21 22.66 67.03
C SER J 393 -30.15 23.73 67.56
N LYS J 394 -31.40 23.75 67.07
CA LYS J 394 -32.34 24.77 67.52
C LYS J 394 -32.63 24.65 69.01
N CYS J 395 -32.81 23.42 69.50
CA CYS J 395 -33.17 23.22 70.89
C CYS J 395 -32.01 23.47 71.84
N LEU J 396 -30.80 23.02 71.48
CA LEU J 396 -29.67 23.14 72.40
C LEU J 396 -29.15 24.57 72.50
N THR J 397 -29.07 25.28 71.37
CA THR J 397 -28.39 26.57 71.35
C THR J 397 -28.89 27.52 72.44
N PRO J 398 -30.20 27.73 72.61
CA PRO J 398 -30.63 28.64 73.69
C PRO J 398 -30.13 28.25 75.06
N TYR J 399 -30.10 26.95 75.37
CA TYR J 399 -29.68 26.51 76.70
C TYR J 399 -28.22 26.87 76.96
N ALA J 400 -27.34 26.53 76.03
CA ALA J 400 -25.90 26.70 76.22
C ALA J 400 -25.41 27.96 75.52
N LEU J 401 -25.82 29.12 76.07
CA LEU J 401 -25.21 30.39 75.66
C LEU J 401 -24.47 31.04 76.83
N THR J 402 -25.17 31.45 77.89
CA THR J 402 -24.49 31.94 79.08
C THR J 402 -24.20 30.80 80.07
N PRO J 403 -25.22 29.99 80.43
CA PRO J 403 -25.01 28.99 81.48
C PRO J 403 -24.68 27.60 80.95
N GLY J 404 -23.96 26.81 81.74
CA GLY J 404 -23.79 25.41 81.45
C GLY J 404 -24.81 24.56 82.20
N ALA J 405 -25.89 24.17 81.53
CA ALA J 405 -26.95 23.40 82.16
C ALA J 405 -27.86 22.85 81.08
N ALA J 406 -28.31 21.61 81.28
CA ALA J 406 -29.17 20.96 80.30
C ALA J 406 -30.30 20.14 80.93
N VAL J 407 -30.52 20.25 82.24
CA VAL J 407 -31.48 19.38 82.91
C VAL J 407 -31.10 17.95 82.55
N PRO J 408 -30.02 17.41 83.14
CA PRO J 408 -29.33 16.26 82.52
C PRO J 408 -30.25 15.15 82.06
N TRP J 409 -30.34 14.98 80.74
CA TRP J 409 -31.02 13.86 80.10
C TRP J 409 -32.45 13.67 80.61
N THR J 410 -33.05 14.73 81.19
CA THR J 410 -34.47 14.76 81.49
C THR J 410 -35.22 15.57 80.44
N LEU J 411 -34.84 16.84 80.27
CA LEU J 411 -35.26 17.63 79.13
C LEU J 411 -34.25 17.59 77.99
N GLY J 412 -33.13 16.89 78.18
CA GLY J 412 -32.15 16.70 77.12
C GLY J 412 -32.46 15.59 76.16
N ILE J 413 -33.51 14.81 76.43
CA ILE J 413 -33.95 13.74 75.56
C ILE J 413 -35.28 14.10 74.88
N LEU J 414 -36.30 14.44 75.68
CA LEU J 414 -37.61 14.76 75.13
C LEU J 414 -37.53 15.95 74.19
N CYS J 415 -36.86 17.03 74.62
CA CYS J 415 -36.80 18.24 73.81
C CYS J 415 -35.97 18.02 72.55
N CYS J 416 -34.77 17.45 72.70
CA CYS J 416 -33.86 17.25 71.58
C CYS J 416 -32.86 16.16 71.97
N ALA J 417 -31.81 16.03 71.16
CA ALA J 417 -30.84 14.96 71.38
C ALA J 417 -30.09 15.16 72.69
N PRO J 418 -29.89 14.12 73.48
CA PRO J 418 -29.10 14.24 74.72
C PRO J 418 -27.60 14.13 74.52
N ARG J 419 -27.11 14.20 73.27
CA ARG J 419 -25.69 14.00 73.00
C ARG J 419 -24.81 15.14 73.46
N ALA J 420 -25.35 16.12 74.18
CA ALA J 420 -24.52 17.18 74.74
C ALA J 420 -23.53 16.59 75.72
N HIS J 421 -22.34 17.20 75.78
CA HIS J 421 -21.27 16.65 76.61
C HIS J 421 -21.70 16.53 78.07
N ALA J 422 -22.33 17.57 78.60
CA ALA J 422 -22.80 17.56 79.98
C ALA J 422 -21.65 17.37 80.95
N GLY K 106 -19.54 63.32 90.89
CA GLY K 106 -18.97 63.43 89.52
C GLY K 106 -18.07 62.26 89.16
N LYS K 107 -17.06 62.03 89.99
CA LYS K 107 -16.10 60.93 89.78
C LYS K 107 -16.49 59.79 90.73
N ARG K 108 -17.45 58.99 90.28
CA ARG K 108 -17.93 57.84 91.04
C ARG K 108 -17.75 56.53 90.29
N GLU K 109 -16.88 56.52 89.27
CA GLU K 109 -16.72 55.37 88.39
C GLU K 109 -15.44 54.63 88.80
N ARG K 110 -15.59 53.65 89.68
CA ARG K 110 -14.54 52.73 90.07
C ARG K 110 -15.08 51.31 90.10
N MET K 111 -15.96 50.98 89.16
CA MET K 111 -16.70 49.73 89.16
C MET K 111 -15.93 48.67 88.38
N CYS K 112 -16.62 47.55 88.10
CA CYS K 112 -15.98 46.42 87.42
C CYS K 112 -15.44 46.79 86.04
N MET K 113 -16.00 47.84 85.42
CA MET K 113 -15.52 48.25 84.10
C MET K 113 -14.01 48.40 84.10
N LYS K 114 -13.49 49.30 84.93
CA LYS K 114 -12.04 49.47 85.03
C LYS K 114 -11.36 48.20 85.52
N ILE K 115 -12.06 47.40 86.34
CA ILE K 115 -11.46 46.18 86.88
C ILE K 115 -11.08 45.23 85.74
N GLU K 116 -11.97 45.05 84.78
CA GLU K 116 -11.72 44.18 83.64
C GLU K 116 -10.99 44.93 82.52
N ASN K 117 -11.62 45.99 82.00
CA ASN K 117 -11.06 46.91 81.01
C ASN K 117 -10.55 46.20 79.77
N ASP K 118 -10.86 44.91 79.58
CA ASP K 118 -10.42 44.19 78.41
C ASP K 118 -11.45 43.19 77.88
N CYS K 119 -12.64 43.13 78.46
CA CYS K 119 -13.66 42.20 77.97
C CYS K 119 -14.21 42.59 76.62
N ILE K 120 -13.98 43.81 76.16
CA ILE K 120 -14.45 44.27 74.85
C ILE K 120 -13.26 44.26 73.89
N PHE K 121 -13.41 43.55 72.78
CA PHE K 121 -12.32 43.31 71.84
C PHE K 121 -12.48 44.10 70.54
N GLU K 122 -13.48 44.95 70.43
CA GLU K 122 -13.65 45.85 69.29
C GLU K 122 -13.59 45.07 67.97
N VAL K 123 -14.57 44.20 67.78
CA VAL K 123 -14.66 43.43 66.54
C VAL K 123 -14.65 44.40 65.38
N LYS K 124 -13.63 44.30 64.52
CA LYS K 124 -13.38 45.28 63.46
C LYS K 124 -13.44 44.57 62.11
N HIS K 125 -14.22 45.14 61.19
CA HIS K 125 -14.32 44.63 59.83
C HIS K 125 -13.45 45.50 58.92
N GLU K 126 -12.46 44.88 58.29
CA GLU K 126 -11.52 45.59 57.42
C GLU K 126 -10.86 46.75 58.17
N GLY K 127 -10.51 46.50 59.44
CA GLY K 127 -9.92 47.50 60.30
C GLY K 127 -10.93 48.42 60.96
N LYS K 128 -12.09 48.62 60.33
CA LYS K 128 -13.13 49.47 60.90
C LYS K 128 -13.83 48.73 62.04
N VAL K 129 -13.88 49.36 63.21
CA VAL K 129 -14.56 48.76 64.35
C VAL K 129 -16.06 48.72 64.08
N THR K 130 -16.66 47.56 64.27
CA THR K 130 -18.07 47.35 63.98
C THR K 130 -18.87 46.87 65.18
N GLY K 131 -18.34 45.94 65.97
CA GLY K 131 -19.08 45.39 67.09
C GLY K 131 -18.13 44.95 68.19
N TYR K 132 -18.71 44.67 69.35
CA TYR K 132 -17.95 44.29 70.54
C TYR K 132 -18.45 42.96 71.09
N ALA K 133 -17.51 42.14 71.56
CA ALA K 133 -17.82 40.90 72.26
C ALA K 133 -17.49 41.06 73.75
N CYS K 134 -17.98 40.12 74.55
CA CYS K 134 -17.77 40.19 75.99
C CYS K 134 -17.63 38.77 76.54
N LEU K 135 -16.97 38.68 77.69
CA LEU K 135 -16.74 37.42 78.39
C LEU K 135 -17.73 37.30 79.54
N VAL K 136 -18.37 36.15 79.65
CA VAL K 136 -19.30 35.87 80.74
C VAL K 136 -19.17 34.40 81.11
N GLY K 137 -18.66 34.13 82.31
CA GLY K 137 -18.58 32.77 82.83
C GLY K 137 -18.04 31.76 81.85
N ASP K 138 -16.79 31.93 81.41
CA ASP K 138 -16.08 31.05 80.49
C ASP K 138 -16.64 31.13 79.07
N LYS K 139 -17.67 31.94 78.83
CA LYS K 139 -18.30 32.04 77.52
C LYS K 139 -18.06 33.43 76.95
N VAL K 140 -17.98 33.52 75.62
CA VAL K 140 -17.65 34.75 74.93
C VAL K 140 -18.83 35.11 74.02
N MET K 141 -19.70 36.00 74.49
CA MET K 141 -20.78 36.51 73.66
C MET K 141 -20.24 37.29 72.46
N LYS K 142 -21.01 37.28 71.36
CA LYS K 142 -20.70 38.03 70.16
C LYS K 142 -21.96 38.17 69.32
N PRO K 143 -22.37 39.38 68.93
CA PRO K 143 -23.62 39.51 68.16
C PRO K 143 -23.47 38.96 66.75
N ALA K 144 -24.50 38.22 66.31
CA ALA K 144 -24.43 37.57 65.00
C ALA K 144 -24.50 38.59 63.86
N HIS K 145 -25.38 39.59 63.98
CA HIS K 145 -25.61 40.50 62.87
C HIS K 145 -24.41 41.37 62.55
N VAL K 146 -23.41 41.44 63.42
CA VAL K 146 -22.19 42.17 63.14
C VAL K 146 -21.09 41.20 62.75
N LYS K 147 -20.05 41.73 62.11
CA LYS K 147 -18.91 40.94 61.68
C LYS K 147 -17.65 41.79 61.79
N GLY K 148 -16.51 41.12 61.80
CA GLY K 148 -15.24 41.84 61.86
C GLY K 148 -14.11 40.90 62.22
N VAL K 149 -13.06 41.49 62.79
CA VAL K 149 -11.84 40.77 63.15
C VAL K 149 -11.89 40.42 64.62
N ILE K 150 -11.39 39.23 64.94
CA ILE K 150 -11.40 38.69 66.31
C ILE K 150 -9.96 38.54 66.75
N ASP K 151 -9.12 39.51 66.36
CA ASP K 151 -7.66 39.39 66.34
C ASP K 151 -7.11 38.51 67.46
N ASN K 152 -7.61 38.67 68.68
CA ASN K 152 -7.21 37.79 69.77
C ASN K 152 -7.22 36.34 69.31
N ALA K 153 -6.04 35.71 69.32
CA ALA K 153 -5.87 34.44 68.63
C ALA K 153 -6.81 33.37 69.17
N ASP K 154 -6.91 33.26 70.49
CA ASP K 154 -7.77 32.23 71.07
C ASP K 154 -9.22 32.41 70.66
N LEU K 155 -9.61 33.62 70.27
CA LEU K 155 -10.97 33.89 69.82
C LEU K 155 -11.10 33.88 68.31
N ALA K 156 -10.02 34.19 67.58
CA ALA K 156 -10.08 34.22 66.13
C ALA K 156 -10.20 32.82 65.55
N LYS K 157 -9.60 31.82 66.20
CA LYS K 157 -9.62 30.43 65.74
C LYS K 157 -10.66 29.62 66.49
N LEU K 158 -11.81 30.22 66.82
CA LEU K 158 -12.87 29.56 67.58
C LEU K 158 -14.17 29.63 66.80
N ALA K 159 -14.96 28.57 66.89
CA ALA K 159 -16.23 28.48 66.19
C ALA K 159 -17.36 28.94 67.11
N PHE K 160 -18.39 29.53 66.51
CA PHE K 160 -19.54 30.05 67.24
C PHE K 160 -20.83 29.41 66.72
N LYS K 161 -21.96 29.89 67.24
CA LYS K 161 -23.28 29.56 66.73
C LYS K 161 -23.93 30.83 66.20
N LYS K 162 -24.82 30.67 65.23
CA LYS K 162 -25.38 31.78 64.47
C LYS K 162 -26.91 31.74 64.50
N SER K 163 -27.48 31.53 65.68
CA SER K 163 -28.94 31.50 65.84
C SER K 163 -29.48 32.89 65.55
N SER K 164 -29.99 33.08 64.33
CA SER K 164 -30.54 34.37 63.94
C SER K 164 -31.76 34.76 64.75
N LYS K 165 -32.41 33.79 65.42
CA LYS K 165 -33.53 34.12 66.29
C LYS K 165 -33.11 35.07 67.40
N TYR K 166 -31.94 34.83 68.01
CA TYR K 166 -31.43 35.65 69.08
C TYR K 166 -30.34 36.62 68.64
N ASP K 167 -29.72 36.39 67.49
CA ASP K 167 -28.68 37.28 66.96
C ASP K 167 -27.51 37.37 67.94
N LEU K 168 -26.91 36.21 68.20
CA LEU K 168 -25.80 36.11 69.13
C LEU K 168 -24.84 35.02 68.66
N GLU K 169 -23.61 35.07 69.17
CA GLU K 169 -22.60 34.05 68.91
C GLU K 169 -21.94 33.67 70.22
N CYS K 170 -22.30 32.51 70.77
CA CYS K 170 -21.66 32.00 71.97
C CYS K 170 -20.28 31.45 71.63
N ALA K 171 -19.58 30.98 72.66
CA ALA K 171 -18.22 30.48 72.49
C ALA K 171 -17.73 29.95 73.84
N GLN K 172 -16.57 29.30 73.81
CA GLN K 172 -15.90 28.79 74.99
C GLN K 172 -14.52 29.41 75.07
N ILE K 173 -14.15 29.93 76.24
CA ILE K 173 -12.89 30.63 76.42
C ILE K 173 -11.89 29.70 77.09
N PRO K 174 -10.62 29.68 76.69
CA PRO K 174 -9.65 28.78 77.30
C PRO K 174 -9.26 29.22 78.70
N VAL K 175 -8.44 28.38 79.36
CA VAL K 175 -8.04 28.64 80.74
C VAL K 175 -7.15 29.86 80.81
N HIS K 176 -6.30 30.07 79.81
CA HIS K 176 -5.35 31.19 79.87
C HIS K 176 -6.06 32.54 79.95
N MET K 177 -7.34 32.60 79.58
CA MET K 177 -8.09 33.85 79.58
C MET K 177 -9.00 34.02 80.79
N ARG K 178 -9.38 32.94 81.48
CA ARG K 178 -10.34 33.09 82.57
C ARG K 178 -9.79 33.93 83.71
N SER K 179 -8.47 34.17 83.74
CA SER K 179 -7.91 35.10 84.71
C SER K 179 -8.61 36.45 84.63
N ASP K 180 -8.98 36.87 83.43
CA ASP K 180 -9.85 38.02 83.22
C ASP K 180 -11.23 37.52 82.80
N ALA K 181 -12.27 38.11 83.36
CA ALA K 181 -13.63 37.67 83.08
C ALA K 181 -14.59 38.76 83.54
N SER K 182 -15.89 38.49 83.42
CA SER K 182 -16.92 39.43 83.84
C SER K 182 -18.10 38.64 84.40
N LYS K 183 -18.41 38.85 85.67
CA LYS K 183 -19.50 38.14 86.30
C LYS K 183 -20.85 38.68 85.80
N TYR K 184 -21.91 37.96 86.11
CA TYR K 184 -23.24 38.25 85.59
C TYR K 184 -24.28 37.86 86.64
N THR K 185 -25.55 38.00 86.26
CA THR K 185 -26.67 37.71 87.14
C THR K 185 -27.80 37.12 86.31
N HIS K 186 -28.78 36.52 87.00
CA HIS K 186 -29.97 35.98 86.37
C HIS K 186 -31.22 36.80 86.68
N GLU K 187 -31.15 37.75 87.60
CA GLU K 187 -32.29 38.55 88.02
C GLU K 187 -32.03 40.01 87.68
N LYS K 188 -33.12 40.75 87.44
CA LYS K 188 -33.07 42.15 87.01
C LYS K 188 -33.84 43.00 88.00
N PRO K 189 -33.17 43.54 89.03
CA PRO K 189 -33.86 44.45 89.96
C PRO K 189 -34.10 45.82 89.34
N GLU K 190 -35.22 45.97 88.63
CA GLU K 190 -35.52 47.14 87.82
C GLU K 190 -35.04 48.43 88.49
N GLY K 191 -34.21 49.18 87.77
CA GLY K 191 -33.62 50.40 88.29
C GLY K 191 -32.61 51.00 87.34
N HIS K 192 -31.44 51.35 87.85
CA HIS K 192 -30.35 51.90 87.06
C HIS K 192 -29.20 50.91 86.97
N TYR K 193 -28.60 50.80 85.79
CA TYR K 193 -27.48 49.90 85.57
C TYR K 193 -26.40 50.63 84.79
N ASN K 194 -25.18 50.12 84.91
CA ASN K 194 -24.01 50.79 84.35
C ASN K 194 -23.91 50.57 82.85
N TRP K 195 -23.26 51.51 82.16
CA TRP K 195 -23.10 51.47 80.72
C TRP K 195 -21.73 52.06 80.36
N HIS K 196 -21.32 51.83 79.12
CA HIS K 196 -20.06 52.36 78.62
C HIS K 196 -20.22 53.76 78.05
N HIS K 197 -21.17 53.95 77.13
CA HIS K 197 -21.40 55.23 76.48
C HIS K 197 -22.47 56.05 77.19
N GLY K 198 -22.65 55.85 78.50
CA GLY K 198 -23.68 56.54 79.23
C GLY K 198 -24.18 55.74 80.41
N ALA K 199 -25.50 55.52 80.49
CA ALA K 199 -26.08 54.74 81.58
C ALA K 199 -27.17 53.82 81.05
N VAL K 200 -27.82 53.08 81.95
CA VAL K 200 -28.90 52.18 81.58
C VAL K 200 -30.07 52.38 82.53
N GLN K 201 -31.06 53.16 82.10
CA GLN K 201 -32.27 53.38 82.88
C GLN K 201 -33.27 52.27 82.55
N TYR K 202 -33.38 51.28 83.43
CA TYR K 202 -34.21 50.11 83.20
C TYR K 202 -35.59 50.37 83.79
N SER K 203 -36.47 50.96 82.97
CA SER K 203 -37.85 51.12 83.37
C SER K 203 -38.52 49.74 83.48
N GLY K 204 -39.78 49.75 83.89
CA GLY K 204 -40.49 48.51 84.11
C GLY K 204 -40.50 47.63 82.88
N GLY K 205 -39.71 46.55 82.92
CA GLY K 205 -39.66 45.60 81.83
C GLY K 205 -39.26 46.18 80.49
N ARG K 206 -38.33 47.14 80.50
CA ARG K 206 -37.83 47.70 79.24
C ARG K 206 -36.60 48.56 79.46
N PHE K 207 -35.61 48.45 78.58
CA PHE K 207 -34.40 49.23 78.69
C PHE K 207 -34.51 50.53 77.88
N THR K 208 -33.76 51.54 78.31
CA THR K 208 -33.72 52.80 77.60
C THR K 208 -32.47 53.58 77.99
N ILE K 209 -32.10 54.51 77.13
CA ILE K 209 -31.00 55.45 77.38
C ILE K 209 -31.46 56.82 76.92
N PRO K 210 -30.71 57.89 77.22
CA PRO K 210 -31.16 59.23 76.82
C PRO K 210 -31.35 59.34 75.31
N THR K 211 -32.32 60.16 74.91
CA THR K 211 -32.61 60.34 73.49
C THR K 211 -31.36 60.78 72.74
N GLY K 212 -31.05 60.08 71.65
CA GLY K 212 -29.88 60.38 70.86
C GLY K 212 -28.56 59.97 71.48
N ALA K 213 -28.58 59.36 72.67
CA ALA K 213 -27.35 58.96 73.34
C ALA K 213 -26.79 57.70 72.67
N GLY K 214 -25.56 57.35 73.05
CA GLY K 214 -24.91 56.22 72.42
C GLY K 214 -24.65 56.49 70.95
N LYS K 215 -24.56 55.42 70.17
CA LYS K 215 -24.34 55.54 68.74
C LYS K 215 -24.66 54.23 68.04
N PRO K 216 -25.09 54.26 66.79
CA PRO K 216 -25.34 53.02 66.05
C PRO K 216 -24.03 52.40 65.58
N GLY K 217 -24.14 51.16 65.08
CA GLY K 217 -22.96 50.43 64.69
C GLY K 217 -22.05 50.07 65.85
N ASP K 218 -22.59 50.05 67.07
CA ASP K 218 -21.86 49.72 68.28
C ASP K 218 -22.57 48.61 69.03
N SER K 219 -22.91 47.55 68.30
CA SER K 219 -23.78 46.49 68.80
C SER K 219 -23.43 46.04 70.21
N GLY K 220 -22.23 45.53 70.41
CA GLY K 220 -21.91 44.79 71.63
C GLY K 220 -22.34 45.49 72.90
N ARG K 221 -21.61 46.53 73.30
CA ARG K 221 -21.95 47.32 74.49
C ARG K 221 -22.46 46.43 75.61
N PRO K 222 -21.61 45.59 76.20
CA PRO K 222 -22.09 44.66 77.24
C PRO K 222 -22.50 45.38 78.52
N ILE K 223 -23.75 45.87 78.53
CA ILE K 223 -24.25 46.64 79.65
C ILE K 223 -23.87 45.98 80.96
N PHE K 224 -23.39 46.79 81.90
CA PHE K 224 -22.98 46.33 83.22
C PHE K 224 -24.07 46.62 84.25
N ASP K 225 -23.91 46.03 85.42
CA ASP K 225 -24.84 46.21 86.53
C ASP K 225 -24.19 47.07 87.61
N ASN K 226 -25.05 47.67 88.44
CA ASN K 226 -24.56 48.56 89.49
C ASN K 226 -23.68 47.83 90.49
N LYS K 227 -23.98 46.56 90.77
CA LYS K 227 -23.23 45.79 91.75
C LYS K 227 -21.86 45.36 91.25
N GLY K 228 -21.57 45.55 89.97
CA GLY K 228 -20.29 45.15 89.41
C GLY K 228 -20.36 43.86 88.62
N ARG K 229 -21.41 43.73 87.81
CA ARG K 229 -21.64 42.51 87.05
C ARG K 229 -22.43 42.85 85.80
N VAL K 230 -22.37 41.95 84.83
CA VAL K 230 -23.05 42.14 83.55
C VAL K 230 -24.52 41.79 83.72
N VAL K 231 -25.40 42.62 83.14
CA VAL K 231 -26.83 42.41 83.24
C VAL K 231 -27.53 42.31 81.89
N ALA K 232 -26.96 42.84 80.80
CA ALA K 232 -27.58 42.71 79.49
C ALA K 232 -26.58 43.10 78.41
N ILE K 233 -26.87 42.68 77.18
CA ILE K 233 -26.07 43.00 76.01
C ILE K 233 -26.96 43.75 75.02
N VAL K 234 -26.44 44.84 74.46
CA VAL K 234 -27.19 45.70 73.57
C VAL K 234 -27.09 45.15 72.14
N LEU K 235 -28.19 45.26 71.39
CA LEU K 235 -28.19 44.92 69.97
C LEU K 235 -28.65 46.06 69.08
N GLY K 236 -29.78 46.70 69.40
CA GLY K 236 -30.39 47.64 68.48
C GLY K 236 -30.67 49.01 69.07
N GLY K 237 -31.59 49.73 68.45
CA GLY K 237 -31.93 51.07 68.90
C GLY K 237 -33.18 51.62 68.23
N ALA K 238 -34.09 52.17 69.04
CA ALA K 238 -35.33 52.78 68.56
C ALA K 238 -35.51 54.10 69.33
N ASN K 239 -35.19 55.22 68.67
CA ASN K 239 -35.29 56.53 69.30
C ASN K 239 -36.64 57.14 68.92
N GLU K 240 -37.66 56.77 69.70
CA GLU K 240 -38.96 57.40 69.54
C GLU K 240 -38.85 58.89 69.87
N GLY K 241 -39.93 59.62 69.58
CA GLY K 241 -39.93 61.04 69.87
C GLY K 241 -39.64 61.35 71.32
N SER K 242 -39.96 60.42 72.22
CA SER K 242 -39.77 60.65 73.65
C SER K 242 -38.32 60.38 74.07
N ARG K 243 -37.87 59.13 73.92
CA ARG K 243 -36.54 58.73 74.38
C ARG K 243 -36.06 57.56 73.53
N THR K 244 -35.00 56.90 73.99
CA THR K 244 -34.36 55.83 73.25
C THR K 244 -34.80 54.48 73.78
N ALA K 245 -35.31 53.64 72.88
CA ALA K 245 -35.49 52.22 73.14
C ALA K 245 -34.43 51.45 72.35
N LEU K 246 -34.16 50.22 72.80
CA LEU K 246 -33.07 49.47 72.20
C LEU K 246 -33.33 47.98 72.35
N SER K 247 -32.86 47.23 71.35
CA SER K 247 -33.00 45.78 71.34
C SER K 247 -31.82 45.16 72.07
N VAL K 248 -32.11 44.44 73.16
CA VAL K 248 -31.08 43.85 74.00
C VAL K 248 -31.48 42.42 74.33
N VAL K 249 -30.49 41.63 74.76
CA VAL K 249 -30.71 40.27 75.22
C VAL K 249 -30.67 40.27 76.73
N THR K 250 -31.31 39.26 77.31
CA THR K 250 -31.33 39.07 78.76
C THR K 250 -31.10 37.58 79.03
N TRP K 251 -31.12 37.22 80.31
CA TRP K 251 -31.01 35.82 80.72
C TRP K 251 -31.98 35.56 81.85
N ASN K 252 -32.94 34.68 81.60
CA ASN K 252 -33.86 34.23 82.64
C ASN K 252 -33.14 33.20 83.50
N LYS K 253 -33.88 32.44 84.32
CA LYS K 253 -33.26 31.47 85.20
C LYS K 253 -32.32 30.55 84.43
N ASP K 254 -32.77 30.03 83.29
CA ASP K 254 -31.94 29.17 82.46
C ASP K 254 -31.92 29.62 81.00
N MET K 255 -33.05 30.13 80.52
CA MET K 255 -33.18 30.46 79.10
C MET K 255 -32.58 31.82 78.81
N VAL K 256 -31.73 31.89 77.79
CA VAL K 256 -31.12 33.14 77.34
C VAL K 256 -32.04 33.70 76.27
N THR K 257 -33.02 34.51 76.70
CA THR K 257 -34.02 35.04 75.80
C THR K 257 -33.54 36.36 75.18
N ARG K 258 -34.41 36.97 74.39
CA ARG K 258 -34.10 38.20 73.67
C ARG K 258 -35.33 39.09 73.65
N VAL K 259 -35.08 40.41 73.68
CA VAL K 259 -36.13 41.42 73.68
C VAL K 259 -35.73 42.51 72.70
N THR K 260 -36.67 42.90 71.83
CA THR K 260 -36.42 43.95 70.86
C THR K 260 -37.61 44.90 70.78
N PRO K 261 -37.45 46.17 71.16
CA PRO K 261 -38.55 47.12 71.00
C PRO K 261 -38.95 47.28 69.54
N GLU K 262 -40.24 47.54 69.33
CA GLU K 262 -40.75 47.70 67.98
C GLU K 262 -40.06 48.88 67.28
N GLY K 263 -39.74 48.69 66.01
CA GLY K 263 -39.10 49.73 65.23
C GLY K 263 -37.62 49.92 65.49
N SER K 264 -36.99 49.01 66.23
CA SER K 264 -35.57 49.14 66.56
C SER K 264 -34.71 48.58 65.44
N GLU K 265 -33.71 49.36 65.03
CA GLU K 265 -32.75 48.92 64.02
C GLU K 265 -31.57 48.25 64.71
N GLU K 266 -30.49 48.02 63.97
CA GLU K 266 -29.28 47.45 64.53
C GLU K 266 -28.30 48.57 64.89
N TRP K 267 -27.79 48.54 66.11
CA TRP K 267 -26.90 49.57 66.60
C TRP K 267 -25.61 48.96 67.13
N TYR L 1 -81.18 -2.98 23.15
CA TYR L 1 -80.24 -2.35 24.11
C TYR L 1 -78.90 -2.05 23.45
N GLU L 2 -78.62 -0.75 23.27
CA GLU L 2 -77.39 -0.32 22.64
C GLU L 2 -76.22 -0.46 23.61
N HIS L 3 -75.08 -0.90 23.10
CA HIS L 3 -73.87 -1.05 23.90
C HIS L 3 -72.66 -0.82 23.02
N SER L 4 -71.69 -0.06 23.52
CA SER L 4 -70.45 0.23 22.81
C SER L 4 -69.28 -0.37 23.58
N THR L 5 -68.43 -1.12 22.89
CA THR L 5 -67.24 -1.70 23.47
C THR L 5 -66.14 -1.71 22.43
N VAL L 6 -64.90 -1.88 22.88
CA VAL L 6 -63.73 -1.87 22.02
C VAL L 6 -63.01 -3.20 22.17
N MET L 7 -62.77 -3.88 21.04
CA MET L 7 -61.99 -5.11 21.03
C MET L 7 -60.60 -4.87 20.47
N PRO L 8 -59.60 -5.63 20.92
CA PRO L 8 -58.28 -5.52 20.30
C PRO L 8 -58.27 -6.22 18.94
N ASN L 9 -57.81 -5.52 17.92
CA ASN L 9 -57.78 -6.07 16.57
C ASN L 9 -56.64 -7.09 16.45
N VAL L 10 -56.75 -8.20 17.17
CA VAL L 10 -55.75 -9.25 17.14
C VAL L 10 -56.45 -10.55 16.76
N VAL L 11 -55.94 -11.21 15.72
CA VAL L 11 -56.56 -12.44 15.24
C VAL L 11 -56.56 -13.49 16.33
N GLY L 12 -57.68 -14.18 16.50
CA GLY L 12 -57.78 -15.24 17.48
C GLY L 12 -57.60 -14.78 18.90
N PHE L 13 -58.17 -13.64 19.28
CA PHE L 13 -58.11 -13.16 20.65
C PHE L 13 -59.50 -13.28 21.26
N PRO L 14 -59.74 -14.24 22.18
CA PRO L 14 -61.11 -14.45 22.65
C PRO L 14 -61.63 -13.32 23.53
N TYR L 15 -61.98 -12.19 22.90
CA TYR L 15 -62.58 -11.10 23.64
C TYR L 15 -63.97 -11.47 24.11
N LYS L 16 -64.33 -11.00 25.30
CA LYS L 16 -65.63 -11.31 25.91
C LYS L 16 -66.23 -10.02 26.45
N ALA L 17 -67.29 -9.55 25.78
CA ALA L 17 -68.03 -8.41 26.28
C ALA L 17 -68.97 -8.84 27.40
N HIS L 18 -69.11 -7.96 28.40
CA HIS L 18 -69.92 -8.24 29.58
C HIS L 18 -70.99 -7.16 29.69
N ILE L 19 -72.19 -7.47 29.20
CA ILE L 19 -73.31 -6.55 29.27
C ILE L 19 -74.12 -6.86 30.53
N GLU L 20 -74.52 -5.81 31.24
CA GLU L 20 -75.33 -5.94 32.46
C GLU L 20 -76.44 -4.89 32.39
N ARG L 21 -77.60 -5.31 31.90
CA ARG L 21 -78.74 -4.41 31.78
C ARG L 21 -79.49 -4.37 33.10
N PRO L 22 -79.72 -3.18 33.70
CA PRO L 22 -80.50 -3.15 34.95
C PRO L 22 -81.81 -3.91 34.82
N GLY L 23 -82.03 -4.86 35.73
CA GLY L 23 -83.21 -5.70 35.69
C GLY L 23 -83.06 -6.96 34.85
N TYR L 24 -81.88 -7.22 34.29
CA TYR L 24 -81.65 -8.42 33.51
C TYR L 24 -80.30 -9.02 33.90
N SER L 25 -80.21 -10.34 33.81
CA SER L 25 -79.01 -11.02 34.26
C SER L 25 -77.80 -10.55 33.46
N PRO L 26 -76.64 -10.34 34.10
CA PRO L 26 -75.44 -9.99 33.32
C PRO L 26 -75.12 -11.08 32.31
N LEU L 27 -74.99 -10.68 31.05
CA LEU L 27 -74.73 -11.60 29.94
C LEU L 27 -73.34 -11.34 29.40
N THR L 28 -72.57 -12.40 29.23
CA THR L 28 -71.24 -12.33 28.63
C THR L 28 -71.35 -12.67 27.15
N LEU L 29 -70.78 -11.82 26.30
CA LEU L 29 -70.87 -11.96 24.85
C LEU L 29 -69.44 -12.14 24.34
N GLN L 30 -69.07 -13.38 24.01
CA GLN L 30 -67.73 -13.67 23.53
C GLN L 30 -67.68 -13.60 22.02
N MET L 31 -66.66 -12.93 21.49
CA MET L 31 -66.51 -12.74 20.06
C MET L 31 -65.05 -12.46 19.77
N GLN L 32 -64.61 -12.87 18.57
CA GLN L 32 -63.22 -12.69 18.19
C GLN L 32 -63.13 -12.63 16.67
N VAL L 33 -62.01 -12.14 16.19
CA VAL L 33 -61.77 -11.97 14.76
C VAL L 33 -61.00 -13.18 14.25
N VAL L 34 -61.30 -13.59 13.01
CA VAL L 34 -60.60 -14.71 12.39
C VAL L 34 -59.76 -14.28 11.20
N GLU L 35 -60.11 -13.19 10.50
CA GLU L 35 -59.27 -12.66 9.45
C GLU L 35 -59.66 -11.20 9.22
N THR L 36 -58.68 -10.37 8.90
CA THR L 36 -58.89 -8.94 8.69
C THR L 36 -58.25 -8.56 7.35
N SER L 37 -59.01 -8.67 6.27
CA SER L 37 -58.52 -8.23 4.97
C SER L 37 -58.48 -6.71 4.93
N LEU L 38 -57.33 -6.16 4.57
CA LEU L 38 -57.12 -4.72 4.46
C LEU L 38 -56.88 -4.42 2.99
N GLU L 39 -57.95 -4.03 2.28
CA GLU L 39 -57.89 -3.85 0.84
C GLU L 39 -57.75 -2.37 0.52
N PRO L 40 -56.60 -1.89 0.06
CA PRO L 40 -56.47 -0.49 -0.32
C PRO L 40 -57.14 -0.23 -1.67
N THR L 41 -57.30 1.06 -1.97
CA THR L 41 -57.85 1.48 -3.25
C THR L 41 -56.71 1.82 -4.21
N LEU L 42 -56.80 1.30 -5.43
CA LEU L 42 -55.72 1.39 -6.40
C LEU L 42 -56.21 2.09 -7.66
N ASN L 43 -55.27 2.74 -8.35
CA ASN L 43 -55.52 3.31 -9.66
C ASN L 43 -54.33 2.96 -10.54
N LEU L 44 -54.59 2.36 -11.69
CA LEU L 44 -53.54 1.73 -12.49
C LEU L 44 -52.72 2.82 -13.17
N GLU L 45 -51.54 3.12 -12.62
CA GLU L 45 -50.69 4.15 -13.22
C GLU L 45 -50.22 3.72 -14.60
N TYR L 46 -49.64 2.52 -14.71
CA TYR L 46 -49.27 1.98 -16.01
C TYR L 46 -48.75 0.55 -15.86
N ILE L 47 -48.57 -0.10 -17.00
CA ILE L 47 -48.06 -1.46 -17.11
C ILE L 47 -46.67 -1.43 -17.72
N THR L 48 -45.79 -2.30 -17.22
CA THR L 48 -44.46 -2.52 -17.77
C THR L 48 -44.26 -4.00 -18.02
N CYS L 49 -43.76 -4.35 -19.20
CA CYS L 49 -43.40 -5.72 -19.49
C CYS L 49 -42.21 -5.73 -20.43
N GLU L 50 -41.50 -6.86 -20.47
CA GLU L 50 -40.30 -6.98 -21.28
C GLU L 50 -40.61 -6.60 -22.72
N TYR L 51 -39.74 -5.77 -23.31
CA TYR L 51 -39.95 -5.29 -24.65
C TYR L 51 -39.55 -6.36 -25.67
N LYS L 52 -39.78 -6.04 -26.94
CA LYS L 52 -39.38 -6.92 -28.03
C LYS L 52 -38.98 -6.03 -29.21
N THR L 53 -37.72 -6.14 -29.62
CA THR L 53 -37.18 -5.26 -30.66
C THR L 53 -37.52 -5.85 -32.02
N VAL L 54 -38.50 -5.25 -32.68
CA VAL L 54 -38.86 -5.65 -34.03
C VAL L 54 -37.89 -5.02 -35.01
N VAL L 55 -37.30 -5.84 -35.87
CA VAL L 55 -36.27 -5.38 -36.81
C VAL L 55 -36.63 -5.85 -38.21
N PRO L 56 -37.40 -5.09 -38.97
CA PRO L 56 -37.76 -5.52 -40.32
C PRO L 56 -36.53 -5.73 -41.18
N SER L 57 -36.65 -6.66 -42.13
CA SER L 57 -35.53 -6.99 -42.99
C SER L 57 -35.03 -5.74 -43.71
N PRO L 58 -33.71 -5.56 -43.83
CA PRO L 58 -33.20 -4.34 -44.46
C PRO L 58 -33.67 -4.21 -45.90
N TYR L 59 -33.93 -2.97 -46.32
CA TYR L 59 -34.31 -2.66 -47.69
C TYR L 59 -33.06 -2.15 -48.40
N VAL L 60 -32.46 -3.00 -49.23
CA VAL L 60 -31.27 -2.64 -49.98
C VAL L 60 -31.74 -2.17 -51.35
N LYS L 61 -31.88 -0.85 -51.50
CA LYS L 61 -32.22 -0.25 -52.79
C LYS L 61 -30.90 0.08 -53.48
N CYS L 62 -30.23 -0.97 -53.93
CA CYS L 62 -28.93 -0.82 -54.54
C CYS L 62 -29.07 -0.42 -56.00
N CYS L 63 -27.95 0.00 -56.59
CA CYS L 63 -27.94 0.61 -57.91
C CYS L 63 -28.91 1.79 -57.95
N GLY L 64 -28.96 2.50 -56.83
CA GLY L 64 -29.88 3.60 -56.64
C GLY L 64 -29.61 4.29 -55.31
N ALA L 65 -30.65 4.86 -54.70
CA ALA L 65 -30.49 5.54 -53.42
C ALA L 65 -31.85 5.70 -52.78
N SER L 66 -32.04 5.10 -51.60
CA SER L 66 -33.28 5.23 -50.86
C SER L 66 -33.18 6.41 -49.89
N GLU L 67 -34.28 6.64 -49.17
CA GLU L 67 -34.38 7.75 -48.23
C GLU L 67 -34.98 7.25 -46.92
N CYS L 68 -34.68 7.96 -45.84
CA CYS L 68 -35.12 7.58 -44.51
C CYS L 68 -36.61 7.84 -44.38
N SER L 69 -37.41 6.78 -44.48
CA SER L 69 -38.87 6.88 -44.35
C SER L 69 -39.21 6.88 -42.86
N THR L 70 -39.32 8.07 -42.30
CA THR L 70 -39.60 8.19 -40.87
C THR L 70 -41.01 7.70 -40.56
N LYS L 71 -41.20 7.31 -39.30
CA LYS L 71 -42.48 6.78 -38.83
C LYS L 71 -42.77 7.36 -37.45
N GLU L 72 -43.75 6.79 -36.77
CA GLU L 72 -44.12 7.22 -35.42
C GLU L 72 -44.18 6.05 -34.44
N LYS L 73 -43.63 4.90 -34.81
CA LYS L 73 -43.65 3.76 -33.91
C LYS L 73 -42.81 4.05 -32.68
N PRO L 74 -43.10 3.37 -31.56
CA PRO L 74 -42.35 3.64 -30.33
C PRO L 74 -40.84 3.53 -30.51
N ASP L 75 -40.11 4.60 -30.17
CA ASP L 75 -38.65 4.60 -30.25
C ASP L 75 -38.17 4.26 -31.65
N TYR L 76 -38.96 4.60 -32.66
CA TYR L 76 -38.64 4.22 -34.03
C TYR L 76 -37.31 4.82 -34.46
N GLN L 77 -36.47 4.00 -35.08
CA GLN L 77 -35.18 4.42 -35.60
C GLN L 77 -35.09 4.01 -37.07
N CYS L 78 -34.69 4.95 -37.92
CA CYS L 78 -34.59 4.71 -39.36
C CYS L 78 -33.31 5.36 -39.86
N LYS L 79 -32.28 4.55 -40.09
CA LYS L 79 -30.99 5.02 -40.54
C LYS L 79 -30.73 4.51 -41.95
N VAL L 80 -30.30 5.40 -42.84
CA VAL L 80 -30.00 5.07 -44.23
C VAL L 80 -28.52 5.26 -44.45
N TYR L 81 -27.86 4.23 -44.97
CA TYR L 81 -26.43 4.25 -45.22
C TYR L 81 -26.17 4.34 -46.71
N THR L 82 -24.89 4.50 -47.07
CA THR L 82 -24.50 4.65 -48.46
C THR L 82 -23.13 4.03 -48.65
N GLY L 83 -22.80 3.75 -49.91
CA GLY L 83 -21.54 3.10 -50.21
C GLY L 83 -21.42 1.73 -49.60
N VAL L 84 -22.48 0.93 -49.67
CA VAL L 84 -22.51 -0.41 -49.10
C VAL L 84 -22.61 -1.42 -50.23
N TYR L 85 -22.03 -2.59 -50.02
CA TYR L 85 -21.94 -3.63 -51.04
C TYR L 85 -22.45 -4.95 -50.46
N PRO L 86 -23.77 -5.07 -50.26
CA PRO L 86 -24.35 -6.33 -49.79
C PRO L 86 -23.77 -7.54 -50.51
N PHE L 87 -23.66 -8.66 -49.82
CA PHE L 87 -23.03 -9.86 -50.37
C PHE L 87 -23.88 -11.09 -50.07
N MET L 88 -25.18 -10.99 -50.37
CA MET L 88 -26.08 -12.12 -50.22
C MET L 88 -25.44 -13.37 -50.81
N TRP L 89 -25.77 -14.53 -50.23
CA TRP L 89 -25.16 -15.78 -50.64
C TRP L 89 -25.20 -15.93 -52.14
N GLY L 90 -24.20 -16.61 -52.69
CA GLY L 90 -24.14 -16.87 -54.11
C GLY L 90 -23.68 -15.69 -54.96
N GLY L 91 -22.83 -14.82 -54.43
CA GLY L 91 -22.29 -13.72 -55.19
C GLY L 91 -22.90 -12.39 -54.75
N ALA L 92 -22.32 -11.32 -55.29
CA ALA L 92 -22.80 -9.98 -54.98
C ALA L 92 -24.31 -9.89 -55.22
N TYR L 93 -24.96 -9.03 -54.44
CA TYR L 93 -26.39 -8.83 -54.54
C TYR L 93 -26.78 -7.85 -55.63
N CYS L 94 -25.81 -7.16 -56.23
CA CYS L 94 -26.11 -6.08 -57.16
C CYS L 94 -25.00 -5.95 -58.19
N PHE L 95 -25.38 -5.52 -59.39
CA PHE L 95 -24.39 -5.26 -60.44
C PHE L 95 -23.44 -4.15 -60.01
N CYS L 96 -23.99 -3.09 -59.43
CA CYS L 96 -23.19 -1.93 -59.06
C CYS L 96 -22.18 -2.30 -57.98
N ASP L 97 -20.99 -1.69 -58.08
CA ASP L 97 -19.96 -1.86 -57.06
C ASP L 97 -20.12 -0.89 -55.89
N SER L 98 -20.80 0.24 -56.11
CA SER L 98 -21.01 1.22 -55.06
C SER L 98 -22.33 1.93 -55.34
N GLU L 99 -22.54 3.07 -54.68
CA GLU L 99 -23.76 3.85 -54.82
C GLU L 99 -24.99 3.01 -54.49
N ASN L 100 -24.97 2.40 -53.31
CA ASN L 100 -26.07 1.58 -52.83
C ASN L 100 -26.37 1.96 -51.39
N THR L 101 -27.63 1.83 -51.00
CA THR L 101 -28.09 2.23 -49.68
C THR L 101 -28.84 1.10 -49.01
N GLN L 102 -28.67 0.99 -47.69
CA GLN L 102 -29.41 0.05 -46.86
C GLN L 102 -30.29 0.85 -45.91
N LEU L 103 -31.60 0.64 -45.99
CA LEU L 103 -32.55 1.41 -45.20
C LEU L 103 -32.90 0.65 -43.92
N SER L 104 -31.90 0.52 -43.05
CA SER L 104 -32.09 -0.18 -41.79
C SER L 104 -33.13 0.55 -40.94
N GLU L 105 -33.97 -0.24 -40.27
CA GLU L 105 -34.98 0.32 -39.38
C GLU L 105 -35.25 -0.65 -38.25
N ALA L 106 -35.71 -0.12 -37.13
CA ALA L 106 -36.05 -0.93 -35.96
C ALA L 106 -36.87 -0.09 -35.00
N TYR L 107 -37.70 -0.76 -34.22
CA TYR L 107 -38.55 -0.08 -33.25
C TYR L 107 -38.91 -1.06 -32.14
N VAL L 108 -39.28 -0.50 -31.00
CA VAL L 108 -39.60 -1.29 -29.81
C VAL L 108 -41.09 -1.58 -29.79
N ASP L 109 -41.46 -2.66 -29.11
CA ASP L 109 -42.85 -3.04 -28.96
C ASP L 109 -43.00 -3.93 -27.74
N ARG L 110 -44.22 -3.96 -27.20
CA ARG L 110 -44.51 -4.84 -26.08
C ARG L 110 -44.27 -6.30 -26.47
N SER L 111 -43.80 -7.07 -25.51
CA SER L 111 -43.52 -8.49 -25.77
C SER L 111 -44.71 -9.16 -26.41
N ASP L 112 -44.44 -10.22 -27.18
CA ASP L 112 -45.52 -10.96 -27.82
C ASP L 112 -46.56 -11.40 -26.80
N VAL L 113 -46.11 -11.76 -25.60
CA VAL L 113 -47.03 -12.14 -24.53
C VAL L 113 -46.57 -11.47 -23.24
N CYS L 114 -47.27 -10.43 -22.81
CA CYS L 114 -47.13 -9.94 -21.45
C CYS L 114 -48.47 -9.64 -20.81
N ARG L 115 -49.57 -10.05 -21.44
CA ARG L 115 -50.81 -10.21 -20.70
C ARG L 115 -50.66 -11.21 -19.58
N HIS L 116 -49.70 -12.14 -19.71
CA HIS L 116 -49.41 -13.14 -18.71
C HIS L 116 -48.21 -12.80 -17.85
N ASP L 117 -47.44 -11.76 -18.20
CA ASP L 117 -46.18 -11.49 -17.52
C ASP L 117 -45.97 -10.01 -17.22
N HIS L 118 -47.03 -9.21 -17.17
CA HIS L 118 -46.87 -7.80 -16.88
C HIS L 118 -46.70 -7.56 -15.39
N ALA L 119 -46.19 -6.37 -15.05
CA ALA L 119 -45.96 -5.96 -13.66
C ALA L 119 -46.60 -4.61 -13.45
N SER L 120 -47.81 -4.60 -12.87
CA SER L 120 -48.53 -3.35 -12.65
C SER L 120 -47.69 -2.39 -11.80
N ALA L 121 -48.08 -1.12 -11.84
CA ALA L 121 -47.39 -0.04 -11.13
C ALA L 121 -48.39 0.81 -10.36
N TYR L 122 -49.26 0.13 -9.61
CA TYR L 122 -50.37 0.78 -8.93
C TYR L 122 -49.87 1.90 -8.01
N LYS L 123 -50.82 2.74 -7.59
CA LYS L 123 -50.57 3.88 -6.69
C LYS L 123 -51.72 3.91 -5.68
N ALA L 124 -51.52 3.22 -4.56
CA ALA L 124 -52.57 3.04 -3.56
C ALA L 124 -52.45 4.10 -2.48
N HIS L 125 -53.57 4.73 -2.14
CA HIS L 125 -53.60 5.82 -1.18
C HIS L 125 -54.43 5.53 0.05
N THR L 126 -55.67 5.09 -0.11
CA THR L 126 -56.60 4.95 0.99
C THR L 126 -56.90 3.48 1.24
N ALA L 127 -57.01 3.13 2.52
CA ALA L 127 -57.28 1.76 2.92
C ALA L 127 -58.78 1.52 3.08
N SER L 128 -59.15 0.25 3.20
CA SER L 128 -60.53 -0.14 3.42
C SER L 128 -60.52 -1.50 4.11
N LEU L 129 -60.83 -1.52 5.40
CA LEU L 129 -60.76 -2.75 6.16
C LEU L 129 -61.93 -3.67 5.80
N LYS L 130 -61.71 -4.97 6.07
CA LYS L 130 -62.75 -5.97 5.89
C LYS L 130 -62.40 -7.15 6.77
N ALA L 131 -63.24 -7.45 7.76
CA ALA L 131 -62.94 -8.45 8.76
C ALA L 131 -64.03 -9.50 8.81
N LYS L 132 -63.63 -10.73 9.12
CA LYS L 132 -64.55 -11.82 9.41
C LYS L 132 -64.55 -12.06 10.91
N VAL L 133 -65.74 -12.02 11.52
CA VAL L 133 -65.87 -12.03 12.96
C VAL L 133 -66.72 -13.21 13.38
N ARG L 134 -66.36 -13.84 14.49
CA ARG L 134 -67.13 -14.91 15.09
C ARG L 134 -67.77 -14.40 16.38
N VAL L 135 -69.07 -14.65 16.54
CA VAL L 135 -69.82 -14.21 17.70
C VAL L 135 -70.55 -15.41 18.28
N MET L 136 -70.38 -15.64 19.59
CA MET L 136 -71.00 -16.77 20.28
C MET L 136 -71.55 -16.28 21.61
N TYR L 137 -72.82 -15.88 21.62
CA TYR L 137 -73.54 -15.52 22.83
C TYR L 137 -74.76 -16.42 22.95
N GLY L 138 -75.11 -16.76 24.19
CA GLY L 138 -76.17 -17.73 24.38
C GLY L 138 -75.81 -19.02 23.68
N ASN L 139 -76.46 -19.29 22.54
CA ASN L 139 -76.03 -20.38 21.66
C ASN L 139 -76.33 -19.93 20.22
N VAL L 140 -75.34 -19.33 19.58
CA VAL L 140 -75.46 -18.94 18.18
C VAL L 140 -74.28 -19.46 17.37
N ASN L 141 -73.11 -19.52 18.01
CA ASN L 141 -71.88 -20.01 17.37
C ASN L 141 -71.80 -19.58 15.91
N GLN L 142 -72.06 -18.30 15.64
CA GLN L 142 -72.15 -17.80 14.27
C GLN L 142 -71.00 -16.85 13.96
N THR L 143 -70.61 -16.83 12.69
CA THR L 143 -69.58 -15.94 12.19
C THR L 143 -70.10 -15.21 10.96
N VAL L 144 -69.69 -13.94 10.82
CA VAL L 144 -70.19 -13.09 9.76
C VAL L 144 -69.03 -12.31 9.16
N ASP L 145 -69.20 -11.90 7.91
CA ASP L 145 -68.23 -11.07 7.20
C ASP L 145 -68.76 -9.64 7.17
N VAL L 146 -68.00 -8.70 7.75
CA VAL L 146 -68.44 -7.33 7.91
C VAL L 146 -67.37 -6.39 7.40
N TYR L 147 -67.77 -5.15 7.13
CA TYR L 147 -66.87 -4.07 6.77
C TYR L 147 -66.63 -3.20 7.99
N VAL L 148 -65.37 -3.03 8.37
CA VAL L 148 -65.03 -2.25 9.57
C VAL L 148 -64.86 -0.81 9.09
N ASN L 149 -65.98 -0.11 9.01
CA ASN L 149 -65.97 1.32 8.69
C ASN L 149 -66.98 2.13 9.47
N GLY L 150 -67.79 1.53 10.33
CA GLY L 150 -68.86 2.23 11.02
C GLY L 150 -70.14 2.37 10.23
N ASP L 151 -70.20 1.79 9.03
CA ASP L 151 -71.40 1.86 8.19
C ASP L 151 -72.10 0.53 8.05
N HIS L 152 -71.37 -0.56 7.82
CA HIS L 152 -72.00 -1.86 7.66
C HIS L 152 -72.67 -2.29 8.97
N ALA L 153 -73.92 -2.74 8.87
CA ALA L 153 -74.71 -3.13 10.02
C ALA L 153 -75.17 -4.57 9.82
N VAL L 154 -74.40 -5.51 10.32
CA VAL L 154 -74.72 -6.93 10.20
C VAL L 154 -75.67 -7.33 11.32
N THR L 155 -76.50 -8.33 11.05
CA THR L 155 -77.43 -8.87 12.02
C THR L 155 -77.13 -10.34 12.24
N ILE L 156 -76.99 -10.74 13.50
CA ILE L 156 -76.71 -12.12 13.86
C ILE L 156 -77.90 -12.62 14.68
N GLY L 157 -78.87 -13.20 13.98
CA GLY L 157 -80.01 -13.81 14.65
C GLY L 157 -80.61 -12.92 15.72
N GLY L 158 -81.27 -11.83 15.33
CA GLY L 158 -81.70 -10.84 16.29
C GLY L 158 -80.70 -9.73 16.45
N THR L 159 -79.82 -9.86 17.45
CA THR L 159 -78.80 -8.85 17.74
C THR L 159 -78.23 -8.27 16.46
N GLN L 160 -78.03 -6.96 16.47
CA GLN L 160 -77.48 -6.22 15.34
C GLN L 160 -76.15 -5.62 15.75
N PHE L 161 -75.10 -5.93 15.00
CA PHE L 161 -73.75 -5.48 15.30
C PHE L 161 -73.28 -4.51 14.22
N ILE L 162 -72.68 -3.41 14.66
CA ILE L 162 -72.04 -2.44 13.78
C ILE L 162 -70.62 -2.22 14.28
N PHE L 163 -69.64 -2.57 13.46
CA PHE L 163 -68.24 -2.45 13.83
C PHE L 163 -67.74 -1.07 13.40
N GLY L 164 -67.37 -0.24 14.37
CA GLY L 164 -67.03 1.12 14.10
C GLY L 164 -65.71 1.24 13.36
N PRO L 165 -65.36 2.47 12.99
CA PRO L 165 -64.09 2.69 12.28
C PRO L 165 -62.91 2.22 13.10
N LEU L 166 -61.89 1.73 12.40
CA LEU L 166 -60.70 1.21 13.07
C LEU L 166 -60.06 2.32 13.89
N SER L 167 -59.49 1.94 15.04
CA SER L 167 -58.93 2.93 15.96
C SER L 167 -57.81 3.71 15.29
N SER L 168 -56.95 3.04 14.55
CA SER L 168 -55.84 3.68 13.84
C SER L 168 -56.11 3.66 12.34
N ALA L 169 -55.25 4.37 11.61
CA ALA L 169 -55.32 4.44 10.15
C ALA L 169 -54.01 4.00 9.50
N TRP L 170 -53.24 3.15 10.17
CA TRP L 170 -51.96 2.71 9.64
C TRP L 170 -52.16 1.69 8.52
N THR L 171 -51.49 1.90 7.40
CA THR L 171 -51.56 1.00 6.26
C THR L 171 -50.14 0.63 5.85
N PRO L 172 -49.82 -0.66 5.71
CA PRO L 172 -48.44 -1.06 5.39
C PRO L 172 -47.98 -0.61 4.01
N PHE L 173 -48.89 -0.27 3.11
CA PHE L 173 -48.52 0.07 1.74
C PHE L 173 -48.13 1.54 1.65
N ASP L 174 -46.99 1.80 1.02
CA ASP L 174 -46.58 3.17 0.73
C ASP L 174 -47.53 3.76 -0.31
N ASN L 175 -47.30 5.03 -0.66
CA ASN L 175 -48.14 5.69 -1.65
C ASN L 175 -48.08 4.98 -3.00
N LYS L 176 -46.89 4.58 -3.44
CA LYS L 176 -46.69 3.96 -4.74
C LYS L 176 -46.19 2.54 -4.54
N ILE L 177 -46.90 1.58 -5.12
CA ILE L 177 -46.55 0.17 -5.01
C ILE L 177 -46.38 -0.41 -6.41
N VAL L 178 -45.79 -1.60 -6.46
CA VAL L 178 -45.55 -2.32 -7.71
C VAL L 178 -45.92 -3.77 -7.49
N VAL L 179 -46.94 -4.25 -8.20
CA VAL L 179 -47.50 -5.58 -8.01
C VAL L 179 -47.12 -6.42 -9.23
N TYR L 180 -46.28 -7.44 -9.02
CA TYR L 180 -45.80 -8.21 -10.16
C TYR L 180 -46.60 -9.48 -10.41
N LYS L 181 -46.49 -10.47 -9.51
CA LYS L 181 -47.31 -11.68 -9.61
C LYS L 181 -48.03 -11.97 -8.31
N ASP L 182 -47.27 -12.01 -7.21
CA ASP L 182 -47.81 -12.29 -5.89
C ASP L 182 -47.16 -11.43 -4.82
N GLU L 183 -46.33 -10.47 -5.20
CA GLU L 183 -45.62 -9.62 -4.27
C GLU L 183 -45.86 -8.16 -4.65
N VAL L 184 -45.88 -7.30 -3.64
CA VAL L 184 -46.09 -5.88 -3.81
C VAL L 184 -44.87 -5.16 -3.24
N PHE L 185 -44.23 -4.34 -4.05
CA PHE L 185 -43.01 -3.65 -3.66
C PHE L 185 -43.29 -2.19 -3.36
N ASN L 186 -42.67 -1.68 -2.31
CA ASN L 186 -42.83 -0.27 -1.94
C ASN L 186 -41.85 0.61 -2.70
N GLN L 187 -41.86 0.47 -4.02
CA GLN L 187 -40.94 1.20 -4.88
C GLN L 187 -41.50 2.59 -5.17
N ASP L 188 -40.74 3.35 -5.95
CA ASP L 188 -41.19 4.63 -6.52
C ASP L 188 -40.93 4.62 -8.03
N PHE L 189 -41.89 4.07 -8.75
CA PHE L 189 -41.74 3.92 -10.19
C PHE L 189 -41.57 5.30 -10.84
N PRO L 190 -40.77 5.42 -11.90
CA PRO L 190 -40.64 6.71 -12.56
C PRO L 190 -41.96 7.10 -13.21
N PRO L 191 -42.24 8.39 -13.32
CA PRO L 191 -43.54 8.81 -13.87
C PRO L 191 -43.69 8.38 -15.32
N TYR L 192 -44.94 8.10 -15.69
CA TYR L 192 -45.25 7.68 -17.06
C TYR L 192 -44.59 8.61 -18.06
N GLY L 193 -44.10 8.04 -19.16
CA GLY L 193 -43.49 8.83 -20.21
C GLY L 193 -42.10 9.33 -19.89
N SER L 194 -41.52 8.92 -18.76
CA SER L 194 -40.18 9.38 -18.38
C SER L 194 -39.28 8.23 -17.95
N GLY L 195 -39.68 6.99 -18.23
CA GLY L 195 -38.83 5.87 -17.89
C GLY L 195 -37.49 5.95 -18.59
N GLN L 196 -36.47 5.45 -17.90
CA GLN L 196 -35.10 5.49 -18.42
C GLN L 196 -34.64 4.10 -18.83
N PRO L 197 -33.72 4.00 -19.78
CA PRO L 197 -33.29 2.67 -20.24
C PRO L 197 -32.64 1.88 -19.12
N GLY L 198 -32.90 0.57 -19.11
CA GLY L 198 -32.24 -0.32 -18.19
C GLY L 198 -32.97 -0.51 -16.88
N ARG L 199 -33.48 0.56 -16.29
CA ARG L 199 -34.14 0.48 -14.99
C ARG L 199 -35.61 0.11 -15.19
N PHE L 200 -36.39 0.18 -14.11
CA PHE L 200 -37.79 -0.19 -14.18
C PHE L 200 -38.53 0.68 -15.18
N GLY L 201 -39.44 0.06 -15.92
CA GLY L 201 -40.31 0.81 -16.81
C GLY L 201 -39.61 1.55 -17.91
N ASP L 202 -38.59 0.94 -18.52
CA ASP L 202 -38.06 1.50 -19.76
C ASP L 202 -39.06 1.41 -20.89
N ILE L 203 -40.05 0.52 -20.76
CA ILE L 203 -41.18 0.42 -21.68
C ILE L 203 -42.44 0.49 -20.83
N GLN L 204 -43.30 1.45 -21.12
CA GLN L 204 -44.45 1.74 -20.27
C GLN L 204 -45.71 1.80 -21.11
N SER L 205 -46.77 1.16 -20.62
CA SER L 205 -48.06 1.12 -21.29
C SER L 205 -49.15 1.59 -20.35
N ARG L 206 -50.06 2.42 -20.87
CA ARG L 206 -51.16 2.92 -20.05
C ARG L 206 -51.97 1.76 -19.47
N THR L 207 -52.11 0.68 -20.21
CA THR L 207 -52.85 -0.49 -19.77
C THR L 207 -52.40 -1.69 -20.58
N VAL L 208 -52.73 -2.88 -20.09
CA VAL L 208 -52.25 -4.10 -20.72
C VAL L 208 -52.70 -4.17 -22.18
N GLU L 209 -53.97 -3.85 -22.44
CA GLU L 209 -54.50 -3.93 -23.80
C GLU L 209 -54.37 -2.62 -24.57
N SER L 210 -54.22 -1.50 -23.90
CA SER L 210 -54.04 -0.23 -24.59
C SER L 210 -52.71 -0.21 -25.34
N ASN L 211 -52.63 0.65 -26.35
CA ASN L 211 -51.47 0.72 -27.24
C ASN L 211 -50.98 2.16 -27.35
N ASP L 212 -50.16 2.59 -26.39
CA ASP L 212 -49.39 3.82 -26.50
C ASP L 212 -47.90 3.56 -26.45
N LEU L 213 -47.44 2.80 -25.45
CA LEU L 213 -46.12 2.17 -25.46
C LEU L 213 -45.00 3.21 -25.62
N TYR L 214 -44.87 4.06 -24.61
CA TYR L 214 -43.66 4.87 -24.49
C TYR L 214 -42.50 3.98 -24.13
N ALA L 215 -41.51 3.88 -25.03
CA ALA L 215 -40.49 2.84 -24.96
C ALA L 215 -39.10 3.43 -25.14
N ASN L 216 -38.75 4.41 -24.31
CA ASN L 216 -37.39 4.90 -24.28
C ASN L 216 -36.44 3.78 -23.91
N THR L 217 -35.58 3.35 -24.84
CA THR L 217 -34.68 2.25 -24.57
C THR L 217 -33.32 2.43 -25.24
N ALA L 218 -33.02 3.61 -25.77
CA ALA L 218 -31.71 3.90 -26.36
C ALA L 218 -31.38 2.96 -27.52
N LEU L 219 -32.40 2.53 -28.26
CA LEU L 219 -32.18 1.71 -29.45
C LEU L 219 -31.42 2.53 -30.49
N LYS L 220 -30.20 2.11 -30.81
CA LYS L 220 -29.33 2.83 -31.73
C LYS L 220 -28.84 1.88 -32.80
N LEU L 221 -28.94 2.29 -34.06
CA LEU L 221 -28.45 1.51 -35.18
C LEU L 221 -26.98 1.79 -35.44
N ALA L 222 -26.39 1.00 -36.33
CA ALA L 222 -24.98 1.14 -36.65
C ALA L 222 -24.74 0.68 -38.08
N ARG L 223 -23.62 1.11 -38.64
CA ARG L 223 -23.32 0.83 -40.04
C ARG L 223 -23.10 -0.68 -40.22
N PRO L 224 -23.75 -1.32 -41.19
CA PRO L 224 -23.48 -2.73 -41.45
C PRO L 224 -22.01 -2.95 -41.83
N SER L 225 -21.46 -4.07 -41.38
CA SER L 225 -20.09 -4.40 -41.73
C SER L 225 -20.00 -4.68 -43.24
N PRO L 226 -18.85 -4.39 -43.86
CA PRO L 226 -18.74 -4.60 -45.31
C PRO L 226 -19.00 -6.04 -45.69
N GLY L 227 -19.63 -6.22 -46.85
CA GLY L 227 -19.93 -7.55 -47.36
C GLY L 227 -20.89 -8.34 -46.49
N MET L 228 -21.95 -7.70 -46.01
CA MET L 228 -22.92 -8.35 -45.15
C MET L 228 -24.28 -7.70 -45.35
N VAL L 229 -25.31 -8.38 -44.85
CA VAL L 229 -26.68 -7.91 -45.01
C VAL L 229 -27.40 -7.88 -43.67
N HIS L 230 -26.65 -7.95 -42.58
CA HIS L 230 -27.26 -7.90 -41.25
C HIS L 230 -27.73 -6.47 -40.99
N VAL L 231 -28.26 -6.24 -39.80
CA VAL L 231 -28.66 -4.90 -39.37
C VAL L 231 -28.33 -4.77 -37.89
N PRO L 232 -27.20 -4.16 -37.53
CA PRO L 232 -26.77 -4.18 -36.14
C PRO L 232 -27.41 -3.04 -35.34
N TYR L 233 -27.74 -3.36 -34.09
CA TYR L 233 -28.28 -2.39 -33.15
C TYR L 233 -27.70 -2.67 -31.77
N THR L 234 -27.70 -1.64 -30.93
CA THR L 234 -27.16 -1.72 -29.57
C THR L 234 -28.22 -1.14 -28.63
N GLN L 235 -29.07 -2.00 -28.10
CA GLN L 235 -30.21 -1.60 -27.28
C GLN L 235 -29.99 -2.06 -25.85
N THR L 236 -30.07 -1.12 -24.91
CA THR L 236 -29.88 -1.46 -23.51
C THR L 236 -30.90 -2.53 -23.12
N PRO L 237 -30.49 -3.55 -22.35
CA PRO L 237 -31.35 -4.73 -22.19
C PRO L 237 -32.69 -4.42 -21.56
N SER L 238 -33.54 -5.44 -21.46
CA SER L 238 -34.89 -5.27 -20.93
C SER L 238 -34.85 -4.58 -19.58
N GLY L 239 -35.41 -3.37 -19.52
CA GLY L 239 -35.50 -2.69 -18.25
C GLY L 239 -36.32 -3.46 -17.24
N PHE L 240 -37.43 -4.05 -17.69
CA PHE L 240 -38.25 -4.85 -16.78
C PHE L 240 -37.48 -6.05 -16.25
N LYS L 241 -36.74 -6.74 -17.12
CA LYS L 241 -36.03 -7.94 -16.69
C LYS L 241 -35.04 -7.62 -15.58
N TYR L 242 -34.31 -6.50 -15.71
CA TYR L 242 -33.35 -6.14 -14.67
C TYR L 242 -34.04 -5.89 -13.34
N TRP L 243 -35.19 -5.23 -13.36
CA TRP L 243 -35.95 -5.06 -12.12
C TRP L 243 -36.27 -6.41 -11.49
N LEU L 244 -36.54 -7.42 -12.32
CA LEU L 244 -36.80 -8.76 -11.80
C LEU L 244 -35.59 -9.27 -11.03
N LYS L 245 -34.38 -9.02 -11.53
CA LYS L 245 -33.18 -9.52 -10.87
C LYS L 245 -32.84 -8.69 -9.64
N GLU L 246 -33.02 -7.38 -9.71
CA GLU L 246 -32.63 -6.47 -8.63
C GLU L 246 -33.84 -5.97 -7.84
N LYS L 247 -34.96 -6.69 -7.88
CA LYS L 247 -36.16 -6.19 -7.24
C LYS L 247 -35.95 -5.93 -5.75
N GLY L 248 -35.13 -6.75 -5.10
CA GLY L 248 -34.92 -6.61 -3.67
C GLY L 248 -36.04 -7.24 -2.87
N THR L 249 -35.95 -7.09 -1.54
CA THR L 249 -36.94 -7.67 -0.66
C THR L 249 -38.32 -7.11 -0.97
N ALA L 250 -39.28 -8.00 -1.18
CA ALA L 250 -40.66 -7.60 -1.38
C ALA L 250 -41.32 -7.26 -0.05
N LEU L 251 -42.46 -6.58 -0.13
CA LEU L 251 -43.19 -6.24 1.09
C LEU L 251 -43.67 -7.46 1.84
N ASN L 252 -43.71 -8.63 1.17
CA ASN L 252 -44.15 -9.85 1.84
C ASN L 252 -43.22 -10.26 2.97
N THR L 253 -42.00 -9.75 2.99
CA THR L 253 -41.01 -10.15 3.99
C THR L 253 -40.58 -9.01 4.91
N LYS L 254 -41.20 -7.83 4.81
CA LYS L 254 -40.89 -6.75 5.75
C LYS L 254 -42.14 -5.97 6.18
N ALA L 255 -43.33 -6.51 5.97
CA ALA L 255 -44.53 -5.81 6.40
C ALA L 255 -44.61 -5.84 7.93
N PRO L 256 -44.87 -4.71 8.58
CA PRO L 256 -44.97 -4.72 10.06
C PRO L 256 -46.19 -5.49 10.52
N PHE L 257 -46.26 -5.66 11.84
CA PHE L 257 -47.41 -6.26 12.52
C PHE L 257 -47.77 -7.62 11.93
N GLY L 258 -46.81 -8.31 11.33
CA GLY L 258 -47.09 -9.62 10.77
C GLY L 258 -48.20 -9.62 9.74
N CYS L 259 -48.18 -8.64 8.84
CA CYS L 259 -49.23 -8.49 7.84
C CYS L 259 -48.93 -9.40 6.65
N GLN L 260 -49.65 -10.51 6.54
CA GLN L 260 -49.56 -11.34 5.36
C GLN L 260 -50.05 -10.56 4.14
N ILE L 261 -49.41 -10.80 3.00
CA ILE L 261 -49.68 -10.06 1.77
C ILE L 261 -50.26 -10.99 0.74
N LYS L 262 -51.42 -10.62 0.20
CA LYS L 262 -52.01 -11.27 -0.97
C LYS L 262 -52.09 -10.24 -2.09
N THR L 263 -52.25 -10.72 -3.32
CA THR L 263 -52.06 -9.88 -4.50
C THR L 263 -53.32 -9.67 -5.32
N ASN L 264 -54.05 -10.74 -5.66
CA ASN L 264 -55.05 -10.65 -6.72
C ASN L 264 -55.98 -9.48 -6.41
N PRO L 265 -56.79 -9.53 -5.34
CA PRO L 265 -57.34 -8.27 -4.81
C PRO L 265 -56.38 -7.67 -3.80
N VAL L 266 -55.35 -6.96 -4.28
CA VAL L 266 -54.22 -6.53 -3.46
C VAL L 266 -54.70 -6.16 -2.08
N ARG L 267 -54.09 -6.75 -1.05
CA ARG L 267 -54.58 -6.60 0.32
C ARG L 267 -53.55 -7.15 1.27
N ALA L 268 -53.61 -6.69 2.51
CA ALA L 268 -52.79 -7.21 3.60
C ALA L 268 -53.74 -7.78 4.66
N MET L 269 -53.52 -9.02 5.05
CA MET L 269 -54.44 -9.73 5.94
C MET L 269 -53.82 -9.92 7.32
N ASN L 270 -54.68 -9.89 8.34
CA ASN L 270 -54.28 -10.20 9.71
C ASN L 270 -53.31 -9.17 10.26
N CYS L 271 -53.52 -7.91 9.92
CA CYS L 271 -52.71 -6.82 10.46
C CYS L 271 -53.11 -6.57 11.90
N ALA L 272 -52.34 -7.11 12.84
CA ALA L 272 -52.61 -6.95 14.27
C ALA L 272 -52.22 -5.54 14.68
N VAL L 273 -53.16 -4.62 14.55
CA VAL L 273 -52.91 -3.21 14.85
C VAL L 273 -54.21 -2.56 15.30
N GLY L 274 -54.10 -1.65 16.27
CA GLY L 274 -55.24 -0.85 16.68
C GLY L 274 -56.32 -1.68 17.36
N ASN L 275 -57.42 -0.99 17.66
CA ASN L 275 -58.59 -1.59 18.28
C ASN L 275 -59.80 -1.38 17.38
N ILE L 276 -60.76 -2.29 17.49
CA ILE L 276 -61.99 -2.25 16.70
C ILE L 276 -63.12 -1.84 17.63
N PRO L 277 -63.69 -0.65 17.49
CA PRO L 277 -64.86 -0.29 18.30
C PRO L 277 -66.11 -0.98 17.80
N VAL L 278 -66.88 -1.53 18.73
CA VAL L 278 -68.05 -2.34 18.41
C VAL L 278 -69.28 -1.71 19.06
N SER L 279 -70.34 -1.57 18.28
CA SER L 279 -71.63 -1.13 18.77
C SER L 279 -72.65 -2.21 18.45
N MET L 280 -73.40 -2.64 19.46
CA MET L 280 -74.31 -3.78 19.34
C MET L 280 -75.68 -3.40 19.89
N ASN L 281 -76.73 -3.80 19.17
CA ASN L 281 -78.10 -3.66 19.63
C ASN L 281 -78.63 -5.05 19.95
N LEU L 282 -79.22 -5.20 21.13
CA LEU L 282 -79.65 -6.49 21.63
C LEU L 282 -81.16 -6.52 21.82
N PRO L 283 -81.85 -7.57 21.36
CA PRO L 283 -83.27 -7.71 21.72
C PRO L 283 -83.42 -8.30 23.11
N ASP L 284 -84.44 -7.83 23.83
CA ASP L 284 -84.62 -8.25 25.21
C ASP L 284 -84.75 -9.75 25.35
N SER L 285 -85.19 -10.45 24.31
CA SER L 285 -85.33 -11.90 24.40
C SER L 285 -83.99 -12.56 24.70
N ALA L 286 -82.88 -11.96 24.25
CA ALA L 286 -81.57 -12.54 24.52
C ALA L 286 -81.27 -12.59 26.01
N PHE L 287 -81.61 -11.53 26.73
CA PHE L 287 -81.29 -11.43 28.14
C PHE L 287 -82.09 -12.44 28.96
N THR L 288 -81.83 -12.46 30.26
CA THR L 288 -82.52 -13.35 31.19
C THR L 288 -83.03 -12.54 32.37
N ARG L 289 -84.17 -12.96 32.90
CA ARG L 289 -84.79 -12.26 34.02
C ARG L 289 -84.03 -12.54 35.32
N ILE L 290 -83.99 -11.53 36.18
CA ILE L 290 -83.29 -11.67 37.46
C ILE L 290 -83.90 -12.79 38.28
N VAL L 291 -85.23 -12.81 38.39
CA VAL L 291 -85.89 -13.77 39.25
C VAL L 291 -85.63 -15.19 38.77
N GLU L 292 -85.47 -15.37 37.46
CA GLU L 292 -85.20 -16.69 36.88
C GLU L 292 -83.71 -16.98 36.78
N ALA L 293 -82.85 -16.05 37.19
CA ALA L 293 -81.41 -16.28 37.19
C ALA L 293 -80.96 -16.61 38.60
N PRO L 294 -80.20 -17.70 38.82
CA PRO L 294 -79.79 -18.03 40.19
C PRO L 294 -79.01 -16.90 40.82
N THR L 295 -79.27 -16.66 42.11
CA THR L 295 -78.61 -15.61 42.86
C THR L 295 -77.46 -16.20 43.69
N ILE L 296 -76.30 -15.55 43.59
CA ILE L 296 -75.07 -16.03 44.20
C ILE L 296 -74.80 -15.24 45.47
N ILE L 297 -74.35 -15.94 46.51
CA ILE L 297 -74.01 -15.33 47.79
C ILE L 297 -72.68 -15.87 48.26
N ASP L 298 -71.94 -15.03 48.99
CA ASP L 298 -70.65 -15.41 49.58
C ASP L 298 -69.68 -15.92 48.51
N LEU L 299 -69.45 -15.08 47.51
CA LEU L 299 -68.51 -15.39 46.45
C LEU L 299 -67.08 -15.17 46.94
N THR L 300 -66.18 -16.07 46.56
CA THR L 300 -64.79 -15.99 46.97
C THR L 300 -63.90 -16.62 45.92
N CYS L 301 -62.79 -15.96 45.63
CA CYS L 301 -61.79 -16.50 44.71
C CYS L 301 -60.80 -17.38 45.47
N THR L 302 -60.26 -18.37 44.78
CA THR L 302 -59.22 -19.23 45.33
C THR L 302 -58.43 -19.81 44.16
N VAL L 303 -57.21 -19.33 43.98
CA VAL L 303 -56.38 -19.73 42.85
C VAL L 303 -55.56 -20.94 43.26
N ALA L 304 -55.81 -22.08 42.59
CA ALA L 304 -55.03 -23.28 42.87
C ALA L 304 -53.57 -23.08 42.49
N THR L 305 -53.32 -22.49 41.33
CA THR L 305 -51.96 -22.22 40.87
C THR L 305 -52.05 -21.34 39.62
N CYS L 306 -51.14 -20.38 39.52
CA CYS L 306 -51.10 -19.47 38.39
C CYS L 306 -49.70 -19.47 37.78
N THR L 307 -49.62 -19.78 36.50
CA THR L 307 -48.38 -19.69 35.73
C THR L 307 -48.67 -18.79 34.54
N HIS L 308 -48.12 -17.57 34.54
CA HIS L 308 -48.48 -16.60 33.51
C HIS L 308 -47.84 -16.97 32.18
N SER L 309 -48.30 -18.06 31.58
CA SER L 309 -47.87 -18.47 30.26
C SER L 309 -48.78 -17.85 29.20
N SER L 310 -48.32 -17.90 27.95
CA SER L 310 -49.09 -17.29 26.87
C SER L 310 -50.49 -17.90 26.77
N ASP L 311 -50.64 -19.16 27.16
CA ASP L 311 -51.94 -19.82 27.16
C ASP L 311 -52.55 -19.72 28.55
N PHE L 312 -53.67 -20.44 28.77
CA PHE L 312 -54.34 -20.42 30.06
C PHE L 312 -53.53 -21.20 31.09
N GLY L 313 -52.68 -20.50 31.83
CA GLY L 313 -51.81 -21.14 32.80
C GLY L 313 -52.21 -20.88 34.23
N GLY L 314 -53.47 -20.51 34.45
CA GLY L 314 -53.95 -20.24 35.79
C GLY L 314 -55.35 -20.79 35.99
N VAL L 315 -55.51 -21.55 37.08
CA VAL L 315 -56.78 -22.18 37.43
C VAL L 315 -57.25 -21.59 38.75
N LEU L 316 -58.47 -21.06 38.76
CA LEU L 316 -59.05 -20.46 39.94
C LEU L 316 -60.37 -21.15 40.27
N THR L 317 -60.61 -21.36 41.56
CA THR L 317 -61.81 -22.01 42.05
C THR L 317 -62.64 -21.00 42.83
N LEU L 318 -63.93 -20.91 42.49
CA LEU L 318 -64.85 -20.00 43.16
C LEU L 318 -65.70 -20.79 44.15
N THR L 319 -65.70 -20.37 45.40
CA THR L 319 -66.58 -20.93 46.42
C THR L 319 -67.71 -19.94 46.67
N TYR L 320 -68.95 -20.44 46.57
CA TYR L 320 -70.11 -19.56 46.58
C TYR L 320 -71.26 -20.30 47.28
N LYS L 321 -72.46 -19.72 47.19
CA LYS L 321 -73.66 -20.33 47.74
C LYS L 321 -74.84 -19.89 46.88
N THR L 322 -75.49 -20.85 46.23
CA THR L 322 -76.58 -20.58 45.31
C THR L 322 -77.90 -21.05 45.89
N ASN L 323 -78.98 -20.43 45.40
CA ASN L 323 -80.32 -20.83 45.78
C ASN L 323 -80.84 -21.99 44.95
N LYS L 324 -80.42 -22.09 43.69
CA LYS L 324 -80.83 -23.18 42.81
C LYS L 324 -79.68 -23.46 41.84
N ASN L 325 -79.96 -24.28 40.83
CA ASN L 325 -78.97 -24.67 39.84
C ASN L 325 -79.32 -24.05 38.49
N GLY L 326 -78.35 -24.10 37.58
CA GLY L 326 -78.54 -23.55 36.25
C GLY L 326 -77.20 -23.16 35.64
N ASP L 327 -77.27 -22.19 34.72
CA ASP L 327 -76.08 -21.67 34.05
C ASP L 327 -76.25 -20.18 33.84
N CYS L 328 -75.15 -19.44 33.96
CA CYS L 328 -75.17 -18.00 33.74
C CYS L 328 -73.75 -17.52 33.45
N SER L 329 -73.66 -16.26 33.04
CA SER L 329 -72.40 -15.72 32.54
C SER L 329 -71.37 -15.57 33.65
N VAL L 330 -70.10 -15.63 33.27
CA VAL L 330 -68.98 -15.36 34.15
C VAL L 330 -67.97 -14.53 33.38
N HIS L 331 -67.41 -13.51 34.03
CA HIS L 331 -66.54 -12.56 33.35
C HIS L 331 -65.55 -11.97 34.34
N SER L 332 -64.43 -11.48 33.81
CA SER L 332 -63.39 -10.81 34.59
C SER L 332 -63.33 -9.36 34.13
N HIS L 333 -63.75 -8.44 35.00
CA HIS L 333 -63.84 -7.03 34.60
C HIS L 333 -62.47 -6.47 34.26
N SER L 334 -61.46 -6.78 35.07
CA SER L 334 -60.12 -6.30 34.80
C SER L 334 -59.48 -7.15 33.69
N ASN L 335 -58.73 -6.48 32.81
CA ASN L 335 -58.08 -7.17 31.70
C ASN L 335 -56.76 -7.80 32.09
N VAL L 336 -56.30 -7.62 33.34
CA VAL L 336 -55.07 -8.26 33.78
C VAL L 336 -55.17 -9.77 33.63
N ALA L 337 -56.39 -10.31 33.71
CA ALA L 337 -56.63 -11.73 33.52
C ALA L 337 -57.75 -11.92 32.50
N THR L 338 -57.62 -12.97 31.70
CA THR L 338 -58.62 -13.32 30.69
C THR L 338 -59.13 -14.72 30.99
N LEU L 339 -60.46 -14.86 31.05
CA LEU L 339 -61.07 -16.14 31.37
C LEU L 339 -61.33 -16.93 30.10
N GLN L 340 -61.03 -18.22 30.14
CA GLN L 340 -61.30 -19.09 29.00
C GLN L 340 -62.79 -19.26 28.78
N GLU L 341 -63.48 -19.80 29.78
CA GLU L 341 -64.92 -19.97 29.67
C GLU L 341 -65.63 -18.62 29.73
N ALA L 342 -66.84 -18.59 29.18
CA ALA L 342 -67.66 -17.38 29.16
C ALA L 342 -68.92 -17.53 30.01
N THR L 343 -69.64 -18.63 29.86
CA THR L 343 -70.82 -18.92 30.66
C THR L 343 -70.58 -20.23 31.41
N ALA L 344 -70.61 -20.16 32.74
CA ALA L 344 -70.33 -21.29 33.59
C ALA L 344 -71.62 -21.90 34.12
N LYS L 345 -71.50 -23.11 34.67
CA LYS L 345 -72.62 -23.81 35.27
C LYS L 345 -72.59 -23.61 36.78
N VAL L 346 -73.76 -23.38 37.36
CA VAL L 346 -73.91 -23.16 38.80
C VAL L 346 -74.67 -24.33 39.38
N LYS L 347 -74.13 -24.91 40.44
CA LYS L 347 -74.71 -26.07 41.11
C LYS L 347 -74.88 -25.79 42.59
N THR L 348 -75.68 -26.64 43.25
CA THR L 348 -75.91 -26.48 44.68
C THR L 348 -74.59 -26.52 45.45
N ALA L 349 -73.71 -27.45 45.11
CA ALA L 349 -72.38 -27.48 45.69
C ALA L 349 -71.64 -26.20 45.28
N GLY L 350 -71.33 -25.36 46.25
CA GLY L 350 -70.73 -24.07 45.96
C GLY L 350 -69.28 -24.16 45.55
N LYS L 351 -69.02 -24.75 44.38
CA LYS L 351 -67.67 -24.89 43.88
C LYS L 351 -67.71 -24.96 42.36
N VAL L 352 -67.00 -24.05 41.70
CA VAL L 352 -66.86 -24.04 40.26
C VAL L 352 -65.41 -23.71 39.91
N THR L 353 -64.86 -24.38 38.91
CA THR L 353 -63.49 -24.19 38.48
C THR L 353 -63.45 -23.43 37.17
N LEU L 354 -62.38 -22.67 36.96
CA LEU L 354 -62.20 -21.89 35.74
C LEU L 354 -60.72 -21.79 35.42
N HIS L 355 -60.42 -21.55 34.14
CA HIS L 355 -59.07 -21.35 33.67
C HIS L 355 -58.92 -19.92 33.17
N PHE L 356 -57.81 -19.29 33.55
CA PHE L 356 -57.53 -17.93 33.12
C PHE L 356 -56.06 -17.79 32.76
N SER L 357 -55.78 -16.90 31.83
CA SER L 357 -54.42 -16.54 31.45
C SER L 357 -54.12 -15.13 31.90
N THR L 358 -52.84 -14.85 32.12
CA THR L 358 -52.42 -13.55 32.61
C THR L 358 -50.95 -13.34 32.24
N ALA L 359 -50.43 -12.15 32.57
CA ALA L 359 -49.05 -11.81 32.27
C ALA L 359 -48.38 -11.05 33.42
N SER L 360 -48.97 -11.07 34.61
CA SER L 360 -48.46 -10.32 35.75
C SER L 360 -48.11 -11.27 36.88
N ALA L 361 -47.06 -10.94 37.62
CA ALA L 361 -46.62 -11.80 38.72
C ALA L 361 -47.69 -11.91 39.79
N SER L 362 -48.35 -10.80 40.13
CA SER L 362 -49.38 -10.76 41.15
C SER L 362 -50.61 -10.07 40.58
N PRO L 363 -51.43 -10.79 39.80
CA PRO L 363 -52.62 -10.19 39.22
C PRO L 363 -53.81 -10.22 40.17
N SER L 364 -54.61 -9.16 40.11
CA SER L 364 -55.84 -9.08 40.88
C SER L 364 -56.95 -8.56 39.99
N PHE L 365 -58.13 -9.15 40.11
CA PHE L 365 -59.25 -8.80 39.27
C PHE L 365 -60.53 -9.27 39.93
N VAL L 366 -61.60 -8.49 39.79
CA VAL L 366 -62.90 -8.84 40.34
C VAL L 366 -63.60 -9.76 39.34
N VAL L 367 -63.72 -11.04 39.69
CA VAL L 367 -64.45 -11.97 38.85
C VAL L 367 -65.94 -11.82 39.11
N SER L 368 -66.73 -11.76 38.04
CA SER L 368 -68.17 -11.56 38.12
C SER L 368 -68.84 -12.89 37.77
N LEU L 369 -69.40 -13.55 38.78
CA LEU L 369 -70.08 -14.83 38.60
C LEU L 369 -71.59 -14.58 38.64
N CYS L 370 -72.25 -14.80 37.51
CA CYS L 370 -73.70 -14.68 37.44
C CYS L 370 -74.13 -13.26 37.74
N SER L 371 -74.12 -12.86 39.01
CA SER L 371 -74.37 -11.49 39.40
C SER L 371 -73.43 -10.96 40.48
N ALA L 372 -72.80 -11.81 41.27
CA ALA L 372 -71.99 -11.38 42.39
C ALA L 372 -70.58 -11.03 41.95
N ARG L 373 -69.85 -10.38 42.85
CA ARG L 373 -68.47 -9.98 42.63
C ARG L 373 -67.56 -10.69 43.62
N ALA L 374 -66.27 -10.77 43.26
CA ALA L 374 -65.27 -11.32 44.17
C ALA L 374 -63.89 -10.92 43.68
N THR L 375 -63.21 -10.09 44.46
CA THR L 375 -61.85 -9.70 44.12
C THR L 375 -60.93 -10.90 44.29
N CYS L 376 -60.12 -11.18 43.26
CA CYS L 376 -59.22 -12.31 43.25
C CYS L 376 -57.77 -11.84 43.28
N SER L 377 -56.88 -12.75 43.67
CA SER L 377 -55.45 -12.46 43.71
C SER L 377 -54.70 -13.77 43.56
N ALA L 378 -53.42 -13.66 43.21
CA ALA L 378 -52.61 -14.84 42.99
C ALA L 378 -51.14 -14.46 42.99
N SER L 379 -50.31 -15.37 43.48
CA SER L 379 -48.86 -15.24 43.41
C SER L 379 -48.34 -16.04 42.22
N CYS L 380 -48.62 -15.51 41.03
CA CYS L 380 -48.33 -16.23 39.80
C CYS L 380 -46.84 -16.53 39.70
N GLU L 381 -46.51 -17.52 38.88
CA GLU L 381 -45.14 -17.98 38.66
C GLU L 381 -44.84 -17.92 37.17
N PRO L 382 -43.58 -17.81 36.79
CA PRO L 382 -43.22 -17.78 35.38
C PRO L 382 -42.96 -19.17 34.85
N PRO L 383 -43.32 -19.46 33.60
CA PRO L 383 -43.00 -20.77 33.01
C PRO L 383 -41.57 -20.75 32.46
N LYS L 384 -41.14 -21.92 31.96
CA LYS L 384 -39.79 -22.08 31.42
C LYS L 384 -39.88 -22.83 30.10
N ASP L 385 -40.07 -22.09 29.00
CA ASP L 385 -39.93 -22.66 27.66
C ASP L 385 -39.17 -21.71 26.76
N HIS L 386 -39.37 -20.41 26.96
CA HIS L 386 -38.75 -19.35 26.16
C HIS L 386 -39.35 -19.26 24.76
N ILE L 387 -40.20 -20.22 24.39
CA ILE L 387 -40.69 -20.31 23.01
C ILE L 387 -41.98 -21.12 23.02
N VAL L 388 -42.97 -20.63 22.29
CA VAL L 388 -44.20 -21.40 22.06
C VAL L 388 -44.71 -21.12 20.66
N PRO L 389 -45.40 -22.09 20.05
CA PRO L 389 -45.85 -21.92 18.66
C PRO L 389 -47.19 -21.21 18.49
N TYR L 390 -47.85 -20.81 19.58
CA TYR L 390 -49.14 -20.14 19.51
C TYR L 390 -49.02 -18.73 20.08
N ALA L 391 -49.84 -17.83 19.54
CA ALA L 391 -49.82 -16.45 19.99
C ALA L 391 -50.31 -16.35 21.43
N ALA L 392 -50.24 -15.14 21.97
CA ALA L 392 -50.63 -14.90 23.36
C ALA L 392 -52.14 -14.97 23.52
N SER L 393 -52.58 -15.33 24.71
CA SER L 393 -53.99 -15.38 25.07
C SER L 393 -54.30 -14.46 26.23
N HIS L 394 -53.46 -13.44 26.43
CA HIS L 394 -53.62 -12.48 27.51
C HIS L 394 -53.19 -11.12 27.03
N SER L 395 -53.96 -10.09 27.37
CA SER L 395 -53.53 -8.73 27.09
C SER L 395 -52.18 -8.50 27.76
N ASN L 396 -51.21 -7.98 27.01
CA ASN L 396 -49.85 -7.91 27.49
C ASN L 396 -49.71 -6.81 28.54
N VAL L 397 -50.20 -7.07 29.74
CA VAL L 397 -50.10 -6.14 30.87
C VAL L 397 -49.37 -6.85 31.99
N VAL L 398 -48.35 -6.19 32.53
CA VAL L 398 -47.48 -6.80 33.54
C VAL L 398 -47.45 -6.03 34.85
N PHE L 399 -47.78 -4.74 34.86
CA PHE L 399 -47.72 -3.95 36.08
C PHE L 399 -48.58 -4.61 37.16
N PRO L 400 -47.98 -5.18 38.20
CA PRO L 400 -48.80 -5.83 39.24
C PRO L 400 -49.65 -4.83 39.99
N ASP L 401 -50.50 -5.32 40.88
CA ASP L 401 -51.39 -4.49 41.68
C ASP L 401 -50.88 -4.41 43.11
N MET L 402 -51.22 -3.32 43.78
CA MET L 402 -50.84 -3.14 45.18
C MET L 402 -51.29 -4.34 45.99
N SER L 403 -50.63 -4.61 47.12
CA SER L 403 -50.82 -5.77 47.97
C SER L 403 -50.12 -6.99 47.38
N GLY L 404 -49.54 -6.90 46.18
CA GLY L 404 -48.70 -7.97 45.70
C GLY L 404 -47.39 -8.04 46.46
N THR L 405 -46.73 -9.19 46.35
CA THR L 405 -45.51 -9.40 47.13
C THR L 405 -44.48 -8.33 46.81
N ALA L 406 -44.24 -8.06 45.53
CA ALA L 406 -43.25 -7.06 45.16
C ALA L 406 -43.67 -5.67 45.65
N LEU L 407 -44.93 -5.31 45.44
CA LEU L 407 -45.39 -3.99 45.87
C LEU L 407 -45.61 -3.93 47.38
N SER L 408 -45.96 -5.06 48.00
CA SER L 408 -46.10 -5.07 49.45
C SER L 408 -44.81 -4.65 50.13
N TRP L 409 -43.68 -5.21 49.68
CA TRP L 409 -42.40 -4.83 50.25
C TRP L 409 -42.12 -3.35 50.01
N VAL L 410 -42.40 -2.86 48.81
CA VAL L 410 -42.22 -1.44 48.53
C VAL L 410 -43.02 -0.60 49.51
N GLN L 411 -44.27 -1.00 49.77
CA GLN L 411 -45.08 -0.30 50.76
C GLN L 411 -44.46 -0.40 52.15
N LYS L 412 -43.90 -1.56 52.49
CA LYS L 412 -43.31 -1.73 53.83
C LYS L 412 -42.20 -0.72 54.06
N ILE L 413 -41.26 -0.60 53.12
CA ILE L 413 -40.16 0.34 53.30
C ILE L 413 -40.68 1.77 53.22
N SER L 414 -41.63 2.03 52.32
CA SER L 414 -42.22 3.37 52.25
C SER L 414 -42.95 3.71 53.53
N GLY L 415 -43.68 2.75 54.09
CA GLY L 415 -44.34 3.00 55.37
C GLY L 415 -43.36 3.28 56.48
N GLY L 416 -42.29 2.50 56.57
CA GLY L 416 -41.25 2.78 57.55
C GLY L 416 -40.58 4.12 57.31
N LEU L 417 -40.30 4.42 56.04
CA LEU L 417 -39.76 5.73 55.69
C LEU L 417 -40.75 6.84 56.03
N GLY L 418 -42.03 6.65 55.71
CA GLY L 418 -43.01 7.68 55.99
C GLY L 418 -43.11 7.98 57.48
N ALA L 419 -43.12 6.95 58.31
CA ALA L 419 -43.18 7.17 59.76
C ALA L 419 -41.94 7.92 60.25
N PHE L 420 -40.76 7.53 59.77
CA PHE L 420 -39.54 8.19 60.19
C PHE L 420 -39.54 9.66 59.79
N ALA L 421 -39.95 9.95 58.56
CA ALA L 421 -40.02 11.34 58.12
C ALA L 421 -41.06 12.12 58.92
N ILE L 422 -42.22 11.52 59.17
CA ILE L 422 -43.26 12.22 59.92
C ILE L 422 -42.77 12.52 61.33
N GLY L 423 -42.13 11.56 61.98
CA GLY L 423 -41.59 11.81 63.31
C GLY L 423 -40.62 12.96 63.33
N ALA L 424 -39.75 13.03 62.33
CA ALA L 424 -38.80 14.14 62.25
C ALA L 424 -39.53 15.47 62.12
N ILE L 425 -40.57 15.53 61.28
CA ILE L 425 -41.34 16.75 61.14
C ILE L 425 -42.04 17.09 62.45
N LEU L 426 -42.63 16.07 63.10
CA LEU L 426 -43.28 16.31 64.38
C LEU L 426 -42.30 16.88 65.40
N VAL L 427 -41.10 16.30 65.48
CA VAL L 427 -40.11 16.76 66.44
C VAL L 427 -39.70 18.20 66.13
N LEU L 428 -39.49 18.51 64.85
CA LEU L 428 -39.12 19.86 64.48
C LEU L 428 -40.22 20.85 64.82
N VAL L 429 -41.47 20.50 64.54
CA VAL L 429 -42.58 21.44 64.76
C VAL L 429 -42.71 21.77 66.25
N VAL L 430 -42.67 20.75 67.11
CA VAL L 430 -42.80 20.99 68.55
C VAL L 430 -41.63 21.86 69.03
N VAL L 431 -40.43 21.63 68.49
CA VAL L 431 -39.29 22.46 68.87
C VAL L 431 -39.54 23.91 68.47
N THR L 432 -40.05 24.13 67.27
CA THR L 432 -40.36 25.50 66.83
C THR L 432 -41.45 26.11 67.69
N CYS L 433 -42.49 25.34 68.01
CA CYS L 433 -43.56 25.87 68.86
C CYS L 433 -43.04 26.26 70.22
N ILE L 434 -42.24 25.39 70.85
CA ILE L 434 -41.68 25.71 72.15
C ILE L 434 -40.76 26.92 72.05
N GLY L 435 -39.95 26.98 70.99
CA GLY L 435 -39.05 28.11 70.82
C GLY L 435 -39.74 29.41 70.51
N LEU L 436 -41.00 29.36 70.07
CA LEU L 436 -41.75 30.56 69.73
C LEU L 436 -42.65 31.01 70.89
N ARG L 437 -43.37 30.07 71.50
CA ARG L 437 -44.28 30.39 72.60
C ARG L 437 -43.80 29.77 73.91
#